data_3FCP
#
_entry.id   3FCP
#
_cell.length_a   79.321
_cell.length_b   122.727
_cell.length_c   193.536
_cell.angle_alpha   90.00
_cell.angle_beta   93.04
_cell.angle_gamma   90.00
#
_symmetry.space_group_name_H-M   'P 1 21 1'
#
loop_
_entity.id
_entity.type
_entity.pdbx_description
1 polymer 'L-Ala-D/L-Glu epimerase, a muconate lactonizing enzyme'
2 non-polymer 'MAGNESIUM ION'
3 water water
#
_entity_poly.entity_id   1
_entity_poly.type   'polypeptide(L)'
_entity_poly.pdbx_seq_one_letter_code
;MSLTATVEQIESWIVDVPTIRPHKLSMTTMGCQSLVIVRLTRSDGICGIGEATTIGGLSYGVESPEAISSAITHYLTPLL
KGQPADNLNALTARMNGAIKGNTFAKSAIETALLDAQGKALGLPVSALLGGALQTALPVLWTLASGDTAKDIAEGEKLLA
EGRHRAFKLKIGARELATDLRHTRAIVEALGDRASIRVDVNQAWDAATGAKGCRELAAMGVDLIEQPVSAHDNAALVRLS
QQIETAILADEAVATAYDGYQLAQQGFTGAYALKIAKAGGPNSVLALARVAQAAGIGLYGGTMLEGTVGTVASLHAWSTL
PLQWGTEMFGPLLLKDDIVSVPLTFADGQVALPQTPGLGVELDEDKLHFYTRQEGHHHHHH
;
_entity_poly.pdbx_strand_id   A,B,C,D,E,F,G,H
#
loop_
_chem_comp.id
_chem_comp.type
_chem_comp.name
_chem_comp.formula
MG non-polymer 'MAGNESIUM ION' 'Mg 2'
#
# COMPACT_ATOMS: atom_id res chain seq x y z
N LEU A 3 4.41 54.14 2.37
CA LEU A 3 3.84 52.82 2.80
C LEU A 3 3.29 52.10 1.59
N THR A 4 2.78 52.87 0.63
CA THR A 4 2.25 52.29 -0.59
C THR A 4 2.84 53.02 -1.77
N ALA A 5 3.07 52.28 -2.86
CA ALA A 5 3.66 52.83 -4.06
C ALA A 5 3.48 51.80 -5.17
N THR A 6 3.70 52.22 -6.40
CA THR A 6 3.58 51.29 -7.51
C THR A 6 4.98 51.09 -8.09
N VAL A 7 5.19 49.99 -8.79
CA VAL A 7 6.50 49.78 -9.39
C VAL A 7 6.56 50.62 -10.66
N GLU A 8 7.54 51.53 -10.70
CA GLU A 8 7.67 52.40 -11.85
C GLU A 8 8.67 51.89 -12.87
N GLN A 9 9.73 51.28 -12.38
CA GLN A 9 10.73 50.74 -13.29
C GLN A 9 11.46 49.53 -12.73
N ILE A 10 11.93 48.69 -13.64
CA ILE A 10 12.67 47.49 -13.29
C ILE A 10 13.85 47.42 -14.27
N GLU A 11 15.05 47.37 -13.71
CA GLU A 11 16.28 47.29 -14.50
C GLU A 11 16.96 45.99 -14.11
N SER A 12 17.79 45.44 -15.00
CA SER A 12 18.53 44.23 -14.69
C SER A 12 19.79 44.19 -15.54
N TRP A 13 20.82 43.57 -14.99
CA TRP A 13 22.10 43.47 -15.69
C TRP A 13 22.71 42.10 -15.43
N ILE A 14 23.45 41.60 -16.41
CA ILE A 14 24.15 40.33 -16.22
C ILE A 14 25.52 40.83 -15.82
N VAL A 15 25.97 40.43 -14.65
CA VAL A 15 27.26 40.86 -14.14
C VAL A 15 28.21 39.70 -14.02
N ASP A 16 29.41 39.84 -14.59
CA ASP A 16 30.42 38.81 -14.52
C ASP A 16 31.50 39.27 -13.55
N VAL A 17 31.52 38.65 -12.38
CA VAL A 17 32.49 38.99 -11.35
C VAL A 17 33.54 37.90 -11.24
N PRO A 18 34.79 38.29 -11.02
CA PRO A 18 35.90 37.35 -10.89
C PRO A 18 35.87 36.53 -9.60
N THR A 19 36.26 35.27 -9.72
CA THR A 19 36.30 34.35 -8.59
C THR A 19 37.75 34.22 -8.10
N ILE A 20 37.93 33.71 -6.89
CA ILE A 20 39.26 33.51 -6.32
C ILE A 20 39.97 32.37 -7.03
N CYS A 32 35.03 33.40 -13.71
CA CYS A 32 33.99 34.37 -13.39
C CYS A 32 32.68 33.71 -12.99
N GLN A 33 31.91 34.39 -12.14
CA GLN A 33 30.61 33.92 -11.72
C GLN A 33 29.64 34.96 -12.28
N SER A 34 28.62 34.51 -13.00
CA SER A 34 27.66 35.43 -13.61
C SER A 34 26.42 35.64 -12.76
N LEU A 35 26.21 36.88 -12.33
CA LEU A 35 25.04 37.22 -11.51
C LEU A 35 24.04 38.05 -12.31
N VAL A 36 22.76 37.81 -12.09
CA VAL A 36 21.75 38.64 -12.73
C VAL A 36 21.23 39.52 -11.60
N ILE A 37 21.55 40.80 -11.68
CA ILE A 37 21.17 41.76 -10.68
C ILE A 37 19.98 42.60 -11.15
N VAL A 38 19.08 42.89 -10.23
CA VAL A 38 17.90 43.68 -10.55
C VAL A 38 17.76 44.86 -9.62
N ARG A 39 17.26 45.96 -10.15
CA ARG A 39 16.97 47.15 -9.35
C ARG A 39 15.56 47.54 -9.72
N LEU A 40 14.69 47.56 -8.72
CA LEU A 40 13.29 47.92 -8.94
C LEU A 40 13.04 49.27 -8.31
N THR A 41 12.50 50.19 -9.10
CA THR A 41 12.21 51.53 -8.62
C THR A 41 10.72 51.73 -8.44
N ARG A 42 10.34 52.24 -7.26
CA ARG A 42 8.94 52.49 -6.95
C ARG A 42 8.58 53.95 -7.23
N SER A 43 7.29 54.24 -7.27
CA SER A 43 6.82 55.60 -7.53
C SER A 43 7.14 56.56 -6.39
N ASP A 44 7.49 56.02 -5.22
CA ASP A 44 7.85 56.89 -4.09
C ASP A 44 9.36 57.18 -4.08
N GLY A 45 10.05 56.68 -5.10
CA GLY A 45 11.49 56.91 -5.19
C GLY A 45 12.35 55.83 -4.52
N ILE A 46 11.71 54.91 -3.81
CA ILE A 46 12.45 53.86 -3.14
C ILE A 46 12.85 52.75 -4.12
N CYS A 47 14.09 52.30 -4.02
CA CYS A 47 14.57 51.23 -4.89
C CYS A 47 14.89 49.98 -4.07
N GLY A 48 14.71 48.82 -4.70
CA GLY A 48 14.99 47.55 -4.06
C GLY A 48 15.87 46.76 -5.02
N ILE A 49 16.80 45.97 -4.49
CA ILE A 49 17.66 45.19 -5.37
C ILE A 49 17.51 43.70 -5.10
N GLY A 50 17.87 42.91 -6.11
CA GLY A 50 17.76 41.46 -5.97
C GLY A 50 18.78 40.77 -6.84
N GLU A 51 18.93 39.47 -6.64
CA GLU A 51 19.91 38.70 -7.40
C GLU A 51 19.42 37.29 -7.76
N ALA A 52 19.67 36.89 -8.99
CA ALA A 52 19.32 35.54 -9.46
C ALA A 52 20.61 35.03 -10.07
N THR A 53 21.19 34.01 -9.45
CA THR A 53 22.43 33.42 -9.92
C THR A 53 22.36 31.91 -10.00
N THR A 54 23.14 31.32 -10.88
CA THR A 54 23.18 29.87 -11.00
C THR A 54 24.62 29.42 -11.17
N ILE A 55 24.80 28.12 -11.36
CA ILE A 55 26.12 27.54 -11.52
C ILE A 55 26.29 26.89 -12.88
N GLY A 56 27.37 27.23 -13.57
CA GLY A 56 27.68 26.65 -14.87
C GLY A 56 26.68 26.70 -16.01
N GLY A 57 26.12 27.88 -16.26
CA GLY A 57 25.18 28.02 -17.36
C GLY A 57 23.92 27.18 -17.24
N LEU A 58 23.86 26.09 -18.00
CA LEU A 58 22.70 25.19 -17.96
C LEU A 58 23.08 23.79 -17.49
N SER A 59 24.28 23.65 -16.95
CA SER A 59 24.76 22.35 -16.49
C SER A 59 24.19 21.88 -15.16
N TYR A 60 23.70 22.80 -14.34
CA TYR A 60 23.14 22.44 -13.04
C TYR A 60 21.66 22.71 -12.87
N GLY A 61 21.12 23.63 -13.66
CA GLY A 61 19.72 23.96 -13.58
C GLY A 61 19.19 24.30 -14.96
N VAL A 62 17.87 24.41 -15.11
CA VAL A 62 17.29 24.72 -16.41
C VAL A 62 17.25 26.22 -16.74
N GLU A 63 17.60 27.05 -15.76
CA GLU A 63 17.58 28.50 -15.96
C GLU A 63 18.99 29.09 -16.02
N SER A 64 19.35 29.62 -17.19
CA SER A 64 20.67 30.21 -17.39
C SER A 64 20.62 31.70 -17.08
N PRO A 65 21.79 32.34 -16.92
CA PRO A 65 21.81 33.78 -16.63
C PRO A 65 21.12 34.57 -17.74
N GLU A 66 21.31 34.17 -19.00
CA GLU A 66 20.68 34.89 -20.09
C GLU A 66 19.17 34.67 -20.17
N ALA A 67 18.70 33.47 -19.84
CA ALA A 67 17.26 33.18 -19.87
C ALA A 67 16.59 33.90 -18.69
N ILE A 68 17.31 33.97 -17.57
CA ILE A 68 16.80 34.63 -16.39
C ILE A 68 16.63 36.12 -16.72
N SER A 69 17.65 36.69 -17.35
CA SER A 69 17.63 38.10 -17.75
C SER A 69 16.45 38.33 -18.72
N SER A 70 16.28 37.40 -19.65
CA SER A 70 15.21 37.46 -20.62
C SER A 70 13.84 37.45 -19.93
N ALA A 71 13.65 36.56 -18.96
CA ALA A 71 12.37 36.47 -18.25
C ALA A 71 12.06 37.81 -17.57
N ILE A 72 13.07 38.42 -16.96
CA ILE A 72 12.89 39.70 -16.29
C ILE A 72 12.55 40.83 -17.26
N THR A 73 13.34 40.95 -18.32
CA THR A 73 13.14 42.01 -19.31
C THR A 73 11.85 41.91 -20.12
N HIS A 74 11.63 40.77 -20.76
CA HIS A 74 10.46 40.59 -21.61
C HIS A 74 9.12 40.23 -20.99
N TYR A 75 9.14 39.61 -19.80
CA TYR A 75 7.89 39.20 -19.18
C TYR A 75 7.55 39.80 -17.83
N LEU A 76 8.45 39.66 -16.86
CA LEU A 76 8.18 40.20 -15.54
C LEU A 76 8.07 41.73 -15.49
N THR A 77 8.91 42.42 -16.25
CA THR A 77 8.88 43.88 -16.25
C THR A 77 7.55 44.46 -16.73
N PRO A 78 7.09 44.07 -17.93
CA PRO A 78 5.82 44.65 -18.36
C PRO A 78 4.63 44.17 -17.53
N LEU A 79 4.78 43.02 -16.88
CA LEU A 79 3.70 42.47 -16.07
C LEU A 79 3.54 43.22 -14.74
N LEU A 80 4.67 43.64 -14.16
CA LEU A 80 4.66 44.31 -12.86
C LEU A 80 4.64 45.84 -12.85
N LYS A 81 5.09 46.48 -13.91
CA LYS A 81 5.08 47.95 -13.92
C LYS A 81 3.66 48.50 -13.82
N GLY A 82 3.45 49.38 -12.85
CA GLY A 82 2.13 49.96 -12.66
C GLY A 82 1.37 49.31 -11.51
N GLN A 83 1.85 48.15 -11.06
CA GLN A 83 1.19 47.43 -9.96
C GLN A 83 1.65 47.91 -8.59
N PRO A 84 0.77 47.81 -7.58
CA PRO A 84 1.16 48.25 -6.24
C PRO A 84 2.34 47.39 -5.80
N ALA A 85 3.44 48.04 -5.43
CA ALA A 85 4.67 47.37 -5.05
C ALA A 85 4.77 46.89 -3.61
N ASP A 86 3.80 47.26 -2.78
CA ASP A 86 3.81 46.90 -1.36
C ASP A 86 3.05 45.62 -1.04
N ASN A 87 2.26 45.15 -2.00
CA ASN A 87 1.44 43.95 -1.79
C ASN A 87 2.09 42.70 -2.38
N LEU A 88 3.00 42.09 -1.61
CA LEU A 88 3.68 40.89 -2.10
C LEU A 88 2.74 39.74 -2.47
N ASN A 89 1.68 39.54 -1.71
CA ASN A 89 0.74 38.45 -2.01
C ASN A 89 0.07 38.67 -3.36
N ALA A 90 -0.40 39.89 -3.62
CA ALA A 90 -1.04 40.20 -4.89
C ALA A 90 -0.04 40.07 -6.04
N LEU A 91 1.17 40.58 -5.84
CA LEU A 91 2.21 40.51 -6.88
C LEU A 91 2.63 39.07 -7.18
N THR A 92 2.73 38.26 -6.14
CA THR A 92 3.10 36.86 -6.30
C THR A 92 2.04 36.09 -7.09
N ALA A 93 0.77 36.34 -6.76
CA ALA A 93 -0.34 35.68 -7.45
C ALA A 93 -0.35 36.08 -8.93
N ARG A 94 -0.02 37.35 -9.19
CA ARG A 94 0.02 37.86 -10.56
C ARG A 94 1.17 37.22 -11.32
N MET A 95 2.32 37.14 -10.67
CA MET A 95 3.52 36.57 -11.26
C MET A 95 3.34 35.08 -11.58
N ASN A 96 2.83 34.32 -10.62
CA ASN A 96 2.65 32.89 -10.83
C ASN A 96 1.52 32.59 -11.80
N GLY A 97 0.52 33.45 -11.81
CA GLY A 97 -0.61 33.25 -12.70
C GLY A 97 -0.22 33.47 -14.16
N ALA A 98 0.75 34.36 -14.40
CA ALA A 98 1.16 34.67 -15.77
C ALA A 98 2.49 34.05 -16.20
N ILE A 99 3.29 33.59 -15.24
CA ILE A 99 4.60 33.03 -15.55
C ILE A 99 4.79 31.65 -14.92
N LYS A 100 4.98 30.64 -15.76
CA LYS A 100 5.22 29.28 -15.28
C LYS A 100 6.71 29.15 -14.96
N GLY A 101 7.03 28.43 -13.90
CA GLY A 101 8.42 28.23 -13.52
C GLY A 101 9.21 29.53 -13.42
N ASN A 102 10.43 29.54 -13.95
CA ASN A 102 11.29 30.71 -13.93
C ASN A 102 11.41 31.25 -12.50
N THR A 103 11.61 30.34 -11.56
CA THR A 103 11.74 30.69 -10.14
C THR A 103 12.98 31.53 -9.83
N PHE A 104 14.03 31.38 -10.63
CA PHE A 104 15.25 32.15 -10.42
C PHE A 104 14.94 33.64 -10.67
N ALA A 105 14.30 33.92 -11.80
CA ALA A 105 13.91 35.28 -12.16
C ALA A 105 12.95 35.83 -11.10
N LYS A 106 11.96 35.03 -10.70
CA LYS A 106 10.99 35.46 -9.71
C LYS A 106 11.67 35.76 -8.37
N SER A 107 12.68 34.97 -8.02
CA SER A 107 13.38 35.19 -6.76
C SER A 107 14.11 36.53 -6.72
N ALA A 108 14.70 36.93 -7.83
CA ALA A 108 15.40 38.22 -7.90
C ALA A 108 14.38 39.35 -7.69
N ILE A 109 13.23 39.23 -8.34
CA ILE A 109 12.18 40.24 -8.22
C ILE A 109 11.58 40.28 -6.81
N GLU A 110 11.29 39.12 -6.24
CA GLU A 110 10.70 39.05 -4.90
C GLU A 110 11.67 39.66 -3.91
N THR A 111 12.96 39.39 -4.11
CA THR A 111 13.99 39.92 -3.21
C THR A 111 13.99 41.44 -3.26
N ALA A 112 13.95 41.99 -4.48
CA ALA A 112 13.97 43.44 -4.66
C ALA A 112 12.72 44.07 -4.05
N LEU A 113 11.57 43.42 -4.25
CA LEU A 113 10.32 43.92 -3.70
C LEU A 113 10.40 43.98 -2.18
N LEU A 114 10.96 42.93 -1.59
CA LEU A 114 11.11 42.88 -0.13
C LEU A 114 12.14 43.91 0.35
N ASP A 115 13.21 44.10 -0.42
CA ASP A 115 14.24 45.08 -0.05
C ASP A 115 13.59 46.46 0.02
N ALA A 116 12.83 46.81 -1.01
CA ALA A 116 12.18 48.11 -1.08
C ALA A 116 11.11 48.33 -0.01
N GLN A 117 10.29 47.32 0.27
CA GLN A 117 9.26 47.51 1.30
C GLN A 117 9.92 47.55 2.68
N GLY A 118 11.07 46.91 2.81
CA GLY A 118 11.77 46.93 4.08
C GLY A 118 12.27 48.34 4.33
N LYS A 119 12.88 48.94 3.31
CA LYS A 119 13.38 50.30 3.45
C LYS A 119 12.20 51.24 3.72
N ALA A 120 11.04 50.93 3.16
CA ALA A 120 9.85 51.75 3.35
C ALA A 120 9.27 51.69 4.76
N LEU A 121 9.56 50.60 5.48
CA LEU A 121 9.06 50.44 6.85
C LEU A 121 10.19 50.59 7.87
N GLY A 122 11.40 50.85 7.37
CA GLY A 122 12.55 51.00 8.24
C GLY A 122 12.82 49.70 8.97
N LEU A 123 12.60 48.59 8.28
CA LEU A 123 12.79 47.27 8.86
C LEU A 123 13.58 46.33 7.97
N PRO A 124 14.37 45.43 8.57
CA PRO A 124 15.14 44.48 7.76
C PRO A 124 14.17 43.44 7.20
N VAL A 125 14.54 42.81 6.09
CA VAL A 125 13.68 41.81 5.48
C VAL A 125 13.28 40.71 6.46
N SER A 126 14.21 40.30 7.32
CA SER A 126 13.91 39.26 8.30
C SER A 126 12.69 39.63 9.17
N ALA A 127 12.58 40.92 9.49
CA ALA A 127 11.46 41.42 10.29
C ALA A 127 10.16 41.33 9.47
N LEU A 128 10.26 41.63 8.18
CA LEU A 128 9.08 41.56 7.32
C LEU A 128 8.65 40.08 7.20
N LEU A 129 9.59 39.17 7.43
CA LEU A 129 9.28 37.75 7.34
C LEU A 129 8.88 37.17 8.70
N GLY A 130 8.54 38.05 9.62
CA GLY A 130 8.11 37.60 10.94
C GLY A 130 9.09 37.74 12.08
N GLY A 131 10.33 38.08 11.77
CA GLY A 131 11.32 38.24 12.82
C GLY A 131 12.40 37.16 12.80
N ALA A 132 13.62 37.58 13.10
CA ALA A 132 14.74 36.65 13.14
C ALA A 132 14.84 35.93 14.46
N LEU A 133 15.04 34.61 14.38
CA LEU A 133 15.19 33.78 15.56
C LEU A 133 16.66 33.86 15.96
N GLN A 134 17.48 34.18 14.98
CA GLN A 134 18.94 34.25 15.16
C GLN A 134 19.47 35.33 14.22
N THR A 135 20.41 36.14 14.70
CA THR A 135 20.96 37.21 13.88
C THR A 135 22.41 36.91 13.45
N ALA A 136 22.87 35.71 13.79
CA ALA A 136 24.20 35.23 13.43
C ALA A 136 23.97 33.78 12.99
N LEU A 137 24.24 33.49 11.72
CA LEU A 137 24.01 32.15 11.21
C LEU A 137 25.26 31.36 10.86
N PRO A 138 25.23 30.04 11.10
CA PRO A 138 26.38 29.19 10.79
C PRO A 138 26.54 29.00 9.28
N VAL A 139 27.79 28.95 8.84
CA VAL A 139 28.11 28.78 7.43
C VAL A 139 29.25 27.76 7.34
N LEU A 140 29.01 26.64 6.68
CA LEU A 140 30.05 25.64 6.54
C LEU A 140 30.92 26.00 5.34
N TRP A 141 31.96 25.19 5.11
CA TRP A 141 32.84 25.42 3.98
C TRP A 141 32.86 24.17 3.10
N THR A 142 32.91 24.37 1.79
CA THR A 142 32.92 23.23 0.89
C THR A 142 34.35 22.91 0.46
N LEU A 143 34.65 21.62 0.44
CA LEU A 143 35.96 21.13 0.03
C LEU A 143 35.73 20.46 -1.32
N ALA A 144 36.21 21.09 -2.38
CA ALA A 144 36.02 20.55 -3.72
C ALA A 144 37.16 20.90 -4.67
N SER A 145 38.39 20.88 -4.18
CA SER A 145 39.55 21.19 -5.00
C SER A 145 39.90 20.03 -5.93
N GLY A 146 39.28 18.88 -5.68
CA GLY A 146 39.56 17.71 -6.49
C GLY A 146 40.79 16.98 -5.99
N ASP A 147 41.44 17.53 -4.97
CA ASP A 147 42.64 16.92 -4.39
C ASP A 147 42.45 16.67 -2.89
N THR A 148 42.50 15.40 -2.50
CA THR A 148 42.33 15.04 -1.10
C THR A 148 43.25 15.82 -0.18
N ALA A 149 44.54 15.84 -0.50
CA ALA A 149 45.53 16.55 0.30
C ALA A 149 45.18 18.03 0.43
N LYS A 150 44.87 18.67 -0.70
CA LYS A 150 44.53 20.08 -0.66
C LYS A 150 43.29 20.33 0.20
N ASP A 151 42.27 19.50 0.05
CA ASP A 151 41.04 19.66 0.82
C ASP A 151 41.30 19.54 2.32
N ILE A 152 42.06 18.52 2.72
CA ILE A 152 42.37 18.32 4.12
C ILE A 152 43.12 19.51 4.71
N ALA A 153 44.07 20.04 3.95
CA ALA A 153 44.85 21.19 4.40
C ALA A 153 43.91 22.36 4.68
N GLU A 154 43.12 22.70 3.67
CA GLU A 154 42.16 23.80 3.76
C GLU A 154 41.28 23.59 4.98
N GLY A 155 40.73 22.38 5.12
CA GLY A 155 39.88 22.09 6.26
C GLY A 155 40.64 22.16 7.56
N GLU A 156 41.91 21.77 7.50
CA GLU A 156 42.78 21.79 8.67
C GLU A 156 42.94 23.22 9.17
N LYS A 157 43.07 24.14 8.23
CA LYS A 157 43.23 25.55 8.54
C LYS A 157 42.03 26.06 9.35
N LEU A 158 40.83 25.72 8.89
CA LEU A 158 39.60 26.14 9.55
C LEU A 158 39.42 25.52 10.93
N LEU A 159 39.98 24.33 11.13
CA LEU A 159 39.85 23.65 12.41
C LEU A 159 40.83 24.20 13.45
N ALA A 160 41.63 25.18 13.05
CA ALA A 160 42.60 25.79 13.95
C ALA A 160 41.90 26.39 15.16
N ARG A 165 33.78 24.21 11.31
CA ARG A 165 33.48 23.03 12.12
C ARG A 165 32.61 22.04 11.31
N ALA A 166 32.07 22.52 10.20
CA ALA A 166 31.26 21.69 9.32
C ALA A 166 31.81 21.82 7.90
N PHE A 167 31.91 20.71 7.20
CA PHE A 167 32.43 20.72 5.84
C PHE A 167 31.53 19.92 4.91
N LYS A 168 31.37 20.42 3.69
CA LYS A 168 30.57 19.76 2.67
C LYS A 168 31.53 19.32 1.56
N LEU A 169 31.62 18.01 1.33
CA LEU A 169 32.52 17.51 0.31
C LEU A 169 31.75 17.17 -0.96
N LYS A 170 32.26 17.63 -2.10
CA LYS A 170 31.59 17.34 -3.35
C LYS A 170 32.25 16.12 -3.98
N ILE A 171 31.43 15.18 -4.38
CA ILE A 171 31.92 13.96 -5.00
C ILE A 171 30.95 13.57 -6.11
N GLY A 172 31.21 12.43 -6.75
CA GLY A 172 30.36 11.98 -7.83
C GLY A 172 30.97 12.19 -9.21
N ALA A 173 32.16 12.78 -9.26
CA ALA A 173 32.84 13.04 -10.53
C ALA A 173 33.84 11.94 -10.88
N ARG A 174 34.13 11.06 -9.93
CA ARG A 174 35.07 9.98 -10.15
C ARG A 174 34.43 8.63 -9.86
N GLU A 175 35.20 7.55 -10.04
CA GLU A 175 34.69 6.22 -9.78
C GLU A 175 34.34 6.14 -8.30
N LEU A 176 33.34 5.32 -7.97
CA LEU A 176 32.91 5.20 -6.58
C LEU A 176 34.04 4.91 -5.60
N ALA A 177 34.85 3.91 -5.92
CA ALA A 177 35.97 3.53 -5.05
C ALA A 177 36.86 4.72 -4.77
N THR A 178 37.16 5.50 -5.80
CA THR A 178 38.02 6.66 -5.61
C THR A 178 37.35 7.72 -4.74
N ASP A 179 36.09 8.04 -5.03
CA ASP A 179 35.38 9.05 -4.24
C ASP A 179 35.24 8.61 -2.78
N LEU A 180 35.04 7.32 -2.54
CA LEU A 180 34.89 6.83 -1.18
C LEU A 180 36.21 6.89 -0.40
N ARG A 181 37.31 6.62 -1.09
CA ARG A 181 38.63 6.67 -0.44
C ARG A 181 38.95 8.12 -0.13
N HIS A 182 38.54 9.01 -1.04
CA HIS A 182 38.74 10.44 -0.88
C HIS A 182 38.00 10.91 0.37
N THR A 183 36.71 10.58 0.46
CA THR A 183 35.92 10.99 1.61
C THR A 183 36.40 10.35 2.91
N ARG A 184 36.75 9.07 2.86
CA ARG A 184 37.23 8.38 4.06
C ARG A 184 38.47 9.10 4.61
N ALA A 185 39.38 9.49 3.73
CA ALA A 185 40.61 10.18 4.13
C ALA A 185 40.28 11.49 4.86
N ILE A 186 39.33 12.24 4.31
CA ILE A 186 38.95 13.51 4.91
C ILE A 186 38.27 13.29 6.26
N VAL A 187 37.45 12.26 6.34
CA VAL A 187 36.75 11.94 7.59
C VAL A 187 37.76 11.62 8.70
N GLU A 188 38.77 10.82 8.36
CA GLU A 188 39.80 10.45 9.33
C GLU A 188 40.59 11.67 9.80
N ALA A 189 41.00 12.50 8.84
CA ALA A 189 41.78 13.71 9.11
C ALA A 189 41.03 14.78 9.89
N LEU A 190 39.86 15.18 9.42
CA LEU A 190 39.06 16.22 10.07
C LEU A 190 38.09 15.55 11.04
N GLY A 191 38.53 14.40 11.55
CA GLY A 191 37.74 13.59 12.47
C GLY A 191 36.78 14.19 13.47
N ASP A 192 37.13 14.03 14.74
CA ASP A 192 36.33 14.47 15.88
C ASP A 192 35.62 15.82 15.83
N ARG A 193 36.38 16.90 15.73
CA ARG A 193 35.80 18.24 15.74
C ARG A 193 35.15 18.79 14.46
N ALA A 194 34.67 17.92 13.58
CA ALA A 194 34.05 18.42 12.36
C ALA A 194 32.91 17.56 11.82
N SER A 195 31.82 18.22 11.43
CA SER A 195 30.67 17.54 10.85
C SER A 195 30.95 17.39 9.36
N ILE A 196 30.98 16.16 8.89
CA ILE A 196 31.26 15.92 7.48
C ILE A 196 30.00 15.57 6.69
N ARG A 197 29.73 16.35 5.66
CA ARG A 197 28.58 16.10 4.80
C ARG A 197 29.13 15.93 3.39
N VAL A 198 28.44 15.17 2.55
CA VAL A 198 28.88 14.98 1.17
C VAL A 198 27.73 15.34 0.25
N ASP A 199 28.07 15.76 -0.95
CA ASP A 199 27.08 16.13 -1.96
C ASP A 199 27.47 15.45 -3.26
N VAL A 200 26.63 14.53 -3.72
CA VAL A 200 26.88 13.79 -4.96
C VAL A 200 26.21 14.50 -6.14
N ASN A 201 25.38 15.48 -5.82
CA ASN A 201 24.65 16.26 -6.83
C ASN A 201 24.11 15.45 -8.00
N GLN A 202 23.29 14.44 -7.70
CA GLN A 202 22.64 13.60 -8.72
C GLN A 202 23.49 12.59 -9.49
N ALA A 203 24.79 12.56 -9.25
CA ALA A 203 25.68 11.70 -10.00
C ALA A 203 25.49 10.19 -9.99
N TRP A 204 24.99 9.62 -8.91
CA TRP A 204 24.86 8.17 -8.83
C TRP A 204 23.58 7.50 -9.30
N ASP A 205 23.76 6.35 -9.93
CA ASP A 205 22.65 5.53 -10.38
C ASP A 205 22.20 4.86 -9.08
N ALA A 206 21.04 4.22 -9.09
CA ALA A 206 20.48 3.56 -7.92
C ALA A 206 21.39 2.52 -7.25
N ALA A 207 22.03 1.67 -8.05
CA ALA A 207 22.90 0.64 -7.51
C ALA A 207 24.16 1.24 -6.86
N THR A 208 24.79 2.19 -7.56
CA THR A 208 25.98 2.85 -7.04
C THR A 208 25.59 3.63 -5.78
N GLY A 209 24.41 4.24 -5.81
CA GLY A 209 23.95 5.02 -4.67
C GLY A 209 23.75 4.19 -3.41
N ALA A 210 23.15 3.00 -3.56
CA ALA A 210 22.93 2.13 -2.40
C ALA A 210 24.28 1.76 -1.79
N LYS A 211 25.20 1.31 -2.62
CA LYS A 211 26.52 0.92 -2.13
C LYS A 211 27.27 2.12 -1.55
N GLY A 212 27.29 3.22 -2.30
CA GLY A 212 27.98 4.42 -1.84
C GLY A 212 27.40 4.96 -0.55
N CYS A 213 26.09 5.10 -0.49
CA CYS A 213 25.47 5.62 0.74
C CYS A 213 25.72 4.74 1.96
N ARG A 214 25.70 3.43 1.79
CA ARG A 214 25.95 2.54 2.93
C ARG A 214 27.37 2.77 3.46
N GLU A 215 28.32 2.87 2.55
CA GLU A 215 29.72 3.10 2.93
C GLU A 215 29.89 4.44 3.62
N LEU A 216 29.27 5.48 3.08
CA LEU A 216 29.36 6.81 3.67
C LEU A 216 28.78 6.81 5.09
N ALA A 217 27.63 6.18 5.27
CA ALA A 217 27.02 6.13 6.59
C ALA A 217 27.94 5.38 7.55
N ALA A 218 28.54 4.29 7.07
CA ALA A 218 29.42 3.48 7.89
C ALA A 218 30.67 4.23 8.36
N MET A 219 31.22 5.10 7.52
CA MET A 219 32.41 5.85 7.91
C MET A 219 32.11 7.08 8.77
N GLY A 220 30.83 7.32 9.07
CA GLY A 220 30.49 8.44 9.92
C GLY A 220 30.02 9.74 9.28
N VAL A 221 29.75 9.73 7.98
CA VAL A 221 29.27 10.93 7.31
C VAL A 221 27.90 11.28 7.93
N ASP A 222 27.72 12.55 8.29
CA ASP A 222 26.48 12.99 8.92
C ASP A 222 25.32 13.26 7.98
N LEU A 223 25.63 13.59 6.74
CA LEU A 223 24.57 13.92 5.79
C LEU A 223 25.03 13.65 4.36
N ILE A 224 24.16 13.05 3.56
CA ILE A 224 24.45 12.75 2.16
C ILE A 224 23.44 13.53 1.33
N GLU A 225 23.93 14.47 0.52
CA GLU A 225 23.07 15.30 -0.32
C GLU A 225 22.82 14.77 -1.73
N GLN A 226 21.54 14.75 -2.12
CA GLN A 226 21.09 14.32 -3.44
C GLN A 226 21.98 13.27 -4.09
N PRO A 227 22.08 12.07 -3.49
CA PRO A 227 22.92 11.00 -4.03
C PRO A 227 22.50 10.52 -5.41
N VAL A 228 21.21 10.48 -5.67
CA VAL A 228 20.69 10.03 -6.96
C VAL A 228 20.04 11.16 -7.77
N SER A 229 19.64 10.82 -8.99
CA SER A 229 19.00 11.78 -9.89
C SER A 229 17.62 12.22 -9.42
N ALA A 230 17.25 13.45 -9.75
CA ALA A 230 15.93 13.97 -9.41
C ALA A 230 14.92 13.27 -10.31
N HIS A 231 15.42 12.48 -11.27
CA HIS A 231 14.57 11.71 -12.17
C HIS A 231 14.14 10.44 -11.43
N ASP A 232 14.79 10.18 -10.31
CA ASP A 232 14.49 8.99 -9.52
C ASP A 232 14.21 9.29 -8.05
N ASN A 233 13.14 10.03 -7.78
CA ASN A 233 12.78 10.33 -6.39
C ASN A 233 12.44 9.01 -5.69
N ALA A 234 12.03 8.02 -6.46
CA ALA A 234 11.70 6.72 -5.86
C ALA A 234 12.94 6.17 -5.16
N ALA A 235 14.10 6.28 -5.82
CA ALA A 235 15.35 5.81 -5.23
C ALA A 235 15.72 6.65 -4.01
N LEU A 236 15.52 7.96 -4.11
CA LEU A 236 15.84 8.87 -3.01
C LEU A 236 15.05 8.46 -1.76
N VAL A 237 13.76 8.19 -1.93
CA VAL A 237 12.92 7.78 -0.83
C VAL A 237 13.38 6.46 -0.22
N ARG A 238 13.68 5.49 -1.07
CA ARG A 238 14.13 4.17 -0.61
C ARG A 238 15.42 4.34 0.20
N LEU A 239 16.36 5.11 -0.33
CA LEU A 239 17.61 5.33 0.36
C LEU A 239 17.38 6.00 1.71
N SER A 240 16.49 6.99 1.78
CA SER A 240 16.23 7.68 3.03
C SER A 240 15.63 6.75 4.08
N GLN A 241 14.99 5.67 3.63
CA GLN A 241 14.39 4.71 4.54
C GLN A 241 15.32 3.57 4.94
N GLN A 242 16.39 3.35 4.17
CA GLN A 242 17.31 2.25 4.49
C GLN A 242 18.73 2.65 4.90
N ILE A 243 19.19 3.83 4.49
CA ILE A 243 20.55 4.29 4.82
C ILE A 243 20.67 4.78 6.25
N GLU A 244 21.71 4.32 6.95
CA GLU A 244 21.91 4.68 8.34
C GLU A 244 22.59 6.01 8.66
N THR A 245 22.14 7.05 7.96
CA THR A 245 22.58 8.42 8.19
C THR A 245 21.56 9.29 7.47
N ALA A 246 21.62 10.60 7.70
CA ALA A 246 20.66 11.51 7.09
C ALA A 246 20.86 11.80 5.60
N ILE A 247 19.74 11.94 4.89
CA ILE A 247 19.73 12.25 3.46
C ILE A 247 19.20 13.67 3.29
N LEU A 248 19.87 14.46 2.46
CA LEU A 248 19.49 15.84 2.18
C LEU A 248 18.99 15.93 0.73
N ALA A 249 17.75 16.36 0.55
CA ALA A 249 17.21 16.49 -0.81
C ALA A 249 17.53 17.88 -1.37
N ASP A 250 18.00 17.94 -2.60
CA ASP A 250 18.29 19.23 -3.23
C ASP A 250 17.46 19.36 -4.49
N GLU A 251 17.98 18.92 -5.63
CA GLU A 251 17.25 19.01 -6.89
C GLU A 251 15.87 18.35 -6.86
N ALA A 252 15.67 17.39 -5.97
CA ALA A 252 14.39 16.70 -5.85
C ALA A 252 13.28 17.59 -5.27
N VAL A 253 13.66 18.71 -4.68
CA VAL A 253 12.66 19.58 -4.08
C VAL A 253 12.98 21.06 -4.33
N ALA A 254 12.07 21.74 -5.01
CA ALA A 254 12.25 23.16 -5.31
C ALA A 254 11.17 24.01 -4.64
N THR A 255 9.92 23.63 -4.88
CA THR A 255 8.76 24.35 -4.36
C THR A 255 8.04 23.60 -3.25
N ALA A 256 7.10 24.30 -2.61
CA ALA A 256 6.30 23.70 -1.55
C ALA A 256 5.54 22.50 -2.11
N TYR A 257 5.16 22.57 -3.39
CA TYR A 257 4.45 21.45 -4.02
C TYR A 257 5.36 20.23 -4.03
N ASP A 258 6.60 20.40 -4.51
CA ASP A 258 7.54 19.27 -4.53
C ASP A 258 7.79 18.76 -3.12
N GLY A 259 7.89 19.71 -2.18
CA GLY A 259 8.15 19.36 -0.79
C GLY A 259 7.07 18.46 -0.22
N TYR A 260 5.82 18.77 -0.50
CA TYR A 260 4.71 17.98 0.01
C TYR A 260 4.71 16.59 -0.65
N GLN A 261 4.88 16.56 -1.96
CA GLN A 261 4.89 15.29 -2.70
C GLN A 261 5.96 14.32 -2.19
N LEU A 262 7.19 14.79 -2.04
CA LEU A 262 8.27 13.93 -1.56
C LEU A 262 7.99 13.38 -0.16
N ALA A 263 7.56 14.26 0.75
CA ALA A 263 7.26 13.87 2.12
C ALA A 263 6.13 12.80 2.15
N GLN A 264 5.08 13.05 1.38
CA GLN A 264 3.93 12.15 1.32
C GLN A 264 4.39 10.77 0.82
N GLN A 265 5.38 10.79 -0.06
CA GLN A 265 5.92 9.57 -0.65
C GLN A 265 6.69 8.75 0.38
N GLY A 266 7.05 9.37 1.50
CA GLY A 266 7.76 8.66 2.54
C GLY A 266 9.20 9.09 2.79
N PHE A 267 9.65 10.14 2.11
CA PHE A 267 11.01 10.61 2.31
C PHE A 267 11.24 11.12 3.72
N THR A 268 12.37 10.75 4.31
CA THR A 268 12.69 11.21 5.64
C THR A 268 14.14 11.70 5.61
N GLY A 269 14.35 12.88 6.17
CA GLY A 269 15.67 13.49 6.19
C GLY A 269 15.51 15.00 6.23
N ALA A 270 16.19 15.70 5.32
CA ALA A 270 16.10 17.16 5.29
C ALA A 270 16.00 17.71 3.87
N TYR A 271 15.57 18.96 3.77
CA TYR A 271 15.46 19.66 2.50
C TYR A 271 16.45 20.82 2.41
N ALA A 272 17.08 20.95 1.24
CA ALA A 272 18.01 22.05 1.01
C ALA A 272 17.18 23.22 0.48
N LEU A 273 16.77 24.12 1.36
CA LEU A 273 15.99 25.27 0.95
C LEU A 273 16.87 26.24 0.15
N LYS A 274 16.35 26.76 -0.95
CA LYS A 274 17.09 27.73 -1.77
C LYS A 274 16.07 28.72 -2.33
N ILE A 275 16.33 30.02 -2.15
CA ILE A 275 15.37 30.99 -2.63
C ILE A 275 15.19 30.92 -4.15
N ALA A 276 16.27 30.60 -4.86
CA ALA A 276 16.22 30.50 -6.33
C ALA A 276 15.29 29.40 -6.83
N LYS A 277 15.26 28.28 -6.12
CA LYS A 277 14.40 27.15 -6.49
C LYS A 277 12.92 27.40 -6.20
N ALA A 278 12.64 28.16 -5.15
CA ALA A 278 11.26 28.42 -4.74
C ALA A 278 10.63 29.70 -5.29
N GLY A 279 11.47 30.66 -5.66
CA GLY A 279 10.93 31.91 -6.17
C GLY A 279 11.13 33.10 -5.23
N GLY A 280 12.08 32.99 -4.29
CA GLY A 280 12.35 34.11 -3.41
C GLY A 280 12.34 33.86 -1.91
N PRO A 281 12.77 34.85 -1.13
CA PRO A 281 12.83 34.77 0.35
C PRO A 281 11.48 34.48 1.02
N ASN A 282 10.39 34.94 0.43
CA ASN A 282 9.08 34.67 1.05
C ASN A 282 8.53 33.34 0.54
N SER A 283 8.62 33.12 -0.77
CA SER A 283 8.11 31.88 -1.36
C SER A 283 8.75 30.63 -0.78
N VAL A 284 10.04 30.70 -0.46
CA VAL A 284 10.71 29.54 0.10
C VAL A 284 10.16 29.15 1.48
N LEU A 285 9.56 30.11 2.19
CA LEU A 285 9.00 29.83 3.51
C LEU A 285 7.84 28.84 3.50
N ALA A 286 7.10 28.78 2.39
CA ALA A 286 5.98 27.82 2.30
C ALA A 286 6.57 26.40 2.29
N LEU A 287 7.65 26.21 1.54
CA LEU A 287 8.32 24.92 1.47
C LEU A 287 8.83 24.58 2.87
N ALA A 288 9.40 25.56 3.55
CA ALA A 288 9.92 25.33 4.89
C ALA A 288 8.81 24.85 5.85
N ARG A 289 7.64 25.48 5.79
CA ARG A 289 6.54 25.08 6.66
C ARG A 289 6.02 23.68 6.34
N VAL A 290 6.01 23.31 5.06
CA VAL A 290 5.57 21.99 4.64
C VAL A 290 6.54 21.00 5.27
N ALA A 291 7.82 21.28 5.14
CA ALA A 291 8.84 20.41 5.69
C ALA A 291 8.65 20.25 7.19
N GLN A 292 8.43 21.36 7.89
CA GLN A 292 8.24 21.31 9.33
C GLN A 292 7.00 20.49 9.71
N ALA A 293 5.91 20.67 8.97
CA ALA A 293 4.70 19.94 9.27
C ALA A 293 4.91 18.44 9.08
N ALA A 294 5.75 18.07 8.12
CA ALA A 294 6.02 16.66 7.83
C ALA A 294 7.17 16.03 8.64
N GLY A 295 7.82 16.81 9.50
CA GLY A 295 8.92 16.28 10.29
C GLY A 295 10.24 16.21 9.54
N ILE A 296 10.37 16.99 8.47
CA ILE A 296 11.58 17.03 7.66
C ILE A 296 12.46 18.23 8.07
N GLY A 297 13.74 17.96 8.29
CA GLY A 297 14.68 18.99 8.71
C GLY A 297 15.00 20.04 7.67
N LEU A 298 15.59 21.15 8.11
CA LEU A 298 15.91 22.26 7.22
C LEU A 298 17.39 22.60 7.10
N TYR A 299 17.78 23.07 5.92
CA TYR A 299 19.15 23.45 5.57
C TYR A 299 19.08 24.69 4.67
N GLY A 300 19.94 25.67 4.95
CA GLY A 300 19.98 26.89 4.15
C GLY A 300 20.90 26.75 2.95
N GLY A 301 20.31 26.46 1.79
CA GLY A 301 21.10 26.24 0.59
C GLY A 301 21.45 27.46 -0.26
N THR A 302 22.39 27.27 -1.18
CA THR A 302 22.84 28.34 -2.07
C THR A 302 23.05 27.89 -3.50
N MET A 303 23.07 28.87 -4.40
CA MET A 303 23.35 28.63 -5.81
C MET A 303 24.65 29.41 -6.07
N LEU A 304 25.36 29.65 -4.98
CA LEU A 304 26.62 30.40 -4.98
C LEU A 304 26.40 31.86 -5.37
N GLU A 305 25.38 32.47 -4.76
CA GLU A 305 25.04 33.86 -5.00
C GLU A 305 26.12 34.78 -4.43
N GLY A 306 26.16 36.01 -4.94
CA GLY A 306 27.09 37.00 -4.44
C GLY A 306 26.46 37.52 -3.15
N THR A 307 26.86 38.70 -2.70
CA THR A 307 26.33 39.27 -1.46
C THR A 307 24.83 39.56 -1.44
N VAL A 308 24.28 40.06 -2.54
CA VAL A 308 22.85 40.37 -2.57
C VAL A 308 21.97 39.14 -2.38
N GLY A 309 22.15 38.14 -3.25
CA GLY A 309 21.38 36.92 -3.16
C GLY A 309 21.64 36.14 -1.89
N THR A 310 22.87 36.22 -1.40
CA THR A 310 23.25 35.53 -0.18
C THR A 310 22.54 36.14 1.03
N VAL A 311 22.57 37.46 1.16
CA VAL A 311 21.92 38.08 2.32
C VAL A 311 20.40 37.91 2.22
N ALA A 312 19.87 37.94 1.00
CA ALA A 312 18.44 37.75 0.79
C ALA A 312 18.06 36.39 1.38
N SER A 313 18.88 35.37 1.09
CA SER A 313 18.64 34.03 1.61
C SER A 313 18.76 34.01 3.13
N LEU A 314 19.80 34.67 3.65
CA LEU A 314 20.02 34.70 5.10
C LEU A 314 18.84 35.32 5.87
N HIS A 315 18.21 36.35 5.31
CA HIS A 315 17.08 36.97 6.00
C HIS A 315 15.97 35.93 6.20
N ALA A 316 15.77 35.09 5.20
CA ALA A 316 14.76 34.02 5.26
C ALA A 316 15.21 32.93 6.23
N TRP A 317 16.46 32.50 6.11
CA TRP A 317 17.01 31.46 6.98
C TRP A 317 16.95 31.84 8.46
N SER A 318 17.10 33.12 8.74
CA SER A 318 17.09 33.62 10.12
C SER A 318 15.77 33.39 10.85
N THR A 319 14.68 33.29 10.09
CA THR A 319 13.38 33.11 10.70
C THR A 319 13.06 31.65 10.99
N LEU A 320 13.96 30.74 10.62
CA LEU A 320 13.70 29.31 10.78
C LEU A 320 14.73 28.53 11.58
N PRO A 321 14.31 27.40 12.19
CA PRO A 321 15.23 26.56 12.96
C PRO A 321 15.93 25.68 11.91
N LEU A 322 17.21 25.93 11.65
CA LEU A 322 17.91 25.14 10.65
C LEU A 322 18.84 24.13 11.30
N GLN A 323 18.36 22.90 11.44
CA GLN A 323 19.14 21.85 12.07
C GLN A 323 20.49 21.62 11.38
N TRP A 324 20.51 21.69 10.06
CA TRP A 324 21.74 21.44 9.32
C TRP A 324 22.57 22.67 8.95
N GLY A 325 22.24 23.82 9.54
CA GLY A 325 22.98 25.04 9.26
C GLY A 325 22.76 25.57 7.86
N THR A 326 23.74 26.31 7.33
CA THR A 326 23.63 26.87 5.98
C THR A 326 24.96 26.76 5.25
N GLU A 327 24.91 26.98 3.94
CA GLU A 327 26.10 26.95 3.10
C GLU A 327 26.21 28.30 2.37
N MET A 328 25.95 29.39 3.08
CA MET A 328 26.01 30.71 2.46
C MET A 328 27.40 31.36 2.41
N PHE A 329 28.31 30.68 1.72
CA PHE A 329 29.70 31.16 1.58
C PHE A 329 29.98 31.71 0.18
N GLY A 330 28.94 31.81 -0.63
CA GLY A 330 29.07 32.32 -1.98
C GLY A 330 29.94 33.57 -2.16
N PRO A 331 29.74 34.61 -1.34
CA PRO A 331 30.56 35.83 -1.45
C PRO A 331 32.05 35.60 -1.23
N LEU A 332 32.38 34.61 -0.41
CA LEU A 332 33.78 34.30 -0.11
C LEU A 332 34.55 33.70 -1.28
N LEU A 333 33.84 33.32 -2.33
CA LEU A 333 34.48 32.73 -3.51
C LEU A 333 34.83 33.79 -4.55
N LEU A 334 34.36 35.02 -4.33
CA LEU A 334 34.59 36.09 -5.28
C LEU A 334 35.71 37.05 -4.87
N LYS A 335 36.42 37.57 -5.86
CA LYS A 335 37.50 38.53 -5.59
C LYS A 335 36.90 39.92 -5.48
N ASP A 336 35.68 40.09 -5.99
CA ASP A 336 34.99 41.38 -5.93
C ASP A 336 33.49 41.13 -6.11
N ASP A 337 32.67 42.09 -5.67
CA ASP A 337 31.21 41.97 -5.79
C ASP A 337 30.67 43.32 -6.25
N ILE A 338 29.35 43.43 -6.39
CA ILE A 338 28.76 44.69 -6.83
C ILE A 338 28.09 45.48 -5.71
N VAL A 339 28.40 45.15 -4.45
CA VAL A 339 27.85 45.88 -3.31
C VAL A 339 28.90 46.83 -2.75
N SER A 340 28.45 47.87 -2.04
CA SER A 340 29.36 48.83 -1.46
C SER A 340 30.08 48.24 -0.25
N VAL A 341 29.34 47.48 0.56
CA VAL A 341 29.90 46.86 1.77
C VAL A 341 29.50 45.38 1.88
N PRO A 342 30.50 44.48 1.92
CA PRO A 342 30.23 43.04 2.02
C PRO A 342 29.79 42.62 3.42
N LEU A 343 29.29 41.39 3.53
CA LEU A 343 28.84 40.84 4.80
C LEU A 343 30.07 40.47 5.62
N THR A 344 29.94 40.41 6.93
CA THR A 344 31.08 40.03 7.76
C THR A 344 30.95 38.57 8.18
N PHE A 345 31.96 37.78 7.82
CA PHE A 345 32.01 36.37 8.15
C PHE A 345 33.08 36.21 9.23
N ALA A 346 32.90 35.25 10.14
CA ALA A 346 33.87 35.01 11.19
C ALA A 346 33.46 33.83 12.05
N ASP A 347 34.47 33.09 12.51
CA ASP A 347 34.27 31.91 13.36
C ASP A 347 33.10 31.04 12.89
N GLY A 348 33.19 30.58 11.64
CA GLY A 348 32.15 29.73 11.07
C GLY A 348 30.75 30.33 11.05
N GLN A 349 30.67 31.66 11.02
CA GLN A 349 29.37 32.32 11.00
C GLN A 349 29.35 33.57 10.15
N VAL A 350 28.14 34.05 9.88
CA VAL A 350 27.95 35.27 9.11
C VAL A 350 26.96 36.15 9.89
N ALA A 351 27.22 37.44 9.93
CA ALA A 351 26.35 38.35 10.65
C ALA A 351 25.23 38.84 9.74
N LEU A 352 24.00 38.76 10.23
CA LEU A 352 22.85 39.20 9.45
C LEU A 352 22.57 40.69 9.70
N PRO A 353 22.60 41.52 8.64
CA PRO A 353 22.33 42.94 8.84
C PRO A 353 20.92 43.12 9.38
N GLN A 354 20.71 44.15 10.19
CA GLN A 354 19.37 44.41 10.71
C GLN A 354 18.92 45.84 10.43
N THR A 355 19.51 46.45 9.40
CA THR A 355 19.14 47.79 9.00
C THR A 355 17.96 47.62 8.05
N PRO A 356 17.36 48.74 7.56
CA PRO A 356 16.21 48.60 6.65
C PRO A 356 16.48 47.84 5.35
N GLY A 357 15.55 46.97 4.98
CA GLY A 357 15.70 46.19 3.76
C GLY A 357 16.69 45.03 3.90
N LEU A 358 17.39 44.74 2.82
CA LEU A 358 18.37 43.65 2.83
C LEU A 358 19.57 44.02 3.68
N GLY A 359 19.88 45.31 3.75
CA GLY A 359 21.03 45.75 4.53
C GLY A 359 22.28 45.90 3.68
N VAL A 360 22.16 45.79 2.37
CA VAL A 360 23.29 45.97 1.47
C VAL A 360 22.91 46.96 0.39
N GLU A 361 23.91 47.69 -0.10
CA GLU A 361 23.67 48.71 -1.11
C GLU A 361 24.47 48.43 -2.38
N LEU A 362 23.90 48.81 -3.51
CA LEU A 362 24.55 48.62 -4.80
C LEU A 362 25.67 49.63 -5.03
N ASP A 363 26.81 49.14 -5.50
CA ASP A 363 27.96 50.00 -5.80
C ASP A 363 27.89 50.21 -7.32
N GLU A 364 27.26 51.30 -7.74
CA GLU A 364 27.10 51.56 -9.17
C GLU A 364 28.38 51.51 -9.99
N ASP A 365 29.47 52.02 -9.45
CA ASP A 365 30.72 52.00 -10.19
C ASP A 365 31.11 50.56 -10.51
N LYS A 366 31.00 49.69 -9.51
CA LYS A 366 31.34 48.29 -9.73
C LYS A 366 30.30 47.62 -10.64
N LEU A 367 29.03 47.94 -10.41
CA LEU A 367 27.97 47.36 -11.21
C LEU A 367 28.27 47.56 -12.69
N HIS A 368 28.53 48.80 -13.07
CA HIS A 368 28.83 49.13 -14.46
C HIS A 368 30.14 48.50 -14.93
N PHE A 369 31.14 48.49 -14.06
CA PHE A 369 32.43 47.91 -14.42
C PHE A 369 32.30 46.43 -14.78
N TYR A 370 31.57 45.68 -13.96
CA TYR A 370 31.40 44.24 -14.20
C TYR A 370 30.24 43.82 -15.09
N THR A 371 29.42 44.78 -15.53
CA THR A 371 28.29 44.42 -16.39
C THR A 371 28.83 43.82 -17.68
N ARG A 372 28.24 42.71 -18.10
CA ARG A 372 28.66 42.03 -19.32
C ARG A 372 28.57 42.95 -20.53
N GLN A 373 27.44 43.62 -20.67
CA GLN A 373 27.22 44.54 -21.79
C GLN A 373 26.05 45.50 -21.51
N ALA B 5 31.35 13.28 -40.99
CA ALA B 5 30.59 14.57 -41.02
C ALA B 5 30.30 15.05 -39.62
N THR B 6 30.59 16.32 -39.38
CA THR B 6 30.38 16.93 -38.07
C THR B 6 29.41 18.10 -38.19
N VAL B 7 28.93 18.61 -37.05
CA VAL B 7 28.04 19.75 -37.08
C VAL B 7 28.99 20.93 -37.17
N GLU B 8 28.92 21.66 -38.28
CA GLU B 8 29.81 22.79 -38.50
C GLU B 8 29.23 24.09 -37.98
N GLN B 9 27.93 24.27 -38.16
CA GLN B 9 27.30 25.49 -37.68
C GLN B 9 25.83 25.34 -37.34
N ILE B 10 25.36 26.17 -36.43
CA ILE B 10 23.97 26.18 -36.02
C ILE B 10 23.49 27.63 -35.99
N GLU B 11 22.40 27.91 -36.69
CA GLU B 11 21.80 29.24 -36.74
C GLU B 11 20.37 29.17 -36.20
N SER B 12 19.91 30.22 -35.55
CA SER B 12 18.55 30.24 -35.04
C SER B 12 17.94 31.65 -35.19
N TRP B 13 16.64 31.70 -35.40
CA TRP B 13 15.93 32.97 -35.57
C TRP B 13 14.58 32.93 -34.88
N ILE B 14 14.18 34.05 -34.29
CA ILE B 14 12.87 34.12 -33.67
C ILE B 14 12.04 34.73 -34.79
N VAL B 15 11.02 34.00 -35.21
CA VAL B 15 10.16 34.45 -36.30
C VAL B 15 8.74 34.70 -35.82
N ASP B 16 8.23 35.89 -36.08
CA ASP B 16 6.87 36.23 -35.69
C ASP B 16 6.00 36.20 -36.93
N VAL B 17 5.15 35.19 -37.02
CA VAL B 17 4.28 35.02 -38.17
C VAL B 17 2.83 35.36 -37.84
N PRO B 18 2.10 35.91 -38.80
CA PRO B 18 0.69 36.28 -38.64
C PRO B 18 -0.25 35.10 -38.52
N THR B 19 -1.26 35.21 -37.67
CA THR B 19 -2.25 34.16 -37.48
C THR B 19 -3.56 34.59 -38.13
N ILE B 20 -4.50 33.66 -38.23
CA ILE B 20 -5.81 33.92 -38.82
C ILE B 20 -6.66 34.81 -37.92
N CYS B 32 -0.12 37.11 -33.80
CA CYS B 32 1.18 36.55 -34.19
C CYS B 32 1.56 35.32 -33.38
N GLN B 33 2.27 34.40 -34.02
CA GLN B 33 2.78 33.20 -33.36
C GLN B 33 4.30 33.32 -33.49
N SER B 34 5.01 33.05 -32.40
CA SER B 34 6.46 33.17 -32.40
C SER B 34 7.15 31.82 -32.48
N LEU B 35 7.84 31.57 -33.59
CA LEU B 35 8.53 30.31 -33.78
C LEU B 35 10.04 30.52 -33.67
N VAL B 36 10.73 29.52 -33.14
CA VAL B 36 12.19 29.60 -33.08
C VAL B 36 12.63 28.60 -34.14
N ILE B 37 13.18 29.12 -35.23
CA ILE B 37 13.62 28.29 -36.34
C ILE B 37 15.11 28.03 -36.24
N VAL B 38 15.51 26.82 -36.55
CA VAL B 38 16.91 26.43 -36.48
C VAL B 38 17.41 25.86 -37.80
N ARG B 39 18.64 26.21 -38.16
CA ARG B 39 19.26 25.68 -39.36
C ARG B 39 20.61 25.16 -38.91
N LEU B 40 20.81 23.86 -39.05
CA LEU B 40 22.07 23.24 -38.65
C LEU B 40 22.83 22.84 -39.90
N THR B 41 24.08 23.28 -39.99
CA THR B 41 24.92 22.99 -41.15
C THR B 41 25.97 21.94 -40.87
N ARG B 42 25.97 20.87 -41.65
CA ARG B 42 26.94 19.79 -41.50
C ARG B 42 28.19 20.12 -42.31
N SER B 43 29.32 19.55 -41.90
CA SER B 43 30.58 19.75 -42.57
C SER B 43 30.57 19.24 -44.02
N ASP B 44 29.58 18.42 -44.37
CA ASP B 44 29.50 17.89 -45.72
C ASP B 44 28.52 18.66 -46.60
N GLY B 45 28.28 19.91 -46.24
CA GLY B 45 27.40 20.77 -47.02
C GLY B 45 25.91 20.57 -46.91
N ILE B 46 25.47 19.59 -46.12
CA ILE B 46 24.04 19.34 -45.96
C ILE B 46 23.47 20.11 -44.75
N CYS B 47 22.33 20.78 -44.96
CA CYS B 47 21.69 21.52 -43.89
C CYS B 47 20.37 20.88 -43.48
N GLY B 48 20.01 21.07 -42.22
CA GLY B 48 18.77 20.54 -41.71
C GLY B 48 18.10 21.67 -40.94
N ILE B 49 16.78 21.68 -40.92
CA ILE B 49 16.05 22.72 -40.19
C ILE B 49 15.18 22.12 -39.08
N GLY B 50 14.88 22.94 -38.08
CA GLY B 50 14.05 22.48 -36.99
C GLY B 50 13.25 23.64 -36.42
N GLU B 51 12.29 23.31 -35.55
CA GLU B 51 11.44 24.33 -34.95
C GLU B 51 11.09 24.03 -33.50
N ALA B 52 11.06 25.09 -32.69
CA ALA B 52 10.70 25.01 -31.29
C ALA B 52 9.75 26.19 -31.09
N THR B 53 8.49 25.89 -30.84
CA THR B 53 7.47 26.92 -30.67
C THR B 53 6.65 26.66 -29.42
N THR B 54 6.18 27.73 -28.78
CA THR B 54 5.32 27.56 -27.61
C THR B 54 4.10 28.49 -27.73
N ILE B 55 3.29 28.53 -26.68
CA ILE B 55 2.10 29.35 -26.70
C ILE B 55 2.18 30.39 -25.59
N GLY B 56 1.77 31.62 -25.92
CA GLY B 56 1.74 32.71 -24.96
C GLY B 56 2.93 33.04 -24.06
N GLY B 57 4.12 33.17 -24.65
CA GLY B 57 5.30 33.51 -23.88
C GLY B 57 5.68 32.54 -22.77
N LEU B 58 5.37 32.91 -21.53
CA LEU B 58 5.68 32.07 -20.38
C LEU B 58 4.40 31.70 -19.63
N SER B 59 3.26 31.94 -20.28
CA SER B 59 1.96 31.65 -19.68
C SER B 59 1.58 30.18 -19.65
N TYR B 60 2.10 29.40 -20.58
CA TYR B 60 1.75 27.99 -20.64
C TYR B 60 2.89 27.03 -20.35
N GLY B 61 4.12 27.51 -20.51
CA GLY B 61 5.28 26.68 -20.26
C GLY B 61 6.43 27.53 -19.72
N VAL B 62 7.45 26.87 -19.19
CA VAL B 62 8.59 27.57 -18.63
C VAL B 62 9.61 28.06 -19.65
N GLU B 63 9.49 27.60 -20.89
CA GLU B 63 10.42 27.98 -21.94
C GLU B 63 9.78 28.96 -22.93
N SER B 64 10.33 30.17 -22.98
CA SER B 64 9.83 31.22 -23.86
C SER B 64 10.61 31.21 -25.16
N PRO B 65 10.08 31.89 -26.19
CA PRO B 65 10.81 31.91 -27.46
C PRO B 65 12.23 32.48 -27.30
N GLU B 66 12.35 33.56 -26.51
CA GLU B 66 13.67 34.15 -26.32
C GLU B 66 14.60 33.27 -25.47
N ALA B 67 14.06 32.53 -24.53
CA ALA B 67 14.88 31.65 -23.70
C ALA B 67 15.32 30.46 -24.54
N ILE B 68 14.45 30.02 -25.44
CA ILE B 68 14.77 28.89 -26.31
C ILE B 68 15.89 29.33 -27.26
N SER B 69 15.74 30.54 -27.81
CA SER B 69 16.74 31.09 -28.72
C SER B 69 18.09 31.17 -28.00
N SER B 70 18.05 31.66 -26.76
CA SER B 70 19.24 31.82 -25.95
C SER B 70 19.93 30.49 -25.66
N ALA B 71 19.14 29.46 -25.36
CA ALA B 71 19.69 28.15 -25.08
C ALA B 71 20.47 27.62 -26.30
N ILE B 72 19.89 27.79 -27.47
CA ILE B 72 20.50 27.34 -28.71
C ILE B 72 21.79 28.10 -29.01
N THR B 73 21.72 29.42 -28.95
CA THR B 73 22.87 30.27 -29.25
C THR B 73 24.04 30.19 -28.29
N HIS B 74 23.77 30.32 -26.99
CA HIS B 74 24.84 30.31 -25.99
C HIS B 74 25.29 28.97 -25.45
N TYR B 75 24.46 27.95 -25.54
CA TYR B 75 24.84 26.66 -24.97
C TYR B 75 24.89 25.47 -25.92
N LEU B 76 23.80 25.22 -26.65
CA LEU B 76 23.78 24.08 -27.56
C LEU B 76 24.71 24.20 -28.76
N THR B 77 24.87 25.40 -29.31
CA THR B 77 25.75 25.59 -30.46
C THR B 77 27.21 25.29 -30.09
N PRO B 78 27.77 25.99 -29.10
CA PRO B 78 29.18 25.70 -28.76
C PRO B 78 29.40 24.26 -28.26
N LEU B 79 28.35 23.65 -27.70
CA LEU B 79 28.44 22.30 -27.20
C LEU B 79 28.51 21.28 -28.34
N LEU B 80 27.74 21.54 -29.41
CA LEU B 80 27.67 20.63 -30.54
C LEU B 80 28.63 20.83 -31.71
N LYS B 81 29.07 22.06 -31.96
CA LYS B 81 29.98 22.30 -33.08
C LYS B 81 31.23 21.42 -33.00
N GLY B 82 31.50 20.71 -34.09
CA GLY B 82 32.65 19.82 -34.13
C GLY B 82 32.32 18.37 -33.85
N GLN B 83 31.15 18.10 -33.28
CA GLN B 83 30.74 16.73 -32.97
C GLN B 83 30.18 16.03 -34.19
N PRO B 84 30.35 14.68 -34.26
CA PRO B 84 29.84 13.91 -35.39
C PRO B 84 28.33 14.13 -35.50
N ALA B 85 27.88 14.58 -36.67
CA ALA B 85 26.47 14.89 -36.90
C ALA B 85 25.53 13.72 -37.16
N ASP B 86 26.09 12.54 -37.42
CA ASP B 86 25.27 11.37 -37.71
C ASP B 86 24.96 10.51 -36.51
N ASN B 87 25.67 10.72 -35.41
CA ASN B 87 25.47 9.91 -34.21
C ASN B 87 24.46 10.53 -33.27
N LEU B 88 23.18 10.32 -33.52
CA LEU B 88 22.14 10.91 -32.69
C LEU B 88 22.23 10.45 -31.22
N ASN B 89 22.55 9.18 -31.00
CA ASN B 89 22.67 8.70 -29.62
C ASN B 89 23.77 9.42 -28.87
N ALA B 90 24.93 9.59 -29.51
CA ALA B 90 26.05 10.28 -28.88
C ALA B 90 25.71 11.76 -28.66
N LEU B 91 25.08 12.38 -29.65
CA LEU B 91 24.72 13.80 -29.57
C LEU B 91 23.68 14.05 -28.45
N THR B 92 22.71 13.15 -28.36
CA THR B 92 21.67 13.27 -27.34
C THR B 92 22.27 13.14 -25.94
N ALA B 93 23.16 12.17 -25.77
CA ALA B 93 23.81 11.96 -24.48
C ALA B 93 24.61 13.19 -24.07
N ARG B 94 25.32 13.78 -25.03
CA ARG B 94 26.13 14.96 -24.77
C ARG B 94 25.22 16.13 -24.37
N MET B 95 24.13 16.31 -25.12
CA MET B 95 23.16 17.37 -24.86
C MET B 95 22.54 17.24 -23.45
N ASN B 96 22.06 16.05 -23.10
CA ASN B 96 21.44 15.86 -21.80
C ASN B 96 22.44 15.85 -20.66
N GLY B 97 23.69 15.50 -20.96
CA GLY B 97 24.70 15.49 -19.93
C GLY B 97 25.13 16.90 -19.56
N ALA B 98 25.13 17.80 -20.55
CA ALA B 98 25.56 19.17 -20.31
C ALA B 98 24.45 20.21 -20.19
N ILE B 99 23.24 19.86 -20.62
CA ILE B 99 22.12 20.80 -20.57
C ILE B 99 20.92 20.22 -19.84
N LYS B 100 20.51 20.87 -18.75
CA LYS B 100 19.36 20.42 -17.96
C LYS B 100 18.10 21.01 -18.56
N GLY B 101 17.05 20.19 -18.66
CA GLY B 101 15.81 20.67 -19.23
C GLY B 101 15.98 21.24 -20.63
N ASN B 102 15.34 22.39 -20.87
CA ASN B 102 15.40 23.06 -22.18
C ASN B 102 15.06 22.11 -23.31
N THR B 103 14.02 21.30 -23.09
CA THR B 103 13.59 20.32 -24.08
C THR B 103 13.11 20.95 -25.40
N PHE B 104 12.57 22.16 -25.35
CA PHE B 104 12.10 22.80 -26.58
C PHE B 104 13.29 23.09 -27.50
N ALA B 105 14.36 23.63 -26.93
CA ALA B 105 15.56 23.94 -27.71
C ALA B 105 16.11 22.64 -28.29
N LYS B 106 16.24 21.63 -27.44
CA LYS B 106 16.76 20.34 -27.88
C LYS B 106 15.94 19.75 -29.02
N SER B 107 14.62 19.88 -28.93
CA SER B 107 13.72 19.34 -29.95
C SER B 107 14.04 19.94 -31.33
N ALA B 108 14.27 21.25 -31.37
CA ALA B 108 14.60 21.94 -32.62
C ALA B 108 15.92 21.39 -33.17
N ILE B 109 16.89 21.23 -32.30
CA ILE B 109 18.20 20.72 -32.69
C ILE B 109 18.09 19.28 -33.21
N GLU B 110 17.44 18.43 -32.44
CA GLU B 110 17.26 17.03 -32.82
C GLU B 110 16.52 16.93 -34.14
N THR B 111 15.55 17.82 -34.35
CA THR B 111 14.79 17.83 -35.59
C THR B 111 15.73 18.15 -36.75
N ALA B 112 16.56 19.18 -36.58
CA ALA B 112 17.51 19.58 -37.61
C ALA B 112 18.50 18.46 -37.92
N LEU B 113 18.96 17.76 -36.88
CA LEU B 113 19.90 16.66 -37.09
C LEU B 113 19.27 15.57 -37.94
N LEU B 114 18.01 15.25 -37.64
CA LEU B 114 17.29 14.21 -38.38
C LEU B 114 17.02 14.64 -39.82
N ASP B 115 16.60 15.89 -40.01
CA ASP B 115 16.31 16.42 -41.35
C ASP B 115 17.58 16.29 -42.20
N ALA B 116 18.71 16.77 -41.67
CA ALA B 116 19.98 16.72 -42.37
C ALA B 116 20.39 15.28 -42.65
N GLN B 117 20.21 14.41 -41.66
CA GLN B 117 20.54 13.00 -41.78
C GLN B 117 19.72 12.34 -42.88
N GLY B 118 18.41 12.62 -42.88
CA GLY B 118 17.55 12.05 -43.90
C GLY B 118 17.99 12.46 -45.29
N LYS B 119 18.38 13.72 -45.44
CA LYS B 119 18.84 14.21 -46.73
C LYS B 119 20.12 13.48 -47.15
N ALA B 120 21.01 13.27 -46.20
CA ALA B 120 22.27 12.60 -46.45
C ALA B 120 22.08 11.15 -46.89
N LEU B 121 21.02 10.52 -46.40
CA LEU B 121 20.73 9.13 -46.74
C LEU B 121 19.63 9.00 -47.78
N GLY B 122 19.04 10.11 -48.18
CA GLY B 122 17.95 10.06 -49.14
C GLY B 122 16.73 9.37 -48.55
N LEU B 123 16.49 9.58 -47.26
CA LEU B 123 15.35 8.96 -46.57
C LEU B 123 14.55 9.96 -45.75
N PRO B 124 13.21 9.81 -45.71
CA PRO B 124 12.39 10.73 -44.92
C PRO B 124 12.63 10.42 -43.44
N VAL B 125 12.42 11.41 -42.58
CA VAL B 125 12.64 11.19 -41.15
C VAL B 125 11.92 9.97 -40.58
N SER B 126 10.70 9.71 -41.04
CA SER B 126 9.95 8.56 -40.54
C SER B 126 10.74 7.25 -40.75
N ALA B 127 11.43 7.16 -41.88
CA ALA B 127 12.21 5.96 -42.20
C ALA B 127 13.41 5.83 -41.25
N LEU B 128 13.98 6.98 -40.87
CA LEU B 128 15.12 6.99 -39.95
C LEU B 128 14.64 6.49 -38.59
N LEU B 129 13.36 6.75 -38.30
CA LEU B 129 12.76 6.35 -37.04
C LEU B 129 12.17 4.94 -37.11
N GLY B 130 12.60 4.16 -38.12
CA GLY B 130 12.14 2.79 -38.25
C GLY B 130 11.07 2.46 -39.27
N GLY B 131 10.47 3.49 -39.87
CA GLY B 131 9.43 3.26 -40.85
C GLY B 131 8.05 3.74 -40.42
N ALA B 132 7.34 4.35 -41.36
CA ALA B 132 5.99 4.86 -41.09
C ALA B 132 4.97 3.73 -41.21
N LEU B 133 4.05 3.69 -40.24
CA LEU B 133 2.97 2.69 -40.23
C LEU B 133 1.90 3.20 -41.19
N GLN B 134 1.77 4.51 -41.28
CA GLN B 134 0.80 5.14 -42.17
C GLN B 134 1.37 6.46 -42.68
N THR B 135 0.96 6.87 -43.87
CA THR B 135 1.45 8.09 -44.49
C THR B 135 0.40 9.21 -44.49
N ALA B 136 -0.76 8.90 -43.92
CA ALA B 136 -1.85 9.86 -43.80
C ALA B 136 -2.25 9.79 -42.34
N LEU B 137 -2.15 10.91 -41.63
CA LEU B 137 -2.49 10.94 -40.21
C LEU B 137 -3.74 11.74 -39.93
N PRO B 138 -4.57 11.28 -38.99
CA PRO B 138 -5.80 12.00 -38.65
C PRO B 138 -5.46 13.27 -37.87
N VAL B 139 -6.19 14.34 -38.12
CA VAL B 139 -5.97 15.62 -37.45
C VAL B 139 -7.33 16.18 -37.05
N LEU B 140 -7.54 16.36 -35.75
CA LEU B 140 -8.80 16.89 -35.26
C LEU B 140 -8.75 18.41 -35.33
N TRP B 141 -9.85 19.04 -34.96
CA TRP B 141 -9.92 20.50 -34.98
C TRP B 141 -10.33 20.99 -33.59
N THR B 142 -9.74 22.09 -33.15
CA THR B 142 -10.06 22.63 -31.83
C THR B 142 -11.06 23.77 -31.93
N LEU B 143 -12.12 23.67 -31.13
CA LEU B 143 -13.16 24.68 -31.08
C LEU B 143 -12.90 25.50 -29.82
N ALA B 144 -12.53 26.77 -30.01
CA ALA B 144 -12.26 27.62 -28.87
C ALA B 144 -12.50 29.11 -29.12
N SER B 145 -13.61 29.44 -29.77
CA SER B 145 -13.93 30.83 -30.06
C SER B 145 -14.49 31.51 -28.80
N GLY B 146 -14.79 30.69 -27.80
CA GLY B 146 -15.35 31.23 -26.56
C GLY B 146 -16.87 31.36 -26.67
N ASP B 147 -17.39 31.20 -27.87
CA ASP B 147 -18.83 31.28 -28.13
C ASP B 147 -19.39 29.93 -28.58
N THR B 148 -20.34 29.40 -27.82
CA THR B 148 -20.94 28.11 -28.14
C THR B 148 -21.54 28.05 -29.53
N ALA B 149 -22.38 29.03 -29.87
CA ALA B 149 -23.02 29.06 -31.19
C ALA B 149 -21.99 29.05 -32.30
N LYS B 150 -20.94 29.84 -32.14
CA LYS B 150 -19.88 29.90 -33.16
C LYS B 150 -19.19 28.55 -33.28
N ASP B 151 -18.82 27.96 -32.13
CA ASP B 151 -18.15 26.67 -32.15
C ASP B 151 -18.98 25.61 -32.85
N ILE B 152 -20.26 25.53 -32.50
CA ILE B 152 -21.13 24.54 -33.14
C ILE B 152 -21.21 24.78 -34.64
N ALA B 153 -21.40 26.03 -35.02
CA ALA B 153 -21.47 26.39 -36.44
C ALA B 153 -20.21 25.88 -37.15
N GLU B 154 -19.07 26.28 -36.61
CA GLU B 154 -17.77 25.90 -37.15
C GLU B 154 -17.58 24.40 -37.28
N GLY B 155 -17.98 23.65 -36.25
CA GLY B 155 -17.84 22.21 -36.30
C GLY B 155 -18.78 21.59 -37.32
N GLU B 156 -19.97 22.16 -37.43
CA GLU B 156 -20.98 21.69 -38.36
C GLU B 156 -20.46 21.81 -39.79
N LYS B 157 -19.72 22.89 -40.04
CA LYS B 157 -19.15 23.15 -41.35
C LYS B 157 -18.13 22.07 -41.75
N LEU B 158 -17.52 21.43 -40.76
CA LEU B 158 -16.54 20.39 -41.01
C LEU B 158 -17.20 19.04 -41.23
N LEU B 159 -18.26 18.76 -40.48
CA LEU B 159 -18.99 17.51 -40.61
C LEU B 159 -19.72 17.47 -41.95
N ALA B 160 -19.78 18.62 -42.61
CA ALA B 160 -20.44 18.73 -43.90
C ALA B 160 -19.47 18.44 -45.04
N ARG B 165 -13.49 13.91 -38.20
CA ARG B 165 -14.68 13.93 -37.35
C ARG B 165 -14.35 13.80 -35.87
N ALA B 166 -13.46 14.67 -35.39
CA ALA B 166 -13.05 14.70 -34.00
C ALA B 166 -12.82 16.15 -33.63
N PHE B 167 -13.35 16.57 -32.49
CA PHE B 167 -13.19 17.94 -32.04
C PHE B 167 -12.65 18.01 -30.63
N LYS B 168 -11.78 18.98 -30.40
CA LYS B 168 -11.20 19.21 -29.09
C LYS B 168 -11.70 20.56 -28.61
N LEU B 169 -12.33 20.59 -27.45
CA LEU B 169 -12.88 21.82 -26.89
C LEU B 169 -12.01 22.33 -25.73
N LYS B 170 -11.68 23.62 -25.75
CA LYS B 170 -10.90 24.20 -24.68
C LYS B 170 -11.88 24.81 -23.66
N ILE B 171 -11.69 24.48 -22.38
CA ILE B 171 -12.53 25.01 -21.31
C ILE B 171 -11.63 25.28 -20.11
N GLY B 172 -12.21 25.80 -19.03
CA GLY B 172 -11.44 26.10 -17.84
C GLY B 172 -11.20 27.59 -17.59
N ALA B 173 -11.64 28.43 -18.52
CA ALA B 173 -11.46 29.87 -18.37
C ALA B 173 -12.69 30.57 -17.79
N ARG B 174 -13.75 29.80 -17.52
CA ARG B 174 -14.97 30.37 -16.97
C ARG B 174 -15.52 29.52 -15.82
N GLU B 175 -16.63 29.94 -15.23
CA GLU B 175 -17.23 29.20 -14.13
C GLU B 175 -17.54 27.78 -14.63
N LEU B 176 -17.42 26.81 -13.72
CA LEU B 176 -17.66 25.41 -14.07
C LEU B 176 -19.01 25.18 -14.77
N ALA B 177 -20.08 25.69 -14.18
CA ALA B 177 -21.41 25.52 -14.75
C ALA B 177 -21.47 26.03 -16.19
N THR B 178 -20.79 27.13 -16.46
CA THR B 178 -20.78 27.70 -17.81
C THR B 178 -20.07 26.78 -18.79
N ASP B 179 -18.86 26.35 -18.43
CA ASP B 179 -18.08 25.47 -19.30
C ASP B 179 -18.79 24.15 -19.53
N LEU B 180 -19.48 23.64 -18.52
CA LEU B 180 -20.22 22.40 -18.67
C LEU B 180 -21.39 22.57 -19.63
N ARG B 181 -22.14 23.68 -19.48
CA ARG B 181 -23.27 23.95 -20.37
C ARG B 181 -22.73 24.11 -21.79
N HIS B 182 -21.60 24.81 -21.90
CA HIS B 182 -20.95 25.03 -23.19
C HIS B 182 -20.63 23.68 -23.84
N THR B 183 -19.95 22.82 -23.10
CA THR B 183 -19.57 21.52 -23.62
C THR B 183 -20.79 20.64 -23.91
N ARG B 184 -21.82 20.73 -23.06
CA ARG B 184 -23.02 19.93 -23.25
C ARG B 184 -23.71 20.27 -24.58
N ALA B 185 -23.78 21.56 -24.88
CA ALA B 185 -24.43 22.01 -26.12
C ALA B 185 -23.69 21.48 -27.34
N ILE B 186 -22.36 21.46 -27.26
CA ILE B 186 -21.54 20.98 -28.37
C ILE B 186 -21.67 19.47 -28.52
N VAL B 187 -21.69 18.75 -27.41
CA VAL B 187 -21.82 17.29 -27.45
C VAL B 187 -23.17 16.90 -28.08
N GLU B 188 -24.23 17.58 -27.66
CA GLU B 188 -25.56 17.27 -28.19
C GLU B 188 -25.69 17.56 -29.68
N ALA B 189 -25.00 18.59 -30.16
CA ALA B 189 -25.08 18.95 -31.56
C ALA B 189 -24.13 18.19 -32.49
N LEU B 190 -22.91 17.95 -32.04
CA LEU B 190 -21.91 17.25 -32.85
C LEU B 190 -21.57 15.83 -32.39
N GLY B 191 -21.90 15.51 -31.15
CA GLY B 191 -21.58 14.20 -30.60
C GLY B 191 -22.02 12.98 -31.40
N ASP B 192 -23.13 13.09 -32.11
CA ASP B 192 -23.65 11.97 -32.89
C ASP B 192 -22.71 11.45 -33.96
N ARG B 193 -21.93 12.33 -34.57
CA ARG B 193 -21.02 11.92 -35.63
C ARG B 193 -19.58 12.37 -35.47
N ALA B 194 -19.19 12.75 -34.26
CA ALA B 194 -17.83 13.20 -34.02
C ALA B 194 -17.38 12.91 -32.59
N SER B 195 -16.11 12.54 -32.46
CA SER B 195 -15.53 12.27 -31.16
C SER B 195 -15.31 13.63 -30.51
N ILE B 196 -15.88 13.81 -29.32
CA ILE B 196 -15.73 15.07 -28.62
C ILE B 196 -14.81 14.93 -27.42
N ARG B 197 -13.73 15.70 -27.42
CA ARG B 197 -12.76 15.68 -26.33
C ARG B 197 -12.70 17.08 -25.75
N VAL B 198 -12.26 17.20 -24.51
CA VAL B 198 -12.12 18.52 -23.92
C VAL B 198 -10.72 18.64 -23.35
N ASP B 199 -10.28 19.88 -23.16
CA ASP B 199 -8.95 20.17 -22.60
C ASP B 199 -9.12 21.32 -21.59
N VAL B 200 -8.88 21.02 -20.32
CA VAL B 200 -9.00 22.01 -19.25
C VAL B 200 -7.66 22.70 -19.00
N ASN B 201 -6.60 22.16 -19.60
CA ASN B 201 -5.26 22.72 -19.48
C ASN B 201 -4.86 23.15 -18.07
N GLN B 202 -5.01 22.23 -17.11
CA GLN B 202 -4.63 22.47 -15.71
C GLN B 202 -5.50 23.44 -14.92
N ALA B 203 -6.60 23.90 -15.50
CA ALA B 203 -7.43 24.90 -14.83
C ALA B 203 -8.16 24.56 -13.52
N TRP B 204 -8.58 23.30 -13.36
CA TRP B 204 -9.34 22.94 -12.17
C TRP B 204 -8.63 22.45 -10.92
N ASP B 205 -9.15 22.89 -9.77
CA ASP B 205 -8.65 22.45 -8.48
C ASP B 205 -9.21 21.03 -8.37
N ALA B 206 -8.80 20.31 -7.35
CA ALA B 206 -9.25 18.93 -7.16
C ALA B 206 -10.76 18.75 -7.06
N ALA B 207 -11.43 19.56 -6.23
CA ALA B 207 -12.87 19.46 -6.04
C ALA B 207 -13.65 19.78 -7.33
N THR B 208 -13.28 20.89 -7.98
CA THR B 208 -13.93 21.28 -9.22
C THR B 208 -13.68 20.19 -10.26
N GLY B 209 -12.44 19.69 -10.29
CA GLY B 209 -12.08 18.65 -11.23
C GLY B 209 -12.93 17.39 -11.10
N ALA B 210 -13.19 16.96 -9.87
CA ALA B 210 -14.00 15.76 -9.64
C ALA B 210 -15.41 15.96 -10.18
N LYS B 211 -16.04 17.07 -9.79
CA LYS B 211 -17.39 17.38 -10.24
C LYS B 211 -17.44 17.55 -11.75
N GLY B 212 -16.53 18.36 -12.28
CA GLY B 212 -16.48 18.59 -13.72
C GLY B 212 -16.28 17.33 -14.54
N CYS B 213 -15.28 16.53 -14.17
CA CYS B 213 -15.00 15.29 -14.90
C CYS B 213 -16.16 14.30 -14.87
N ARG B 214 -16.85 14.19 -13.73
CA ARG B 214 -17.99 13.29 -13.62
C ARG B 214 -19.09 13.73 -14.58
N GLU B 215 -19.33 15.05 -14.61
CA GLU B 215 -20.33 15.63 -15.49
C GLU B 215 -19.98 15.42 -16.95
N LEU B 216 -18.69 15.59 -17.27
CA LEU B 216 -18.22 15.41 -18.62
C LEU B 216 -18.40 13.96 -19.06
N ALA B 217 -17.99 13.03 -18.21
CA ALA B 217 -18.11 11.62 -18.51
C ALA B 217 -19.58 11.26 -18.72
N ALA B 218 -20.45 11.77 -17.86
CA ALA B 218 -21.88 11.50 -17.93
C ALA B 218 -22.51 11.95 -19.24
N MET B 219 -22.09 13.11 -19.75
CA MET B 219 -22.65 13.62 -20.99
C MET B 219 -22.07 12.96 -22.24
N GLY B 220 -21.08 12.09 -22.06
CA GLY B 220 -20.50 11.38 -23.20
C GLY B 220 -19.20 11.88 -23.80
N VAL B 221 -18.48 12.76 -23.12
CA VAL B 221 -17.21 13.25 -23.64
C VAL B 221 -16.28 12.03 -23.70
N ASP B 222 -15.55 11.89 -24.80
CA ASP B 222 -14.66 10.74 -25.00
C ASP B 222 -13.29 10.81 -24.33
N LEU B 223 -12.82 12.03 -24.06
CA LEU B 223 -11.50 12.19 -23.46
C LEU B 223 -11.39 13.54 -22.78
N ILE B 224 -10.87 13.55 -21.56
CA ILE B 224 -10.70 14.79 -20.78
C ILE B 224 -9.20 15.01 -20.62
N GLU B 225 -8.69 16.09 -21.18
CA GLU B 225 -7.27 16.40 -21.12
C GLU B 225 -6.84 17.30 -19.96
N GLN B 226 -5.81 16.85 -19.25
CA GLN B 226 -5.21 17.57 -18.13
C GLN B 226 -6.21 18.42 -17.33
N PRO B 227 -7.18 17.76 -16.66
CA PRO B 227 -8.18 18.49 -15.88
C PRO B 227 -7.62 19.30 -14.72
N VAL B 228 -6.61 18.75 -14.06
CA VAL B 228 -6.00 19.43 -12.91
C VAL B 228 -4.57 19.85 -13.19
N SER B 229 -3.97 20.55 -12.22
CA SER B 229 -2.61 21.03 -12.34
C SER B 229 -1.55 19.94 -12.34
N ALA B 230 -0.45 20.20 -13.04
CA ALA B 230 0.66 19.26 -13.09
C ALA B 230 1.28 19.20 -11.69
N HIS B 231 0.87 20.15 -10.83
CA HIS B 231 1.35 20.19 -9.44
C HIS B 231 0.59 19.15 -8.62
N ASP B 232 -0.46 18.59 -9.22
CA ASP B 232 -1.27 17.60 -8.51
C ASP B 232 -1.45 16.29 -9.29
N ASN B 233 -0.36 15.58 -9.55
CA ASN B 233 -0.48 14.31 -10.25
C ASN B 233 -1.28 13.33 -9.41
N ALA B 234 -1.30 13.52 -8.09
CA ALA B 234 -2.07 12.63 -7.22
C ALA B 234 -3.55 12.72 -7.63
N ALA B 235 -4.03 13.94 -7.82
CA ALA B 235 -5.41 14.16 -8.23
C ALA B 235 -5.64 13.54 -9.61
N LEU B 236 -4.70 13.75 -10.52
CA LEU B 236 -4.83 13.22 -11.87
C LEU B 236 -4.97 11.69 -11.83
N VAL B 237 -4.16 11.05 -11.00
CA VAL B 237 -4.21 9.60 -10.85
C VAL B 237 -5.56 9.15 -10.29
N ARG B 238 -5.99 9.82 -9.23
CA ARG B 238 -7.28 9.51 -8.59
C ARG B 238 -8.42 9.62 -9.61
N LEU B 239 -8.47 10.74 -10.32
CA LEU B 239 -9.50 10.95 -11.33
C LEU B 239 -9.47 9.86 -12.42
N SER B 240 -8.28 9.47 -12.85
CA SER B 240 -8.16 8.45 -13.89
C SER B 240 -8.74 7.12 -13.43
N GLN B 241 -8.66 6.86 -12.12
CA GLN B 241 -9.18 5.62 -11.57
C GLN B 241 -10.67 5.66 -11.22
N GLN B 242 -11.25 6.85 -11.12
CA GLN B 242 -12.66 6.94 -10.75
C GLN B 242 -13.60 7.51 -11.79
N ILE B 243 -13.10 8.38 -12.67
CA ILE B 243 -13.95 8.99 -13.70
C ILE B 243 -14.29 7.99 -14.82
N GLU B 244 -15.55 7.97 -15.23
CA GLU B 244 -16.00 7.04 -16.26
C GLU B 244 -15.83 7.42 -17.72
N THR B 245 -14.64 7.92 -18.05
CA THR B 245 -14.26 8.23 -19.42
C THR B 245 -12.74 8.37 -19.41
N ALA B 246 -12.13 8.43 -20.58
CA ALA B 246 -10.68 8.52 -20.68
C ALA B 246 -10.08 9.86 -20.26
N ILE B 247 -8.92 9.81 -19.62
CA ILE B 247 -8.20 11.01 -19.18
C ILE B 247 -6.90 11.07 -20.00
N LEU B 248 -6.54 12.27 -20.45
CA LEU B 248 -5.35 12.48 -21.26
C LEU B 248 -4.39 13.35 -20.45
N ALA B 249 -3.19 12.84 -20.19
CA ALA B 249 -2.20 13.60 -19.45
C ALA B 249 -1.39 14.47 -20.42
N ASP B 250 -1.24 15.76 -20.13
CA ASP B 250 -0.43 16.62 -20.99
C ASP B 250 0.75 17.14 -20.17
N GLU B 251 0.58 18.30 -19.52
CA GLU B 251 1.66 18.88 -18.71
C GLU B 251 2.20 17.92 -17.65
N ALA B 252 1.38 16.96 -17.23
CA ALA B 252 1.81 15.99 -16.22
C ALA B 252 2.91 15.05 -16.73
N VAL B 253 3.07 14.96 -18.05
CA VAL B 253 4.08 14.07 -18.60
C VAL B 253 4.83 14.70 -19.77
N ALA B 254 6.14 14.86 -19.64
CA ALA B 254 6.93 15.45 -20.70
C ALA B 254 7.97 14.47 -21.26
N THR B 255 8.75 13.87 -20.37
CA THR B 255 9.79 12.92 -20.74
C THR B 255 9.43 11.48 -20.39
N ALA B 256 10.26 10.54 -20.83
CA ALA B 256 10.03 9.12 -20.54
C ALA B 256 10.10 8.87 -19.03
N TYR B 257 10.90 9.67 -18.33
CA TYR B 257 11.03 9.55 -16.88
C TYR B 257 9.68 9.86 -16.23
N ASP B 258 9.05 10.96 -16.66
CA ASP B 258 7.74 11.36 -16.16
C ASP B 258 6.73 10.28 -16.50
N GLY B 259 6.80 9.78 -17.73
CA GLY B 259 5.89 8.77 -18.22
C GLY B 259 5.90 7.52 -17.37
N TYR B 260 7.09 7.06 -16.99
CA TYR B 260 7.20 5.89 -16.15
C TYR B 260 6.62 6.16 -14.76
N GLN B 261 7.07 7.26 -14.17
CA GLN B 261 6.64 7.64 -12.83
C GLN B 261 5.12 7.71 -12.70
N LEU B 262 4.49 8.43 -13.60
CA LEU B 262 3.04 8.57 -13.55
C LEU B 262 2.36 7.20 -13.70
N ALA B 263 2.86 6.37 -14.62
CA ALA B 263 2.27 5.04 -14.83
C ALA B 263 2.42 4.18 -13.59
N GLN B 264 3.60 4.22 -12.99
CA GLN B 264 3.87 3.43 -11.81
C GLN B 264 2.93 3.83 -10.67
N GLN B 265 2.56 5.11 -10.64
CA GLN B 265 1.69 5.67 -9.62
C GLN B 265 0.24 5.19 -9.76
N GLY B 266 -0.11 4.62 -10.91
CA GLY B 266 -1.47 4.12 -11.09
C GLY B 266 -2.32 4.84 -12.10
N PHE B 267 -1.73 5.80 -12.80
CA PHE B 267 -2.48 6.54 -13.82
C PHE B 267 -2.89 5.61 -14.96
N THR B 268 -4.13 5.72 -15.39
CA THR B 268 -4.60 4.93 -16.51
C THR B 268 -5.28 5.88 -17.49
N GLY B 269 -5.00 5.70 -18.78
CA GLY B 269 -5.57 6.55 -19.79
C GLY B 269 -4.59 6.71 -20.94
N ALA B 270 -4.31 7.95 -21.32
CA ALA B 270 -3.40 8.22 -22.43
C ALA B 270 -2.45 9.40 -22.17
N TYR B 271 -1.39 9.47 -22.96
CA TYR B 271 -0.42 10.55 -22.85
C TYR B 271 -0.42 11.40 -24.13
N ALA B 272 -0.33 12.71 -23.96
CA ALA B 272 -0.25 13.61 -25.10
C ALA B 272 1.23 13.76 -25.43
N LEU B 273 1.70 12.99 -26.39
CA LEU B 273 3.10 13.06 -26.79
C LEU B 273 3.37 14.37 -27.55
N LYS B 274 4.46 15.05 -27.20
CA LYS B 274 4.86 16.28 -27.88
C LYS B 274 6.38 16.29 -27.99
N ILE B 275 6.92 16.48 -29.20
CA ILE B 275 8.36 16.49 -29.36
C ILE B 275 9.02 17.60 -28.53
N ALA B 276 8.35 18.73 -28.38
CA ALA B 276 8.90 19.84 -27.61
C ALA B 276 9.08 19.47 -26.14
N LYS B 277 8.13 18.70 -25.58
CA LYS B 277 8.23 18.31 -24.18
C LYS B 277 9.33 17.28 -23.95
N ALA B 278 9.49 16.37 -24.91
CA ALA B 278 10.46 15.28 -24.79
C ALA B 278 11.87 15.59 -25.26
N GLY B 279 12.01 16.53 -26.19
CA GLY B 279 13.32 16.87 -26.67
C GLY B 279 13.55 16.48 -28.12
N GLY B 280 12.46 16.23 -28.86
CA GLY B 280 12.61 15.89 -30.27
C GLY B 280 11.85 14.68 -30.78
N PRO B 281 11.83 14.52 -32.11
CA PRO B 281 11.15 13.43 -32.84
C PRO B 281 11.62 12.04 -32.40
N ASN B 282 12.91 11.91 -32.07
CA ASN B 282 13.45 10.62 -31.64
C ASN B 282 13.26 10.44 -30.13
N SER B 283 13.60 11.48 -29.37
CA SER B 283 13.49 11.43 -27.92
C SER B 283 12.08 11.08 -27.44
N VAL B 284 11.08 11.58 -28.13
CA VAL B 284 9.68 11.33 -27.74
C VAL B 284 9.33 9.85 -27.89
N LEU B 285 10.03 9.12 -28.76
CA LEU B 285 9.74 7.70 -28.96
C LEU B 285 9.98 6.88 -27.70
N ALA B 286 10.95 7.30 -26.87
CA ALA B 286 11.22 6.58 -25.62
C ALA B 286 10.00 6.67 -24.70
N LEU B 287 9.37 7.85 -24.65
CA LEU B 287 8.18 8.06 -23.82
C LEU B 287 7.06 7.18 -24.38
N ALA B 288 6.93 7.18 -25.70
CA ALA B 288 5.92 6.38 -26.35
C ALA B 288 6.05 4.90 -26.00
N ARG B 289 7.28 4.37 -25.99
CA ARG B 289 7.48 2.96 -25.66
C ARG B 289 7.20 2.66 -24.20
N VAL B 290 7.53 3.59 -23.32
CA VAL B 290 7.28 3.41 -21.89
C VAL B 290 5.77 3.32 -21.70
N ALA B 291 5.05 4.21 -22.37
CA ALA B 291 3.59 4.22 -22.29
C ALA B 291 3.01 2.89 -22.76
N GLN B 292 3.46 2.44 -23.92
CA GLN B 292 2.99 1.18 -24.47
C GLN B 292 3.24 0.02 -23.50
N ALA B 293 4.43 -0.01 -22.92
CA ALA B 293 4.78 -1.06 -21.97
C ALA B 293 3.82 -1.07 -20.78
N ALA B 294 3.35 0.12 -20.41
CA ALA B 294 2.44 0.28 -19.27
C ALA B 294 0.96 0.21 -19.64
N GLY B 295 0.68 0.01 -20.92
CA GLY B 295 -0.72 -0.05 -21.35
C GLY B 295 -1.39 1.31 -21.39
N ILE B 296 -0.60 2.36 -21.60
CA ILE B 296 -1.15 3.71 -21.68
C ILE B 296 -1.28 4.11 -23.16
N GLY B 297 -2.43 4.68 -23.52
CA GLY B 297 -2.68 5.08 -24.89
C GLY B 297 -1.87 6.28 -25.35
N LEU B 298 -1.78 6.45 -26.67
CA LEU B 298 -1.00 7.54 -27.26
C LEU B 298 -1.83 8.55 -28.06
N TYR B 299 -1.33 9.78 -28.09
CA TYR B 299 -1.97 10.90 -28.77
C TYR B 299 -0.88 11.82 -29.32
N GLY B 300 -0.99 12.21 -30.58
CA GLY B 300 0.00 13.09 -31.19
C GLY B 300 -0.30 14.55 -30.86
N GLY B 301 0.40 15.08 -29.86
CA GLY B 301 0.16 16.45 -29.43
C GLY B 301 0.94 17.55 -30.13
N THR B 302 0.51 18.78 -29.94
CA THR B 302 1.17 19.93 -30.56
C THR B 302 1.30 21.12 -29.60
N MET B 303 2.21 22.04 -29.94
CA MET B 303 2.41 23.26 -29.19
C MET B 303 2.06 24.39 -30.17
N LEU B 304 1.32 24.01 -31.20
CA LEU B 304 0.88 24.91 -32.26
C LEU B 304 2.06 25.32 -33.14
N GLU B 305 2.89 24.33 -33.47
CA GLU B 305 4.05 24.53 -34.32
C GLU B 305 3.63 24.90 -35.73
N GLY B 306 4.55 25.53 -36.46
CA GLY B 306 4.31 25.87 -37.85
C GLY B 306 4.56 24.60 -38.64
N THR B 307 4.74 24.71 -39.95
CA THR B 307 4.95 23.54 -40.80
C THR B 307 6.16 22.68 -40.42
N VAL B 308 7.28 23.31 -40.07
CA VAL B 308 8.49 22.57 -39.73
C VAL B 308 8.33 21.68 -38.48
N GLY B 309 7.90 22.28 -37.37
CA GLY B 309 7.70 21.51 -36.16
C GLY B 309 6.55 20.54 -36.28
N THR B 310 5.55 20.89 -37.08
CA THR B 310 4.40 20.01 -37.26
C THR B 310 4.78 18.75 -38.04
N VAL B 311 5.50 18.89 -39.17
CA VAL B 311 5.89 17.72 -39.94
C VAL B 311 6.92 16.89 -39.16
N ALA B 312 7.76 17.55 -38.36
CA ALA B 312 8.74 16.84 -37.56
C ALA B 312 7.97 15.89 -36.61
N SER B 313 6.93 16.40 -35.97
CA SER B 313 6.11 15.59 -35.06
C SER B 313 5.46 14.46 -35.85
N LEU B 314 4.90 14.81 -37.01
CA LEU B 314 4.24 13.85 -37.88
C LEU B 314 5.09 12.64 -38.26
N HIS B 315 6.37 12.87 -38.57
CA HIS B 315 7.24 11.76 -38.92
C HIS B 315 7.34 10.78 -37.75
N ALA B 316 7.41 11.32 -36.53
CA ALA B 316 7.48 10.47 -35.34
C ALA B 316 6.13 9.76 -35.13
N TRP B 317 5.04 10.52 -35.20
CA TRP B 317 3.71 9.95 -35.01
C TRP B 317 3.40 8.84 -36.01
N SER B 318 3.94 8.95 -37.23
CA SER B 318 3.68 7.96 -38.26
C SER B 318 4.17 6.55 -37.90
N THR B 319 5.15 6.48 -37.02
CA THR B 319 5.72 5.19 -36.61
C THR B 319 4.98 4.51 -35.45
N LEU B 320 4.00 5.21 -34.88
CA LEU B 320 3.28 4.68 -33.72
C LEU B 320 1.78 4.49 -33.88
N PRO B 321 1.20 3.58 -33.06
CA PRO B 321 -0.25 3.36 -33.13
C PRO B 321 -0.81 4.49 -32.25
N LEU B 322 -1.59 5.40 -32.82
CA LEU B 322 -2.13 6.48 -32.01
C LEU B 322 -3.63 6.31 -31.85
N GLN B 323 -4.01 5.66 -30.76
CA GLN B 323 -5.42 5.40 -30.50
C GLN B 323 -6.25 6.67 -30.56
N TRP B 324 -5.73 7.75 -29.98
CA TRP B 324 -6.46 9.00 -29.93
C TRP B 324 -6.24 10.01 -31.06
N GLY B 325 -5.49 9.61 -32.09
CA GLY B 325 -5.22 10.49 -33.22
C GLY B 325 -4.22 11.60 -32.94
N THR B 326 -4.29 12.69 -33.68
CA THR B 326 -3.38 13.83 -33.47
C THR B 326 -4.12 15.15 -33.57
N GLU B 327 -3.47 16.21 -33.10
CA GLU B 327 -3.99 17.57 -33.12
C GLU B 327 -2.98 18.45 -33.86
N MET B 328 -2.39 17.91 -34.93
CA MET B 328 -1.38 18.64 -35.69
C MET B 328 -1.97 19.60 -36.71
N PHE B 329 -2.73 20.58 -36.22
CA PHE B 329 -3.37 21.57 -37.08
C PHE B 329 -2.73 22.95 -36.96
N GLY B 330 -1.58 23.03 -36.29
CA GLY B 330 -0.90 24.30 -36.11
C GLY B 330 -0.73 25.16 -37.37
N PRO B 331 -0.27 24.59 -38.48
CA PRO B 331 -0.09 25.41 -39.68
C PRO B 331 -1.38 26.01 -40.25
N LEU B 332 -2.51 25.38 -39.96
CA LEU B 332 -3.81 25.86 -40.44
C LEU B 332 -4.26 27.14 -39.72
N LEU B 333 -3.53 27.52 -38.67
CA LEU B 333 -3.87 28.72 -37.91
C LEU B 333 -3.05 29.92 -38.38
N LEU B 334 -2.07 29.67 -39.25
CA LEU B 334 -1.19 30.73 -39.73
C LEU B 334 -1.59 31.30 -41.08
N LYS B 335 -1.42 32.61 -41.23
CA LYS B 335 -1.72 33.30 -42.48
C LYS B 335 -0.54 33.12 -43.42
N ASP B 336 0.61 32.79 -42.85
CA ASP B 336 1.82 32.58 -43.62
C ASP B 336 2.82 31.79 -42.77
N ASP B 337 3.75 31.11 -43.43
CA ASP B 337 4.76 30.31 -42.73
C ASP B 337 6.12 30.58 -43.40
N ILE B 338 7.19 30.02 -42.83
CA ILE B 338 8.51 30.24 -43.40
C ILE B 338 9.04 29.11 -44.27
N VAL B 339 8.13 28.26 -44.78
CA VAL B 339 8.52 27.17 -45.65
C VAL B 339 8.11 27.49 -47.09
N SER B 340 8.76 26.85 -48.05
CA SER B 340 8.44 27.09 -49.45
C SER B 340 7.11 26.46 -49.84
N VAL B 341 6.86 25.24 -49.38
CA VAL B 341 5.63 24.52 -49.68
C VAL B 341 5.03 23.94 -48.38
N PRO B 342 3.76 24.22 -48.10
CA PRO B 342 3.12 23.69 -46.89
C PRO B 342 2.62 22.25 -47.03
N LEU B 343 2.18 21.68 -45.92
CA LEU B 343 1.66 20.32 -45.91
C LEU B 343 0.26 20.35 -46.49
N THR B 344 -0.18 19.24 -47.07
CA THR B 344 -1.52 19.19 -47.64
C THR B 344 -2.50 18.57 -46.64
N PHE B 345 -3.45 19.37 -46.19
CA PHE B 345 -4.48 18.92 -45.25
C PHE B 345 -5.77 18.68 -46.03
N ALA B 346 -6.45 17.58 -45.75
CA ALA B 346 -7.70 17.27 -46.44
C ALA B 346 -8.43 16.10 -45.80
N ASP B 347 -9.75 16.22 -45.74
CA ASP B 347 -10.60 15.17 -45.19
C ASP B 347 -10.21 14.74 -43.78
N GLY B 348 -9.99 15.71 -42.90
CA GLY B 348 -9.62 15.41 -41.53
C GLY B 348 -8.29 14.70 -41.38
N GLN B 349 -7.45 14.79 -42.41
CA GLN B 349 -6.14 14.15 -42.37
C GLN B 349 -5.06 15.07 -42.94
N VAL B 350 -3.81 14.65 -42.77
CA VAL B 350 -2.68 15.39 -43.29
C VAL B 350 -1.76 14.37 -43.96
N ALA B 351 -1.23 14.70 -45.13
CA ALA B 351 -0.34 13.81 -45.86
C ALA B 351 1.08 13.96 -45.35
N LEU B 352 1.72 12.84 -45.07
CA LEU B 352 3.11 12.88 -44.59
C LEU B 352 4.06 12.80 -45.78
N PRO B 353 4.93 13.80 -45.94
CA PRO B 353 5.85 13.72 -47.08
C PRO B 353 6.82 12.55 -46.89
N GLN B 354 7.23 11.93 -47.99
CA GLN B 354 8.15 10.81 -47.93
C GLN B 354 9.42 11.03 -48.75
N THR B 355 9.80 12.29 -48.91
CA THR B 355 11.01 12.63 -49.64
C THR B 355 12.12 12.69 -48.58
N PRO B 356 13.39 12.88 -49.00
CA PRO B 356 14.47 12.94 -48.02
C PRO B 356 14.33 14.02 -46.93
N GLY B 357 14.62 13.64 -45.70
CA GLY B 357 14.53 14.57 -44.58
C GLY B 357 13.10 14.80 -44.13
N LEU B 358 12.83 16.02 -43.65
CA LEU B 358 11.50 16.38 -43.17
C LEU B 358 10.51 16.45 -44.33
N GLY B 359 11.02 16.79 -45.50
CA GLY B 359 10.16 16.90 -46.66
C GLY B 359 9.67 18.32 -46.88
N VAL B 360 10.23 19.26 -46.15
CA VAL B 360 9.87 20.67 -46.30
C VAL B 360 11.16 21.47 -46.41
N GLU B 361 11.08 22.62 -47.06
CA GLU B 361 12.25 23.47 -47.24
C GLU B 361 11.98 24.88 -46.74
N LEU B 362 13.02 25.52 -46.23
CA LEU B 362 12.94 26.86 -45.70
C LEU B 362 12.84 27.90 -46.83
N ASP B 363 11.89 28.82 -46.74
CA ASP B 363 11.75 29.88 -47.74
C ASP B 363 12.57 31.01 -47.14
N GLU B 364 13.78 31.22 -47.65
CA GLU B 364 14.64 32.25 -47.10
C GLU B 364 14.12 33.68 -47.10
N ASP B 365 13.38 34.07 -48.13
CA ASP B 365 12.84 35.42 -48.18
C ASP B 365 11.85 35.65 -47.05
N LYS B 366 10.94 34.70 -46.86
CA LYS B 366 9.95 34.82 -45.80
C LYS B 366 10.62 34.75 -44.43
N LEU B 367 11.62 33.88 -44.30
CA LEU B 367 12.32 33.75 -43.04
C LEU B 367 12.85 35.11 -42.60
N HIS B 368 13.60 35.75 -43.49
CA HIS B 368 14.17 37.06 -43.18
C HIS B 368 13.08 38.11 -43.04
N PHE B 369 12.01 37.96 -43.79
CA PHE B 369 10.90 38.91 -43.73
C PHE B 369 10.26 38.90 -42.34
N TYR B 370 9.97 37.71 -41.83
CA TYR B 370 9.33 37.57 -40.53
C TYR B 370 10.25 37.48 -39.32
N THR B 371 11.56 37.53 -39.53
CA THR B 371 12.50 37.48 -38.42
C THR B 371 12.28 38.70 -37.53
N ARG B 372 12.30 38.50 -36.21
CA ARG B 372 12.08 39.58 -35.26
C ARG B 372 13.17 40.66 -35.21
N GLN B 373 14.42 40.24 -35.04
CA GLN B 373 15.52 41.20 -34.95
C GLN B 373 15.98 41.71 -36.32
N ALA C 5 -28.69 5.43 44.96
CA ALA C 5 -27.87 6.56 45.49
C ALA C 5 -27.46 7.50 44.36
N THR C 6 -27.39 8.79 44.67
CA THR C 6 -27.01 9.78 43.67
C THR C 6 -25.83 10.61 44.17
N VAL C 7 -25.17 11.31 43.25
CA VAL C 7 -24.04 12.14 43.62
C VAL C 7 -24.62 13.44 44.18
N GLU C 8 -24.40 13.67 45.47
CA GLU C 8 -24.91 14.87 46.13
C GLU C 8 -23.98 16.06 46.01
N GLN C 9 -22.70 15.84 46.22
CA GLN C 9 -21.75 16.92 46.13
C GLN C 9 -20.40 16.53 45.57
N ILE C 10 -19.76 17.50 44.94
CA ILE C 10 -18.43 17.32 44.37
C ILE C 10 -17.59 18.51 44.82
N GLU C 11 -16.51 18.22 45.52
CA GLU C 11 -15.60 19.26 46.01
C GLU C 11 -14.25 19.06 45.35
N SER C 12 -13.50 20.14 45.15
CA SER C 12 -12.17 20.03 44.56
C SER C 12 -11.24 21.09 45.13
N TRP C 13 -9.97 20.74 45.24
CA TRP C 13 -8.94 21.64 45.77
C TRP C 13 -7.66 21.48 44.98
N ILE C 14 -6.96 22.59 44.76
CA ILE C 14 -5.67 22.53 44.10
C ILE C 14 -4.73 22.49 45.30
N VAL C 15 -3.93 21.43 45.37
CA VAL C 15 -3.01 21.25 46.48
C VAL C 15 -1.56 21.31 46.04
N ASP C 16 -0.78 22.14 46.72
CA ASP C 16 0.63 22.29 46.40
C ASP C 16 1.43 21.62 47.51
N VAL C 17 2.00 20.45 47.22
CA VAL C 17 2.77 19.71 48.21
C VAL C 17 4.27 19.78 47.90
N PRO C 18 5.12 19.78 48.94
CA PRO C 18 6.58 19.84 48.78
C PRO C 18 7.25 18.58 48.24
N THR C 19 8.17 18.77 47.30
CA THR C 19 8.90 17.66 46.71
C THR C 19 10.21 17.47 47.48
N ILE C 20 10.86 16.35 47.26
CA ILE C 20 12.13 16.06 47.92
C ILE C 20 13.21 17.02 47.45
N CYS C 32 7.77 22.12 44.65
CA CYS C 32 6.36 21.81 44.88
C CYS C 32 5.71 21.08 43.70
N GLN C 33 4.67 20.32 44.01
CA GLN C 33 3.91 19.58 43.00
C GLN C 33 2.45 19.94 43.23
N SER C 34 1.76 20.34 42.16
CA SER C 34 0.35 20.73 42.26
C SER C 34 -0.60 19.59 41.91
N LEU C 35 -1.45 19.22 42.86
CA LEU C 35 -2.41 18.14 42.66
C LEU C 35 -3.81 18.70 42.72
N VAL C 36 -4.70 18.18 41.87
CA VAL C 36 -6.08 18.60 41.94
C VAL C 36 -6.79 17.42 42.58
N ILE C 37 -7.26 17.63 43.81
CA ILE C 37 -7.93 16.60 44.57
C ILE C 37 -9.43 16.82 44.55
N VAL C 38 -10.18 15.73 44.49
CA VAL C 38 -11.63 15.83 44.47
C VAL C 38 -12.22 14.89 45.51
N ARG C 39 -13.36 15.30 46.07
CA ARG C 39 -14.08 14.49 47.04
C ARG C 39 -15.51 14.48 46.56
N LEU C 40 -16.04 13.30 46.28
CA LEU C 40 -17.41 13.20 45.80
C LEU C 40 -18.25 12.54 46.89
N THR C 41 -19.39 13.16 47.21
CA THR C 41 -20.27 12.65 48.24
C THR C 41 -21.58 12.14 47.65
N ARG C 42 -21.94 10.91 47.99
CA ARG C 42 -23.18 10.30 47.51
C ARG C 42 -24.33 10.61 48.48
N SER C 43 -25.56 10.50 48.00
CA SER C 43 -26.73 10.74 48.81
C SER C 43 -26.81 9.79 49.99
N ASP C 44 -26.15 8.64 49.89
CA ASP C 44 -26.16 7.67 50.97
C ASP C 44 -25.03 7.88 51.98
N GLY C 45 -24.42 9.06 51.94
CA GLY C 45 -23.36 9.38 52.88
C GLY C 45 -21.95 8.92 52.57
N ILE C 46 -21.79 8.02 51.61
CA ILE C 46 -20.47 7.51 51.25
C ILE C 46 -19.70 8.50 50.37
N CYS C 47 -18.42 8.70 50.67
CA CYS C 47 -17.57 9.62 49.90
C CYS C 47 -16.46 8.91 49.14
N GLY C 48 -16.04 9.51 48.03
CA GLY C 48 -14.96 8.95 47.23
C GLY C 48 -13.99 10.06 46.87
N ILE C 49 -12.70 9.73 46.76
CA ILE C 49 -11.72 10.75 46.42
C ILE C 49 -10.99 10.41 45.12
N GLY C 50 -10.50 11.44 44.44
CA GLY C 50 -9.78 11.25 43.20
C GLY C 50 -8.67 12.27 43.04
N GLU C 51 -7.77 12.06 42.08
CA GLU C 51 -6.67 12.98 41.86
C GLU C 51 -6.35 13.19 40.39
N ALA C 52 -6.14 14.45 40.02
CA ALA C 52 -5.78 14.80 38.65
C ALA C 52 -4.56 15.71 38.77
N THR C 53 -3.40 15.17 38.43
CA THR C 53 -2.15 15.89 38.51
C THR C 53 -1.38 15.86 37.19
N THR C 54 -0.58 16.88 36.96
CA THR C 54 0.25 16.94 35.76
C THR C 54 1.62 17.43 36.17
N ILE C 55 2.44 17.77 35.17
CA ILE C 55 3.78 18.24 35.45
C ILE C 55 4.07 19.53 34.68
N GLY C 56 4.73 20.46 35.34
CA GLY C 56 5.12 21.73 34.72
C GLY C 56 4.07 22.67 34.16
N GLY C 57 2.91 22.76 34.81
CA GLY C 57 1.87 23.66 34.32
C GLY C 57 1.32 23.26 32.97
N LEU C 58 1.74 23.94 31.91
CA LEU C 58 1.28 23.62 30.57
C LEU C 58 2.42 23.17 29.66
N SER C 59 3.55 22.82 30.26
CA SER C 59 4.72 22.41 29.50
C SER C 59 4.72 20.94 29.05
N TYR C 60 3.95 20.10 29.74
CA TYR C 60 3.89 18.69 29.42
C TYR C 60 2.53 18.20 28.95
N GLY C 61 1.54 19.05 29.03
CA GLY C 61 0.20 18.68 28.60
C GLY C 61 -0.60 19.93 28.32
N VAL C 62 -1.78 19.77 27.72
CA VAL C 62 -2.60 20.93 27.40
C VAL C 62 -3.51 21.31 28.56
N GLU C 63 -3.55 20.45 29.59
CA GLU C 63 -4.39 20.68 30.76
C GLU C 63 -3.54 21.05 31.98
N SER C 64 -3.81 22.24 32.54
CA SER C 64 -3.09 22.73 33.71
C SER C 64 -3.89 22.48 34.98
N PRO C 65 -3.25 22.54 36.15
CA PRO C 65 -3.99 22.32 37.40
C PRO C 65 -5.19 23.27 37.52
N GLU C 66 -4.99 24.52 37.11
CA GLU C 66 -6.07 25.50 37.20
C GLU C 66 -7.19 25.21 36.21
N ALA C 67 -6.85 24.74 35.02
CA ALA C 67 -7.86 24.43 34.02
C ALA C 67 -8.59 23.14 34.41
N ILE C 68 -7.86 22.22 35.03
CA ILE C 68 -8.46 20.96 35.47
C ILE C 68 -9.47 21.29 36.55
N SER C 69 -9.09 22.23 37.43
CA SER C 69 -9.95 22.66 38.52
C SER C 69 -11.23 23.32 38.01
N SER C 70 -11.09 24.22 37.04
CA SER C 70 -12.27 24.90 36.49
C SER C 70 -13.20 23.91 35.78
N ALA C 71 -12.62 22.92 35.09
CA ALA C 71 -13.43 21.92 34.39
C ALA C 71 -14.33 21.21 35.40
N ILE C 72 -13.75 20.84 36.53
CA ILE C 72 -14.47 20.15 37.60
C ILE C 72 -15.54 21.07 38.20
N THR C 73 -15.12 22.24 38.66
CA THR C 73 -16.02 23.20 39.29
C THR C 73 -17.16 23.73 38.40
N HIS C 74 -16.82 24.28 37.25
CA HIS C 74 -17.81 24.87 36.35
C HIS C 74 -18.57 23.95 35.41
N TYR C 75 -18.02 22.78 35.11
CA TYR C 75 -18.68 21.90 34.14
C TYR C 75 -19.10 20.51 34.62
N LEU C 76 -18.15 19.76 35.18
CA LEU C 76 -18.46 18.41 35.64
C LEU C 76 -19.40 18.40 36.85
N THR C 77 -19.17 19.28 37.81
CA THR C 77 -19.99 19.31 39.01
C THR C 77 -21.49 19.51 38.72
N PRO C 78 -21.86 20.56 37.98
CA PRO C 78 -23.29 20.73 37.71
C PRO C 78 -23.85 19.65 36.79
N LEU C 79 -23.00 19.07 35.94
CA LEU C 79 -23.44 18.04 35.02
C LEU C 79 -23.78 16.74 35.76
N LEU C 80 -22.98 16.41 36.76
CA LEU C 80 -23.16 15.17 37.50
C LEU C 80 -24.02 15.21 38.77
N LYS C 81 -24.11 16.36 39.42
CA LYS C 81 -24.92 16.42 40.64
C LYS C 81 -26.36 16.00 40.37
N GLY C 82 -26.84 15.04 41.16
CA GLY C 82 -28.20 14.55 41.01
C GLY C 82 -28.28 13.25 40.24
N GLN C 83 -27.21 12.89 39.53
CA GLN C 83 -27.19 11.66 38.75
C GLN C 83 -26.91 10.42 39.60
N PRO C 84 -27.47 9.26 39.19
CA PRO C 84 -27.24 8.02 39.95
C PRO C 84 -25.74 7.78 40.03
N ALA C 85 -25.25 7.55 41.24
CA ALA C 85 -23.82 7.37 41.46
C ALA C 85 -23.22 5.99 41.23
N ASP C 86 -24.07 4.97 41.01
CA ASP C 86 -23.55 3.62 40.81
C ASP C 86 -23.44 3.12 39.38
N ASN C 87 -23.90 3.92 38.41
CA ASN C 87 -23.85 3.51 37.02
C ASN C 87 -22.70 4.23 36.32
N LEU C 88 -21.51 3.65 36.40
CA LEU C 88 -20.34 4.26 35.78
C LEU C 88 -20.47 4.44 34.27
N ASN C 89 -21.09 3.46 33.61
CA ASN C 89 -21.27 3.53 32.16
C ASN C 89 -22.17 4.69 31.77
N ALA C 90 -23.24 4.90 32.53
CA ALA C 90 -24.18 5.99 32.25
C ALA C 90 -23.53 7.34 32.51
N LEU C 91 -22.78 7.42 33.61
CA LEU C 91 -22.10 8.65 33.97
C LEU C 91 -21.01 9.01 32.97
N THR C 92 -20.28 8.01 32.50
CA THR C 92 -19.20 8.21 31.54
C THR C 92 -19.74 8.69 30.19
N ALA C 93 -20.87 8.14 29.75
CA ALA C 93 -21.47 8.54 28.49
C ALA C 93 -21.95 9.99 28.60
N ARG C 94 -22.48 10.33 29.78
CA ARG C 94 -22.96 11.69 30.03
C ARG C 94 -21.78 12.66 30.04
N MET C 95 -20.69 12.24 30.67
CA MET C 95 -19.49 13.07 30.75
C MET C 95 -18.86 13.31 29.39
N ASN C 96 -18.70 12.25 28.60
CA ASN C 96 -18.10 12.37 27.28
C ASN C 96 -19.04 13.02 26.26
N GLY C 97 -20.34 12.89 26.49
CA GLY C 97 -21.28 13.49 25.57
C GLY C 97 -21.32 15.00 25.71
N ALA C 98 -21.14 15.49 26.93
CA ALA C 98 -21.19 16.92 27.20
C ALA C 98 -19.83 17.62 27.28
N ILE C 99 -18.78 16.88 27.61
CA ILE C 99 -17.44 17.44 27.76
C ILE C 99 -16.40 16.84 26.81
N LYS C 100 -15.80 17.68 25.96
CA LYS C 100 -14.78 17.21 25.03
C LYS C 100 -13.43 17.25 25.75
N GLY C 101 -12.58 16.26 25.48
CA GLY C 101 -11.27 16.23 26.12
C GLY C 101 -11.34 16.30 27.63
N ASN C 102 -10.45 17.08 28.23
CA ASN C 102 -10.39 17.23 29.69
C ASN C 102 -10.39 15.88 30.37
N THR C 103 -9.49 15.00 29.91
CA THR C 103 -9.37 13.66 30.45
C THR C 103 -8.80 13.63 31.87
N PHE C 104 -7.92 14.57 32.19
CA PHE C 104 -7.36 14.64 33.53
C PHE C 104 -8.47 14.87 34.53
N ALA C 105 -9.34 15.85 34.25
CA ALA C 105 -10.46 16.17 35.13
C ALA C 105 -11.39 14.95 35.24
N LYS C 106 -11.70 14.34 34.09
CA LYS C 106 -12.57 13.18 34.08
C LYS C 106 -11.96 12.04 34.89
N SER C 107 -10.64 11.92 34.86
CA SER C 107 -9.96 10.85 35.58
C SER C 107 -10.14 10.99 37.11
N ALA C 108 -10.06 12.22 37.61
CA ALA C 108 -10.23 12.48 39.04
C ALA C 108 -11.64 12.09 39.47
N ILE C 109 -12.64 12.48 38.68
CA ILE C 109 -14.04 12.17 38.96
C ILE C 109 -14.31 10.67 38.92
N GLU C 110 -13.89 10.02 37.84
CA GLU C 110 -14.10 8.58 37.69
C GLU C 110 -13.45 7.85 38.86
N THR C 111 -12.29 8.33 39.28
CA THR C 111 -11.59 7.71 40.40
C THR C 111 -12.44 7.83 41.67
N ALA C 112 -13.00 9.01 41.90
CA ALA C 112 -13.83 9.25 43.08
C ALA C 112 -15.06 8.34 43.03
N LEU C 113 -15.67 8.24 41.84
CA LEU C 113 -16.86 7.41 41.68
C LEU C 113 -16.56 5.96 42.04
N LEU C 114 -15.41 5.46 41.59
CA LEU C 114 -15.00 4.08 41.88
C LEU C 114 -14.64 3.88 43.36
N ASP C 115 -13.96 4.86 43.95
CA ASP C 115 -13.59 4.77 45.35
C ASP C 115 -14.87 4.63 46.18
N ALA C 116 -15.83 5.52 45.92
CA ALA C 116 -17.09 5.52 46.63
C ALA C 116 -17.87 4.22 46.40
N GLN C 117 -17.94 3.78 45.16
CA GLN C 117 -18.67 2.55 44.85
C GLN C 117 -18.02 1.34 45.53
N GLY C 118 -16.69 1.34 45.60
CA GLY C 118 -15.99 0.25 46.23
C GLY C 118 -16.34 0.14 47.70
N LYS C 119 -16.42 1.29 48.37
CA LYS C 119 -16.78 1.30 49.79
C LYS C 119 -18.21 0.83 49.97
N ALA C 120 -19.08 1.23 49.05
CA ALA C 120 -20.48 0.85 49.11
C ALA C 120 -20.68 -0.66 48.93
N LEU C 121 -19.72 -1.31 48.28
CA LEU C 121 -19.81 -2.75 48.04
C LEU C 121 -18.79 -3.53 48.86
N GLY C 122 -17.99 -2.80 49.64
CA GLY C 122 -16.96 -3.46 50.44
C GLY C 122 -15.92 -4.14 49.60
N LEU C 123 -15.60 -3.55 48.44
CA LEU C 123 -14.62 -4.13 47.52
C LEU C 123 -13.57 -3.13 47.06
N PRO C 124 -12.32 -3.59 46.86
CA PRO C 124 -11.29 -2.66 46.40
C PRO C 124 -11.57 -2.33 44.93
N VAL C 125 -11.11 -1.18 44.47
CA VAL C 125 -11.35 -0.78 43.09
C VAL C 125 -10.93 -1.88 42.10
N SER C 126 -9.79 -2.53 42.36
CA SER C 126 -9.34 -3.60 41.48
C SER C 126 -10.42 -4.67 41.27
N ALA C 127 -11.17 -4.97 42.32
CA ALA C 127 -12.24 -5.97 42.24
C ALA C 127 -13.36 -5.45 41.36
N LEU C 128 -13.61 -4.14 41.46
CA LEU C 128 -14.65 -3.52 40.64
C LEU C 128 -14.21 -3.59 39.18
N LEU C 129 -12.90 -3.61 38.95
CA LEU C 129 -12.37 -3.67 37.60
C LEU C 129 -12.18 -5.09 37.09
N GLY C 130 -12.79 -6.05 37.78
CA GLY C 130 -12.72 -7.45 37.37
C GLY C 130 -11.79 -8.36 38.15
N GLY C 131 -11.01 -7.80 39.07
CA GLY C 131 -10.11 -8.61 39.86
C GLY C 131 -8.64 -8.37 39.56
N ALA C 132 -7.82 -8.37 40.61
CA ALA C 132 -6.39 -8.13 40.46
C ALA C 132 -5.62 -9.39 40.06
N LEU C 133 -4.74 -9.26 39.08
CA LEU C 133 -3.92 -10.38 38.63
C LEU C 133 -2.78 -10.57 39.64
N GLN C 134 -2.45 -9.50 40.35
CA GLN C 134 -1.42 -9.51 41.37
C GLN C 134 -1.69 -8.33 42.31
N THR C 135 -1.28 -8.43 43.57
CA THR C 135 -1.51 -7.36 44.52
C THR C 135 -0.24 -6.63 44.93
N ALA C 136 0.85 -6.99 44.28
CA ALA C 136 2.15 -6.36 44.49
C ALA C 136 2.64 -6.09 43.08
N LEU C 137 2.88 -4.83 42.76
CA LEU C 137 3.33 -4.48 41.42
C LEU C 137 4.72 -3.87 41.37
N PRO C 138 5.46 -4.16 40.30
CA PRO C 138 6.82 -3.64 40.15
C PRO C 138 6.78 -2.14 39.88
N VAL C 139 7.74 -1.42 40.46
CA VAL C 139 7.85 0.02 40.28
C VAL C 139 9.32 0.33 40.02
N LEU C 140 9.63 0.87 38.85
CA LEU C 140 11.02 1.19 38.55
C LEU C 140 11.37 2.56 39.12
N TRP C 141 12.63 2.95 39.01
CA TRP C 141 13.08 4.25 39.51
C TRP C 141 13.68 5.03 38.36
N THR C 142 13.42 6.33 38.33
CA THR C 142 13.96 7.17 37.28
C THR C 142 15.25 7.81 37.74
N LEU C 143 16.24 7.80 36.84
CA LEU C 143 17.54 8.41 37.12
C LEU C 143 17.63 9.68 36.29
N ALA C 144 17.44 10.82 36.94
CA ALA C 144 17.50 12.10 36.24
C ALA C 144 18.04 13.22 37.11
N SER C 145 19.08 12.92 37.88
CA SER C 145 19.69 13.92 38.78
C SER C 145 20.48 14.97 38.00
N GLY C 146 20.74 14.69 36.73
CA GLY C 146 21.50 15.63 35.92
C GLY C 146 22.98 15.31 35.93
N ASP C 147 23.38 14.38 36.80
CA ASP C 147 24.78 13.99 36.90
C ASP C 147 24.91 12.47 36.73
N THR C 148 25.73 12.05 35.76
CA THR C 148 25.92 10.64 35.51
C THR C 148 26.43 9.93 36.76
N ALA C 149 27.44 10.52 37.41
CA ALA C 149 28.02 9.94 38.61
C ALA C 149 26.99 9.76 39.71
N LYS C 150 26.12 10.75 39.90
CA LYS C 150 25.09 10.66 40.91
C LYS C 150 24.08 9.58 40.56
N ASP C 151 23.62 9.58 39.30
CA ASP C 151 22.67 8.59 38.83
C ASP C 151 23.17 7.17 39.07
N ILE C 152 24.39 6.91 38.62
CA ILE C 152 24.99 5.59 38.79
C ILE C 152 25.02 5.23 40.28
N ALA C 153 25.25 6.23 41.12
CA ALA C 153 25.31 6.04 42.56
C ALA C 153 24.00 5.51 43.13
N GLU C 154 22.93 6.28 42.98
CA GLU C 154 21.65 5.84 43.52
C GLU C 154 21.15 4.57 42.84
N GLY C 155 21.62 4.34 41.61
CA GLY C 155 21.22 3.13 40.90
C GLY C 155 21.87 1.95 41.60
N GLU C 156 23.16 2.10 41.91
CA GLU C 156 23.92 1.05 42.60
C GLU C 156 23.33 0.94 44.01
N LYS C 157 22.83 2.08 44.50
CA LYS C 157 22.21 2.17 45.81
C LYS C 157 21.01 1.25 45.89
N LEU C 158 20.15 1.32 44.86
CA LEU C 158 18.94 0.50 44.80
C LEU C 158 19.22 -0.95 44.45
N LEU C 159 20.40 -1.23 43.88
CA LEU C 159 20.76 -2.59 43.53
C LEU C 159 21.37 -3.30 44.74
N ALA C 160 21.49 -2.56 45.85
CA ALA C 160 22.06 -3.11 47.07
C ALA C 160 21.29 -2.62 48.29
N ARG C 165 15.40 -2.97 40.20
CA ARG C 165 15.93 -3.85 39.18
C ARG C 165 15.63 -3.32 37.78
N ALA C 166 15.01 -2.15 37.71
CA ALA C 166 14.69 -1.50 36.44
C ALA C 166 14.85 0.01 36.62
N PHE C 167 15.48 0.65 35.65
CA PHE C 167 15.71 2.10 35.71
C PHE C 167 15.32 2.81 34.42
N LYS C 168 14.73 3.98 34.56
CA LYS C 168 14.32 4.80 33.42
C LYS C 168 15.16 6.09 33.41
N LEU C 169 15.89 6.31 32.32
CA LEU C 169 16.72 7.51 32.22
C LEU C 169 16.07 8.55 31.35
N LYS C 170 16.07 9.80 31.82
CA LYS C 170 15.50 10.90 31.05
C LYS C 170 16.62 11.58 30.27
N ILE C 171 16.41 11.73 28.96
CA ILE C 171 17.40 12.38 28.10
C ILE C 171 16.68 13.25 27.07
N GLY C 172 17.46 13.90 26.21
CA GLY C 172 16.88 14.75 25.19
C GLY C 172 17.02 16.24 25.45
N ALA C 173 17.64 16.60 26.57
CA ALA C 173 17.82 18.01 26.90
C ALA C 173 19.23 18.50 26.57
N ARG C 174 20.10 17.57 26.16
CA ARG C 174 21.47 17.91 25.80
C ARG C 174 21.75 17.44 24.37
N GLU C 175 22.97 17.67 23.90
CA GLU C 175 23.35 17.24 22.56
C GLU C 175 23.27 15.73 22.55
N LEU C 176 22.99 15.16 21.38
CA LEU C 176 22.88 13.71 21.26
C LEU C 176 24.09 12.97 21.81
N ALA C 177 25.29 13.40 21.42
CA ALA C 177 26.52 12.76 21.86
C ALA C 177 26.64 12.72 23.38
N THR C 178 26.29 13.82 24.02
CA THR C 178 26.38 13.89 25.47
C THR C 178 25.35 12.96 26.10
N ASP C 179 24.14 12.94 25.56
CA ASP C 179 23.08 12.07 26.09
C ASP C 179 23.40 10.59 25.89
N LEU C 180 24.05 10.24 24.79
CA LEU C 180 24.41 8.84 24.53
C LEU C 180 25.56 8.41 25.44
N ARG C 181 26.47 9.33 25.70
CA ARG C 181 27.62 9.06 26.55
C ARG C 181 27.13 8.80 27.98
N HIS C 182 26.19 9.64 28.41
CA HIS C 182 25.57 9.54 29.74
C HIS C 182 24.88 8.19 29.86
N THR C 183 24.07 7.85 28.86
CA THR C 183 23.32 6.61 28.86
C THR C 183 24.25 5.40 28.86
N ARG C 184 25.24 5.41 27.97
CA ARG C 184 26.17 4.30 27.87
C ARG C 184 26.91 4.04 29.20
N ALA C 185 27.25 5.11 29.91
CA ALA C 185 27.95 4.96 31.20
C ALA C 185 27.05 4.26 32.20
N ILE C 186 25.78 4.65 32.23
CA ILE C 186 24.83 4.05 33.15
C ILE C 186 24.59 2.58 32.79
N VAL C 187 24.44 2.31 31.50
CA VAL C 187 24.21 0.94 31.04
C VAL C 187 25.37 0.02 31.43
N GLU C 188 26.60 0.48 31.20
CA GLU C 188 27.77 -0.33 31.55
C GLU C 188 27.88 -0.59 33.04
N ALA C 189 27.50 0.39 33.85
CA ALA C 189 27.56 0.26 35.29
C ALA C 189 26.40 -0.55 35.90
N LEU C 190 25.20 -0.37 35.34
CA LEU C 190 24.01 -1.05 35.87
C LEU C 190 23.35 -2.09 34.96
N GLY C 191 23.58 -1.98 33.66
CA GLY C 191 22.97 -2.90 32.71
C GLY C 191 23.22 -4.37 32.91
N ASP C 192 24.06 -4.72 33.88
CA ASP C 192 24.38 -6.11 34.15
C ASP C 192 23.31 -6.80 34.99
N ARG C 193 22.66 -6.04 35.86
CA ARG C 193 21.64 -6.60 36.73
C ARG C 193 20.32 -5.84 36.74
N ALA C 194 20.16 -4.86 35.85
CA ALA C 194 18.91 -4.11 35.81
C ALA C 194 18.48 -3.77 34.40
N SER C 195 17.17 -3.62 34.22
CA SER C 195 16.60 -3.27 32.92
C SER C 195 16.76 -1.77 32.74
N ILE C 196 17.35 -1.36 31.62
CA ILE C 196 17.56 0.06 31.37
C ILE C 196 16.67 0.59 30.25
N ARG C 197 15.84 1.57 30.59
CA ARG C 197 14.94 2.19 29.62
C ARG C 197 15.26 3.68 29.57
N VAL C 198 14.99 4.32 28.44
CA VAL C 198 15.22 5.76 28.34
C VAL C 198 13.93 6.42 27.89
N ASP C 199 13.79 7.69 28.22
CA ASP C 199 12.61 8.47 27.85
C ASP C 199 13.14 9.78 27.28
N VAL C 200 12.91 9.99 25.99
CA VAL C 200 13.36 11.21 25.30
C VAL C 200 12.26 12.26 25.33
N ASN C 201 11.09 11.85 25.79
CA ASN C 201 9.91 12.70 25.90
C ASN C 201 9.72 13.70 24.74
N GLN C 202 9.72 13.17 23.51
CA GLN C 202 9.49 13.98 22.30
C GLN C 202 10.60 14.90 21.79
N ALA C 203 11.73 14.97 22.48
CA ALA C 203 12.81 15.88 22.10
C ALA C 203 13.49 15.75 20.74
N TRP C 204 13.62 14.53 20.21
CA TRP C 204 14.32 14.35 18.96
C TRP C 204 13.55 14.53 17.65
N ASP C 205 14.24 15.14 16.68
CA ASP C 205 13.69 15.32 15.35
C ASP C 205 13.89 13.93 14.74
N ALA C 206 13.33 13.69 13.56
CA ALA C 206 13.43 12.39 12.91
C ALA C 206 14.86 11.88 12.66
N ALA C 207 15.74 12.76 12.18
CA ALA C 207 17.13 12.35 11.91
C ALA C 207 17.88 12.01 13.19
N THR C 208 17.77 12.87 14.19
CA THR C 208 18.44 12.63 15.47
C THR C 208 17.86 11.36 16.08
N GLY C 209 16.54 11.20 15.97
CA GLY C 209 15.90 10.03 16.52
C GLY C 209 16.41 8.73 15.91
N ALA C 210 16.61 8.72 14.60
CA ALA C 210 17.11 7.52 13.93
C ALA C 210 18.51 7.18 14.44
N LYS C 211 19.40 8.17 14.44
CA LYS C 211 20.77 7.93 14.90
C LYS C 211 20.79 7.58 16.38
N GLY C 212 20.10 8.37 17.19
CA GLY C 212 20.05 8.12 18.63
C GLY C 212 19.48 6.75 18.99
N CYS C 213 18.35 6.38 18.39
CA CYS C 213 17.74 5.09 18.67
C CYS C 213 18.64 3.93 18.25
N ARG C 214 19.29 4.03 17.09
CA ARG C 214 20.18 2.95 16.65
C ARG C 214 21.29 2.75 17.69
N GLU C 215 21.84 3.86 18.17
CA GLU C 215 22.91 3.80 19.17
C GLU C 215 22.41 3.19 20.48
N LEU C 216 21.25 3.64 20.93
CA LEU C 216 20.66 3.15 22.16
C LEU C 216 20.39 1.64 22.05
N ALA C 217 19.93 1.21 20.87
CA ALA C 217 19.67 -0.21 20.68
C ALA C 217 20.96 -1.01 20.75
N ALA C 218 22.00 -0.52 20.09
CA ALA C 218 23.28 -1.20 20.06
C ALA C 218 23.95 -1.34 21.42
N MET C 219 23.74 -0.36 22.32
CA MET C 219 24.36 -0.44 23.63
C MET C 219 23.56 -1.28 24.64
N GLY C 220 22.44 -1.84 24.21
CA GLY C 220 21.66 -2.69 25.10
C GLY C 220 20.48 -2.10 25.83
N VAL C 221 20.06 -0.90 25.45
CA VAL C 221 18.91 -0.28 26.10
C VAL C 221 17.68 -1.13 25.73
N ASP C 222 16.88 -1.50 26.74
CA ASP C 222 15.69 -2.35 26.54
C ASP C 222 14.43 -1.67 26.01
N LEU C 223 14.27 -0.39 26.26
CA LEU C 223 13.07 0.32 25.83
C LEU C 223 13.38 1.80 25.62
N ILE C 224 12.89 2.36 24.51
CA ILE C 224 13.10 3.76 24.19
C ILE C 224 11.71 4.41 24.16
N GLU C 225 11.45 5.31 25.10
CA GLU C 225 10.16 5.96 25.19
C GLU C 225 10.02 7.28 24.42
N GLN C 226 8.97 7.36 23.61
CA GLN C 226 8.63 8.53 22.80
C GLN C 226 9.84 9.34 22.32
N PRO C 227 10.69 8.73 21.48
CA PRO C 227 11.87 9.44 20.98
C PRO C 227 11.59 10.69 20.16
N VAL C 228 10.49 10.67 19.41
CA VAL C 228 10.12 11.81 18.57
C VAL C 228 8.80 12.46 19.01
N SER C 229 8.48 13.59 18.40
CA SER C 229 7.27 14.33 18.73
C SER C 229 5.97 13.60 18.39
N ALA C 230 4.92 13.91 19.15
CA ALA C 230 3.62 13.31 18.91
C ALA C 230 3.03 13.90 17.64
N HIS C 231 3.70 14.91 17.08
CA HIS C 231 3.27 15.54 15.83
C HIS C 231 3.79 14.69 14.67
N ASP C 232 4.62 13.70 15.00
CA ASP C 232 5.20 12.84 13.98
C ASP C 232 5.05 11.35 14.32
N ASN C 233 3.82 10.87 14.37
CA ASN C 233 3.58 9.45 14.65
C ASN C 233 4.15 8.65 13.47
N ALA C 234 4.24 9.26 12.30
CA ALA C 234 4.78 8.54 11.15
C ALA C 234 6.23 8.14 11.42
N ALA C 235 6.99 9.02 12.04
CA ALA C 235 8.39 8.73 12.38
C ALA C 235 8.43 7.68 13.47
N LEU C 236 7.51 7.79 14.44
CA LEU C 236 7.47 6.82 15.54
C LEU C 236 7.23 5.41 15.00
N VAL C 237 6.30 5.29 14.07
CA VAL C 237 6.00 4.00 13.46
C VAL C 237 7.22 3.48 12.72
N ARG C 238 7.81 4.35 11.91
CA ARG C 238 9.00 3.98 11.14
C ARG C 238 10.10 3.48 12.05
N LEU C 239 10.34 4.19 13.15
CA LEU C 239 11.37 3.78 14.10
C LEU C 239 11.03 2.43 14.72
N SER C 240 9.78 2.23 15.11
CA SER C 240 9.36 0.97 15.73
C SER C 240 9.61 -0.22 14.81
N GLN C 241 9.61 0.02 13.50
CA GLN C 241 9.82 -1.05 12.54
C GLN C 241 11.29 -1.26 12.15
N GLN C 242 12.13 -0.27 12.39
CA GLN C 242 13.54 -0.39 12.00
C GLN C 242 14.55 -0.45 13.15
N ILE C 243 14.18 0.07 14.32
CA ILE C 243 15.06 0.07 15.48
C ILE C 243 15.09 -1.28 16.19
N GLU C 244 16.30 -1.76 16.47
CA GLU C 244 16.48 -3.05 17.09
C GLU C 244 16.32 -3.16 18.60
N THR C 245 15.27 -2.50 19.10
CA THR C 245 14.91 -2.59 20.50
C THR C 245 13.48 -2.08 20.60
N ALA C 246 12.85 -2.28 21.74
CA ALA C 246 11.47 -1.86 21.90
C ALA C 246 11.25 -0.35 22.02
N ILE C 247 10.14 0.10 21.46
CA ILE C 247 9.76 1.52 21.51
C ILE C 247 8.50 1.62 22.36
N LEU C 248 8.48 2.61 23.25
CA LEU C 248 7.33 2.84 24.13
C LEU C 248 6.65 4.14 23.69
N ALA C 249 5.37 4.08 23.37
CA ALA C 249 4.67 5.29 22.97
C ALA C 249 4.04 5.91 24.21
N ASP C 250 4.19 7.23 24.36
CA ASP C 250 3.59 7.92 25.50
C ASP C 250 2.63 8.97 24.97
N GLU C 251 3.12 10.18 24.72
CA GLU C 251 2.28 11.26 24.21
C GLU C 251 1.54 10.92 22.91
N ALA C 252 2.07 9.98 22.13
CA ALA C 252 1.43 9.61 20.87
C ALA C 252 0.11 8.85 21.07
N VAL C 253 -0.12 8.33 22.27
CA VAL C 253 -1.35 7.58 22.54
C VAL C 253 -1.96 7.91 23.90
N ALA C 254 -3.18 8.43 23.88
CA ALA C 254 -3.88 8.80 25.11
C ALA C 254 -5.13 7.96 25.31
N THR C 255 -5.97 7.94 24.27
CA THR C 255 -7.24 7.24 24.31
C THR C 255 -7.22 5.95 23.50
N ALA C 256 -8.30 5.17 23.59
CA ALA C 256 -8.40 3.92 22.85
C ALA C 256 -8.42 4.23 21.35
N TYR C 257 -8.99 5.39 20.99
CA TYR C 257 -9.03 5.78 19.58
C TYR C 257 -7.59 5.95 19.07
N ASP C 258 -6.77 6.66 19.85
CA ASP C 258 -5.38 6.87 19.46
C ASP C 258 -4.66 5.52 19.38
N GLY C 259 -4.94 4.67 20.36
CA GLY C 259 -4.31 3.36 20.41
C GLY C 259 -4.60 2.51 19.19
N TYR C 260 -5.85 2.56 18.71
CA TYR C 260 -6.22 1.81 17.53
C TYR C 260 -5.54 2.39 16.30
N GLN C 261 -5.66 3.70 16.13
CA GLN C 261 -5.07 4.40 14.98
C GLN C 261 -3.58 4.11 14.82
N LEU C 262 -2.84 4.24 15.91
CA LEU C 262 -1.40 4.01 15.89
C LEU C 262 -1.09 2.56 15.54
N ALA C 263 -1.82 1.63 16.14
CA ALA C 263 -1.61 0.22 15.89
C ALA C 263 -1.89 -0.09 14.41
N GLN C 264 -3.02 0.39 13.91
CA GLN C 264 -3.44 0.18 12.53
C GLN C 264 -2.37 0.70 11.55
N GLN C 265 -1.69 1.78 11.92
CA GLN C 265 -0.65 2.36 11.07
C GLN C 265 0.62 1.53 11.02
N GLY C 266 0.73 0.54 11.91
CA GLY C 266 1.90 -0.32 11.88
C GLY C 266 2.87 -0.24 13.03
N PHE C 267 2.53 0.54 14.05
CA PHE C 267 3.39 0.67 15.22
C PHE C 267 3.50 -0.65 15.96
N THR C 268 4.72 -1.00 16.36
CA THR C 268 4.92 -2.21 17.14
C THR C 268 5.82 -1.85 18.32
N GLY C 269 5.40 -2.30 19.50
CA GLY C 269 6.16 -2.00 20.71
C GLY C 269 5.21 -2.03 21.89
N ALA C 270 5.20 -0.97 22.68
CA ALA C 270 4.34 -0.91 23.86
C ALA C 270 3.74 0.48 24.07
N TYR C 271 2.65 0.53 24.83
CA TYR C 271 1.97 1.79 25.15
C TYR C 271 2.11 2.10 26.63
N ALA C 272 2.36 3.38 26.90
CA ALA C 272 2.48 3.86 28.27
C ALA C 272 1.07 4.28 28.69
N LEU C 273 0.35 3.37 29.34
CA LEU C 273 -1.01 3.66 29.80
C LEU C 273 -0.95 4.66 30.96
N LYS C 274 -1.89 5.62 30.98
CA LYS C 274 -1.98 6.60 32.06
C LYS C 274 -3.45 6.94 32.25
N ILE C 275 -3.94 6.84 33.49
CA ILE C 275 -5.35 7.14 33.71
C ILE C 275 -5.70 8.58 33.35
N ALA C 276 -4.75 9.50 33.53
CA ALA C 276 -4.97 10.91 33.22
C ALA C 276 -5.21 11.14 31.73
N LYS C 277 -4.49 10.41 30.89
CA LYS C 277 -4.63 10.53 29.45
C LYS C 277 -5.93 9.93 28.90
N ALA C 278 -6.40 8.86 29.53
CA ALA C 278 -7.61 8.15 29.08
C ALA C 278 -8.92 8.62 29.71
N GLY C 279 -8.84 9.16 30.93
CA GLY C 279 -10.05 9.60 31.61
C GLY C 279 -10.39 8.82 32.86
N GLY C 280 -9.42 8.08 33.40
CA GLY C 280 -9.70 7.33 34.62
C GLY C 280 -9.30 5.86 34.61
N PRO C 281 -9.32 5.21 35.78
CA PRO C 281 -8.96 3.79 35.98
C PRO C 281 -9.79 2.82 35.14
N ASN C 282 -11.04 3.15 34.90
CA ASN C 282 -11.89 2.27 34.11
C ASN C 282 -11.69 2.58 32.63
N SER C 283 -11.72 3.88 32.31
CA SER C 283 -11.57 4.34 30.94
C SER C 283 -10.28 3.87 30.27
N VAL C 284 -9.19 3.81 31.04
CA VAL C 284 -7.91 3.39 30.48
C VAL C 284 -7.92 1.92 30.05
N LEU C 285 -8.81 1.12 30.62
CA LEU C 285 -8.88 -0.29 30.28
C LEU C 285 -9.27 -0.54 28.82
N ALA C 286 -10.00 0.39 28.22
CA ALA C 286 -10.40 0.22 26.82
C ALA C 286 -9.13 0.29 25.95
N LEU C 287 -8.26 1.24 26.25
CA LEU C 287 -7.01 1.41 25.51
C LEU C 287 -6.17 0.14 25.68
N ALA C 288 -6.12 -0.38 26.90
CA ALA C 288 -5.34 -1.58 27.18
C ALA C 288 -5.81 -2.77 26.35
N ARG C 289 -7.13 -2.92 26.27
CA ARG C 289 -7.76 -4.01 25.51
C ARG C 289 -7.44 -3.88 24.02
N VAL C 290 -7.49 -2.65 23.50
CA VAL C 290 -7.18 -2.42 22.09
C VAL C 290 -5.73 -2.82 21.83
N ALA C 291 -4.84 -2.40 22.72
CA ALA C 291 -3.41 -2.70 22.61
C ALA C 291 -3.19 -4.21 22.59
N GLN C 292 -3.82 -4.92 23.52
CA GLN C 292 -3.67 -6.36 23.59
C GLN C 292 -4.19 -7.04 22.33
N ALA C 293 -5.31 -6.55 21.82
CA ALA C 293 -5.89 -7.12 20.60
C ALA C 293 -4.94 -6.95 19.42
N ALA C 294 -4.15 -5.87 19.44
CA ALA C 294 -3.22 -5.60 18.35
C ALA C 294 -1.80 -6.12 18.60
N GLY C 295 -1.59 -6.80 19.73
CA GLY C 295 -0.28 -7.35 20.04
C GLY C 295 0.72 -6.34 20.58
N ILE C 296 0.21 -5.23 21.11
CA ILE C 296 1.04 -4.16 21.67
C ILE C 296 1.19 -4.34 23.18
N GLY C 297 2.43 -4.28 23.67
CA GLY C 297 2.71 -4.45 25.08
C GLY C 297 2.19 -3.33 25.99
N LEU C 298 2.13 -3.61 27.29
CA LEU C 298 1.60 -2.62 28.24
C LEU C 298 2.60 -2.18 29.31
N TYR C 299 2.45 -0.92 29.72
CA TYR C 299 3.31 -0.29 30.72
C TYR C 299 2.44 0.62 31.58
N GLY C 300 2.59 0.52 32.90
CA GLY C 300 1.80 1.35 33.81
C GLY C 300 2.41 2.73 33.97
N GLY C 301 1.87 3.72 33.25
CA GLY C 301 2.40 5.07 33.28
C GLY C 301 1.90 6.02 34.36
N THR C 302 2.65 7.10 34.58
CA THR C 302 2.32 8.08 35.61
C THR C 302 2.53 9.52 35.14
N MET C 303 1.87 10.45 35.82
CA MET C 303 2.01 11.86 35.54
C MET C 303 2.59 12.44 36.83
N LEU C 304 3.20 11.56 37.62
CA LEU C 304 3.80 11.89 38.91
C LEU C 304 2.75 12.26 39.95
N GLU C 305 1.69 11.45 40.01
CA GLU C 305 0.62 11.67 40.97
C GLU C 305 1.06 11.36 42.40
N GLY C 306 0.32 11.92 43.35
CA GLY C 306 0.58 11.65 44.75
C GLY C 306 -0.03 10.29 45.03
N THR C 307 -0.24 9.96 46.30
CA THR C 307 -0.80 8.67 46.68
C THR C 307 -2.18 8.35 46.07
N VAL C 308 -3.09 9.33 46.07
CA VAL C 308 -4.42 9.08 45.53
C VAL C 308 -4.42 8.65 44.06
N GLY C 309 -3.86 9.50 43.19
CA GLY C 309 -3.83 9.17 41.77
C GLY C 309 -2.97 7.96 41.48
N THR C 310 -1.93 7.76 42.28
CA THR C 310 -1.03 6.62 42.10
C THR C 310 -1.71 5.30 42.42
N VAL C 311 -2.40 5.22 43.55
CA VAL C 311 -3.06 3.97 43.89
C VAL C 311 -4.24 3.73 42.94
N ALA C 312 -4.85 4.81 42.46
CA ALA C 312 -5.97 4.69 41.53
C ALA C 312 -5.45 3.96 40.28
N SER C 313 -4.31 4.41 39.78
CA SER C 313 -3.68 3.80 38.61
C SER C 313 -3.33 2.35 38.90
N LEU C 314 -2.75 2.13 40.09
CA LEU C 314 -2.34 0.81 40.52
C LEU C 314 -3.49 -0.21 40.51
N HIS C 315 -4.68 0.21 40.92
CA HIS C 315 -5.81 -0.71 40.91
C HIS C 315 -6.09 -1.17 39.48
N ALA C 316 -5.98 -0.25 38.53
CA ALA C 316 -6.21 -0.55 37.12
C ALA C 316 -5.08 -1.45 36.58
N TRP C 317 -3.83 -1.08 36.90
CA TRP C 317 -2.68 -1.85 36.44
C TRP C 317 -2.71 -3.29 36.94
N SER C 318 -3.20 -3.50 38.16
CA SER C 318 -3.23 -4.85 38.73
C SER C 318 -4.09 -5.85 37.94
N THR C 319 -5.04 -5.34 37.17
CA THR C 319 -5.91 -6.22 36.40
C THR C 319 -5.32 -6.59 35.05
N LEU C 320 -4.14 -6.07 34.74
CA LEU C 320 -3.51 -6.31 33.45
C LEU C 320 -2.11 -6.90 33.50
N PRO C 321 -1.74 -7.67 32.47
CA PRO C 321 -0.41 -8.25 32.41
C PRO C 321 0.46 -7.12 31.88
N LEU C 322 1.33 -6.58 32.72
CA LEU C 322 2.18 -5.47 32.29
C LEU C 322 3.59 -5.93 32.00
N GLN C 323 3.86 -6.19 30.73
CA GLN C 323 5.18 -6.66 30.32
C GLN C 323 6.32 -5.75 30.77
N TRP C 324 6.10 -4.43 30.68
CA TRP C 324 7.14 -3.49 31.03
C TRP C 324 7.09 -2.90 32.44
N GLY C 325 6.21 -3.44 33.27
CA GLY C 325 6.09 -2.96 34.64
C GLY C 325 5.40 -1.62 34.78
N THR C 326 5.76 -0.87 35.82
CA THR C 326 5.17 0.45 36.05
C THR C 326 6.23 1.42 36.57
N GLU C 327 5.89 2.71 36.56
CA GLU C 327 6.75 3.79 37.05
C GLU C 327 5.94 4.56 38.10
N MET C 328 5.17 3.83 38.90
CA MET C 328 4.33 4.48 39.91
C MET C 328 5.09 4.87 41.19
N PHE C 329 6.12 5.70 41.03
CA PHE C 329 6.95 6.14 42.15
C PHE C 329 6.64 7.58 42.57
N GLY C 330 5.64 8.17 41.93
CA GLY C 330 5.25 9.54 42.24
C GLY C 330 5.24 9.94 43.70
N PRO C 331 4.61 9.14 44.60
CA PRO C 331 4.58 9.49 46.03
C PRO C 331 5.97 9.61 46.66
N LEU C 332 6.92 8.80 46.18
CA LEU C 332 8.27 8.83 46.71
C LEU C 332 9.03 10.12 46.41
N LEU C 333 8.45 10.97 45.58
CA LEU C 333 9.09 12.24 45.25
C LEU C 333 8.61 13.35 46.17
N LEU C 334 7.54 13.06 46.91
CA LEU C 334 6.92 14.04 47.79
C LEU C 334 7.47 14.02 49.22
N LYS C 335 7.52 15.19 49.84
CA LYS C 335 8.00 15.32 51.20
C LYS C 335 6.80 15.12 52.13
N ASP C 336 5.61 15.27 51.58
CA ASP C 336 4.36 15.07 52.33
C ASP C 336 3.23 14.90 51.32
N ASP C 337 2.12 14.29 51.74
CA ASP C 337 0.98 14.06 50.87
C ASP C 337 -0.30 14.45 51.61
N ILE C 338 -1.46 14.24 50.99
CA ILE C 338 -2.71 14.57 51.64
C ILE C 338 -3.52 13.35 52.09
N VAL C 339 -2.86 12.21 52.21
CA VAL C 339 -3.52 10.99 52.67
C VAL C 339 -3.07 10.69 54.09
N SER C 340 -3.89 10.00 54.86
CA SER C 340 -3.56 9.65 56.23
C SER C 340 -2.45 8.61 56.29
N VAL C 341 -2.49 7.64 55.38
CA VAL C 341 -1.47 6.59 55.34
C VAL C 341 -0.99 6.34 53.91
N PRO C 342 0.33 6.50 53.68
CA PRO C 342 0.90 6.28 52.35
C PRO C 342 1.02 4.81 51.98
N LEU C 343 1.26 4.54 50.70
CA LEU C 343 1.42 3.17 50.22
C LEU C 343 2.77 2.65 50.71
N THR C 344 2.91 1.34 50.80
CA THR C 344 4.18 0.77 51.21
C THR C 344 4.95 0.31 49.98
N PHE C 345 6.17 0.81 49.84
CA PHE C 345 7.05 0.48 48.73
C PHE C 345 8.21 -0.35 49.30
N ALA C 346 8.63 -1.37 48.58
CA ALA C 346 9.73 -2.22 49.05
C ALA C 346 10.19 -3.18 47.97
N ASP C 347 11.48 -3.50 47.99
CA ASP C 347 12.10 -4.42 47.04
C ASP C 347 11.61 -4.19 45.61
N GLY C 348 11.71 -2.94 45.16
CA GLY C 348 11.28 -2.60 43.80
C GLY C 348 9.82 -2.89 43.50
N GLN C 349 8.98 -2.85 44.52
CA GLN C 349 7.56 -3.12 44.34
C GLN C 349 6.71 -2.27 45.25
N VAL C 350 5.41 -2.24 44.97
CA VAL C 350 4.46 -1.49 45.79
C VAL C 350 3.30 -2.42 46.10
N ALA C 351 2.79 -2.34 47.33
CA ALA C 351 1.68 -3.17 47.74
C ALA C 351 0.35 -2.50 47.40
N LEU C 352 -0.54 -3.25 46.77
CA LEU C 352 -1.84 -2.72 46.40
C LEU C 352 -2.83 -2.98 47.53
N PRO C 353 -3.42 -1.90 48.09
CA PRO C 353 -4.38 -2.10 49.17
C PRO C 353 -5.57 -2.91 48.64
N GLN C 354 -6.16 -3.75 49.48
CA GLN C 354 -7.30 -4.55 49.07
C GLN C 354 -8.52 -4.35 49.99
N THR C 355 -8.56 -3.19 50.64
CA THR C 355 -9.67 -2.85 51.52
C THR C 355 -10.69 -2.11 50.64
N PRO C 356 -11.90 -1.84 51.15
CA PRO C 356 -12.92 -1.16 50.33
C PRO C 356 -12.47 0.13 49.63
N GLY C 357 -12.79 0.24 48.34
CA GLY C 357 -12.42 1.42 47.57
C GLY C 357 -10.95 1.45 47.17
N LEU C 358 -10.38 2.66 47.13
CA LEU C 358 -8.98 2.83 46.75
C LEU C 358 -8.05 2.26 47.82
N GLY C 359 -8.48 2.33 49.07
CA GLY C 359 -7.67 1.81 50.16
C GLY C 359 -6.85 2.89 50.85
N VAL C 360 -7.13 4.15 50.52
CA VAL C 360 -6.44 5.28 51.13
C VAL C 360 -7.49 6.27 51.59
N GLU C 361 -7.17 7.02 52.65
CA GLU C 361 -8.11 7.98 53.19
C GLU C 361 -7.50 9.37 53.16
N LEU C 362 -8.36 10.37 53.03
CA LEU C 362 -7.94 11.75 52.98
C LEU C 362 -7.57 12.25 54.37
N ASP C 363 -6.48 13.01 54.48
CA ASP C 363 -6.06 13.58 55.75
C ASP C 363 -6.54 15.03 55.69
N GLU C 364 -7.71 15.29 56.27
CA GLU C 364 -8.32 16.62 56.28
C GLU C 364 -7.38 17.75 56.68
N ASP C 365 -6.57 17.52 57.70
CA ASP C 365 -5.65 18.55 58.18
C ASP C 365 -4.60 18.92 57.14
N LYS C 366 -3.95 17.91 56.57
CA LYS C 366 -2.94 18.18 55.55
C LYS C 366 -3.59 18.80 54.32
N LEU C 367 -4.77 18.32 53.98
CA LEU C 367 -5.50 18.84 52.83
C LEU C 367 -5.68 20.36 52.97
N HIS C 368 -6.15 20.79 54.13
CA HIS C 368 -6.35 22.22 54.38
C HIS C 368 -5.02 22.97 54.45
N PHE C 369 -4.02 22.34 55.04
CA PHE C 369 -2.71 22.96 55.17
C PHE C 369 -2.05 23.20 53.82
N TYR C 370 -2.18 22.22 52.92
CA TYR C 370 -1.55 22.34 51.60
C TYR C 370 -2.41 22.91 50.48
N THR C 371 -3.66 23.28 50.78
CA THR C 371 -4.52 23.86 49.76
C THR C 371 -3.88 25.17 49.30
N ARG C 372 -4.03 25.48 48.02
CA ARG C 372 -3.44 26.68 47.46
C ARG C 372 -4.05 27.98 47.98
N GLN C 373 -5.33 28.20 47.68
CA GLN C 373 -5.99 29.43 48.12
C GLN C 373 -7.47 29.46 47.73
N ALA D 5 11.60 -2.13 -52.50
CA ALA D 5 12.35 -3.37 -52.18
C ALA D 5 11.58 -4.24 -51.20
N THR D 6 11.25 -5.45 -51.61
CA THR D 6 10.49 -6.38 -50.77
C THR D 6 11.34 -7.58 -50.38
N VAL D 7 10.86 -8.36 -49.41
CA VAL D 7 11.58 -9.55 -49.00
C VAL D 7 11.20 -10.64 -49.98
N GLU D 8 12.17 -11.06 -50.80
CA GLU D 8 11.91 -12.09 -51.80
C GLU D 8 12.01 -13.50 -51.25
N GLN D 9 12.97 -13.73 -50.38
CA GLN D 9 13.10 -15.08 -49.83
C GLN D 9 13.68 -15.10 -48.44
N ILE D 10 13.36 -16.16 -47.71
CA ILE D 10 13.86 -16.36 -46.37
C ILE D 10 14.31 -17.82 -46.25
N GLU D 11 15.59 -18.01 -45.95
CA GLU D 11 16.15 -19.34 -45.79
C GLU D 11 16.62 -19.50 -44.35
N SER D 12 16.60 -20.74 -43.85
CA SER D 12 17.06 -21.00 -42.49
C SER D 12 17.64 -22.40 -42.37
N TRP D 13 18.66 -22.55 -41.54
CA TRP D 13 19.29 -23.83 -41.33
C TRP D 13 19.58 -24.01 -39.85
N ILE D 14 19.49 -25.26 -39.38
CA ILE D 14 19.84 -25.54 -38.00
C ILE D 14 21.28 -25.98 -38.16
N VAL D 15 22.18 -25.27 -37.49
CA VAL D 15 23.60 -25.55 -37.59
C VAL D 15 24.18 -26.05 -36.29
N ASP D 16 24.88 -27.18 -36.35
CA ASP D 16 25.49 -27.74 -35.16
C ASP D 16 26.99 -27.56 -35.29
N VAL D 17 27.53 -26.60 -34.54
CA VAL D 17 28.97 -26.33 -34.56
C VAL D 17 29.62 -26.90 -33.32
N PRO D 18 30.87 -27.38 -33.44
CA PRO D 18 31.57 -27.95 -32.30
C PRO D 18 32.05 -26.91 -31.30
N THR D 19 31.99 -27.25 -30.01
CA THR D 19 32.44 -26.36 -28.96
C THR D 19 33.86 -26.73 -28.53
N ILE D 20 34.35 -26.04 -27.50
CA ILE D 20 35.68 -26.29 -26.98
C ILE D 20 35.65 -27.29 -25.83
N CYS D 32 28.75 -29.85 -29.01
CA CYS D 32 28.18 -29.07 -30.11
C CYS D 32 27.17 -28.03 -29.64
N GLN D 33 27.13 -26.91 -30.35
CA GLN D 33 26.19 -25.83 -30.06
C GLN D 33 25.31 -25.72 -31.29
N SER D 34 24.00 -25.66 -31.09
CA SER D 34 23.06 -25.58 -32.22
C SER D 34 22.57 -24.17 -32.47
N LEU D 35 22.89 -23.64 -33.65
CA LEU D 35 22.48 -22.29 -34.01
C LEU D 35 21.43 -22.38 -35.11
N VAL D 36 20.50 -21.44 -35.12
CA VAL D 36 19.50 -21.42 -36.19
C VAL D 36 19.88 -20.18 -36.99
N ILE D 37 20.38 -20.41 -38.19
CA ILE D 37 20.82 -19.33 -39.06
C ILE D 37 19.78 -18.96 -40.08
N VAL D 38 19.66 -17.66 -40.35
CA VAL D 38 18.69 -17.15 -41.30
C VAL D 38 19.36 -16.29 -42.35
N ARG D 39 18.87 -16.39 -43.58
CA ARG D 39 19.36 -15.58 -44.68
C ARG D 39 18.12 -15.01 -45.37
N LEU D 40 18.03 -13.69 -45.40
CA LEU D 40 16.90 -13.03 -46.03
C LEU D 40 17.37 -12.30 -47.27
N THR D 41 16.72 -12.57 -48.40
CA THR D 41 17.07 -11.93 -49.65
C THR D 41 15.99 -10.94 -50.09
N ARG D 42 16.40 -9.72 -50.36
CA ARG D 42 15.48 -8.67 -50.78
C ARG D 42 15.35 -8.66 -52.30
N SER D 43 14.27 -8.05 -52.79
CA SER D 43 14.03 -7.98 -54.22
C SER D 43 15.12 -7.22 -54.96
N ASP D 44 15.92 -6.43 -54.23
CA ASP D 44 16.98 -5.68 -54.87
C ASP D 44 18.31 -6.45 -54.85
N GLY D 45 18.24 -7.74 -54.59
CA GLY D 45 19.43 -8.58 -54.57
C GLY D 45 20.29 -8.52 -53.32
N ILE D 46 19.94 -7.64 -52.39
CA ILE D 46 20.70 -7.51 -51.15
C ILE D 46 20.20 -8.55 -50.15
N CYS D 47 21.12 -9.14 -49.39
CA CYS D 47 20.72 -10.15 -48.41
C CYS D 47 21.29 -9.88 -47.02
N GLY D 48 20.55 -10.33 -46.00
CA GLY D 48 20.99 -10.16 -44.63
C GLY D 48 20.91 -11.48 -43.89
N ILE D 49 21.73 -11.64 -42.87
CA ILE D 49 21.74 -12.87 -42.09
C ILE D 49 21.41 -12.59 -40.63
N GLY D 50 20.90 -13.60 -39.95
CA GLY D 50 20.54 -13.46 -38.54
C GLY D 50 20.76 -14.77 -37.84
N GLU D 51 20.70 -14.76 -36.51
CA GLU D 51 20.91 -15.95 -35.70
C GLU D 51 20.01 -16.03 -34.48
N ALA D 52 19.41 -17.20 -34.26
CA ALA D 52 18.57 -17.44 -33.09
C ALA D 52 19.18 -18.70 -32.45
N THR D 53 19.77 -18.53 -31.28
CA THR D 53 20.42 -19.63 -30.59
C THR D 53 20.00 -19.71 -29.11
N THR D 54 20.01 -20.92 -28.57
CA THR D 54 19.67 -21.11 -27.17
C THR D 54 20.64 -22.09 -26.53
N ILE D 55 20.36 -22.45 -25.28
CA ILE D 55 21.22 -23.37 -24.56
C ILE D 55 20.44 -24.59 -24.08
N GLY D 56 21.03 -25.76 -24.25
CA GLY D 56 20.42 -27.01 -23.82
C GLY D 56 19.04 -27.40 -24.28
N GLY D 57 18.73 -27.18 -25.55
CA GLY D 57 17.43 -27.57 -26.06
C GLY D 57 16.26 -26.84 -25.44
N LEU D 58 15.60 -27.48 -24.47
CA LEU D 58 14.47 -26.86 -23.79
C LEU D 58 14.73 -26.75 -22.29
N SER D 59 15.97 -26.99 -21.88
CA SER D 59 16.33 -26.94 -20.48
C SER D 59 16.45 -25.53 -19.91
N TYR D 60 16.62 -24.54 -20.78
CA TYR D 60 16.78 -23.17 -20.32
C TYR D 60 15.77 -22.17 -20.85
N GLY D 61 15.09 -22.52 -21.95
CA GLY D 61 14.10 -21.64 -22.53
C GLY D 61 12.95 -22.46 -23.06
N VAL D 62 11.88 -21.81 -23.48
CA VAL D 62 10.72 -22.55 -23.99
C VAL D 62 10.83 -22.77 -25.49
N GLU D 63 11.85 -22.15 -26.11
CA GLU D 63 12.06 -22.24 -27.55
C GLU D 63 13.30 -23.05 -27.91
N SER D 64 13.08 -24.23 -28.49
CA SER D 64 14.19 -25.10 -28.91
C SER D 64 14.66 -24.76 -30.32
N PRO D 65 15.84 -25.24 -30.72
CA PRO D 65 16.34 -24.95 -32.07
C PRO D 65 15.36 -25.44 -33.13
N GLU D 66 14.75 -26.61 -32.90
CA GLU D 66 13.80 -27.14 -33.87
C GLU D 66 12.49 -26.34 -33.92
N ALA D 67 12.06 -25.85 -32.77
CA ALA D 67 10.83 -25.06 -32.72
C ALA D 67 11.09 -23.68 -33.34
N ILE D 68 12.31 -23.17 -33.16
CA ILE D 68 12.68 -21.88 -33.72
C ILE D 68 12.68 -22.00 -35.24
N SER D 69 13.24 -23.10 -35.74
CA SER D 69 13.31 -23.36 -37.18
C SER D 69 11.91 -23.44 -37.74
N SER D 70 11.06 -24.21 -37.06
CA SER D 70 9.67 -24.39 -37.46
C SER D 70 8.93 -23.05 -37.57
N ALA D 71 9.05 -22.20 -36.56
CA ALA D 71 8.38 -20.90 -36.56
C ALA D 71 8.79 -20.09 -37.80
N ILE D 72 10.07 -20.13 -38.13
CA ILE D 72 10.59 -19.40 -39.28
C ILE D 72 10.05 -19.96 -40.59
N THR D 73 10.22 -21.26 -40.79
CA THR D 73 9.78 -21.92 -42.01
C THR D 73 8.27 -21.92 -42.25
N HIS D 74 7.51 -22.40 -41.28
CA HIS D 74 6.05 -22.49 -41.40
C HIS D 74 5.22 -21.25 -41.14
N TYR D 75 5.77 -20.26 -40.43
CA TYR D 75 4.98 -19.08 -40.11
C TYR D 75 5.52 -17.71 -40.54
N LEU D 76 6.72 -17.38 -40.09
CA LEU D 76 7.33 -16.10 -40.43
C LEU D 76 7.61 -15.93 -41.92
N THR D 77 8.07 -16.99 -42.56
CA THR D 77 8.38 -16.93 -43.98
C THR D 77 7.18 -16.57 -44.85
N PRO D 78 6.09 -17.35 -44.76
CA PRO D 78 4.94 -17.00 -45.60
C PRO D 78 4.35 -15.64 -45.22
N LEU D 79 4.49 -15.28 -43.94
CA LEU D 79 3.96 -14.02 -43.45
C LEU D 79 4.72 -12.81 -44.00
N LEU D 80 6.03 -12.92 -44.09
CA LEU D 80 6.85 -11.80 -44.55
C LEU D 80 7.15 -11.71 -46.05
N LYS D 81 7.23 -12.83 -46.75
CA LYS D 81 7.52 -12.77 -48.18
C LYS D 81 6.55 -11.83 -48.91
N GLY D 82 7.12 -10.95 -49.74
CA GLY D 82 6.30 -10.02 -50.50
C GLY D 82 6.15 -8.67 -49.83
N GLN D 83 6.51 -8.59 -48.55
CA GLN D 83 6.40 -7.34 -47.80
C GLN D 83 7.57 -6.37 -48.00
N PRO D 84 7.32 -5.06 -47.85
CA PRO D 84 8.37 -4.07 -48.01
C PRO D 84 9.46 -4.36 -46.97
N ALA D 85 10.69 -4.53 -47.43
CA ALA D 85 11.80 -4.89 -46.56
C ALA D 85 12.47 -3.78 -45.76
N ASP D 86 12.18 -2.52 -46.08
CA ASP D 86 12.83 -1.43 -45.36
C ASP D 86 12.04 -0.82 -44.22
N ASN D 87 10.80 -1.28 -44.01
CA ASN D 87 9.97 -0.72 -42.96
C ASN D 87 9.94 -1.63 -41.74
N LEU D 88 10.97 -1.54 -40.90
CA LEU D 88 11.05 -2.39 -39.72
C LEU D 88 9.82 -2.27 -38.81
N ASN D 89 9.32 -1.06 -38.61
CA ASN D 89 8.15 -0.88 -37.76
C ASN D 89 6.93 -1.62 -38.29
N ALA D 90 6.69 -1.51 -39.60
CA ALA D 90 5.56 -2.17 -40.22
C ALA D 90 5.73 -3.68 -40.16
N LEU D 91 6.95 -4.15 -40.44
CA LEU D 91 7.24 -5.58 -40.42
C LEU D 91 7.07 -6.13 -39.00
N THR D 92 7.54 -5.37 -38.01
CA THR D 92 7.43 -5.78 -36.61
C THR D 92 5.97 -5.86 -36.16
N ALA D 93 5.16 -4.90 -36.58
CA ALA D 93 3.74 -4.90 -36.20
C ALA D 93 3.05 -6.11 -36.85
N ARG D 94 3.48 -6.44 -38.07
CA ARG D 94 2.90 -7.57 -38.79
C ARG D 94 3.30 -8.88 -38.08
N MET D 95 4.57 -8.99 -37.75
CA MET D 95 5.09 -10.17 -37.07
C MET D 95 4.43 -10.41 -35.70
N ASN D 96 4.33 -9.36 -34.89
CA ASN D 96 3.74 -9.51 -33.56
C ASN D 96 2.24 -9.63 -33.60
N GLY D 97 1.61 -9.10 -34.63
CA GLY D 97 0.17 -9.20 -34.74
C GLY D 97 -0.24 -10.62 -35.10
N ALA D 98 0.55 -11.27 -35.94
CA ALA D 98 0.24 -12.62 -36.40
C ALA D 98 0.88 -13.74 -35.58
N ILE D 99 1.99 -13.44 -34.91
CA ILE D 99 2.70 -14.45 -34.12
C ILE D 99 2.88 -14.08 -32.64
N LYS D 100 2.42 -14.95 -31.74
CA LYS D 100 2.56 -14.73 -30.31
C LYS D 100 3.88 -15.31 -29.85
N GLY D 101 4.59 -14.61 -28.97
CA GLY D 101 5.86 -15.10 -28.48
C GLY D 101 6.86 -15.39 -29.58
N ASN D 102 7.59 -16.49 -29.44
CA ASN D 102 8.58 -16.89 -30.42
C ASN D 102 9.56 -15.76 -30.71
N THR D 103 10.03 -15.12 -29.64
CA THR D 103 10.96 -14.00 -29.74
C THR D 103 12.31 -14.40 -30.31
N PHE D 104 12.71 -15.65 -30.11
CA PHE D 104 13.99 -16.11 -30.64
C PHE D 104 13.93 -16.10 -32.17
N ALA D 105 12.86 -16.65 -32.73
CA ALA D 105 12.70 -16.68 -34.18
C ALA D 105 12.63 -15.26 -34.73
N LYS D 106 11.86 -14.41 -34.05
CA LYS D 106 11.72 -13.02 -34.48
C LYS D 106 13.07 -12.32 -34.42
N SER D 107 13.86 -12.60 -33.39
CA SER D 107 15.17 -11.97 -33.26
C SER D 107 16.02 -12.24 -34.51
N ALA D 108 16.04 -13.49 -34.95
CA ALA D 108 16.82 -13.86 -36.14
C ALA D 108 16.36 -13.10 -37.37
N ILE D 109 15.05 -13.06 -37.59
CA ILE D 109 14.48 -12.34 -38.73
C ILE D 109 14.79 -10.85 -38.64
N GLU D 110 14.58 -10.26 -37.46
CA GLU D 110 14.84 -8.84 -37.27
C GLU D 110 16.31 -8.52 -37.55
N THR D 111 17.19 -9.41 -37.11
CA THR D 111 18.61 -9.22 -37.33
C THR D 111 18.95 -9.22 -38.82
N ALA D 112 18.39 -10.17 -39.57
CA ALA D 112 18.64 -10.27 -41.00
C ALA D 112 18.11 -9.03 -41.72
N LEU D 113 16.95 -8.53 -41.29
CA LEU D 113 16.37 -7.34 -41.89
C LEU D 113 17.30 -6.14 -41.69
N LEU D 114 17.84 -5.99 -40.49
CA LEU D 114 18.74 -4.88 -40.18
C LEU D 114 20.06 -5.02 -40.94
N ASP D 115 20.58 -6.24 -41.00
CA ASP D 115 21.84 -6.50 -41.71
C ASP D 115 21.68 -6.04 -43.17
N ALA D 116 20.59 -6.47 -43.79
CA ALA D 116 20.30 -6.15 -45.18
C ALA D 116 20.08 -4.65 -45.38
N GLN D 117 19.35 -4.02 -44.47
CA GLN D 117 19.09 -2.59 -44.56
C GLN D 117 20.40 -1.82 -44.44
N GLY D 118 21.29 -2.28 -43.57
CA GLY D 118 22.57 -1.63 -43.40
C GLY D 118 23.40 -1.67 -44.67
N LYS D 119 23.41 -2.81 -45.34
CA LYS D 119 24.18 -2.95 -46.58
C LYS D 119 23.60 -2.02 -47.65
N ALA D 120 22.28 -1.93 -47.68
CA ALA D 120 21.59 -1.07 -48.66
C ALA D 120 21.88 0.40 -48.46
N LEU D 121 22.14 0.79 -47.21
CA LEU D 121 22.41 2.18 -46.90
C LEU D 121 23.89 2.46 -46.65
N GLY D 122 24.69 1.40 -46.65
CA GLY D 122 26.11 1.55 -46.40
C GLY D 122 26.40 1.93 -44.95
N LEU D 123 25.60 1.40 -44.03
CA LEU D 123 25.76 1.73 -42.61
C LEU D 123 25.77 0.50 -41.71
N PRO D 124 26.58 0.55 -40.62
CA PRO D 124 26.59 -0.59 -39.72
C PRO D 124 25.26 -0.55 -38.96
N VAL D 125 24.80 -1.70 -38.48
CA VAL D 125 23.53 -1.75 -37.78
C VAL D 125 23.45 -0.76 -36.61
N SER D 126 24.57 -0.56 -35.91
CA SER D 126 24.61 0.35 -34.78
C SER D 126 24.15 1.75 -35.20
N ALA D 127 24.50 2.15 -36.42
CA ALA D 127 24.13 3.46 -36.93
C ALA D 127 22.64 3.49 -37.25
N LEU D 128 22.10 2.36 -37.70
CA LEU D 128 20.68 2.27 -38.00
C LEU D 128 19.92 2.35 -36.67
N LEU D 129 20.59 2.00 -35.58
CA LEU D 129 19.97 2.05 -34.26
C LEU D 129 20.21 3.38 -33.56
N GLY D 130 20.63 4.39 -34.34
CA GLY D 130 20.87 5.71 -33.78
C GLY D 130 22.30 6.13 -33.52
N GLY D 131 23.25 5.22 -33.69
CA GLY D 131 24.64 5.55 -33.49
C GLY D 131 25.26 4.87 -32.27
N ALA D 132 26.51 4.47 -32.41
CA ALA D 132 27.23 3.80 -31.33
C ALA D 132 27.88 4.76 -30.34
N LEU D 133 27.68 4.52 -29.05
CA LEU D 133 28.29 5.35 -28.02
C LEU D 133 29.76 4.94 -27.88
N GLN D 134 30.06 3.71 -28.30
CA GLN D 134 31.43 3.19 -28.27
C GLN D 134 31.53 2.06 -29.29
N THR D 135 32.72 1.86 -29.83
CA THR D 135 32.94 0.82 -30.83
C THR D 135 33.73 -0.37 -30.28
N ALA D 136 34.01 -0.33 -28.98
CA ALA D 136 34.72 -1.42 -28.31
C ALA D 136 33.93 -1.66 -27.02
N LEU D 137 33.46 -2.89 -26.82
CA LEU D 137 32.67 -3.19 -25.63
C LEU D 137 33.33 -4.20 -24.69
N PRO D 138 33.14 -4.02 -23.38
CA PRO D 138 33.71 -4.95 -22.40
C PRO D 138 33.00 -6.29 -22.45
N VAL D 139 33.76 -7.37 -22.34
CA VAL D 139 33.22 -8.73 -22.37
C VAL D 139 33.83 -9.52 -21.21
N LEU D 140 32.98 -9.99 -20.31
CA LEU D 140 33.47 -10.77 -19.18
C LEU D 140 33.54 -12.24 -19.58
N TRP D 141 34.05 -13.06 -18.67
CA TRP D 141 34.16 -14.50 -18.92
C TRP D 141 33.43 -15.25 -17.82
N THR D 142 32.70 -16.30 -18.21
CA THR D 142 31.95 -17.08 -17.24
C THR D 142 32.74 -18.29 -16.77
N LEU D 143 32.83 -18.43 -15.45
CA LEU D 143 33.52 -19.55 -14.84
C LEU D 143 32.44 -20.53 -14.39
N ALA D 144 32.38 -21.68 -15.04
CA ALA D 144 31.37 -22.68 -14.69
C ALA D 144 31.85 -24.10 -14.99
N SER D 145 33.06 -24.42 -14.57
CA SER D 145 33.61 -25.75 -14.79
C SER D 145 33.05 -26.73 -13.75
N GLY D 146 32.50 -26.16 -12.67
CA GLY D 146 31.97 -27.00 -11.62
C GLY D 146 33.04 -27.29 -10.58
N ASP D 147 34.28 -26.93 -10.90
CA ASP D 147 35.40 -27.13 -9.98
C ASP D 147 36.09 -25.81 -9.64
N THR D 148 36.27 -25.56 -8.35
CA THR D 148 36.91 -24.33 -7.89
C THR D 148 38.33 -24.19 -8.45
N ALA D 149 39.11 -25.25 -8.35
CA ALA D 149 40.50 -25.21 -8.85
C ALA D 149 40.54 -24.88 -10.35
N LYS D 150 39.69 -25.52 -11.13
CA LYS D 150 39.64 -25.27 -12.58
C LYS D 150 39.23 -23.83 -12.87
N ASP D 151 38.24 -23.33 -12.12
CA ASP D 151 37.76 -21.96 -12.32
C ASP D 151 38.87 -20.97 -12.01
N ILE D 152 39.59 -21.17 -10.90
CA ILE D 152 40.68 -20.28 -10.54
C ILE D 152 41.78 -20.32 -11.59
N ALA D 153 42.10 -21.51 -12.08
CA ALA D 153 43.14 -21.65 -13.10
C ALA D 153 42.77 -20.86 -14.35
N GLU D 154 41.55 -21.07 -14.83
CA GLU D 154 41.06 -20.39 -16.02
C GLU D 154 41.02 -18.87 -15.80
N GLY D 155 40.61 -18.46 -14.61
CA GLY D 155 40.55 -17.05 -14.31
C GLY D 155 41.93 -16.42 -14.26
N GLU D 156 42.86 -17.11 -13.63
CA GLU D 156 44.22 -16.63 -13.49
C GLU D 156 44.86 -16.47 -14.87
N LYS D 157 44.54 -17.40 -15.77
CA LYS D 157 45.09 -17.38 -17.12
C LYS D 157 44.59 -16.14 -17.89
N LEU D 158 43.34 -15.77 -17.67
CA LEU D 158 42.76 -14.62 -18.33
C LEU D 158 43.29 -13.30 -17.78
N LEU D 159 43.75 -13.31 -16.53
CA LEU D 159 44.30 -12.11 -15.92
C LEU D 159 45.76 -11.96 -16.29
N ALA D 160 46.32 -12.95 -16.97
CA ALA D 160 47.71 -12.92 -17.38
C ALA D 160 48.02 -11.69 -18.22
N ARG D 165 39.24 -9.04 -16.59
CA ARG D 165 38.89 -7.90 -15.75
C ARG D 165 37.55 -8.11 -15.04
N ALA D 166 36.72 -9.02 -15.54
CA ALA D 166 35.42 -9.30 -14.94
C ALA D 166 35.03 -10.75 -15.16
N PHE D 167 34.50 -11.38 -14.11
CA PHE D 167 34.08 -12.78 -14.19
C PHE D 167 32.68 -13.02 -13.66
N LYS D 168 32.01 -13.98 -14.27
CA LYS D 168 30.67 -14.37 -13.86
C LYS D 168 30.73 -15.83 -13.44
N LEU D 169 30.44 -16.10 -12.17
CA LEU D 169 30.48 -17.47 -11.66
C LEU D 169 29.10 -18.11 -11.62
N LYS D 170 28.99 -19.28 -12.23
CA LYS D 170 27.72 -19.99 -12.21
C LYS D 170 27.69 -20.85 -10.95
N ILE D 171 26.61 -20.75 -10.20
CA ILE D 171 26.42 -21.55 -8.98
C ILE D 171 24.95 -21.97 -8.91
N GLY D 172 24.58 -22.59 -7.80
CA GLY D 172 23.20 -23.01 -7.64
C GLY D 172 22.93 -24.50 -7.83
N ALA D 173 23.92 -25.24 -8.30
CA ALA D 173 23.74 -26.68 -8.54
C ALA D 173 24.20 -27.54 -7.37
N ARG D 174 24.73 -26.91 -6.33
CA ARG D 174 25.19 -27.66 -5.17
C ARG D 174 24.66 -27.09 -3.88
N GLU D 175 25.05 -27.69 -2.75
CA GLU D 175 24.62 -27.21 -1.45
C GLU D 175 25.05 -25.76 -1.32
N LEU D 176 24.26 -24.96 -0.61
CA LEU D 176 24.60 -23.55 -0.43
C LEU D 176 26.00 -23.33 0.13
N ALA D 177 26.31 -24.01 1.22
CA ALA D 177 27.62 -23.87 1.84
C ALA D 177 28.72 -24.23 0.85
N THR D 178 28.43 -25.18 -0.03
CA THR D 178 29.39 -25.61 -1.04
C THR D 178 29.61 -24.50 -2.07
N ASP D 179 28.50 -23.92 -2.53
CA ASP D 179 28.58 -22.84 -3.52
C ASP D 179 29.20 -21.56 -2.95
N LEU D 180 28.92 -21.27 -1.69
CA LEU D 180 29.46 -20.07 -1.06
C LEU D 180 30.97 -20.20 -0.85
N ARG D 181 31.43 -21.38 -0.47
CA ARG D 181 32.85 -21.59 -0.25
C ARG D 181 33.56 -21.52 -1.61
N HIS D 182 32.88 -22.01 -2.64
CA HIS D 182 33.39 -21.98 -4.00
C HIS D 182 33.60 -20.52 -4.43
N THR D 183 32.53 -19.73 -4.38
CA THR D 183 32.61 -18.32 -4.77
C THR D 183 33.60 -17.57 -3.92
N ARG D 184 33.66 -17.91 -2.63
CA ARG D 184 34.58 -17.26 -1.70
C ARG D 184 36.03 -17.44 -2.14
N ALA D 185 36.36 -18.65 -2.56
CA ALA D 185 37.71 -18.96 -3.01
C ALA D 185 38.05 -18.18 -4.27
N ILE D 186 37.07 -18.06 -5.16
CA ILE D 186 37.27 -17.35 -6.41
C ILE D 186 37.43 -15.84 -6.19
N VAL D 187 36.67 -15.30 -5.24
CA VAL D 187 36.77 -13.87 -4.92
C VAL D 187 38.15 -13.59 -4.35
N GLU D 188 38.64 -14.49 -3.50
CA GLU D 188 39.96 -14.35 -2.89
C GLU D 188 41.07 -14.35 -3.94
N ALA D 189 40.95 -15.24 -4.91
CA ALA D 189 41.96 -15.37 -5.96
C ALA D 189 41.90 -14.35 -7.10
N LEU D 190 40.70 -13.96 -7.51
CA LEU D 190 40.55 -13.02 -8.62
C LEU D 190 39.87 -11.68 -8.26
N GLY D 191 39.25 -11.63 -7.10
CA GLY D 191 38.55 -10.43 -6.68
C GLY D 191 39.28 -9.10 -6.67
N ASP D 192 40.58 -9.11 -6.42
CA ASP D 192 41.35 -7.86 -6.37
C ASP D 192 41.67 -7.26 -7.74
N ARG D 193 41.58 -8.07 -8.79
CA ARG D 193 41.88 -7.58 -10.13
C ARG D 193 40.69 -7.65 -11.08
N ALA D 194 39.53 -8.07 -10.58
CA ALA D 194 38.37 -8.18 -11.44
C ALA D 194 37.02 -8.09 -10.72
N SER D 195 36.00 -7.71 -11.48
CA SER D 195 34.65 -7.61 -10.96
C SER D 195 34.08 -9.01 -10.90
N ILE D 196 33.67 -9.45 -9.71
CA ILE D 196 33.12 -10.79 -9.54
C ILE D 196 31.61 -10.77 -9.41
N ARG D 197 30.94 -11.46 -10.33
CA ARG D 197 29.49 -11.55 -10.33
C ARG D 197 29.14 -13.04 -10.28
N VAL D 198 27.95 -13.36 -9.78
CA VAL D 198 27.51 -14.74 -9.73
C VAL D 198 26.18 -14.81 -10.46
N ASP D 199 25.84 -16.01 -10.91
CA ASP D 199 24.59 -16.26 -11.61
C ASP D 199 24.03 -17.54 -11.01
N VAL D 200 22.88 -17.46 -10.34
CA VAL D 200 22.24 -18.62 -9.72
C VAL D 200 21.23 -19.24 -10.67
N ASN D 201 20.95 -18.53 -11.75
CA ASN D 201 20.01 -18.97 -12.78
C ASN D 201 18.73 -19.62 -12.25
N GLN D 202 18.03 -18.92 -11.35
CA GLN D 202 16.77 -19.39 -10.80
C GLN D 202 16.79 -20.57 -9.82
N ALA D 203 17.98 -21.06 -9.47
CA ALA D 203 18.07 -22.24 -8.60
C ALA D 203 17.65 -22.16 -7.13
N TRP D 204 17.76 -20.99 -6.50
CA TRP D 204 17.42 -20.90 -5.10
C TRP D 204 15.97 -20.62 -4.74
N ASP D 205 15.53 -21.28 -3.67
CA ASP D 205 14.19 -21.07 -3.13
C ASP D 205 14.37 -19.75 -2.39
N ALA D 206 13.26 -19.18 -1.90
CA ALA D 206 13.32 -17.90 -1.20
C ALA D 206 14.20 -17.87 0.05
N ALA D 207 14.16 -18.92 0.87
CA ALA D 207 14.96 -18.94 2.10
C ALA D 207 16.45 -19.07 1.80
N THR D 208 16.78 -19.94 0.85
CA THR D 208 18.17 -20.13 0.46
C THR D 208 18.67 -18.83 -0.19
N GLY D 209 17.81 -18.20 -0.97
CA GLY D 209 18.19 -16.96 -1.63
C GLY D 209 18.54 -15.84 -0.67
N ALA D 210 17.76 -15.68 0.39
CA ALA D 210 18.00 -14.64 1.36
C ALA D 210 19.33 -14.86 2.07
N LYS D 211 19.56 -16.10 2.51
CA LYS D 211 20.80 -16.43 3.20
C LYS D 211 21.99 -16.35 2.25
N GLY D 212 21.84 -16.96 1.08
CA GLY D 212 22.91 -16.94 0.09
C GLY D 212 23.27 -15.54 -0.38
N CYS D 213 22.27 -14.72 -0.71
CA CYS D 213 22.53 -13.37 -1.17
C CYS D 213 23.20 -12.49 -0.10
N ARG D 214 22.83 -12.67 1.16
CA ARG D 214 23.47 -11.88 2.22
C ARG D 214 24.95 -12.24 2.30
N GLU D 215 25.25 -13.53 2.21
CA GLU D 215 26.64 -14.00 2.26
C GLU D 215 27.44 -13.51 1.07
N LEU D 216 26.83 -13.56 -0.12
CA LEU D 216 27.49 -13.12 -1.33
C LEU D 216 27.82 -11.62 -1.25
N ALA D 217 26.86 -10.84 -0.74
CA ALA D 217 27.07 -9.41 -0.62
C ALA D 217 28.20 -9.11 0.35
N ALA D 218 28.19 -9.81 1.48
CA ALA D 218 29.21 -9.60 2.51
C ALA D 218 30.62 -9.97 2.06
N MET D 219 30.75 -10.94 1.15
CA MET D 219 32.08 -11.34 0.68
C MET D 219 32.59 -10.46 -0.46
N GLY D 220 31.79 -9.48 -0.88
CA GLY D 220 32.22 -8.59 -1.94
C GLY D 220 31.75 -8.82 -3.36
N VAL D 221 30.80 -9.72 -3.56
CA VAL D 221 30.29 -9.97 -4.91
C VAL D 221 29.61 -8.69 -5.40
N ASP D 222 29.90 -8.28 -6.64
CA ASP D 222 29.34 -7.05 -7.21
C ASP D 222 27.95 -7.15 -7.79
N LEU D 223 27.55 -8.34 -8.22
CA LEU D 223 26.24 -8.52 -8.83
C LEU D 223 25.80 -9.96 -8.67
N ILE D 224 24.52 -10.16 -8.33
CA ILE D 224 23.96 -11.49 -8.16
C ILE D 224 22.85 -11.61 -9.20
N GLU D 225 23.02 -12.52 -10.14
CA GLU D 225 22.04 -12.70 -11.22
C GLU D 225 20.97 -13.74 -10.93
N GLN D 226 19.72 -13.34 -11.14
CA GLN D 226 18.53 -14.19 -10.98
C GLN D 226 18.66 -15.31 -9.93
N PRO D 227 18.82 -14.93 -8.64
CA PRO D 227 18.95 -15.91 -7.55
C PRO D 227 17.76 -16.83 -7.34
N VAL D 228 16.55 -16.30 -7.57
CA VAL D 228 15.33 -17.08 -7.39
C VAL D 228 14.59 -17.29 -8.71
N SER D 229 13.57 -18.16 -8.66
CA SER D 229 12.77 -18.46 -9.83
C SER D 229 12.02 -17.27 -10.41
N ALA D 230 11.80 -17.30 -11.72
CA ALA D 230 11.06 -16.24 -12.40
C ALA D 230 9.59 -16.40 -12.02
N HIS D 231 9.30 -17.49 -11.30
CA HIS D 231 7.94 -17.76 -10.82
C HIS D 231 7.74 -16.99 -9.53
N ASP D 232 8.81 -16.35 -9.05
CA ASP D 232 8.74 -15.61 -7.81
C ASP D 232 9.38 -14.23 -7.93
N ASN D 233 8.82 -13.38 -8.79
CA ASN D 233 9.35 -12.03 -8.93
C ASN D 233 9.18 -11.31 -7.60
N ALA D 234 8.16 -11.71 -6.84
CA ALA D 234 7.92 -11.09 -5.54
C ALA D 234 9.17 -11.26 -4.67
N ALA D 235 9.78 -12.45 -4.73
CA ALA D 235 10.99 -12.73 -3.94
C ALA D 235 12.16 -11.90 -4.48
N LEU D 236 12.26 -11.82 -5.79
CA LEU D 236 13.33 -11.06 -6.44
C LEU D 236 13.28 -9.59 -6.02
N VAL D 237 12.07 -9.04 -5.97
CA VAL D 237 11.88 -7.65 -5.57
C VAL D 237 12.31 -7.45 -4.13
N ARG D 238 11.87 -8.35 -3.25
CA ARG D 238 12.18 -8.29 -1.83
C ARG D 238 13.70 -8.28 -1.64
N LEU D 239 14.37 -9.22 -2.31
CA LEU D 239 15.82 -9.34 -2.24
C LEU D 239 16.52 -8.08 -2.75
N SER D 240 16.06 -7.52 -3.87
CA SER D 240 16.68 -6.32 -4.41
C SER D 240 16.57 -5.14 -3.44
N GLN D 241 15.58 -5.19 -2.57
CA GLN D 241 15.37 -4.12 -1.60
C GLN D 241 16.11 -4.33 -0.27
N GLN D 242 16.48 -5.57 0.04
CA GLN D 242 17.17 -5.84 1.29
C GLN D 242 18.64 -6.28 1.18
N ILE D 243 19.01 -6.87 0.04
CA ILE D 243 20.39 -7.34 -0.14
C ILE D 243 21.38 -6.21 -0.41
N GLU D 244 22.50 -6.24 0.31
CA GLU D 244 23.51 -5.19 0.18
C GLU D 244 24.50 -5.28 -0.99
N THR D 245 23.97 -5.61 -2.16
CA THR D 245 24.74 -5.63 -3.39
C THR D 245 23.72 -5.63 -4.51
N ALA D 246 24.17 -5.37 -5.73
CA ALA D 246 23.25 -5.30 -6.86
C ALA D 246 22.68 -6.64 -7.31
N ILE D 247 21.42 -6.62 -7.76
CA ILE D 247 20.75 -7.82 -8.25
C ILE D 247 20.49 -7.64 -9.74
N LEU D 248 20.74 -8.69 -10.52
CA LEU D 248 20.55 -8.64 -11.96
C LEU D 248 19.42 -9.59 -12.35
N ALA D 249 18.38 -9.04 -12.98
CA ALA D 249 17.24 -9.85 -13.41
C ALA D 249 17.48 -10.40 -14.81
N ASP D 250 17.27 -11.70 -14.99
CA ASP D 250 17.42 -12.30 -16.30
C ASP D 250 16.09 -12.90 -16.75
N GLU D 251 15.80 -14.14 -16.35
CA GLU D 251 14.55 -14.78 -16.76
C GLU D 251 13.31 -14.00 -16.35
N ALA D 252 13.41 -13.21 -15.29
CA ALA D 252 12.27 -12.42 -14.82
C ALA D 252 11.90 -11.30 -15.79
N VAL D 253 12.79 -10.95 -16.70
CA VAL D 253 12.51 -9.88 -17.66
C VAL D 253 12.97 -10.19 -19.08
N ALA D 254 12.01 -10.25 -19.99
CA ALA D 254 12.29 -10.54 -21.40
C ALA D 254 11.89 -9.38 -22.31
N THR D 255 10.65 -8.92 -22.16
CA THR D 255 10.10 -7.85 -22.98
C THR D 255 10.00 -6.52 -22.24
N ALA D 256 9.62 -5.47 -22.96
CA ALA D 256 9.45 -4.16 -22.36
C ALA D 256 8.30 -4.20 -21.35
N TYR D 257 7.31 -5.05 -21.61
CA TYR D 257 6.18 -5.19 -20.69
C TYR D 257 6.66 -5.73 -19.36
N ASP D 258 7.46 -6.81 -19.41
CA ASP D 258 7.99 -7.40 -18.18
C ASP D 258 8.84 -6.37 -17.44
N GLY D 259 9.65 -5.65 -18.20
CA GLY D 259 10.54 -4.65 -17.63
C GLY D 259 9.81 -3.58 -16.86
N TYR D 260 8.70 -3.12 -17.41
CA TYR D 260 7.90 -2.09 -16.74
C TYR D 260 7.23 -2.67 -15.50
N GLN D 261 6.62 -3.85 -15.65
CA GLN D 261 5.92 -4.49 -14.54
C GLN D 261 6.83 -4.72 -13.33
N LEU D 262 8.00 -5.31 -13.58
CA LEU D 262 8.94 -5.56 -12.49
C LEU D 262 9.38 -4.26 -11.83
N ALA D 263 9.65 -3.24 -12.64
CA ALA D 263 10.09 -1.95 -12.13
C ALA D 263 9.01 -1.31 -11.26
N GLN D 264 7.77 -1.34 -11.75
CA GLN D 264 6.64 -0.77 -11.04
C GLN D 264 6.42 -1.49 -9.70
N GLN D 265 6.76 -2.78 -9.68
CA GLN D 265 6.61 -3.60 -8.49
C GLN D 265 7.60 -3.20 -7.40
N GLY D 266 8.64 -2.46 -7.78
CA GLY D 266 9.62 -2.02 -6.80
C GLY D 266 11.02 -2.57 -6.94
N PHE D 267 11.26 -3.34 -7.98
CA PHE D 267 12.59 -3.92 -8.21
C PHE D 267 13.64 -2.84 -8.44
N THR D 268 14.80 -2.99 -7.81
CA THR D 268 15.88 -2.05 -8.02
C THR D 268 17.13 -2.86 -8.30
N GLY D 269 17.84 -2.51 -9.37
CA GLY D 269 19.04 -3.23 -9.75
C GLY D 269 19.30 -3.07 -11.24
N ALA D 270 19.48 -4.18 -11.95
CA ALA D 270 19.76 -4.14 -13.38
C ALA D 270 19.05 -5.25 -14.15
N TYR D 271 18.91 -5.05 -15.46
CA TYR D 271 18.28 -6.03 -16.33
C TYR D 271 19.28 -6.59 -17.30
N ALA D 272 19.21 -7.90 -17.51
CA ALA D 272 20.09 -8.57 -18.46
C ALA D 272 19.38 -8.53 -19.82
N LEU D 273 19.69 -7.54 -20.63
CA LEU D 273 19.07 -7.41 -21.94
C LEU D 273 19.57 -8.53 -22.86
N LYS D 274 18.67 -9.12 -23.65
CA LYS D 274 19.04 -10.16 -24.61
C LYS D 274 18.15 -10.03 -25.83
N ILE D 275 18.74 -9.96 -27.02
CA ILE D 275 17.94 -9.81 -28.22
C ILE D 275 16.98 -10.98 -28.41
N ALA D 276 17.41 -12.18 -28.00
CA ALA D 276 16.58 -13.38 -28.12
C ALA D 276 15.29 -13.27 -27.31
N LYS D 277 15.38 -12.71 -26.11
CA LYS D 277 14.22 -12.55 -25.23
C LYS D 277 13.25 -11.46 -25.70
N ALA D 278 13.77 -10.40 -26.29
CA ALA D 278 12.93 -9.28 -26.73
C ALA D 278 12.43 -9.37 -28.16
N GLY D 279 13.16 -10.09 -29.02
CA GLY D 279 12.74 -10.20 -30.41
C GLY D 279 13.65 -9.51 -31.40
N GLY D 280 14.89 -9.24 -31.03
CA GLY D 280 15.81 -8.60 -31.96
C GLY D 280 16.58 -7.39 -31.46
N PRO D 281 17.61 -6.96 -32.21
CA PRO D 281 18.44 -5.80 -31.86
C PRO D 281 17.67 -4.50 -31.70
N ASN D 282 16.58 -4.34 -32.46
CA ASN D 282 15.78 -3.13 -32.36
C ASN D 282 14.75 -3.27 -31.25
N SER D 283 14.05 -4.39 -31.25
CA SER D 283 13.01 -4.65 -30.26
C SER D 283 13.51 -4.54 -28.83
N VAL D 284 14.74 -4.98 -28.58
CA VAL D 284 15.29 -4.94 -27.24
C VAL D 284 15.48 -3.52 -26.71
N LEU D 285 15.63 -2.56 -27.62
CA LEU D 285 15.84 -1.17 -27.22
C LEU D 285 14.67 -0.59 -26.43
N ALA D 286 13.45 -1.03 -26.73
CA ALA D 286 12.29 -0.53 -25.99
C ALA D 286 12.44 -0.93 -24.52
N LEU D 287 12.86 -2.18 -24.28
CA LEU D 287 13.07 -2.66 -22.91
C LEU D 287 14.15 -1.81 -22.25
N ALA D 288 15.21 -1.51 -23.00
CA ALA D 288 16.30 -0.71 -22.47
C ALA D 288 15.84 0.67 -22.03
N ARG D 289 15.00 1.30 -22.85
CA ARG D 289 14.49 2.64 -22.54
C ARG D 289 13.55 2.62 -21.32
N VAL D 290 12.75 1.57 -21.18
CA VAL D 290 11.87 1.47 -20.03
C VAL D 290 12.75 1.35 -18.78
N ALA D 291 13.76 0.50 -18.86
CA ALA D 291 14.68 0.34 -17.73
C ALA D 291 15.30 1.69 -17.36
N GLN D 292 15.80 2.42 -18.36
CA GLN D 292 16.42 3.72 -18.11
C GLN D 292 15.44 4.70 -17.48
N ALA D 293 14.21 4.70 -17.97
CA ALA D 293 13.18 5.58 -17.44
C ALA D 293 12.92 5.29 -15.97
N ALA D 294 13.01 4.02 -15.59
CA ALA D 294 12.76 3.61 -14.21
C ALA D 294 14.00 3.58 -13.33
N GLY D 295 15.15 3.96 -13.90
CA GLY D 295 16.39 3.97 -13.12
C GLY D 295 17.02 2.60 -12.95
N ILE D 296 16.69 1.67 -13.83
CA ILE D 296 17.23 0.32 -13.79
C ILE D 296 18.50 0.26 -14.67
N GLY D 297 19.58 -0.31 -14.13
CA GLY D 297 20.83 -0.42 -14.88
C GLY D 297 20.77 -1.43 -16.00
N LEU D 298 21.72 -1.36 -16.93
CA LEU D 298 21.72 -2.27 -18.08
C LEU D 298 22.94 -3.17 -18.19
N TYR D 299 22.72 -4.35 -18.77
CA TYR D 299 23.75 -5.38 -18.96
C TYR D 299 23.53 -6.05 -20.33
N GLY D 300 24.60 -6.24 -21.10
CA GLY D 300 24.48 -6.88 -22.41
C GLY D 300 24.51 -8.39 -22.28
N GLY D 301 23.33 -9.01 -22.35
CA GLY D 301 23.23 -10.46 -22.18
C GLY D 301 23.35 -11.31 -23.43
N THR D 302 23.53 -12.62 -23.21
CA THR D 302 23.69 -13.56 -24.32
C THR D 302 23.04 -14.90 -24.05
N MET D 303 22.77 -15.63 -25.12
CA MET D 303 22.20 -16.97 -25.04
C MET D 303 23.27 -17.90 -25.61
N LEU D 304 24.50 -17.39 -25.63
CA LEU D 304 25.68 -18.11 -26.14
C LEU D 304 25.66 -18.23 -27.67
N GLU D 305 25.24 -17.14 -28.31
CA GLU D 305 25.18 -17.09 -29.76
C GLU D 305 26.57 -17.14 -30.39
N GLY D 306 26.61 -17.56 -31.65
CA GLY D 306 27.88 -17.60 -32.37
C GLY D 306 28.19 -16.17 -32.77
N THR D 307 29.02 -16.00 -33.80
CA THR D 307 29.41 -14.67 -34.24
C THR D 307 28.25 -13.80 -34.74
N VAL D 308 27.37 -14.37 -35.55
CA VAL D 308 26.24 -13.60 -36.08
C VAL D 308 25.35 -13.02 -34.96
N GLY D 309 24.78 -13.90 -34.14
CA GLY D 309 23.92 -13.46 -33.06
C GLY D 309 24.63 -12.54 -32.07
N THR D 310 25.90 -12.83 -31.83
CA THR D 310 26.70 -12.03 -30.90
C THR D 310 26.96 -10.61 -31.40
N VAL D 311 27.33 -10.47 -32.68
CA VAL D 311 27.58 -9.12 -33.19
C VAL D 311 26.27 -8.36 -33.33
N ALA D 312 25.18 -9.08 -33.61
CA ALA D 312 23.86 -8.45 -33.73
C ALA D 312 23.56 -7.78 -32.37
N SER D 313 23.86 -8.49 -31.28
CA SER D 313 23.65 -7.97 -29.94
C SER D 313 24.55 -6.77 -29.69
N LEU D 314 25.82 -6.91 -30.02
CA LEU D 314 26.82 -5.86 -29.83
C LEU D 314 26.41 -4.53 -30.48
N HIS D 315 25.84 -4.59 -31.68
CA HIS D 315 25.39 -3.37 -32.35
C HIS D 315 24.36 -2.63 -31.49
N ALA D 316 23.45 -3.37 -30.87
CA ALA D 316 22.43 -2.77 -30.01
C ALA D 316 23.08 -2.26 -28.72
N TRP D 317 23.92 -3.10 -28.11
CA TRP D 317 24.59 -2.73 -26.87
C TRP D 317 25.42 -1.46 -27.04
N SER D 318 26.00 -1.28 -28.22
CA SER D 318 26.85 -0.11 -28.48
C SER D 318 26.13 1.22 -28.35
N THR D 319 24.82 1.22 -28.57
CA THR D 319 24.03 2.43 -28.51
C THR D 319 23.58 2.77 -27.10
N LEU D 320 23.95 1.92 -26.13
CA LEU D 320 23.50 2.13 -24.76
C LEU D 320 24.58 2.19 -23.70
N PRO D 321 24.31 2.92 -22.60
CA PRO D 321 25.30 3.00 -21.53
C PRO D 321 25.06 1.72 -20.72
N LEU D 322 26.02 0.81 -20.73
CA LEU D 322 25.88 -0.44 -20.02
C LEU D 322 26.75 -0.43 -18.76
N GLN D 323 26.14 -0.08 -17.63
CA GLN D 323 26.87 -0.01 -16.38
C GLN D 323 27.53 -1.32 -16.00
N TRP D 324 26.90 -2.44 -16.34
CA TRP D 324 27.43 -3.74 -15.98
C TRP D 324 28.18 -4.50 -17.06
N GLY D 325 28.42 -3.83 -18.19
CA GLY D 325 29.15 -4.45 -19.29
C GLY D 325 28.36 -5.47 -20.08
N THR D 326 29.07 -6.40 -20.70
CA THR D 326 28.41 -7.46 -21.48
C THR D 326 29.07 -8.81 -21.22
N GLU D 327 28.37 -9.85 -21.67
CA GLU D 327 28.85 -11.22 -21.54
C GLU D 327 28.81 -11.85 -22.94
N MET D 328 29.20 -11.08 -23.94
CA MET D 328 29.18 -11.57 -25.32
C MET D 328 30.43 -12.37 -25.70
N PHE D 329 30.66 -13.48 -24.99
CA PHE D 329 31.82 -14.31 -25.23
C PHE D 329 31.46 -15.60 -25.97
N GLY D 330 30.20 -15.69 -26.40
CA GLY D 330 29.71 -16.86 -27.10
C GLY D 330 30.63 -17.48 -28.15
N PRO D 331 31.15 -16.68 -29.11
CA PRO D 331 32.04 -17.19 -30.15
C PRO D 331 33.33 -17.84 -29.63
N LEU D 332 33.82 -17.36 -28.49
CA LEU D 332 35.04 -17.90 -27.92
C LEU D 332 34.90 -19.32 -27.39
N LEU D 333 33.66 -19.82 -27.32
CA LEU D 333 33.41 -21.18 -26.84
C LEU D 333 33.34 -22.18 -27.99
N LEU D 334 33.41 -21.69 -29.22
CA LEU D 334 33.30 -22.54 -30.39
C LEU D 334 34.63 -22.86 -31.05
N LYS D 335 34.74 -24.07 -31.61
CA LYS D 335 35.96 -24.47 -32.31
C LYS D 335 35.86 -23.97 -33.75
N ASP D 336 34.64 -23.70 -34.20
CA ASP D 336 34.42 -23.19 -35.54
C ASP D 336 33.05 -22.50 -35.58
N ASP D 337 32.86 -21.62 -36.56
CA ASP D 337 31.61 -20.88 -36.70
C ASP D 337 31.22 -20.94 -38.18
N ILE D 338 30.13 -20.27 -38.54
CA ILE D 338 29.70 -20.26 -39.93
C ILE D 338 29.89 -18.91 -40.61
N VAL D 339 30.80 -18.09 -40.04
CA VAL D 339 31.12 -16.79 -40.59
C VAL D 339 32.48 -16.84 -41.29
N SER D 340 32.68 -15.94 -42.23
CA SER D 340 33.93 -15.86 -42.98
C SER D 340 35.08 -15.35 -42.12
N VAL D 341 34.81 -14.31 -41.32
CA VAL D 341 35.81 -13.71 -40.45
C VAL D 341 35.22 -13.44 -39.07
N PRO D 342 35.84 -14.00 -38.01
CA PRO D 342 35.39 -13.83 -36.62
C PRO D 342 35.69 -12.46 -36.03
N LEU D 343 35.00 -12.13 -34.94
CA LEU D 343 35.21 -10.86 -34.27
C LEU D 343 36.57 -10.90 -33.57
N THR D 344 37.11 -9.73 -33.26
CA THR D 344 38.39 -9.68 -32.57
C THR D 344 38.19 -9.33 -31.09
N PHE D 345 38.58 -10.25 -30.23
CA PHE D 345 38.48 -10.09 -28.78
C PHE D 345 39.88 -9.84 -28.23
N ALA D 346 40.02 -8.82 -27.39
CA ALA D 346 41.32 -8.51 -26.80
C ALA D 346 41.20 -7.55 -25.64
N ASP D 347 42.09 -7.71 -24.66
CA ASP D 347 42.11 -6.86 -23.47
C ASP D 347 40.73 -6.73 -22.82
N GLY D 348 40.08 -7.86 -22.59
CA GLY D 348 38.77 -7.88 -21.97
C GLY D 348 37.70 -7.14 -22.75
N GLN D 349 37.89 -7.03 -24.06
CA GLN D 349 36.94 -6.32 -24.91
C GLN D 349 36.76 -6.98 -26.27
N VAL D 350 35.79 -6.47 -27.02
CA VAL D 350 35.51 -6.96 -28.36
C VAL D 350 35.32 -5.72 -29.24
N ALA D 351 35.80 -5.80 -30.47
CA ALA D 351 35.68 -4.68 -31.40
C ALA D 351 34.39 -4.79 -32.20
N LEU D 352 33.64 -3.69 -32.25
CA LEU D 352 32.39 -3.65 -33.01
C LEU D 352 32.67 -3.28 -34.46
N PRO D 353 32.40 -4.18 -35.41
CA PRO D 353 32.66 -3.81 -36.79
C PRO D 353 31.81 -2.59 -37.18
N GLN D 354 32.33 -1.75 -38.06
CA GLN D 354 31.60 -0.56 -38.48
C GLN D 354 31.42 -0.47 -40.00
N THR D 355 31.43 -1.61 -40.67
CA THR D 355 31.21 -1.65 -42.11
C THR D 355 29.70 -1.83 -42.29
N PRO D 356 29.20 -1.73 -43.54
CA PRO D 356 27.76 -1.88 -43.78
C PRO D 356 27.11 -3.14 -43.18
N GLY D 357 25.96 -2.95 -42.54
CA GLY D 357 25.25 -4.08 -41.94
C GLY D 357 25.88 -4.55 -40.65
N LEU D 358 25.76 -5.85 -40.38
CA LEU D 358 26.32 -6.43 -39.17
C LEU D 358 27.85 -6.38 -39.18
N GLY D 359 28.44 -6.48 -40.37
CA GLY D 359 29.88 -6.45 -40.47
C GLY D 359 30.49 -7.85 -40.52
N VAL D 360 29.64 -8.86 -40.69
CA VAL D 360 30.10 -10.24 -40.79
C VAL D 360 29.49 -10.86 -42.03
N GLU D 361 30.21 -11.82 -42.60
CA GLU D 361 29.76 -12.49 -43.81
C GLU D 361 29.57 -13.97 -43.58
N LEU D 362 28.59 -14.54 -44.27
CA LEU D 362 28.31 -15.96 -44.14
C LEU D 362 29.33 -16.77 -44.92
N ASP D 363 29.87 -17.82 -44.32
CA ASP D 363 30.83 -18.69 -45.00
C ASP D 363 30.02 -19.89 -45.50
N GLU D 364 29.65 -19.85 -46.78
CA GLU D 364 28.85 -20.88 -47.42
C GLU D 364 29.30 -22.33 -47.18
N ASP D 365 30.58 -22.60 -47.40
CA ASP D 365 31.10 -23.94 -47.20
C ASP D 365 30.92 -24.41 -45.77
N LYS D 366 31.36 -23.59 -44.82
CA LYS D 366 31.19 -23.95 -43.41
C LYS D 366 29.72 -24.12 -43.08
N LEU D 367 28.88 -23.27 -43.66
CA LEU D 367 27.45 -23.35 -43.41
C LEU D 367 26.91 -24.71 -43.85
N HIS D 368 27.18 -25.09 -45.09
CA HIS D 368 26.69 -26.37 -45.60
C HIS D 368 27.29 -27.53 -44.83
N PHE D 369 28.55 -27.41 -44.45
CA PHE D 369 29.24 -28.46 -43.71
C PHE D 369 28.64 -28.71 -42.33
N TYR D 370 28.17 -27.65 -41.67
CA TYR D 370 27.60 -27.80 -40.34
C TYR D 370 26.09 -27.90 -40.29
N THR D 371 25.42 -27.74 -41.42
CA THR D 371 23.97 -27.86 -41.45
C THR D 371 23.61 -29.24 -40.92
N ARG D 372 22.58 -29.31 -40.08
CA ARG D 372 22.16 -30.56 -39.50
C ARG D 372 21.65 -31.58 -40.51
N GLN D 373 20.49 -31.31 -41.11
CA GLN D 373 19.91 -32.22 -42.09
C GLN D 373 18.57 -31.65 -42.58
N THR E 4 12.58 47.67 17.87
CA THR E 4 12.69 47.68 19.36
C THR E 4 11.33 47.98 19.99
N ALA E 5 11.12 47.45 21.20
CA ALA E 5 9.90 47.59 21.99
C ALA E 5 9.56 46.21 22.55
N THR E 6 9.13 46.18 23.81
CA THR E 6 8.80 44.91 24.45
C THR E 6 7.36 44.89 24.95
N VAL E 7 6.88 43.71 25.31
CA VAL E 7 5.53 43.58 25.84
C VAL E 7 5.65 43.86 27.34
N GLU E 8 5.02 44.93 27.81
CA GLU E 8 5.12 45.23 29.23
C GLU E 8 3.90 44.83 30.03
N GLN E 9 2.75 44.72 29.38
CA GLN E 9 1.55 44.31 30.09
C GLN E 9 0.55 43.56 29.22
N ILE E 10 -0.15 42.61 29.84
CA ILE E 10 -1.16 41.82 29.17
C ILE E 10 -2.37 41.71 30.10
N GLU E 11 -3.52 42.18 29.62
CA GLU E 11 -4.75 42.15 30.39
C GLU E 11 -5.75 41.27 29.63
N SER E 12 -6.64 40.61 30.36
CA SER E 12 -7.65 39.77 29.74
C SER E 12 -8.93 39.85 30.56
N TRP E 13 -10.07 39.69 29.90
CA TRP E 13 -11.36 39.73 30.55
C TRP E 13 -12.29 38.69 29.91
N ILE E 14 -13.17 38.10 30.72
CA ILE E 14 -14.15 37.17 30.18
C ILE E 14 -15.38 38.05 30.03
N VAL E 15 -15.84 38.23 28.80
CA VAL E 15 -17.00 39.09 28.55
C VAL E 15 -18.20 38.29 28.06
N ASP E 16 -19.35 38.50 28.68
CA ASP E 16 -20.57 37.81 28.27
C ASP E 16 -21.48 38.82 27.57
N VAL E 17 -21.56 38.73 26.26
CA VAL E 17 -22.39 39.64 25.48
C VAL E 17 -23.70 38.96 25.05
N PRO E 18 -24.78 39.74 24.98
CA PRO E 18 -26.10 39.23 24.61
C PRO E 18 -26.21 38.85 23.14
N THR E 19 -26.82 37.70 22.87
CA THR E 19 -27.02 37.21 21.52
C THR E 19 -28.44 37.51 21.05
N ILE E 20 -28.63 37.61 19.74
CA ILE E 20 -29.95 37.89 19.17
C ILE E 20 -30.99 36.88 19.66
N CYS E 32 -26.52 34.36 25.59
CA CYS E 32 -25.21 34.97 25.87
C CYS E 32 -24.06 34.23 25.22
N GLN E 33 -23.11 34.99 24.66
CA GLN E 33 -21.91 34.43 24.06
C GLN E 33 -20.74 34.90 24.92
N SER E 34 -19.85 33.99 25.30
CA SER E 34 -18.72 34.36 26.14
C SER E 34 -17.42 34.55 25.37
N LEU E 35 -16.85 35.75 25.47
CA LEU E 35 -15.61 36.07 24.77
C LEU E 35 -14.48 36.33 25.74
N VAL E 36 -13.28 35.89 25.39
CA VAL E 36 -12.12 36.15 26.22
C VAL E 36 -11.36 37.23 25.45
N ILE E 37 -11.37 38.44 26.00
CA ILE E 37 -10.71 39.59 25.37
C ILE E 37 -9.36 39.87 26.01
N VAL E 38 -8.39 40.22 25.17
CA VAL E 38 -7.03 40.52 25.63
C VAL E 38 -6.57 41.90 25.13
N ARG E 39 -5.84 42.61 25.99
CA ARG E 39 -5.27 43.89 25.64
C ARG E 39 -3.79 43.76 25.99
N LEU E 40 -2.93 43.96 25.00
CA LEU E 40 -1.49 43.85 25.20
C LEU E 40 -0.88 45.23 24.98
N THR E 41 -0.09 45.68 25.95
CA THR E 41 0.55 46.99 25.89
C THR E 41 2.06 46.85 25.70
N ARG E 42 2.60 47.52 24.69
CA ARG E 42 4.04 47.45 24.44
C ARG E 42 4.73 48.60 25.19
N SER E 43 6.02 48.44 25.40
CA SER E 43 6.81 49.45 26.09
C SER E 43 6.76 50.80 25.37
N ASP E 44 6.44 50.81 24.07
CA ASP E 44 6.37 52.08 23.36
C ASP E 44 5.00 52.73 23.44
N GLY E 45 4.19 52.30 24.40
CA GLY E 45 2.87 52.89 24.58
C GLY E 45 1.74 52.38 23.69
N ILE E 46 2.09 51.67 22.63
CA ILE E 46 1.06 51.16 21.72
C ILE E 46 0.42 49.89 22.28
N CYS E 47 -0.89 49.78 22.15
CA CYS E 47 -1.59 48.60 22.64
C CYS E 47 -2.33 47.90 21.49
N GLY E 48 -2.60 46.62 21.71
CA GLY E 48 -3.32 45.82 20.73
C GLY E 48 -4.30 44.91 21.44
N ILE E 49 -5.37 44.55 20.75
CA ILE E 49 -6.39 43.69 21.35
C ILE E 49 -6.57 42.38 20.56
N GLY E 50 -7.07 41.36 21.25
CA GLY E 50 -7.30 40.07 20.62
C GLY E 50 -8.51 39.39 21.25
N GLU E 51 -9.04 38.38 20.57
CA GLU E 51 -10.21 37.66 21.06
C GLU E 51 -10.10 36.15 20.89
N ALA E 52 -10.54 35.42 21.92
CA ALA E 52 -10.55 33.96 21.88
C ALA E 52 -11.93 33.56 22.37
N THR E 53 -12.74 33.06 21.45
CA THR E 53 -14.10 32.66 21.77
C THR E 53 -14.38 31.25 21.30
N THR E 54 -15.26 30.55 22.03
CA THR E 54 -15.66 29.21 21.64
C THR E 54 -17.17 29.12 21.78
N ILE E 55 -17.70 27.91 21.66
CA ILE E 55 -19.15 27.70 21.75
C ILE E 55 -19.49 26.58 22.72
N GLY E 56 -20.56 26.78 23.49
CA GLY E 56 -21.02 25.76 24.43
C GLY E 56 -20.06 25.26 25.50
N GLY E 57 -19.30 26.17 26.10
CA GLY E 57 -18.38 25.78 27.15
C GLY E 57 -17.39 24.72 26.73
N LEU E 58 -17.64 23.48 27.13
CA LEU E 58 -16.76 22.36 26.78
C LEU E 58 -17.46 21.33 25.91
N SER E 59 -18.64 21.67 25.40
CA SER E 59 -19.38 20.72 24.58
C SER E 59 -18.95 20.62 23.12
N TYR E 60 -18.16 21.58 22.65
CA TYR E 60 -17.72 21.52 21.27
C TYR E 60 -16.21 21.52 21.13
N GLY E 61 -15.52 21.98 22.16
CA GLY E 61 -14.06 22.03 22.14
C GLY E 61 -13.50 21.74 23.52
N VAL E 62 -12.22 21.41 23.58
CA VAL E 62 -11.59 21.10 24.86
C VAL E 62 -11.19 22.36 25.64
N GLU E 63 -11.25 23.51 24.96
CA GLU E 63 -10.87 24.77 25.58
C GLU E 63 -12.09 25.61 25.91
N SER E 64 -12.31 25.86 27.21
CA SER E 64 -13.43 26.65 27.66
C SER E 64 -13.00 28.10 27.91
N PRO E 65 -13.97 29.02 27.98
CA PRO E 65 -13.63 30.43 28.23
C PRO E 65 -12.81 30.60 29.49
N GLU E 66 -13.16 29.88 30.57
CA GLU E 66 -12.41 30.00 31.82
C GLU E 66 -11.02 29.37 31.76
N ALA E 67 -10.87 28.32 30.96
CA ALA E 67 -9.55 27.69 30.83
C ALA E 67 -8.69 28.55 29.92
N ILE E 68 -9.33 29.21 28.95
CA ILE E 68 -8.62 30.10 28.02
C ILE E 68 -8.10 31.28 28.84
N SER E 69 -8.98 31.82 29.68
CA SER E 69 -8.63 32.95 30.55
C SER E 69 -7.45 32.55 31.45
N SER E 70 -7.54 31.37 32.03
CA SER E 70 -6.51 30.83 32.92
C SER E 70 -5.14 30.73 32.23
N ALA E 71 -5.12 30.20 31.02
CA ALA E 71 -3.88 30.06 30.27
C ALA E 71 -3.21 31.42 30.05
N ILE E 72 -4.00 32.41 29.67
CA ILE E 72 -3.49 33.77 29.43
C ILE E 72 -2.93 34.39 30.71
N THR E 73 -3.72 34.37 31.78
CA THR E 73 -3.33 34.96 33.06
C THR E 73 -2.15 34.29 33.77
N HIS E 74 -2.25 32.99 33.99
CA HIS E 74 -1.20 32.27 34.71
C HIS E 74 0.00 31.79 33.93
N TYR E 75 -0.13 31.63 32.62
CA TYR E 75 0.99 31.12 31.85
C TYR E 75 1.55 32.00 30.73
N LEU E 76 0.68 32.49 29.86
CA LEU E 76 1.13 33.33 28.75
C LEU E 76 1.62 34.70 29.16
N THR E 77 0.99 35.30 30.16
CA THR E 77 1.40 36.63 30.61
C THR E 77 2.81 36.63 31.18
N PRO E 78 3.07 35.86 32.24
CA PRO E 78 4.44 35.85 32.80
C PRO E 78 5.51 35.37 31.82
N LEU E 79 5.11 34.51 30.89
CA LEU E 79 6.05 33.97 29.91
C LEU E 79 6.44 35.02 28.87
N LEU E 80 5.49 35.87 28.49
CA LEU E 80 5.73 36.88 27.47
C LEU E 80 6.16 38.27 27.95
N LYS E 81 5.77 38.65 29.16
CA LYS E 81 6.16 39.97 29.64
C LYS E 81 7.68 40.15 29.59
N GLY E 82 8.10 41.30 29.06
CA GLY E 82 9.53 41.58 28.95
C GLY E 82 10.17 41.16 27.64
N GLN E 83 9.45 40.39 26.83
CA GLN E 83 9.97 39.92 25.55
C GLN E 83 9.75 40.94 24.43
N PRO E 84 10.67 40.98 23.44
CA PRO E 84 10.53 41.90 22.31
C PRO E 84 9.18 41.64 21.66
N ALA E 85 8.38 42.67 21.47
CA ALA E 85 7.03 42.54 20.93
C ALA E 85 6.87 42.43 19.41
N ASP E 86 7.90 42.74 18.66
CA ASP E 86 7.79 42.68 17.20
C ASP E 86 8.22 41.37 16.56
N ASN E 87 8.97 40.58 17.32
CA ASN E 87 9.45 39.31 16.78
C ASN E 87 8.42 38.20 16.88
N LEU E 88 7.51 38.18 15.92
CA LEU E 88 6.46 37.19 15.90
C LEU E 88 6.99 35.75 15.92
N ASN E 89 8.00 35.48 15.10
CA ASN E 89 8.58 34.14 15.04
C ASN E 89 9.18 33.70 16.36
N ALA E 90 9.92 34.60 17.01
CA ALA E 90 10.54 34.29 18.30
C ALA E 90 9.48 34.11 19.38
N LEU E 91 8.46 34.97 19.36
CA LEU E 91 7.39 34.89 20.35
C LEU E 91 6.59 33.60 20.19
N THR E 92 6.33 33.22 18.95
CA THR E 92 5.59 31.99 18.69
C THR E 92 6.39 30.77 19.14
N ALA E 93 7.69 30.77 18.85
CA ALA E 93 8.54 29.64 19.26
C ALA E 93 8.50 29.49 20.79
N ARG E 94 8.60 30.62 21.49
CA ARG E 94 8.58 30.64 22.95
C ARG E 94 7.24 30.12 23.47
N MET E 95 6.15 30.61 22.90
CA MET E 95 4.81 30.17 23.29
C MET E 95 4.62 28.66 23.08
N ASN E 96 4.97 28.17 21.89
CA ASN E 96 4.79 26.76 21.60
C ASN E 96 5.78 25.87 22.35
N GLY E 97 6.95 26.41 22.64
CA GLY E 97 7.95 25.64 23.37
C GLY E 97 7.62 25.49 24.85
N ALA E 98 6.91 26.45 25.42
CA ALA E 98 6.57 26.40 26.84
C ALA E 98 5.13 25.99 27.16
N ILE E 99 4.25 26.12 26.16
CA ILE E 99 2.84 25.80 26.33
C ILE E 99 2.32 24.84 25.27
N LYS E 100 1.85 23.67 25.71
CA LYS E 100 1.30 22.68 24.79
C LYS E 100 -0.16 23.04 24.51
N GLY E 101 -0.59 22.87 23.27
CA GLY E 101 -1.96 23.18 22.91
C GLY E 101 -2.39 24.60 23.26
N ASN E 102 -3.60 24.73 23.80
CA ASN E 102 -4.14 26.04 24.18
C ASN E 102 -4.07 27.05 23.03
N THR E 103 -4.41 26.58 21.83
CA THR E 103 -4.38 27.41 20.63
C THR E 103 -5.35 28.59 20.68
N PHE E 104 -6.45 28.47 21.40
CA PHE E 104 -7.40 29.58 21.49
C PHE E 104 -6.74 30.74 22.23
N ALA E 105 -6.13 30.43 23.38
CA ALA E 105 -5.44 31.46 24.17
C ALA E 105 -4.34 32.10 23.32
N LYS E 106 -3.55 31.25 22.66
CA LYS E 106 -2.47 31.74 21.82
C LYS E 106 -3.01 32.64 20.71
N SER E 107 -4.13 32.26 20.11
CA SER E 107 -4.73 33.05 19.04
C SER E 107 -5.04 34.48 19.50
N ALA E 108 -5.61 34.62 20.69
CA ALA E 108 -5.92 35.94 21.24
C ALA E 108 -4.64 36.77 21.38
N ILE E 109 -3.60 36.17 21.92
CA ILE E 109 -2.33 36.85 22.11
C ILE E 109 -1.71 37.26 20.78
N GLU E 110 -1.63 36.29 19.86
CA GLU E 110 -1.05 36.56 18.54
C GLU E 110 -1.80 37.69 17.85
N THR E 111 -3.13 37.70 18.00
CA THR E 111 -3.96 38.74 17.40
C THR E 111 -3.62 40.11 17.96
N ALA E 112 -3.44 40.17 19.28
CA ALA E 112 -3.10 41.42 19.96
C ALA E 112 -1.72 41.90 19.51
N LEU E 113 -0.79 40.98 19.34
CA LEU E 113 0.56 41.33 18.89
C LEU E 113 0.53 41.96 17.50
N LEU E 114 -0.26 41.38 16.61
CA LEU E 114 -0.37 41.90 15.24
C LEU E 114 -1.07 43.25 15.18
N ASP E 115 -2.09 43.43 16.02
CA ASP E 115 -2.83 44.67 16.07
C ASP E 115 -1.86 45.79 16.49
N ALA E 116 -1.13 45.55 17.58
CA ALA E 116 -0.17 46.52 18.10
C ALA E 116 0.95 46.81 17.09
N GLN E 117 1.47 45.76 16.46
CA GLN E 117 2.54 45.96 15.47
C GLN E 117 2.02 46.75 14.27
N GLY E 118 0.78 46.49 13.87
CA GLY E 118 0.21 47.22 12.74
C GLY E 118 0.07 48.70 13.07
N LYS E 119 -0.33 48.99 14.29
CA LYS E 119 -0.48 50.38 14.71
C LYS E 119 0.88 51.08 14.75
N ALA E 120 1.90 50.35 15.20
CA ALA E 120 3.25 50.91 15.28
C ALA E 120 3.83 51.24 13.91
N LEU E 121 3.36 50.52 12.88
CA LEU E 121 3.85 50.72 11.53
C LEU E 121 2.88 51.46 10.63
N GLY E 122 1.64 51.64 11.11
CA GLY E 122 0.64 52.32 10.31
C GLY E 122 0.10 51.42 9.22
N LEU E 123 0.11 50.12 9.47
CA LEU E 123 -0.37 49.14 8.49
C LEU E 123 -1.45 48.21 9.02
N PRO E 124 -2.40 47.82 8.15
CA PRO E 124 -3.47 46.91 8.57
C PRO E 124 -2.82 45.53 8.75
N VAL E 125 -3.38 44.69 9.62
CA VAL E 125 -2.81 43.36 9.83
C VAL E 125 -2.60 42.61 8.51
N SER E 126 -3.55 42.73 7.59
CA SER E 126 -3.43 42.05 6.29
C SER E 126 -2.11 42.40 5.58
N ALA E 127 -1.65 43.65 5.71
CA ALA E 127 -0.42 44.07 5.07
C ALA E 127 0.76 43.42 5.78
N LEU E 128 0.64 43.25 7.09
CA LEU E 128 1.68 42.62 7.90
C LEU E 128 1.78 41.16 7.42
N LEU E 129 0.65 40.62 6.95
CA LEU E 129 0.62 39.23 6.51
C LEU E 129 0.93 39.06 5.01
N GLY E 130 1.55 40.09 4.42
CA GLY E 130 1.93 40.04 3.02
C GLY E 130 1.05 40.76 2.02
N GLY E 131 -0.08 41.27 2.48
CA GLY E 131 -0.99 41.99 1.59
C GLY E 131 -2.30 41.28 1.31
N ALA E 132 -3.37 42.06 1.22
CA ALA E 132 -4.70 41.51 0.95
C ALA E 132 -4.92 41.30 -0.54
N LEU E 133 -5.51 40.15 -0.88
CA LEU E 133 -5.82 39.83 -2.27
C LEU E 133 -7.11 40.56 -2.63
N GLN E 134 -7.94 40.82 -1.62
CA GLN E 134 -9.20 41.53 -1.77
C GLN E 134 -9.53 42.19 -0.43
N THR E 135 -10.27 43.29 -0.46
CA THR E 135 -10.62 43.99 0.78
C THR E 135 -12.10 43.83 1.15
N ALA E 136 -12.80 43.02 0.35
CA ALA E 136 -14.21 42.71 0.59
C ALA E 136 -14.27 41.20 0.51
N LEU E 137 -14.70 40.54 1.58
CA LEU E 137 -14.76 39.08 1.61
C LEU E 137 -16.18 38.53 1.63
N PRO E 138 -16.42 37.41 0.93
CA PRO E 138 -17.76 36.81 0.92
C PRO E 138 -18.05 36.20 2.29
N VAL E 139 -19.30 36.32 2.71
CA VAL E 139 -19.75 35.79 3.99
C VAL E 139 -21.09 35.11 3.80
N LEU E 140 -21.14 33.80 4.04
CA LEU E 140 -22.38 33.06 3.88
C LEU E 140 -23.24 33.22 5.14
N TRP E 141 -24.43 32.63 5.10
CA TRP E 141 -25.34 32.68 6.23
C TRP E 141 -25.76 31.27 6.61
N THR E 142 -25.81 30.99 7.91
CA THR E 142 -26.21 29.67 8.37
C THR E 142 -27.70 29.59 8.63
N LEU E 143 -28.32 28.52 8.15
CA LEU E 143 -29.74 28.30 8.37
C LEU E 143 -29.86 27.19 9.39
N ALA E 144 -30.38 27.52 10.57
CA ALA E 144 -30.52 26.54 11.63
C ALA E 144 -31.53 27.01 12.65
N SER E 145 -32.70 27.43 12.19
CA SER E 145 -33.75 27.93 13.07
C SER E 145 -34.50 26.80 13.75
N GLY E 146 -34.39 25.59 13.21
CA GLY E 146 -35.09 24.46 13.78
C GLY E 146 -36.33 24.13 12.97
N ASP E 147 -36.75 25.07 12.14
CA ASP E 147 -37.91 24.88 11.29
C ASP E 147 -37.55 25.10 9.83
N THR E 148 -37.75 24.07 9.02
CA THR E 148 -37.44 24.13 7.59
C THR E 148 -38.09 25.33 6.89
N ALA E 149 -39.36 25.56 7.18
CA ALA E 149 -40.10 26.66 6.58
C ALA E 149 -39.45 28.01 6.87
N LYS E 150 -39.04 28.22 8.11
CA LYS E 150 -38.39 29.47 8.48
C LYS E 150 -37.08 29.64 7.71
N ASP E 151 -36.25 28.61 7.74
CA ASP E 151 -34.96 28.63 7.04
C ASP E 151 -35.13 29.06 5.59
N ILE E 152 -36.04 28.40 4.88
CA ILE E 152 -36.29 28.72 3.49
C ILE E 152 -36.72 30.17 3.34
N ALA E 153 -37.52 30.66 4.28
CA ALA E 153 -38.00 32.03 4.26
C ALA E 153 -36.84 32.99 4.44
N GLU E 154 -36.03 32.72 5.48
CA GLU E 154 -34.88 33.56 5.78
C GLU E 154 -33.88 33.58 4.63
N GLY E 155 -33.69 32.43 4.00
CA GLY E 155 -32.77 32.35 2.88
C GLY E 155 -33.34 33.03 1.66
N GLU E 156 -34.66 33.07 1.60
CA GLU E 156 -35.36 33.69 0.46
C GLU E 156 -35.18 35.20 0.45
N LYS E 157 -35.25 35.82 1.62
CA LYS E 157 -35.10 37.25 1.73
C LYS E 157 -33.68 37.68 1.32
N LEU E 158 -32.69 36.86 1.66
CA LEU E 158 -31.31 37.16 1.32
C LEU E 158 -31.09 37.01 -0.18
N LEU E 159 -31.92 36.21 -0.83
CA LEU E 159 -31.81 35.99 -2.27
C LEU E 159 -32.50 37.11 -3.03
N ALA E 160 -33.19 37.99 -2.29
CA ALA E 160 -33.90 39.11 -2.90
C ALA E 160 -33.00 40.34 -2.97
N ARG E 165 -25.83 34.40 -1.15
CA ARG E 165 -25.74 33.51 -2.31
C ARG E 165 -25.21 32.13 -1.90
N ALA E 166 -24.84 32.00 -0.63
CA ALA E 166 -24.35 30.73 -0.11
C ALA E 166 -24.95 30.55 1.27
N PHE E 167 -25.39 29.33 1.57
CA PHE E 167 -26.01 29.02 2.85
C PHE E 167 -25.42 27.77 3.45
N LYS E 168 -25.24 27.79 4.76
CA LYS E 168 -24.72 26.65 5.50
C LYS E 168 -25.82 26.11 6.40
N LEU E 169 -26.16 24.83 6.22
CA LEU E 169 -27.21 24.19 7.02
C LEU E 169 -26.60 23.29 8.09
N LYS E 170 -27.07 23.44 9.32
CA LYS E 170 -26.57 22.60 10.39
C LYS E 170 -27.54 21.43 10.53
N ILE E 171 -27.00 20.22 10.51
CA ILE E 171 -27.81 19.01 10.65
C ILE E 171 -27.06 18.00 11.51
N GLY E 172 -27.68 16.86 11.76
CA GLY E 172 -27.03 15.84 12.55
C GLY E 172 -27.62 15.67 13.95
N ALA E 173 -28.63 16.47 14.27
CA ALA E 173 -29.26 16.40 15.58
C ALA E 173 -30.57 15.61 15.54
N ARG E 174 -31.00 15.23 14.35
CA ARG E 174 -32.24 14.46 14.20
C ARG E 174 -31.92 13.14 13.51
N GLU E 175 -32.94 12.34 13.26
CA GLU E 175 -32.74 11.06 12.58
C GLU E 175 -32.29 11.42 11.17
N LEU E 176 -31.52 10.54 10.54
CA LEU E 176 -31.01 10.81 9.20
C LEU E 176 -32.11 11.18 8.21
N ALA E 177 -33.19 10.39 8.21
CA ALA E 177 -34.31 10.63 7.29
C ALA E 177 -34.87 12.04 7.41
N THR E 178 -35.03 12.52 8.64
CA THR E 178 -35.56 13.86 8.84
C THR E 178 -34.57 14.94 8.42
N ASP E 179 -33.28 14.75 8.73
CA ASP E 179 -32.27 15.73 8.35
C ASP E 179 -32.15 15.82 6.84
N LEU E 180 -32.30 14.67 6.15
CA LEU E 180 -32.21 14.66 4.71
C LEU E 180 -33.43 15.32 4.07
N ARG E 181 -34.61 15.10 4.64
CA ARG E 181 -35.82 15.72 4.11
C ARG E 181 -35.71 17.23 4.25
N HIS E 182 -35.24 17.67 5.41
CA HIS E 182 -35.05 19.09 5.71
C HIS E 182 -34.12 19.72 4.69
N THR E 183 -32.98 19.09 4.46
CA THR E 183 -31.99 19.59 3.51
C THR E 183 -32.55 19.61 2.09
N ARG E 184 -33.16 18.51 1.67
CA ARG E 184 -33.72 18.42 0.33
C ARG E 184 -34.72 19.55 0.07
N ALA E 185 -35.52 19.88 1.07
CA ALA E 185 -36.51 20.94 0.95
C ALA E 185 -35.84 22.27 0.66
N ILE E 186 -34.74 22.54 1.38
CA ILE E 186 -34.00 23.78 1.22
C ILE E 186 -33.28 23.85 -0.13
N VAL E 187 -32.75 22.71 -0.58
CA VAL E 187 -32.06 22.67 -1.86
C VAL E 187 -33.03 22.94 -3.00
N GLU E 188 -34.18 22.27 -2.98
CA GLU E 188 -35.16 22.46 -4.04
C GLU E 188 -35.70 23.89 -4.08
N ALA E 189 -35.74 24.54 -2.92
CA ALA E 189 -36.24 25.91 -2.85
C ALA E 189 -35.18 27.00 -3.11
N LEU E 190 -33.95 26.77 -2.67
CA LEU E 190 -32.87 27.74 -2.84
C LEU E 190 -31.71 27.30 -3.73
N GLY E 191 -31.55 26.00 -3.86
CA GLY E 191 -30.46 25.44 -4.66
C GLY E 191 -30.09 25.98 -6.03
N ASP E 192 -31.06 26.39 -6.82
CA ASP E 192 -30.74 26.88 -8.17
C ASP E 192 -30.22 28.31 -8.19
N ARG E 193 -30.26 28.97 -7.04
CA ARG E 193 -29.80 30.35 -6.94
C ARG E 193 -28.73 30.57 -5.88
N ALA E 194 -28.45 29.54 -5.08
CA ALA E 194 -27.45 29.66 -4.03
C ALA E 194 -26.66 28.38 -3.81
N SER E 195 -25.47 28.53 -3.22
CA SER E 195 -24.61 27.40 -2.92
C SER E 195 -25.05 26.83 -1.58
N ILE E 196 -25.44 25.57 -1.58
CA ILE E 196 -25.89 24.92 -0.35
C ILE E 196 -24.84 24.00 0.26
N ARG E 197 -24.46 24.30 1.49
CA ARG E 197 -23.49 23.48 2.21
C ARG E 197 -24.14 22.99 3.48
N VAL E 198 -23.69 21.85 3.99
CA VAL E 198 -24.24 21.34 5.23
C VAL E 198 -23.08 21.08 6.17
N ASP E 199 -23.37 21.08 7.46
CA ASP E 199 -22.38 20.84 8.50
C ASP E 199 -22.98 19.84 9.49
N VAL E 200 -22.39 18.66 9.55
CA VAL E 200 -22.90 17.62 10.46
C VAL E 200 -22.14 17.69 11.78
N ASN E 201 -21.08 18.49 11.80
CA ASN E 201 -20.27 18.67 12.99
C ASN E 201 -20.00 17.41 13.80
N GLN E 202 -19.44 16.39 13.13
CA GLN E 202 -19.07 15.12 13.77
C GLN E 202 -20.17 14.15 14.19
N ALA E 203 -21.43 14.51 13.99
CA ALA E 203 -22.55 13.67 14.45
C ALA E 203 -22.73 12.27 13.89
N TRP E 204 -22.32 12.01 12.65
CA TRP E 204 -22.55 10.69 12.07
C TRP E 204 -21.52 9.59 12.26
N ASP E 205 -22.02 8.38 12.49
CA ASP E 205 -21.16 7.20 12.61
C ASP E 205 -20.81 6.92 11.15
N ALA E 206 -19.87 6.01 10.93
CA ALA E 206 -19.42 5.69 9.57
C ALA E 206 -20.53 5.21 8.62
N ALA E 207 -21.42 4.36 9.12
CA ALA E 207 -22.50 3.83 8.29
C ALA E 207 -23.49 4.93 7.90
N THR E 208 -23.95 5.68 8.89
CA THR E 208 -24.88 6.77 8.63
C THR E 208 -24.20 7.80 7.75
N GLY E 209 -22.89 7.99 7.99
CA GLY E 209 -22.12 8.95 7.20
C GLY E 209 -22.11 8.61 5.73
N ALA E 210 -21.87 7.35 5.40
CA ALA E 210 -21.85 6.90 4.02
C ALA E 210 -23.20 7.12 3.35
N LYS E 211 -24.27 6.68 4.01
CA LYS E 211 -25.61 6.82 3.43
C LYS E 211 -26.01 8.28 3.31
N GLY E 212 -25.78 9.03 4.38
CA GLY E 212 -26.13 10.45 4.38
C GLY E 212 -25.39 11.24 3.32
N CYS E 213 -24.07 11.06 3.24
CA CYS E 213 -23.27 11.77 2.26
C CYS E 213 -23.64 11.42 0.83
N ARG E 214 -23.98 10.16 0.57
CA ARG E 214 -24.37 9.77 -0.79
C ARG E 214 -25.65 10.52 -1.18
N GLU E 215 -26.60 10.57 -0.26
CA GLU E 215 -27.87 11.27 -0.50
C GLU E 215 -27.68 12.77 -0.65
N LEU E 216 -26.83 13.35 0.19
CA LEU E 216 -26.56 14.79 0.12
C LEU E 216 -25.95 15.12 -1.24
N ALA E 217 -25.00 14.30 -1.66
CA ALA E 217 -24.34 14.50 -2.94
C ALA E 217 -25.35 14.39 -4.08
N ALA E 218 -26.16 13.33 -4.04
CA ALA E 218 -27.16 13.10 -5.08
C ALA E 218 -28.16 14.24 -5.23
N MET E 219 -28.50 14.91 -4.13
CA MET E 219 -29.46 16.00 -4.19
C MET E 219 -28.87 17.33 -4.64
N GLY E 220 -27.54 17.44 -4.71
CA GLY E 220 -26.94 18.68 -5.17
C GLY E 220 -26.22 19.53 -4.15
N VAL E 221 -26.04 19.02 -2.94
CA VAL E 221 -25.33 19.77 -1.92
C VAL E 221 -23.90 19.99 -2.44
N ASP E 222 -23.38 21.20 -2.29
CA ASP E 222 -22.05 21.54 -2.79
C ASP E 222 -20.88 21.17 -1.88
N LEU E 223 -21.12 21.10 -0.59
CA LEU E 223 -20.05 20.81 0.37
C LEU E 223 -20.62 20.20 1.65
N ILE E 224 -19.98 19.13 2.13
CA ILE E 224 -20.41 18.45 3.35
C ILE E 224 -19.30 18.63 4.39
N GLU E 225 -19.62 19.33 5.47
CA GLU E 225 -18.64 19.61 6.52
C GLU E 225 -18.59 18.61 7.66
N GLN E 226 -17.39 18.11 7.92
CA GLN E 226 -17.11 17.17 9.00
C GLN E 226 -18.27 16.21 9.33
N PRO E 227 -18.63 15.32 8.39
CA PRO E 227 -19.73 14.36 8.59
C PRO E 227 -19.51 13.33 9.70
N VAL E 228 -18.25 12.93 9.91
CA VAL E 228 -17.93 11.94 10.93
C VAL E 228 -17.07 12.53 12.04
N SER E 229 -16.84 11.73 13.09
CA SER E 229 -16.04 12.19 14.21
C SER E 229 -14.58 12.43 13.84
N ALA E 230 -13.94 13.35 14.55
CA ALA E 230 -12.53 13.64 14.33
C ALA E 230 -11.73 12.42 14.81
N HIS E 231 -12.40 11.54 15.56
CA HIS E 231 -11.79 10.31 16.08
C HIS E 231 -11.71 9.27 14.97
N ASP E 232 -12.29 9.60 13.82
CA ASP E 232 -12.30 8.67 12.71
C ASP E 232 -11.90 9.34 11.38
N ASN E 233 -10.69 9.85 11.32
CA ASN E 233 -10.21 10.49 10.09
C ASN E 233 -10.17 9.46 8.96
N ALA E 234 -9.95 8.19 9.32
CA ALA E 234 -9.92 7.13 8.30
C ALA E 234 -11.25 7.15 7.52
N ALA E 235 -12.36 7.30 8.24
CA ALA E 235 -13.67 7.34 7.60
C ALA E 235 -13.79 8.61 6.75
N LEU E 236 -13.31 9.73 7.29
CA LEU E 236 -13.36 11.00 6.57
C LEU E 236 -12.62 10.86 5.23
N VAL E 237 -11.43 10.24 5.26
CA VAL E 237 -10.64 10.05 4.05
C VAL E 237 -11.39 9.19 3.04
N ARG E 238 -11.95 8.08 3.52
CA ARG E 238 -12.70 7.16 2.68
C ARG E 238 -13.87 7.88 2.02
N LEU E 239 -14.63 8.63 2.80
CA LEU E 239 -15.75 9.38 2.25
C LEU E 239 -15.28 10.41 1.22
N SER E 240 -14.19 11.11 1.50
CA SER E 240 -13.71 12.11 0.54
C SER E 240 -13.36 11.47 -0.80
N GLN E 241 -12.98 10.20 -0.77
CA GLN E 241 -12.60 9.51 -1.98
C GLN E 241 -13.77 8.79 -2.67
N GLN E 242 -14.91 8.66 -2.00
CA GLN E 242 -16.02 7.96 -2.60
C GLN E 242 -17.29 8.80 -2.85
N ILE E 243 -17.51 9.81 -2.02
CA ILE E 243 -18.70 10.66 -2.15
C ILE E 243 -18.60 11.64 -3.33
N GLU E 244 -19.68 11.76 -4.09
CA GLU E 244 -19.68 12.62 -5.25
C GLU E 244 -19.99 14.10 -5.06
N THR E 245 -19.35 14.68 -4.06
CA THR E 245 -19.43 16.11 -3.80
C THR E 245 -18.27 16.44 -2.86
N ALA E 246 -18.02 17.72 -2.63
CA ALA E 246 -16.91 18.12 -1.78
C ALA E 246 -17.09 17.92 -0.29
N ILE E 247 -16.00 17.53 0.38
CA ILE E 247 -15.99 17.31 1.83
C ILE E 247 -15.13 18.40 2.46
N LEU E 248 -15.61 18.95 3.58
CA LEU E 248 -14.88 20.00 4.30
C LEU E 248 -14.47 19.45 5.66
N ALA E 249 -13.17 19.44 5.95
CA ALA E 249 -12.67 18.98 7.22
C ALA E 249 -12.66 20.15 8.22
N ASP E 250 -13.15 19.93 9.42
CA ASP E 250 -13.14 20.99 10.44
C ASP E 250 -12.38 20.49 11.65
N GLU E 251 -13.05 19.81 12.55
CA GLU E 251 -12.40 19.30 13.76
C GLU E 251 -11.24 18.37 13.44
N ALA E 252 -11.28 17.72 12.28
CA ALA E 252 -10.21 16.80 11.89
C ALA E 252 -8.89 17.52 11.62
N VAL E 253 -8.93 18.83 11.42
CA VAL E 253 -7.71 19.59 11.14
C VAL E 253 -7.62 20.93 11.87
N ALA E 254 -6.64 21.05 12.75
CA ALA E 254 -6.46 22.29 13.50
C ALA E 254 -5.15 22.99 13.16
N THR E 255 -4.05 22.23 13.19
CA THR E 255 -2.71 22.75 12.91
C THR E 255 -2.15 22.28 11.58
N ALA E 256 -1.01 22.85 11.19
CA ALA E 256 -0.36 22.49 9.94
C ALA E 256 0.05 21.02 9.98
N TYR E 257 0.39 20.53 11.17
CA TYR E 257 0.79 19.13 11.31
C TYR E 257 -0.40 18.24 10.94
N ASP E 258 -1.59 18.60 11.43
CA ASP E 258 -2.80 17.84 11.13
C ASP E 258 -3.11 17.93 9.65
N GLY E 259 -2.92 19.13 9.09
CA GLY E 259 -3.20 19.35 7.68
C GLY E 259 -2.35 18.50 6.76
N TYR E 260 -1.07 18.36 7.12
CA TYR E 260 -0.17 17.55 6.32
C TYR E 260 -0.54 16.07 6.48
N GLN E 261 -0.73 15.65 7.71
CA GLN E 261 -1.08 14.27 8.03
C GLN E 261 -2.34 13.81 7.30
N LEU E 262 -3.40 14.58 7.40
CA LEU E 262 -4.65 14.22 6.74
C LEU E 262 -4.47 14.17 5.21
N ALA E 263 -3.76 15.14 4.65
CA ALA E 263 -3.54 15.16 3.20
C ALA E 263 -2.73 13.93 2.75
N GLN E 264 -1.66 13.65 3.47
CA GLN E 264 -0.78 12.52 3.18
C GLN E 264 -1.55 11.21 3.19
N GLN E 265 -2.54 11.15 4.06
CA GLN E 265 -3.40 9.97 4.24
C GLN E 265 -4.32 9.77 3.04
N GLY E 266 -4.47 10.79 2.20
CA GLY E 266 -5.31 10.64 1.02
C GLY E 266 -6.58 11.48 1.01
N PHE E 267 -6.78 12.32 2.02
CA PHE E 267 -7.96 13.16 2.05
C PHE E 267 -7.96 14.14 0.89
N THR E 268 -9.13 14.32 0.27
CA THR E 268 -9.23 15.28 -0.81
C THR E 268 -10.48 16.11 -0.57
N GLY E 269 -10.32 17.43 -0.69
CA GLY E 269 -11.43 18.34 -0.45
C GLY E 269 -10.95 19.69 0.02
N ALA E 270 -11.53 20.17 1.12
CA ALA E 270 -11.18 21.47 1.67
C ALA E 270 -11.00 21.44 3.19
N TYR E 271 -10.31 22.45 3.72
CA TYR E 271 -10.08 22.57 5.15
C TYR E 271 -10.74 23.85 5.68
N ALA E 272 -11.38 23.76 6.84
CA ALA E 272 -12.00 24.93 7.45
C ALA E 272 -10.96 25.60 8.33
N LEU E 273 -10.27 26.60 7.79
CA LEU E 273 -9.26 27.33 8.54
C LEU E 273 -9.90 28.17 9.65
N LYS E 274 -9.35 28.08 10.85
CA LYS E 274 -9.85 28.87 11.99
C LYS E 274 -8.65 29.30 12.82
N ILE E 275 -8.52 30.62 13.04
CA ILE E 275 -7.37 31.10 13.81
C ILE E 275 -7.32 30.47 15.20
N ALA E 276 -8.48 30.18 15.78
CA ALA E 276 -8.52 29.58 17.12
C ALA E 276 -7.89 28.19 17.17
N LYS E 277 -8.07 27.40 16.11
CA LYS E 277 -7.52 26.05 16.07
C LYS E 277 -6.02 26.03 15.81
N ALA E 278 -5.55 27.01 15.03
CA ALA E 278 -4.14 27.11 14.67
C ALA E 278 -3.29 27.93 15.64
N GLY E 279 -3.91 28.85 16.36
CA GLY E 279 -3.13 29.65 17.28
C GLY E 279 -2.95 31.09 16.85
N GLY E 280 -3.79 31.56 15.92
CA GLY E 280 -3.67 32.94 15.49
C GLY E 280 -3.74 33.23 14.00
N PRO E 281 -3.88 34.51 13.64
CA PRO E 281 -3.97 35.01 12.25
C PRO E 281 -2.71 34.68 11.45
N ASN E 282 -1.57 34.67 12.13
CA ASN E 282 -0.32 34.35 11.48
C ASN E 282 -0.09 32.85 11.45
N SER E 283 -0.31 32.19 12.59
CA SER E 283 -0.10 30.74 12.69
C SER E 283 -0.97 29.94 11.72
N VAL E 284 -2.20 30.39 11.48
CA VAL E 284 -3.09 29.67 10.58
C VAL E 284 -2.55 29.67 9.14
N LEU E 285 -1.72 30.64 8.80
CA LEU E 285 -1.20 30.70 7.42
C LEU E 285 -0.31 29.51 7.08
N ALA E 286 0.36 28.92 8.07
CA ALA E 286 1.20 27.75 7.81
C ALA E 286 0.30 26.60 7.34
N LEU E 287 -0.83 26.42 8.02
CA LEU E 287 -1.79 25.38 7.65
C LEU E 287 -2.29 25.66 6.22
N ALA E 288 -2.61 26.91 5.95
CA ALA E 288 -3.09 27.29 4.63
C ALA E 288 -2.13 26.90 3.51
N ARG E 289 -0.85 27.21 3.66
CA ARG E 289 0.13 26.88 2.63
C ARG E 289 0.37 25.39 2.49
N VAL E 290 0.28 24.65 3.58
CA VAL E 290 0.46 23.21 3.50
C VAL E 290 -0.72 22.64 2.69
N ALA E 291 -1.91 23.12 3.00
CA ALA E 291 -3.11 22.68 2.29
C ALA E 291 -2.94 22.98 0.80
N GLN E 292 -2.56 24.21 0.47
CA GLN E 292 -2.37 24.58 -0.94
C GLN E 292 -1.37 23.67 -1.63
N ALA E 293 -0.27 23.37 -0.95
CA ALA E 293 0.76 22.50 -1.53
C ALA E 293 0.21 21.10 -1.84
N ALA E 294 -0.74 20.65 -1.03
CA ALA E 294 -1.36 19.33 -1.21
C ALA E 294 -2.57 19.37 -2.12
N GLY E 295 -2.92 20.55 -2.62
CA GLY E 295 -4.08 20.66 -3.49
C GLY E 295 -5.41 20.65 -2.75
N ILE E 296 -5.36 20.97 -1.45
CA ILE E 296 -6.56 21.02 -0.61
C ILE E 296 -7.16 22.43 -0.68
N GLY E 297 -8.48 22.51 -0.87
CA GLY E 297 -9.14 23.81 -0.96
C GLY E 297 -9.23 24.53 0.37
N LEU E 298 -9.47 25.84 0.34
CA LEU E 298 -9.54 26.65 1.57
C LEU E 298 -10.91 27.28 1.87
N TYR E 299 -11.21 27.41 3.16
CA TYR E 299 -12.47 27.98 3.66
C TYR E 299 -12.18 28.80 4.93
N GLY E 300 -12.72 30.02 5.01
CA GLY E 300 -12.50 30.85 6.17
C GLY E 300 -13.50 30.55 7.27
N GLY E 301 -13.09 29.73 8.25
CA GLY E 301 -13.98 29.34 9.33
C GLY E 301 -14.04 30.23 10.56
N THR E 302 -15.06 30.00 11.38
CA THR E 302 -15.25 30.79 12.59
C THR E 302 -15.67 29.93 13.79
N MET E 303 -15.50 30.48 14.98
CA MET E 303 -15.90 29.84 16.23
C MET E 303 -16.96 30.78 16.80
N LEU E 304 -17.56 31.59 15.93
CA LEU E 304 -18.58 32.56 16.28
C LEU E 304 -18.01 33.69 17.13
N GLU E 305 -16.85 34.20 16.70
CA GLU E 305 -16.17 35.29 17.37
C GLU E 305 -16.96 36.57 17.23
N GLY E 306 -16.70 37.52 18.13
CA GLY E 306 -17.33 38.82 18.05
C GLY E 306 -16.56 39.59 16.99
N THR E 307 -16.63 40.92 17.01
CA THR E 307 -15.95 41.73 16.02
C THR E 307 -14.42 41.61 16.01
N VAL E 308 -13.80 41.58 17.19
CA VAL E 308 -12.35 41.50 17.27
C VAL E 308 -11.78 40.21 16.66
N GLY E 309 -12.28 39.06 17.10
CA GLY E 309 -11.81 37.81 16.57
C GLY E 309 -12.18 37.61 15.11
N THR E 310 -13.35 38.13 14.72
CA THR E 310 -13.81 38.00 13.35
C THR E 310 -12.95 38.81 12.38
N VAL E 311 -12.69 40.08 12.69
CA VAL E 311 -11.88 40.88 11.79
C VAL E 311 -10.44 40.37 11.75
N ALA E 312 -9.97 39.83 12.87
CA ALA E 312 -8.62 39.26 12.95
C ALA E 312 -8.50 38.11 11.93
N SER E 313 -9.52 37.26 11.91
CA SER E 313 -9.58 36.13 10.98
C SER E 313 -9.63 36.67 9.56
N LEU E 314 -10.47 37.69 9.35
CA LEU E 314 -10.64 38.30 8.04
C LEU E 314 -9.33 38.83 7.44
N HIS E 315 -8.50 39.47 8.26
CA HIS E 315 -7.23 39.99 7.76
C HIS E 315 -6.41 38.84 7.19
N ALA E 316 -6.42 37.70 7.87
CA ALA E 316 -5.67 36.54 7.38
C ALA E 316 -6.35 35.97 6.12
N TRP E 317 -7.68 35.84 6.16
CA TRP E 317 -8.42 35.28 5.01
C TRP E 317 -8.21 36.12 3.76
N SER E 318 -8.06 37.43 3.93
CA SER E 318 -7.87 38.34 2.80
C SER E 318 -6.63 38.06 1.99
N THR E 319 -5.63 37.43 2.62
CA THR E 319 -4.37 37.14 1.94
C THR E 319 -4.38 35.84 1.12
N LEU E 320 -5.45 35.06 1.23
CA LEU E 320 -5.53 33.77 0.55
C LEU E 320 -6.67 33.56 -0.44
N PRO E 321 -6.47 32.67 -1.42
CA PRO E 321 -7.57 32.44 -2.36
C PRO E 321 -8.47 31.44 -1.62
N LEU E 322 -9.69 31.87 -1.30
CA LEU E 322 -10.62 31.01 -0.57
C LEU E 322 -11.72 30.50 -1.48
N GLN E 323 -11.47 29.34 -2.09
CA GLN E 323 -12.43 28.74 -3.01
C GLN E 323 -13.85 28.65 -2.43
N TRP E 324 -13.95 28.29 -1.16
CA TRP E 324 -15.25 28.12 -0.52
C TRP E 324 -15.83 29.29 0.26
N GLY E 325 -15.19 30.46 0.18
CA GLY E 325 -15.68 31.63 0.88
C GLY E 325 -15.39 31.62 2.38
N THR E 326 -16.22 32.32 3.14
CA THR E 326 -16.06 32.36 4.59
C THR E 326 -17.41 32.35 5.29
N GLU E 327 -17.36 32.11 6.61
CA GLU E 327 -18.55 32.08 7.45
C GLU E 327 -18.33 33.05 8.62
N MET E 328 -17.77 34.22 8.31
CA MET E 328 -17.49 35.20 9.35
C MET E 328 -18.68 36.13 9.64
N PHE E 329 -19.77 35.51 10.11
CA PHE E 329 -21.01 36.24 10.44
C PHE E 329 -21.24 36.34 11.95
N GLY E 330 -20.24 35.91 12.73
CA GLY E 330 -20.34 35.95 14.18
C GLY E 330 -20.92 37.22 14.80
N PRO E 331 -20.41 38.41 14.43
CA PRO E 331 -20.94 39.66 15.00
C PRO E 331 -22.44 39.87 14.74
N LEU E 332 -22.92 39.37 13.61
CA LEU E 332 -24.33 39.51 13.25
C LEU E 332 -25.25 38.69 14.17
N LEU E 333 -24.66 37.90 15.05
CA LEU E 333 -25.46 37.09 15.97
C LEU E 333 -25.55 37.76 17.34
N LEU E 334 -24.81 38.84 17.51
CA LEU E 334 -24.78 39.54 18.80
C LEU E 334 -25.68 40.77 18.85
N LYS E 335 -26.21 41.04 20.04
CA LYS E 335 -27.06 42.19 20.25
C LYS E 335 -26.19 43.39 20.55
N ASP E 336 -24.98 43.12 21.05
CA ASP E 336 -24.02 44.17 21.37
C ASP E 336 -22.64 43.54 21.44
N ASP E 337 -21.61 44.35 21.22
CA ASP E 337 -20.22 43.86 21.24
C ASP E 337 -19.38 44.82 22.07
N ILE E 338 -18.09 44.54 22.19
CA ILE E 338 -17.21 45.39 22.97
C ILE E 338 -16.32 46.31 22.14
N VAL E 339 -16.70 46.57 20.89
CA VAL E 339 -15.94 47.47 20.05
C VAL E 339 -16.74 48.77 19.85
N SER E 340 -16.04 49.85 19.54
CA SER E 340 -16.74 51.12 19.35
C SER E 340 -17.47 51.17 18.02
N VAL E 341 -16.87 50.59 16.97
CA VAL E 341 -17.49 50.57 15.66
C VAL E 341 -17.44 49.17 15.05
N PRO E 342 -18.61 48.60 14.69
CA PRO E 342 -18.66 47.27 14.11
C PRO E 342 -18.28 47.25 12.63
N LEU E 343 -18.02 46.05 12.11
CA LEU E 343 -17.68 45.90 10.70
C LEU E 343 -18.95 46.15 9.90
N THR E 344 -18.79 46.48 8.63
CA THR E 344 -19.95 46.72 7.78
C THR E 344 -20.18 45.54 6.84
N PHE E 345 -21.35 44.93 6.99
CA PHE E 345 -21.75 43.77 6.18
C PHE E 345 -22.77 44.21 5.14
N ALA E 346 -22.65 43.71 3.92
CA ALA E 346 -23.57 44.07 2.87
C ALA E 346 -23.40 43.20 1.63
N ASP E 347 -24.53 42.86 1.00
CA ASP E 347 -24.54 42.05 -0.21
C ASP E 347 -23.72 40.77 -0.10
N GLY E 348 -23.97 40.01 0.96
CA GLY E 348 -23.25 38.76 1.16
C GLY E 348 -21.76 38.93 1.36
N GLN E 349 -21.36 40.14 1.75
CA GLN E 349 -19.94 40.44 1.95
C GLN E 349 -19.67 41.27 3.20
N VAL E 350 -18.40 41.34 3.56
CA VAL E 350 -17.97 42.13 4.70
C VAL E 350 -16.76 42.96 4.25
N ALA E 351 -16.75 44.24 4.62
CA ALA E 351 -15.65 45.11 4.25
C ALA E 351 -14.50 44.96 5.24
N LEU E 352 -13.31 44.73 4.72
CA LEU E 352 -12.12 44.56 5.56
C LEU E 352 -11.50 45.93 5.84
N PRO E 353 -11.38 46.31 7.12
CA PRO E 353 -10.78 47.61 7.42
C PRO E 353 -9.35 47.62 6.90
N GLN E 354 -8.88 48.78 6.48
CA GLN E 354 -7.52 48.91 5.98
C GLN E 354 -6.77 50.04 6.69
N THR E 355 -7.15 50.33 7.92
CA THR E 355 -6.47 51.35 8.71
C THR E 355 -5.44 50.59 9.55
N PRO E 356 -4.59 51.29 10.30
CA PRO E 356 -3.59 50.58 11.10
C PRO E 356 -4.14 49.51 12.03
N GLY E 357 -3.42 48.38 12.13
CA GLY E 357 -3.84 47.31 13.01
C GLY E 357 -5.07 46.55 12.51
N LEU E 358 -5.86 46.04 13.43
CA LEU E 358 -7.07 45.29 13.08
C LEU E 358 -8.11 46.20 12.44
N GLY E 359 -8.11 47.47 12.81
CA GLY E 359 -9.07 48.39 12.23
C GLY E 359 -10.31 48.59 13.09
N VAL E 360 -10.27 48.07 14.32
CA VAL E 360 -11.39 48.21 15.26
C VAL E 360 -10.77 48.61 16.59
N GLU E 361 -11.59 49.16 17.49
CA GLU E 361 -11.09 49.59 18.78
C GLU E 361 -12.00 49.18 19.92
N LEU E 362 -11.38 49.00 21.08
CA LEU E 362 -12.10 48.58 22.28
C LEU E 362 -12.94 49.73 22.85
N ASP E 363 -14.21 49.45 23.13
CA ASP E 363 -15.11 50.42 23.72
C ASP E 363 -15.04 50.05 25.20
N GLU E 364 -14.17 50.72 25.94
CA GLU E 364 -13.97 50.42 27.35
C GLU E 364 -15.24 50.40 28.21
N ASP E 365 -16.18 51.30 27.93
CA ASP E 365 -17.40 51.32 28.71
C ASP E 365 -18.16 50.00 28.53
N LYS E 366 -18.30 49.56 27.29
CA LYS E 366 -19.00 48.30 27.03
C LYS E 366 -18.19 47.12 27.57
N LEU E 367 -16.87 47.23 27.48
CA LEU E 367 -16.00 46.18 27.97
C LEU E 367 -16.29 45.92 29.44
N HIS E 368 -16.30 46.99 30.23
CA HIS E 368 -16.56 46.89 31.66
C HIS E 368 -17.98 46.43 31.95
N PHE E 369 -18.94 46.97 31.21
CA PHE E 369 -20.34 46.61 31.42
C PHE E 369 -20.59 45.11 31.27
N TYR E 370 -20.03 44.52 30.21
CA TYR E 370 -20.23 43.10 29.94
C TYR E 370 -19.23 42.14 30.56
N THR E 371 -18.21 42.67 31.23
CA THR E 371 -17.21 41.82 31.87
C THR E 371 -17.92 40.95 32.91
N ARG E 372 -17.64 39.64 32.89
CA ARG E 372 -18.27 38.71 33.82
C ARG E 372 -18.05 39.11 35.28
N GLN E 373 -16.79 39.15 35.70
CA GLN E 373 -16.46 39.53 37.07
C GLN E 373 -14.96 39.76 37.22
N ALA F 5 -13.99 -16.91 48.59
CA ALA F 5 -14.84 -17.92 47.90
C ALA F 5 -14.14 -18.47 46.65
N THR F 6 -14.16 -19.79 46.52
CA THR F 6 -13.54 -20.46 45.38
C THR F 6 -14.61 -21.20 44.58
N VAL F 7 -14.28 -21.67 43.39
CA VAL F 7 -15.29 -22.43 42.65
C VAL F 7 -15.11 -23.83 43.21
N GLU F 8 -16.17 -24.35 43.81
CA GLU F 8 -16.11 -25.66 44.41
C GLU F 8 -16.58 -26.75 43.47
N GLN F 9 -17.57 -26.42 42.65
CA GLN F 9 -18.07 -27.41 41.73
C GLN F 9 -18.70 -26.81 40.48
N ILE F 10 -18.66 -27.59 39.40
CA ILE F 10 -19.25 -27.19 38.13
C ILE F 10 -20.02 -28.38 37.54
N GLU F 11 -21.27 -28.14 37.19
CA GLU F 11 -22.13 -29.17 36.60
C GLU F 11 -22.61 -28.67 35.25
N SER F 12 -22.78 -29.58 34.30
CA SER F 12 -23.30 -29.19 33.00
C SER F 12 -24.21 -30.29 32.47
N TRP F 13 -25.25 -29.90 31.73
CA TRP F 13 -26.20 -30.84 31.16
C TRP F 13 -26.53 -30.46 29.73
N ILE F 14 -26.72 -31.45 28.88
CA ILE F 14 -27.13 -31.18 27.51
C ILE F 14 -28.65 -31.29 27.61
N VAL F 15 -29.35 -30.22 27.24
CA VAL F 15 -30.80 -30.20 27.33
C VAL F 15 -31.44 -30.04 25.96
N ASP F 16 -32.38 -30.92 25.65
CA ASP F 16 -33.08 -30.86 24.38
C ASP F 16 -34.49 -30.35 24.61
N VAL F 17 -34.72 -29.11 24.21
CA VAL F 17 -36.02 -28.49 24.39
C VAL F 17 -36.77 -28.36 23.07
N PRO F 18 -38.10 -28.52 23.10
CA PRO F 18 -38.94 -28.42 21.91
C PRO F 18 -39.06 -27.01 21.37
N THR F 19 -39.04 -26.88 20.05
CA THR F 19 -39.17 -25.58 19.40
C THR F 19 -40.60 -25.41 18.91
N ILE F 20 -40.96 -24.19 18.53
CA ILE F 20 -42.31 -23.93 18.03
C ILE F 20 -42.48 -24.52 16.63
N CYS F 32 -36.47 -29.41 17.92
CA CYS F 32 -35.69 -29.44 19.14
C CYS F 32 -34.42 -28.58 19.08
N GLN F 33 -34.20 -27.80 20.12
CA GLN F 33 -33.01 -26.95 20.23
C GLN F 33 -32.20 -27.51 21.40
N SER F 34 -30.91 -27.74 21.17
CA SER F 34 -30.06 -28.29 22.22
C SER F 34 -29.25 -27.23 22.93
N LEU F 35 -29.39 -27.19 24.25
CA LEU F 35 -28.67 -26.21 25.05
C LEU F 35 -27.74 -26.92 26.02
N VAL F 36 -26.59 -26.31 26.30
CA VAL F 36 -25.66 -26.87 27.28
C VAL F 36 -25.78 -25.92 28.47
N ILE F 37 -26.41 -26.42 29.53
CA ILE F 37 -26.62 -25.62 30.74
C ILE F 37 -25.52 -25.93 31.74
N VAL F 38 -25.09 -24.91 32.47
CA VAL F 38 -24.06 -25.10 33.46
C VAL F 38 -24.46 -24.49 34.80
N ARG F 39 -24.11 -25.18 35.89
CA ARG F 39 -24.38 -24.65 37.22
C ARG F 39 -23.03 -24.69 37.91
N LEU F 40 -22.55 -23.52 38.31
CA LEU F 40 -21.27 -23.40 39.00
C LEU F 40 -21.55 -23.14 40.46
N THR F 41 -20.97 -23.96 41.33
CA THR F 41 -21.16 -23.83 42.76
C THR F 41 -19.96 -23.24 43.46
N ARG F 42 -20.18 -22.12 44.16
CA ARG F 42 -19.12 -21.45 44.89
C ARG F 42 -19.01 -22.10 46.27
N SER F 43 -17.84 -21.95 46.89
CA SER F 43 -17.60 -22.50 48.23
C SER F 43 -18.47 -21.82 49.28
N ASP F 44 -19.00 -20.64 48.98
CA ASP F 44 -19.85 -19.94 49.94
C ASP F 44 -21.35 -20.20 49.77
N GLY F 45 -21.68 -21.33 49.16
CA GLY F 45 -23.07 -21.71 48.98
C GLY F 45 -23.82 -21.12 47.78
N ILE F 46 -23.27 -20.08 47.18
CA ILE F 46 -23.93 -19.43 46.05
C ILE F 46 -23.67 -20.13 44.72
N CYS F 47 -24.74 -20.31 43.95
CA CYS F 47 -24.66 -20.96 42.64
C CYS F 47 -24.96 -19.98 41.52
N GLY F 48 -24.36 -20.21 40.37
CA GLY F 48 -24.59 -19.37 39.20
C GLY F 48 -24.84 -20.31 38.04
N ILE F 49 -25.62 -19.86 37.06
CA ILE F 49 -25.91 -20.71 35.91
C ILE F 49 -25.49 -20.02 34.60
N GLY F 50 -25.29 -20.81 33.57
CA GLY F 50 -24.89 -20.26 32.29
C GLY F 50 -25.38 -21.14 31.16
N GLU F 51 -25.30 -20.64 29.93
CA GLU F 51 -25.76 -21.39 28.78
C GLU F 51 -24.83 -21.24 27.58
N ALA F 52 -24.61 -22.36 26.90
CA ALA F 52 -23.77 -22.40 25.69
C ALA F 52 -24.60 -23.20 24.70
N THR F 53 -25.13 -22.50 23.69
CA THR F 53 -25.96 -23.13 22.68
C THR F 53 -25.49 -22.77 21.28
N THR F 54 -25.71 -23.67 20.34
CA THR F 54 -25.34 -23.42 18.96
C THR F 54 -26.51 -23.83 18.09
N ILE F 55 -26.28 -23.88 16.78
CA ILE F 55 -27.34 -24.25 15.84
C ILE F 55 -26.88 -25.34 14.90
N GLY F 56 -27.72 -26.36 14.74
CA GLY F 56 -27.42 -27.45 13.83
C GLY F 56 -26.19 -28.31 14.03
N GLY F 57 -25.86 -28.62 15.28
CA GLY F 57 -24.69 -29.45 15.55
C GLY F 57 -23.37 -28.84 15.13
N LEU F 58 -22.85 -29.28 13.99
CA LEU F 58 -21.57 -28.75 13.49
C LEU F 58 -21.75 -28.07 12.14
N SER F 59 -23.01 -27.84 11.76
CA SER F 59 -23.33 -27.23 10.48
C SER F 59 -23.04 -25.72 10.40
N TYR F 60 -22.98 -25.06 11.55
CA TYR F 60 -22.73 -23.63 11.52
C TYR F 60 -21.50 -23.17 12.31
N GLY F 61 -21.09 -23.98 13.28
CA GLY F 61 -19.93 -23.66 14.09
C GLY F 61 -19.10 -24.91 14.33
N VAL F 62 -17.86 -24.75 14.78
CA VAL F 62 -16.99 -25.90 15.03
C VAL F 62 -17.21 -26.54 16.40
N GLU F 63 -18.02 -25.90 17.23
CA GLU F 63 -18.30 -26.40 18.56
C GLU F 63 -19.73 -26.94 18.65
N SER F 64 -19.84 -28.24 18.89
CA SER F 64 -21.14 -28.91 19.01
C SER F 64 -21.56 -28.96 20.48
N PRO F 65 -22.85 -29.23 20.73
CA PRO F 65 -23.31 -29.30 22.12
C PRO F 65 -22.51 -30.34 22.90
N GLU F 66 -22.21 -31.47 22.27
CA GLU F 66 -21.46 -32.51 22.97
C GLU F 66 -19.99 -32.17 23.14
N ALA F 67 -19.42 -31.40 22.21
CA ALA F 67 -18.02 -31.01 22.35
C ALA F 67 -17.94 -29.93 23.42
N ILE F 68 -18.96 -29.06 23.46
CA ILE F 68 -19.00 -28.01 24.48
C ILE F 68 -19.10 -28.66 25.86
N SER F 69 -20.00 -29.62 26.01
CA SER F 69 -20.19 -30.32 27.27
C SER F 69 -18.90 -31.00 27.69
N SER F 70 -18.22 -31.62 26.73
CA SER F 70 -16.96 -32.31 26.97
C SER F 70 -15.88 -31.34 27.48
N ALA F 71 -15.76 -30.18 26.85
CA ALA F 71 -14.76 -29.20 27.26
C ALA F 71 -14.97 -28.80 28.71
N ILE F 72 -16.23 -28.61 29.08
CA ILE F 72 -16.59 -28.22 30.44
C ILE F 72 -16.23 -29.31 31.45
N THR F 73 -16.65 -30.54 31.17
CA THR F 73 -16.42 -31.67 32.05
C THR F 73 -14.96 -32.12 32.21
N HIS F 74 -14.30 -32.38 31.08
CA HIS F 74 -12.93 -32.87 31.11
C HIS F 74 -11.82 -31.84 31.27
N TYR F 75 -12.07 -30.60 30.88
CA TYR F 75 -11.02 -29.59 30.96
C TYR F 75 -11.25 -28.37 31.85
N LEU F 76 -12.34 -27.64 31.62
CA LEU F 76 -12.62 -26.43 32.41
C LEU F 76 -12.93 -26.69 33.88
N THR F 77 -13.64 -27.76 34.18
CA THR F 77 -13.99 -28.05 35.56
C THR F 77 -12.74 -28.32 36.43
N PRO F 78 -11.89 -29.27 36.02
CA PRO F 78 -10.70 -29.52 36.84
C PRO F 78 -9.71 -28.35 36.85
N LEU F 79 -9.76 -27.52 35.82
CA LEU F 79 -8.88 -26.36 35.72
C LEU F 79 -9.29 -25.27 36.72
N LEU F 80 -10.60 -25.06 36.88
CA LEU F 80 -11.12 -24.01 37.75
C LEU F 80 -11.49 -24.38 39.18
N LYS F 81 -11.69 -25.66 39.45
CA LYS F 81 -12.07 -26.09 40.79
C LYS F 81 -10.98 -25.69 41.78
N GLY F 82 -11.36 -24.92 42.81
CA GLY F 82 -10.39 -24.50 43.80
C GLY F 82 -9.88 -23.07 43.63
N GLN F 83 -10.16 -22.47 42.48
CA GLN F 83 -9.72 -21.10 42.18
C GLN F 83 -10.72 -20.06 42.73
N PRO F 84 -10.21 -18.86 43.09
CA PRO F 84 -11.04 -17.77 43.60
C PRO F 84 -12.13 -17.43 42.59
N ALA F 85 -13.38 -17.56 43.01
CA ALA F 85 -14.54 -17.33 42.16
C ALA F 85 -14.91 -15.90 41.79
N ASP F 86 -14.41 -14.92 42.55
CA ASP F 86 -14.73 -13.53 42.27
C ASP F 86 -13.71 -12.81 41.39
N ASN F 87 -12.60 -13.46 41.09
CA ASN F 87 -11.57 -12.83 40.27
C ASN F 87 -11.74 -13.20 38.79
N LEU F 88 -12.67 -12.53 38.12
CA LEU F 88 -12.93 -12.82 36.72
C LEU F 88 -11.70 -12.67 35.82
N ASN F 89 -10.87 -11.66 36.08
CA ASN F 89 -9.67 -11.45 35.28
C ASN F 89 -8.67 -12.60 35.43
N ALA F 90 -8.47 -13.07 36.67
CA ALA F 90 -7.54 -14.17 36.91
C ALA F 90 -8.10 -15.47 36.31
N LEU F 91 -9.40 -15.69 36.48
CA LEU F 91 -10.04 -16.89 35.95
C LEU F 91 -9.98 -16.91 34.42
N THR F 92 -10.21 -15.75 33.80
CA THR F 92 -10.17 -15.65 32.35
C THR F 92 -8.75 -15.91 31.83
N ALA F 93 -7.76 -15.36 32.52
CA ALA F 93 -6.36 -15.55 32.12
C ALA F 93 -6.01 -17.03 32.21
N ARG F 94 -6.44 -17.69 33.28
CA ARG F 94 -6.17 -19.11 33.47
C ARG F 94 -6.85 -19.95 32.38
N MET F 95 -8.11 -19.64 32.09
CA MET F 95 -8.87 -20.35 31.06
C MET F 95 -8.24 -20.21 29.67
N ASN F 96 -7.96 -18.98 29.25
CA ASN F 96 -7.39 -18.75 27.94
C ASN F 96 -5.96 -19.24 27.82
N GLY F 97 -5.23 -19.26 28.94
CA GLY F 97 -3.87 -19.73 28.90
C GLY F 97 -3.81 -21.24 28.77
N ALA F 98 -4.77 -21.95 29.38
CA ALA F 98 -4.79 -23.40 29.35
C ALA F 98 -5.70 -24.04 28.31
N ILE F 99 -6.70 -23.30 27.83
CA ILE F 99 -7.64 -23.83 26.85
C ILE F 99 -7.70 -22.98 25.58
N LYS F 100 -7.37 -23.59 24.45
CA LYS F 100 -7.43 -22.90 23.16
C LYS F 100 -8.86 -22.96 22.63
N GLY F 101 -9.32 -21.85 22.04
CA GLY F 101 -10.67 -21.82 21.51
C GLY F 101 -11.73 -22.20 22.52
N ASN F 102 -12.70 -23.01 22.09
CA ASN F 102 -13.81 -23.44 22.96
C ASN F 102 -14.48 -22.26 23.67
N THR F 103 -14.70 -21.20 22.91
CA THR F 103 -15.32 -19.98 23.43
C THR F 103 -16.76 -20.20 23.88
N PHE F 104 -17.46 -21.16 23.27
CA PHE F 104 -18.83 -21.42 23.67
C PHE F 104 -18.87 -21.95 25.10
N ALA F 105 -17.98 -22.89 25.42
CA ALA F 105 -17.91 -23.46 26.77
C ALA F 105 -17.48 -22.39 27.77
N LYS F 106 -16.48 -21.59 27.39
CA LYS F 106 -16.00 -20.53 28.25
C LYS F 106 -17.11 -19.53 28.54
N SER F 107 -17.92 -19.26 27.52
CA SER F 107 -19.02 -18.31 27.66
C SER F 107 -20.02 -18.77 28.72
N ALA F 108 -20.33 -20.07 28.72
CA ALA F 108 -21.26 -20.62 29.71
C ALA F 108 -20.66 -20.46 31.11
N ILE F 109 -19.38 -20.78 31.23
CA ILE F 109 -18.68 -20.67 32.50
C ILE F 109 -18.64 -19.21 32.99
N GLU F 110 -18.19 -18.32 32.11
CA GLU F 110 -18.10 -16.90 32.47
C GLU F 110 -19.46 -16.38 32.92
N THR F 111 -20.51 -16.78 32.20
CA THR F 111 -21.85 -16.35 32.54
C THR F 111 -22.22 -16.78 33.97
N ALA F 112 -21.96 -18.04 34.29
CA ALA F 112 -22.26 -18.59 35.62
C ALA F 112 -21.47 -17.85 36.70
N LEU F 113 -20.21 -17.54 36.41
CA LEU F 113 -19.38 -16.81 37.37
C LEU F 113 -19.99 -15.45 37.67
N LEU F 114 -20.47 -14.77 36.63
CA LEU F 114 -21.08 -13.45 36.80
C LEU F 114 -22.42 -13.54 37.54
N ASP F 115 -23.20 -14.56 37.22
CA ASP F 115 -24.51 -14.78 37.85
C ASP F 115 -24.30 -14.93 39.36
N ALA F 116 -23.38 -15.81 39.73
CA ALA F 116 -23.05 -16.08 41.12
C ALA F 116 -22.50 -14.85 41.83
N GLN F 117 -21.58 -14.14 41.18
CA GLN F 117 -21.00 -12.95 41.77
C GLN F 117 -22.05 -11.87 41.96
N GLY F 118 -22.97 -11.76 41.01
CA GLY F 118 -24.02 -10.76 41.14
C GLY F 118 -24.91 -11.07 42.34
N LYS F 119 -25.15 -12.35 42.57
CA LYS F 119 -25.97 -12.77 43.71
C LYS F 119 -25.24 -12.48 45.01
N ALA F 120 -23.93 -12.70 45.01
CA ALA F 120 -23.11 -12.46 46.18
C ALA F 120 -23.10 -10.97 46.55
N LEU F 121 -23.16 -10.11 45.54
CA LEU F 121 -23.13 -8.68 45.77
C LEU F 121 -24.50 -8.01 45.73
N GLY F 122 -25.53 -8.76 45.36
CA GLY F 122 -26.87 -8.20 45.27
C GLY F 122 -26.98 -7.23 44.11
N LEU F 123 -26.30 -7.56 43.02
CA LEU F 123 -26.32 -6.71 41.83
C LEU F 123 -26.56 -7.50 40.55
N PRO F 124 -27.30 -6.91 39.60
CA PRO F 124 -27.56 -7.61 38.35
C PRO F 124 -26.25 -7.63 37.56
N VAL F 125 -26.08 -8.59 36.66
CA VAL F 125 -24.85 -8.68 35.89
C VAL F 125 -24.50 -7.37 35.17
N SER F 126 -25.51 -6.67 34.67
CA SER F 126 -25.24 -5.40 33.98
C SER F 126 -24.50 -4.41 34.87
N ALA F 127 -24.84 -4.37 36.15
CA ALA F 127 -24.17 -3.46 37.07
C ALA F 127 -22.73 -3.92 37.29
N LEU F 128 -22.52 -5.24 37.24
CA LEU F 128 -21.19 -5.79 37.40
C LEU F 128 -20.35 -5.37 36.18
N LEU F 129 -21.02 -5.19 35.05
CA LEU F 129 -20.34 -4.81 33.82
C LEU F 129 -20.23 -3.30 33.65
N GLY F 130 -20.43 -2.57 34.74
CA GLY F 130 -20.31 -1.13 34.73
C GLY F 130 -21.61 -0.33 34.75
N GLY F 131 -22.74 -1.01 34.57
CA GLY F 131 -24.02 -0.33 34.58
C GLY F 131 -24.72 -0.37 33.24
N ALA F 132 -26.04 -0.52 33.28
CA ALA F 132 -26.86 -0.58 32.07
C ALA F 132 -27.22 0.83 31.61
N LEU F 133 -27.07 1.08 30.31
CA LEU F 133 -27.41 2.38 29.74
C LEU F 133 -28.92 2.40 29.55
N GLN F 134 -29.51 1.22 29.39
CA GLN F 134 -30.95 1.06 29.22
C GLN F 134 -31.38 -0.30 29.73
N THR F 135 -32.61 -0.40 30.23
CA THR F 135 -33.12 -1.66 30.78
C THR F 135 -34.19 -2.29 29.90
N ALA F 136 -34.43 -1.69 28.75
CA ALA F 136 -35.39 -2.21 27.79
C ALA F 136 -34.61 -2.19 26.49
N LEU F 137 -34.41 -3.37 25.89
CA LEU F 137 -33.65 -3.45 24.65
C LEU F 137 -34.47 -3.85 23.45
N PRO F 138 -34.17 -3.27 22.28
CA PRO F 138 -34.90 -3.58 21.06
C PRO F 138 -34.56 -4.99 20.57
N VAL F 139 -35.56 -5.70 20.09
CA VAL F 139 -35.38 -7.05 19.56
C VAL F 139 -36.13 -7.17 18.23
N LEU F 140 -35.40 -7.46 17.16
CA LEU F 140 -36.04 -7.61 15.86
C LEU F 140 -36.54 -9.03 15.71
N TRP F 141 -37.15 -9.32 14.56
CA TRP F 141 -37.67 -10.66 14.30
C TRP F 141 -37.11 -11.16 12.98
N THR F 142 -36.78 -12.45 12.92
CA THR F 142 -36.24 -13.04 11.71
C THR F 142 -37.33 -13.72 10.91
N LEU F 143 -37.32 -13.51 9.59
CA LEU F 143 -38.29 -14.13 8.70
C LEU F 143 -37.55 -15.18 7.86
N ALA F 144 -37.85 -16.44 8.10
CA ALA F 144 -37.18 -17.51 7.36
C ALA F 144 -38.04 -18.76 7.25
N SER F 145 -39.32 -18.59 6.95
CA SER F 145 -40.24 -19.70 6.81
C SER F 145 -39.92 -20.47 5.53
N GLY F 146 -39.24 -19.79 4.60
CA GLY F 146 -38.89 -20.41 3.34
C GLY F 146 -39.87 -19.97 2.27
N ASP F 147 -41.04 -19.49 2.70
CA ASP F 147 -42.07 -19.02 1.78
C ASP F 147 -42.25 -17.50 1.89
N THR F 148 -42.07 -16.81 0.78
CA THR F 148 -42.20 -15.36 0.72
C THR F 148 -43.53 -14.86 1.30
N ALA F 149 -44.63 -15.47 0.88
CA ALA F 149 -45.95 -15.07 1.34
C ALA F 149 -46.10 -15.25 2.85
N LYS F 150 -45.55 -16.35 3.37
CA LYS F 150 -45.62 -16.61 4.79
C LYS F 150 -44.83 -15.57 5.58
N ASP F 151 -43.65 -15.21 5.08
CA ASP F 151 -42.81 -14.23 5.76
C ASP F 151 -43.50 -12.87 5.79
N ILE F 152 -44.04 -12.45 4.65
CA ILE F 152 -44.73 -11.17 4.58
C ILE F 152 -45.90 -11.14 5.54
N ALA F 153 -46.65 -12.24 5.59
CA ALA F 153 -47.80 -12.35 6.48
C ALA F 153 -47.34 -12.18 7.93
N GLU F 154 -46.29 -12.93 8.29
CA GLU F 154 -45.73 -12.88 9.63
C GLU F 154 -45.29 -11.47 9.99
N GLY F 155 -44.57 -10.83 9.07
CA GLY F 155 -44.08 -9.47 9.31
C GLY F 155 -45.21 -8.46 9.38
N GLU F 156 -46.31 -8.77 8.70
CA GLU F 156 -47.46 -7.87 8.69
C GLU F 156 -48.12 -7.87 10.07
N LYS F 157 -48.17 -9.05 10.68
CA LYS F 157 -48.77 -9.21 12.00
C LYS F 157 -48.06 -8.38 13.06
N LEU F 158 -46.79 -8.06 12.83
CA LEU F 158 -46.02 -7.28 13.78
C LEU F 158 -46.06 -5.77 13.49
N LEU F 159 -46.21 -5.42 12.22
CA LEU F 159 -46.28 -4.02 11.83
C LEU F 159 -47.68 -3.47 12.10
N ALA F 160 -48.61 -4.36 12.43
CA ALA F 160 -49.98 -3.97 12.71
C ALA F 160 -50.14 -3.47 14.13
N ARG F 165 -40.39 -3.55 14.37
CA ARG F 165 -40.09 -2.53 13.38
C ARG F 165 -38.85 -2.83 12.56
N ALA F 166 -38.19 -3.94 12.88
CA ALA F 166 -36.99 -4.36 12.15
C ALA F 166 -37.08 -5.85 11.87
N PHE F 167 -36.69 -6.25 10.66
CA PHE F 167 -36.73 -7.66 10.28
C PHE F 167 -35.43 -8.13 9.67
N LYS F 168 -35.06 -9.36 9.99
CA LYS F 168 -33.86 -9.98 9.46
C LYS F 168 -34.30 -11.14 8.57
N LEU F 169 -33.90 -11.09 7.30
CA LEU F 169 -34.27 -12.12 6.34
C LEU F 169 -33.11 -13.06 6.06
N LYS F 170 -33.34 -14.36 6.23
CA LYS F 170 -32.30 -15.33 5.94
C LYS F 170 -32.38 -15.71 4.47
N ILE F 171 -31.25 -15.66 3.78
CA ILE F 171 -31.19 -16.03 2.37
C ILE F 171 -29.87 -16.76 2.13
N GLY F 172 -29.65 -17.20 0.90
CA GLY F 172 -28.42 -17.91 0.58
C GLY F 172 -28.61 -19.40 0.35
N ALA F 173 -29.81 -19.91 0.60
CA ALA F 173 -30.07 -21.34 0.40
C ALA F 173 -30.64 -21.65 -0.97
N ARG F 174 -30.95 -20.61 -1.74
CA ARG F 174 -31.51 -20.80 -3.08
C ARG F 174 -30.66 -20.05 -4.10
N GLU F 175 -31.07 -20.12 -5.37
CA GLU F 175 -30.35 -19.42 -6.43
C GLU F 175 -30.38 -17.94 -6.08
N LEU F 176 -29.47 -17.15 -6.64
CA LEU F 176 -29.43 -15.72 -6.35
C LEU F 176 -30.70 -15.01 -6.81
N ALA F 177 -31.09 -15.25 -8.06
CA ALA F 177 -32.27 -14.61 -8.62
C ALA F 177 -33.51 -14.84 -7.74
N THR F 178 -33.71 -16.08 -7.31
CA THR F 178 -34.86 -16.39 -6.47
C THR F 178 -34.75 -15.70 -5.10
N ASP F 179 -33.56 -15.68 -4.52
CA ASP F 179 -33.38 -15.02 -3.23
C ASP F 179 -33.60 -13.52 -3.31
N LEU F 180 -33.16 -12.91 -4.41
CA LEU F 180 -33.34 -11.46 -4.58
C LEU F 180 -34.82 -11.11 -4.79
N ARG F 181 -35.55 -11.94 -5.53
CA ARG F 181 -36.96 -11.70 -5.76
C ARG F 181 -37.68 -11.80 -4.43
N HIS F 182 -37.31 -12.81 -3.66
CA HIS F 182 -37.88 -13.05 -2.33
C HIS F 182 -37.72 -11.80 -1.47
N THR F 183 -36.48 -11.30 -1.37
CA THR F 183 -36.19 -10.14 -0.55
C THR F 183 -36.88 -8.88 -1.09
N ARG F 184 -36.87 -8.70 -2.40
CA ARG F 184 -37.50 -7.52 -3.00
C ARG F 184 -38.99 -7.50 -2.66
N ALA F 185 -39.64 -8.66 -2.71
CA ALA F 185 -41.06 -8.74 -2.40
C ALA F 185 -41.31 -8.31 -0.95
N ILE F 186 -40.48 -8.82 -0.05
CA ILE F 186 -40.61 -8.49 1.36
C ILE F 186 -40.33 -7.02 1.61
N VAL F 187 -39.38 -6.46 0.87
CA VAL F 187 -39.04 -5.05 1.04
C VAL F 187 -40.19 -4.15 0.58
N GLU F 188 -40.82 -4.50 -0.54
CA GLU F 188 -41.92 -3.70 -1.06
C GLU F 188 -43.13 -3.75 -0.15
N ALA F 189 -43.34 -4.89 0.51
CA ALA F 189 -44.49 -5.05 1.40
C ALA F 189 -44.31 -4.52 2.82
N LEU F 190 -43.09 -4.62 3.36
CA LEU F 190 -42.84 -4.17 4.73
C LEU F 190 -41.79 -3.07 4.87
N GLY F 191 -40.89 -2.98 3.91
CA GLY F 191 -39.82 -2.00 3.96
C GLY F 191 -40.20 -0.55 4.20
N ASP F 192 -41.48 -0.23 4.10
CA ASP F 192 -41.93 1.14 4.30
C ASP F 192 -41.92 1.57 5.77
N ARG F 193 -42.40 0.69 6.64
CA ARG F 193 -42.46 0.98 8.06
C ARG F 193 -41.56 0.07 8.89
N ALA F 194 -40.51 -0.47 8.28
CA ALA F 194 -39.61 -1.35 9.01
C ALA F 194 -38.23 -1.46 8.37
N SER F 195 -37.22 -1.59 9.22
CA SER F 195 -35.85 -1.74 8.76
C SER F 195 -35.68 -3.16 8.27
N ILE F 196 -35.21 -3.31 7.04
CA ILE F 196 -35.02 -4.63 6.46
C ILE F 196 -33.54 -4.99 6.37
N ARG F 197 -33.15 -6.07 7.07
CA ARG F 197 -31.78 -6.54 7.03
C ARG F 197 -31.81 -7.96 6.48
N VAL F 198 -30.70 -8.41 5.90
CA VAL F 198 -30.63 -9.76 5.38
C VAL F 198 -29.37 -10.40 5.99
N ASP F 199 -29.33 -11.72 5.95
CA ASP F 199 -28.20 -12.49 6.47
C ASP F 199 -28.00 -13.64 5.48
N VAL F 200 -26.85 -13.64 4.80
CA VAL F 200 -26.55 -14.68 3.82
C VAL F 200 -25.75 -15.81 4.50
N ASN F 201 -25.39 -15.58 5.76
CA ASN F 201 -24.64 -16.55 6.56
C ASN F 201 -23.53 -17.29 5.79
N GLN F 202 -22.64 -16.52 5.15
CA GLN F 202 -21.50 -17.07 4.41
C GLN F 202 -21.78 -17.80 3.11
N ALA F 203 -23.02 -17.82 2.65
CA ALA F 203 -23.38 -18.58 1.45
C ALA F 203 -22.80 -18.16 0.10
N TRP F 204 -22.57 -16.87 -0.12
CA TRP F 204 -22.08 -16.43 -1.43
C TRP F 204 -20.59 -16.39 -1.72
N ASP F 205 -20.25 -16.81 -2.94
CA ASP F 205 -18.87 -16.76 -3.41
C ASP F 205 -18.68 -15.27 -3.68
N ALA F 206 -17.46 -14.86 -3.96
CA ALA F 206 -17.17 -13.44 -4.21
C ALA F 206 -17.97 -12.81 -5.37
N ALA F 207 -18.05 -13.51 -6.50
CA ALA F 207 -18.79 -12.98 -7.65
C ALA F 207 -20.29 -12.82 -7.37
N THR F 208 -20.89 -13.85 -6.76
CA THR F 208 -22.31 -13.79 -6.44
C THR F 208 -22.50 -12.72 -5.38
N GLY F 209 -21.54 -12.61 -4.46
CA GLY F 209 -21.63 -11.63 -3.40
C GLY F 209 -21.67 -10.18 -3.91
N ALA F 210 -20.82 -9.87 -4.89
CA ALA F 210 -20.80 -8.52 -5.44
C ALA F 210 -22.13 -8.20 -6.11
N LYS F 211 -22.61 -9.11 -6.96
CA LYS F 211 -23.89 -8.90 -7.64
C LYS F 211 -25.04 -8.81 -6.65
N GLY F 212 -25.17 -9.84 -5.81
CA GLY F 212 -26.24 -9.85 -4.82
C GLY F 212 -26.24 -8.61 -3.92
N CYS F 213 -25.06 -8.27 -3.38
CA CYS F 213 -24.98 -7.10 -2.50
C CYS F 213 -25.35 -5.80 -3.22
N ARG F 214 -24.97 -5.64 -4.49
CA ARG F 214 -25.33 -4.42 -5.22
C ARG F 214 -26.84 -4.33 -5.37
N GLU F 215 -27.47 -5.45 -5.70
CA GLU F 215 -28.93 -5.51 -5.87
C GLU F 215 -29.64 -5.22 -4.55
N LEU F 216 -29.12 -5.82 -3.47
CA LEU F 216 -29.70 -5.62 -2.15
C LEU F 216 -29.65 -4.15 -1.74
N ALA F 217 -28.49 -3.52 -1.91
CA ALA F 217 -28.35 -2.11 -1.54
C ALA F 217 -29.29 -1.25 -2.37
N ALA F 218 -29.38 -1.56 -3.67
CA ALA F 218 -30.24 -0.79 -4.58
C ALA F 218 -31.73 -0.87 -4.26
N MET F 219 -32.17 -2.00 -3.72
CA MET F 219 -33.59 -2.14 -3.37
C MET F 219 -33.92 -1.57 -1.99
N GLY F 220 -32.90 -1.05 -1.30
CA GLY F 220 -33.15 -0.44 -0.01
C GLY F 220 -32.84 -1.22 1.26
N VAL F 221 -32.17 -2.36 1.13
CA VAL F 221 -31.84 -3.14 2.32
C VAL F 221 -30.86 -2.32 3.18
N ASP F 222 -31.14 -2.26 4.49
CA ASP F 222 -30.35 -1.48 5.44
C ASP F 222 -29.06 -2.12 5.95
N LEU F 223 -29.00 -3.44 5.93
CA LEU F 223 -27.84 -4.14 6.44
C LEU F 223 -27.72 -5.51 5.80
N ILE F 224 -26.51 -5.86 5.36
CA ILE F 224 -26.28 -7.17 4.75
C ILE F 224 -25.29 -7.90 5.65
N GLU F 225 -25.73 -9.01 6.23
CA GLU F 225 -24.89 -9.76 7.15
C GLU F 225 -24.09 -10.89 6.49
N GLN F 226 -22.80 -10.94 6.83
CA GLN F 226 -21.86 -11.95 6.36
C GLN F 226 -22.20 -12.54 4.99
N PRO F 227 -22.18 -11.70 3.93
CA PRO F 227 -22.50 -12.18 2.58
C PRO F 227 -21.59 -13.26 2.03
N VAL F 228 -20.31 -13.20 2.40
CA VAL F 228 -19.33 -14.16 1.93
C VAL F 228 -18.75 -15.02 3.05
N SER F 229 -17.95 -16.02 2.68
CA SER F 229 -17.35 -16.92 3.65
C SER F 229 -16.33 -16.22 4.55
N ALA F 230 -16.17 -16.77 5.76
CA ALA F 230 -15.21 -16.25 6.72
C ALA F 230 -13.82 -16.59 6.20
N HIS F 231 -13.77 -17.46 5.18
CA HIS F 231 -12.51 -17.85 4.55
C HIS F 231 -12.09 -16.74 3.58
N ASP F 232 -12.97 -15.76 3.40
CA ASP F 232 -12.66 -14.67 2.48
C ASP F 232 -12.91 -13.30 3.08
N ASN F 233 -12.16 -12.95 4.12
CA ASN F 233 -12.31 -11.63 4.72
C ASN F 233 -11.91 -10.57 3.70
N ALA F 234 -11.03 -10.94 2.77
CA ALA F 234 -10.59 -10.00 1.75
C ALA F 234 -11.81 -9.52 0.96
N ALA F 235 -12.69 -10.45 0.60
CA ALA F 235 -13.88 -10.11 -0.16
C ALA F 235 -14.82 -9.29 0.71
N LEU F 236 -14.93 -9.65 1.98
CA LEU F 236 -15.80 -8.94 2.90
C LEU F 236 -15.38 -7.48 3.00
N VAL F 237 -14.08 -7.25 3.14
CA VAL F 237 -13.54 -5.90 3.24
C VAL F 237 -13.84 -5.13 1.96
N ARG F 238 -13.57 -5.75 0.82
CA ARG F 238 -13.83 -5.12 -0.48
C ARG F 238 -15.32 -4.73 -0.63
N LEU F 239 -16.21 -5.64 -0.27
CA LEU F 239 -17.64 -5.35 -0.35
C LEU F 239 -18.01 -4.19 0.59
N SER F 240 -17.46 -4.17 1.81
CA SER F 240 -17.79 -3.09 2.73
C SER F 240 -17.36 -1.74 2.18
N GLN F 241 -16.30 -1.74 1.36
CA GLN F 241 -15.79 -0.51 0.78
C GLN F 241 -16.45 -0.07 -0.53
N GLN F 242 -17.20 -0.97 -1.17
CA GLN F 242 -17.82 -0.64 -2.44
C GLN F 242 -19.36 -0.74 -2.49
N ILE F 243 -19.96 -1.52 -1.59
CA ILE F 243 -21.41 -1.69 -1.56
C ILE F 243 -22.08 -0.50 -0.89
N GLU F 244 -23.14 0.00 -1.51
CA GLU F 244 -23.84 1.17 -1.00
C GLU F 244 -24.91 0.97 0.08
N THR F 245 -24.58 0.18 1.09
CA THR F 245 -25.42 -0.03 2.25
C THR F 245 -24.49 -0.66 3.27
N ALA F 246 -24.91 -0.76 4.53
CA ALA F 246 -24.05 -1.31 5.56
C ALA F 246 -23.86 -2.83 5.54
N ILE F 247 -22.66 -3.27 5.89
CA ILE F 247 -22.32 -4.70 5.96
C ILE F 247 -22.12 -5.04 7.44
N LEU F 248 -22.61 -6.20 7.85
CA LEU F 248 -22.49 -6.65 9.24
C LEU F 248 -21.65 -7.93 9.24
N ALA F 249 -20.53 -7.90 9.97
CA ALA F 249 -19.68 -9.07 10.04
C ALA F 249 -20.16 -9.97 11.18
N ASP F 250 -20.21 -11.28 10.91
CA ASP F 250 -20.60 -12.22 11.95
C ASP F 250 -19.47 -13.23 12.10
N GLU F 251 -19.54 -14.34 11.37
CA GLU F 251 -18.50 -15.37 11.47
C GLU F 251 -17.07 -14.84 11.26
N ALA F 252 -16.94 -13.73 10.54
CA ALA F 252 -15.63 -13.15 10.27
C ALA F 252 -14.96 -12.56 11.51
N VAL F 253 -15.74 -12.34 12.56
CA VAL F 253 -15.21 -11.74 13.79
C VAL F 253 -15.82 -12.39 15.02
N ALA F 254 -14.97 -13.03 15.83
CA ALA F 254 -15.44 -13.68 17.05
C ALA F 254 -14.86 -13.03 18.30
N THR F 255 -13.53 -12.85 18.30
CA THR F 255 -12.82 -12.27 19.43
C THR F 255 -12.33 -10.87 19.14
N ALA F 256 -11.80 -10.20 20.17
CA ALA F 256 -11.26 -8.85 20.01
C ALA F 256 -10.10 -8.87 19.03
N TYR F 257 -9.38 -9.99 18.96
CA TYR F 257 -8.25 -10.10 18.02
C TYR F 257 -8.76 -10.01 16.59
N ASP F 258 -9.78 -10.81 16.27
CA ASP F 258 -10.38 -10.81 14.95
C ASP F 258 -10.90 -9.41 14.67
N GLY F 259 -11.52 -8.82 15.69
CA GLY F 259 -12.10 -7.49 15.55
C GLY F 259 -11.09 -6.44 15.15
N TYR F 260 -9.91 -6.49 15.77
CA TYR F 260 -8.86 -5.53 15.47
C TYR F 260 -8.33 -5.79 14.05
N GLN F 261 -8.02 -7.05 13.76
CA GLN F 261 -7.48 -7.44 12.46
C GLN F 261 -8.37 -7.01 11.30
N LEU F 262 -9.66 -7.30 11.41
CA LEU F 262 -10.60 -6.95 10.35
C LEU F 262 -10.69 -5.44 10.14
N ALA F 263 -10.77 -4.68 11.22
CA ALA F 263 -10.85 -3.23 11.13
C ALA F 263 -9.57 -2.64 10.53
N GLN F 264 -8.44 -3.19 10.94
CA GLN F 264 -7.15 -2.72 10.45
C GLN F 264 -7.02 -2.96 8.95
N GLN F 265 -7.68 -4.03 8.48
CA GLN F 265 -7.66 -4.40 7.06
C GLN F 265 -8.48 -3.44 6.20
N GLY F 266 -9.33 -2.65 6.85
CA GLY F 266 -10.14 -1.70 6.10
C GLY F 266 -11.63 -1.94 6.12
N PHE F 267 -12.08 -2.92 6.88
CA PHE F 267 -13.52 -3.19 6.94
C PHE F 267 -14.26 -2.03 7.60
N THR F 268 -15.37 -1.64 6.99
CA THR F 268 -16.20 -0.59 7.54
C THR F 268 -17.62 -1.14 7.59
N GLY F 269 -18.29 -0.93 8.71
CA GLY F 269 -19.64 -1.43 8.87
C GLY F 269 -19.92 -1.71 10.33
N ALA F 270 -20.40 -2.91 10.63
CA ALA F 270 -20.71 -3.30 11.99
C ALA F 270 -20.31 -4.73 12.32
N TYR F 271 -20.24 -5.03 13.61
CA TYR F 271 -19.91 -6.37 14.07
C TYR F 271 -21.09 -6.98 14.84
N ALA F 272 -21.36 -8.25 14.60
CA ALA F 272 -22.42 -8.95 15.30
C ALA F 272 -21.77 -9.54 16.56
N LEU F 273 -21.92 -8.84 17.68
CA LEU F 273 -21.34 -9.32 18.93
C LEU F 273 -22.15 -10.53 19.44
N LYS F 274 -21.44 -11.58 19.87
CA LYS F 274 -22.09 -12.76 20.44
C LYS F 274 -21.22 -13.27 21.59
N ILE F 275 -21.83 -13.46 22.76
CA ILE F 275 -21.04 -13.93 23.89
C ILE F 275 -20.41 -15.29 23.61
N ALA F 276 -21.09 -16.14 22.84
CA ALA F 276 -20.56 -17.46 22.51
C ALA F 276 -19.27 -17.37 21.69
N LYS F 277 -19.22 -16.41 20.77
CA LYS F 277 -18.05 -16.24 19.94
C LYS F 277 -16.85 -15.67 20.70
N ALA F 278 -17.10 -14.77 21.63
CA ALA F 278 -16.01 -14.12 22.37
C ALA F 278 -15.61 -14.80 23.68
N GLY F 279 -16.50 -15.61 24.26
CA GLY F 279 -16.15 -16.27 25.50
C GLY F 279 -16.89 -15.75 26.70
N GLY F 280 -18.02 -15.07 26.47
CA GLY F 280 -18.80 -14.59 27.60
C GLY F 280 -19.28 -13.14 27.57
N PRO F 281 -20.14 -12.78 28.53
CA PRO F 281 -20.71 -11.43 28.67
C PRO F 281 -19.65 -10.37 28.94
N ASN F 282 -18.59 -10.75 29.63
CA ASN F 282 -17.51 -9.80 29.93
C ASN F 282 -16.49 -9.79 28.80
N SER F 283 -16.06 -10.98 28.38
CA SER F 283 -15.08 -11.10 27.31
C SER F 283 -15.50 -10.37 26.03
N VAL F 284 -16.80 -10.41 25.71
CA VAL F 284 -17.30 -9.77 24.51
C VAL F 284 -17.13 -8.25 24.54
N LEU F 285 -17.05 -7.67 25.74
CA LEU F 285 -16.91 -6.22 25.86
C LEU F 285 -15.59 -5.72 25.29
N ALA F 286 -14.56 -6.56 25.30
CA ALA F 286 -13.26 -6.16 24.74
C ALA F 286 -13.41 -5.98 23.23
N LEU F 287 -14.17 -6.86 22.59
CA LEU F 287 -14.40 -6.75 21.14
C LEU F 287 -15.18 -5.47 20.88
N ALA F 288 -16.19 -5.23 21.70
CA ALA F 288 -17.02 -4.04 21.56
C ALA F 288 -16.19 -2.76 21.61
N ARG F 289 -15.25 -2.69 22.54
CA ARG F 289 -14.42 -1.49 22.67
C ARG F 289 -13.46 -1.34 21.49
N VAL F 290 -12.92 -2.45 21.01
CA VAL F 290 -12.02 -2.39 19.87
C VAL F 290 -12.84 -1.85 18.69
N ALA F 291 -14.05 -2.36 18.53
CA ALA F 291 -14.92 -1.90 17.46
C ALA F 291 -15.18 -0.40 17.58
N GLN F 292 -15.54 0.04 18.79
CA GLN F 292 -15.81 1.47 18.98
C GLN F 292 -14.59 2.32 18.68
N ALA F 293 -13.40 1.86 19.10
CA ALA F 293 -12.18 2.62 18.84
C ALA F 293 -11.95 2.79 17.35
N ALA F 294 -12.33 1.77 16.58
CA ALA F 294 -12.14 1.77 15.13
C ALA F 294 -13.32 2.38 14.35
N GLY F 295 -14.35 2.83 15.06
CA GLY F 295 -15.49 3.40 14.37
C GLY F 295 -16.42 2.36 13.75
N ILE F 296 -16.38 1.13 14.27
CA ILE F 296 -17.23 0.05 13.78
C ILE F 296 -18.51 -0.01 14.62
N GLY F 297 -19.67 -0.07 13.96
CA GLY F 297 -20.94 -0.12 14.66
C GLY F 297 -21.20 -1.45 15.37
N LEU F 298 -22.08 -1.44 16.38
CA LEU F 298 -22.38 -2.64 17.16
C LEU F 298 -23.80 -3.22 16.98
N TYR F 299 -23.89 -4.53 17.12
CA TYR F 299 -25.14 -5.28 16.99
C TYR F 299 -25.15 -6.43 18.00
N GLY F 300 -26.25 -6.55 18.75
CA GLY F 300 -26.36 -7.63 19.74
C GLY F 300 -26.83 -8.92 19.12
N GLY F 301 -25.90 -9.82 18.79
CA GLY F 301 -26.22 -11.08 18.15
C GLY F 301 -26.56 -12.26 19.05
N THR F 302 -27.08 -13.31 18.43
CA THR F 302 -27.49 -14.51 19.17
C THR F 302 -27.13 -15.80 18.44
N MET F 303 -27.08 -16.90 19.19
CA MET F 303 -26.83 -18.22 18.60
C MET F 303 -28.13 -18.98 18.86
N LEU F 304 -29.20 -18.22 19.10
CA LEU F 304 -30.53 -18.75 19.39
C LEU F 304 -30.55 -19.43 20.74
N GLU F 305 -29.97 -18.74 21.73
CA GLU F 305 -29.90 -19.22 23.10
C GLU F 305 -31.29 -19.26 23.72
N GLY F 306 -31.42 -20.01 24.81
CA GLY F 306 -32.67 -20.07 25.53
C GLY F 306 -32.68 -18.85 26.43
N THR F 307 -33.47 -18.86 27.49
CA THR F 307 -33.56 -17.72 28.40
C THR F 307 -32.24 -17.35 29.09
N VAL F 308 -31.52 -18.36 29.59
CA VAL F 308 -30.26 -18.11 30.28
C VAL F 308 -29.22 -17.41 29.41
N GLY F 309 -28.89 -17.99 28.26
CA GLY F 309 -27.91 -17.39 27.38
C GLY F 309 -28.35 -16.06 26.81
N THR F 310 -29.66 -15.91 26.60
CA THR F 310 -30.21 -14.67 26.07
C THR F 310 -30.12 -13.54 27.09
N VAL F 311 -30.53 -13.79 28.33
CA VAL F 311 -30.45 -12.73 29.33
C VAL F 311 -28.98 -12.38 29.61
N ALA F 312 -28.11 -13.37 29.58
CA ALA F 312 -26.67 -13.13 29.81
C ALA F 312 -26.16 -12.15 28.75
N SER F 313 -26.56 -12.35 27.49
CA SER F 313 -26.14 -11.48 26.41
C SER F 313 -26.73 -10.10 26.63
N LEU F 314 -28.01 -10.08 26.99
CA LEU F 314 -28.74 -8.85 27.25
C LEU F 314 -28.07 -7.97 28.31
N HIS F 315 -27.56 -8.58 29.37
CA HIS F 315 -26.89 -7.81 30.42
C HIS F 315 -25.69 -7.06 29.84
N ALA F 316 -24.97 -7.74 28.94
CA ALA F 316 -23.80 -7.12 28.30
C ALA F 316 -24.24 -6.05 27.32
N TRP F 317 -25.22 -6.37 26.48
CA TRP F 317 -25.70 -5.43 25.48
C TRP F 317 -26.22 -4.13 26.12
N SER F 318 -26.78 -4.24 27.32
CA SER F 318 -27.33 -3.07 28.01
C SER F 318 -26.30 -1.99 28.31
N THR F 319 -25.02 -2.37 28.40
CA THR F 319 -23.97 -1.42 28.69
C THR F 319 -23.40 -0.71 27.45
N LEU F 320 -23.90 -1.08 26.28
CA LEU F 320 -23.37 -0.53 25.05
C LEU F 320 -24.35 0.17 24.11
N PRO F 321 -23.87 1.14 23.34
CA PRO F 321 -24.77 1.81 22.40
C PRO F 321 -24.81 0.86 21.20
N LEU F 322 -25.97 0.28 20.91
CA LEU F 322 -26.09 -0.67 19.82
C LEU F 322 -26.88 -0.06 18.67
N GLN F 323 -26.14 0.57 17.75
CA GLN F 323 -26.76 1.23 16.61
C GLN F 323 -27.73 0.33 15.86
N TRP F 324 -27.39 -0.94 15.71
CA TRP F 324 -28.23 -1.86 14.96
C TRP F 324 -29.23 -2.72 15.73
N GLY F 325 -29.40 -2.44 17.02
CA GLY F 325 -30.34 -3.19 17.85
C GLY F 325 -29.83 -4.57 18.22
N THR F 326 -30.75 -5.50 18.49
CA THR F 326 -30.37 -6.88 18.84
C THR F 326 -31.36 -7.85 18.20
N GLU F 327 -30.99 -9.13 18.22
CA GLU F 327 -31.80 -10.21 17.68
C GLU F 327 -31.96 -11.25 18.80
N MET F 328 -32.16 -10.78 20.02
CA MET F 328 -32.29 -11.68 21.16
C MET F 328 -33.71 -12.23 21.33
N PHE F 329 -34.17 -12.94 20.30
CA PHE F 329 -35.51 -13.54 20.30
C PHE F 329 -35.47 -15.06 20.44
N GLY F 330 -34.32 -15.60 20.81
CA GLY F 330 -34.19 -17.04 20.97
C GLY F 330 -35.27 -17.74 21.80
N PRO F 331 -35.61 -17.22 22.99
CA PRO F 331 -36.63 -17.85 23.83
C PRO F 331 -37.99 -17.99 23.13
N LEU F 332 -38.33 -16.99 22.33
CA LEU F 332 -39.60 -16.96 21.59
C LEU F 332 -39.74 -18.10 20.59
N LEU F 333 -38.65 -18.83 20.32
CA LEU F 333 -38.71 -19.94 19.38
C LEU F 333 -38.96 -21.27 20.09
N LEU F 334 -38.89 -21.25 21.41
CA LEU F 334 -39.08 -22.46 22.19
C LEU F 334 -40.48 -22.64 22.75
N LYS F 335 -40.91 -23.89 22.84
CA LYS F 335 -42.22 -24.18 23.40
C LYS F 335 -42.07 -24.26 24.91
N ASP F 336 -40.83 -24.51 25.35
CA ASP F 336 -40.54 -24.61 26.78
C ASP F 336 -39.05 -24.37 26.99
N ASP F 337 -38.70 -23.95 28.20
CA ASP F 337 -37.30 -23.67 28.56
C ASP F 337 -37.02 -24.31 29.90
N ILE F 338 -35.82 -24.08 30.44
CA ILE F 338 -35.46 -24.65 31.73
C ILE F 338 -35.35 -23.64 32.88
N VAL F 339 -35.98 -22.48 32.71
CA VAL F 339 -35.97 -21.46 33.74
C VAL F 339 -37.36 -21.42 34.40
N SER F 340 -37.44 -20.94 35.63
CA SER F 340 -38.72 -20.89 36.33
C SER F 340 -39.61 -19.76 35.78
N VAL F 341 -38.99 -18.64 35.40
CA VAL F 341 -39.74 -17.51 34.86
C VAL F 341 -39.01 -16.93 33.64
N PRO F 342 -39.68 -16.90 32.47
CA PRO F 342 -39.04 -16.34 31.27
C PRO F 342 -39.00 -14.82 31.24
N LEU F 343 -38.28 -14.28 30.26
CA LEU F 343 -38.17 -12.84 30.11
C LEU F 343 -39.49 -12.35 29.52
N THR F 344 -39.77 -11.07 29.70
CA THR F 344 -41.00 -10.51 29.17
C THR F 344 -40.68 -9.70 27.91
N PHE F 345 -41.24 -10.14 26.78
CA PHE F 345 -41.05 -9.47 25.50
C PHE F 345 -42.32 -8.70 25.17
N ALA F 346 -42.18 -7.48 24.65
CA ALA F 346 -43.33 -6.66 24.28
C ALA F 346 -42.94 -5.49 23.38
N ASP F 347 -43.80 -5.19 22.42
CA ASP F 347 -43.60 -4.09 21.49
C ASP F 347 -42.17 -4.05 20.93
N GLY F 348 -41.74 -5.17 20.36
CA GLY F 348 -40.40 -5.24 19.77
C GLY F 348 -39.26 -4.96 20.74
N GLN F 349 -39.48 -5.23 22.02
CA GLN F 349 -38.47 -5.01 23.04
C GLN F 349 -38.49 -6.11 24.07
N VAL F 350 -37.47 -6.12 24.92
CA VAL F 350 -37.36 -7.10 25.99
C VAL F 350 -36.92 -6.34 27.24
N ALA F 351 -37.50 -6.68 28.38
CA ALA F 351 -37.16 -6.04 29.64
C ALA F 351 -35.98 -6.76 30.27
N LEU F 352 -34.96 -6.01 30.66
CA LEU F 352 -33.78 -6.59 31.29
C LEU F 352 -33.96 -6.66 32.79
N PRO F 353 -33.92 -7.87 33.37
CA PRO F 353 -34.10 -7.97 34.82
C PRO F 353 -33.03 -7.14 35.52
N GLN F 354 -33.34 -6.59 36.68
CA GLN F 354 -32.36 -5.81 37.43
C GLN F 354 -32.24 -6.30 38.86
N THR F 355 -32.54 -7.58 39.07
CA THR F 355 -32.42 -8.21 40.38
C THR F 355 -31.00 -8.81 40.42
N PRO F 356 -30.59 -9.39 41.57
CA PRO F 356 -29.24 -9.97 41.67
C PRO F 356 -28.90 -11.05 40.63
N GLY F 357 -27.71 -10.95 40.04
CA GLY F 357 -27.28 -11.92 39.06
C GLY F 357 -27.93 -11.75 37.70
N LEU F 358 -28.15 -12.86 37.00
CA LEU F 358 -28.78 -12.82 35.68
C LEU F 358 -30.24 -12.39 35.79
N GLY F 359 -30.86 -12.70 36.91
CA GLY F 359 -32.26 -12.35 37.09
C GLY F 359 -33.20 -13.48 36.70
N VAL F 360 -32.64 -14.66 36.45
CA VAL F 360 -33.46 -15.82 36.11
C VAL F 360 -33.03 -16.99 36.98
N GLU F 361 -33.94 -17.94 37.17
CA GLU F 361 -33.68 -19.10 38.01
C GLU F 361 -33.88 -20.41 37.26
N LEU F 362 -33.07 -21.39 37.62
CA LEU F 362 -33.11 -22.71 37.02
C LEU F 362 -34.33 -23.49 37.56
N ASP F 363 -35.17 -24.02 36.66
CA ASP F 363 -36.32 -24.82 37.08
C ASP F 363 -35.79 -26.24 37.07
N GLU F 364 -35.36 -26.73 38.23
CA GLU F 364 -34.80 -28.07 38.32
C GLU F 364 -35.68 -29.19 37.76
N ASP F 365 -37.00 -29.08 37.91
CA ASP F 365 -37.87 -30.13 37.40
C ASP F 365 -37.78 -30.19 35.88
N LYS F 366 -37.83 -29.04 35.23
CA LYS F 366 -37.74 -29.00 33.78
C LYS F 366 -36.35 -29.38 33.33
N LEU F 367 -35.34 -28.94 34.07
CA LEU F 367 -33.96 -29.25 33.72
C LEU F 367 -33.81 -30.77 33.56
N HIS F 368 -34.22 -31.51 34.58
CA HIS F 368 -34.11 -32.96 34.55
C HIS F 368 -35.00 -33.59 33.48
N PHE F 369 -36.18 -33.03 33.29
CA PHE F 369 -37.12 -33.55 32.30
C PHE F 369 -36.55 -33.49 30.89
N TYR F 370 -35.98 -32.35 30.52
CA TYR F 370 -35.43 -32.17 29.18
C TYR F 370 -33.96 -32.58 29.01
N THR F 371 -33.32 -33.00 30.10
CA THR F 371 -31.92 -33.42 30.01
C THR F 371 -31.83 -34.62 29.08
N ARG F 372 -30.81 -34.63 28.22
CA ARG F 372 -30.63 -35.71 27.25
C ARG F 372 -30.21 -37.04 27.84
N GLN F 373 -29.11 -37.05 28.59
CA GLN F 373 -28.62 -38.30 29.19
C GLN F 373 -29.35 -38.64 30.48
N ALA G 5 5.59 -51.09 -13.87
CA ALA G 5 5.59 -50.81 -15.33
C ALA G 5 6.31 -49.52 -15.65
N THR G 6 6.96 -49.48 -16.81
CA THR G 6 7.68 -48.30 -17.25
C THR G 6 7.16 -47.83 -18.60
N VAL G 7 7.51 -46.61 -18.99
CA VAL G 7 7.08 -46.10 -20.27
C VAL G 7 8.01 -46.72 -21.31
N GLU G 8 7.45 -47.65 -22.09
CA GLU G 8 8.22 -48.37 -23.10
C GLU G 8 8.34 -47.60 -24.40
N GLN G 9 7.27 -46.93 -24.80
CA GLN G 9 7.29 -46.19 -26.05
C GLN G 9 6.32 -45.03 -26.09
N ILE G 10 6.67 -44.02 -26.89
CA ILE G 10 5.85 -42.83 -27.06
C ILE G 10 5.78 -42.50 -28.54
N GLU G 11 4.55 -42.47 -29.06
CA GLU G 11 4.30 -42.15 -30.46
C GLU G 11 3.46 -40.88 -30.53
N SER G 12 3.63 -40.11 -31.61
CA SER G 12 2.85 -38.90 -31.78
C SER G 12 2.59 -38.64 -33.26
N TRP G 13 1.47 -37.99 -33.55
CA TRP G 13 1.12 -37.67 -34.92
C TRP G 13 0.44 -36.31 -34.98
N ILE G 14 0.67 -35.59 -36.07
CA ILE G 14 0.01 -34.31 -36.26
C ILE G 14 -1.14 -34.73 -37.17
N VAL G 15 -2.36 -34.59 -36.67
CA VAL G 15 -3.54 -34.97 -37.43
C VAL G 15 -4.38 -33.77 -37.84
N ASP G 16 -4.62 -33.64 -39.14
CA ASP G 16 -5.43 -32.54 -39.65
C ASP G 16 -6.82 -33.07 -39.99
N VAL G 17 -7.80 -32.67 -39.22
CA VAL G 17 -9.18 -33.12 -39.41
C VAL G 17 -10.09 -31.99 -39.89
N PRO G 18 -11.08 -32.32 -40.74
CA PRO G 18 -12.02 -31.34 -41.28
C PRO G 18 -13.00 -30.82 -40.24
N THR G 19 -13.37 -29.55 -40.36
CA THR G 19 -14.32 -28.94 -39.45
C THR G 19 -15.62 -28.65 -40.20
N ILE G 20 -16.68 -28.39 -39.45
CA ILE G 20 -17.97 -28.09 -40.06
C ILE G 20 -17.91 -26.73 -40.76
N CYS G 32 -10.06 -26.99 -41.53
CA CYS G 32 -9.16 -27.92 -40.85
C CYS G 32 -8.77 -27.50 -39.43
N GLN G 33 -8.56 -28.50 -38.58
CA GLN G 33 -8.12 -28.29 -37.20
C GLN G 33 -6.98 -29.27 -36.99
N SER G 34 -5.84 -28.76 -36.53
CA SER G 34 -4.68 -29.62 -36.34
C SER G 34 -4.53 -30.09 -34.90
N LEU G 35 -4.53 -31.40 -34.73
CA LEU G 35 -4.40 -32.00 -33.41
C LEU G 35 -3.11 -32.77 -33.33
N VAL G 36 -2.45 -32.72 -32.17
CA VAL G 36 -1.24 -33.50 -32.00
C VAL G 36 -1.66 -34.63 -31.07
N ILE G 37 -1.71 -35.84 -31.63
CA ILE G 37 -2.12 -37.01 -30.86
C ILE G 37 -0.93 -37.82 -30.39
N VAL G 38 -1.03 -38.34 -29.17
CA VAL G 38 0.05 -39.15 -28.62
C VAL G 38 -0.44 -40.50 -28.12
N ARG G 39 0.39 -41.53 -28.29
CA ARG G 39 0.08 -42.87 -27.81
C ARG G 39 1.31 -43.28 -27.01
N LEU G 40 1.10 -43.62 -25.74
CA LEU G 40 2.19 -44.03 -24.87
C LEU G 40 1.98 -45.48 -24.49
N THR G 41 3.02 -46.28 -24.65
CA THR G 41 2.93 -47.71 -24.33
C THR G 41 3.74 -48.07 -23.09
N ARG G 42 3.07 -48.71 -22.14
CA ARG G 42 3.73 -49.14 -20.91
C ARG G 42 4.39 -50.50 -21.14
N SER G 43 5.36 -50.83 -20.29
CA SER G 43 6.06 -52.10 -20.41
C SER G 43 5.11 -53.27 -20.18
N ASP G 44 3.97 -53.02 -19.53
CA ASP G 44 3.01 -54.08 -19.28
C ASP G 44 1.96 -54.20 -20.38
N GLY G 45 2.27 -53.65 -21.55
CA GLY G 45 1.36 -53.74 -22.68
C GLY G 45 0.19 -52.78 -22.75
N ILE G 46 -0.10 -52.06 -21.67
CA ILE G 46 -1.22 -51.14 -21.69
C ILE G 46 -0.84 -49.82 -22.36
N CYS G 47 -1.73 -49.34 -23.23
CA CYS G 47 -1.50 -48.09 -23.96
C CYS G 47 -2.45 -46.99 -23.50
N GLY G 48 -1.98 -45.75 -23.62
CA GLY G 48 -2.81 -44.62 -23.25
C GLY G 48 -2.60 -43.56 -24.32
N ILE G 49 -3.63 -42.77 -24.60
CA ILE G 49 -3.49 -41.73 -25.61
C ILE G 49 -3.77 -40.34 -25.03
N GLY G 50 -3.24 -39.32 -25.70
CA GLY G 50 -3.43 -37.95 -25.25
C GLY G 50 -3.53 -37.02 -26.45
N GLU G 51 -3.92 -35.78 -26.20
CA GLU G 51 -4.06 -34.79 -27.26
C GLU G 51 -3.62 -33.40 -26.83
N ALA G 52 -2.96 -32.69 -27.74
CA ALA G 52 -2.48 -31.33 -27.51
C ALA G 52 -2.89 -30.58 -28.78
N THR G 53 -3.80 -29.64 -28.64
CA THR G 53 -4.29 -28.87 -29.76
C THR G 53 -4.36 -27.38 -29.44
N THR G 54 -4.29 -26.56 -30.48
CA THR G 54 -4.37 -25.12 -30.32
C THR G 54 -5.14 -24.59 -31.52
N ILE G 55 -5.18 -23.28 -31.68
CA ILE G 55 -5.86 -22.71 -32.83
C ILE G 55 -5.03 -21.61 -33.46
N GLY G 56 -5.16 -21.46 -34.78
CA GLY G 56 -4.44 -20.44 -35.50
C GLY G 56 -2.93 -20.56 -35.56
N GLY G 57 -2.41 -21.77 -35.37
CA GLY G 57 -0.97 -21.96 -35.43
C GLY G 57 -0.26 -21.21 -34.32
N LEU G 58 0.17 -19.98 -34.62
CA LEU G 58 0.85 -19.15 -33.62
C LEU G 58 0.11 -17.84 -33.38
N SER G 59 -1.12 -17.75 -33.90
CA SER G 59 -1.93 -16.54 -33.77
C SER G 59 -2.53 -16.33 -32.37
N TYR G 60 -2.79 -17.41 -31.66
CA TYR G 60 -3.40 -17.31 -30.33
C TYR G 60 -2.53 -17.77 -29.17
N GLY G 61 -1.47 -18.51 -29.48
CA GLY G 61 -0.58 -19.01 -28.45
C GLY G 61 0.83 -19.14 -28.99
N VAL G 62 1.80 -19.36 -28.10
CA VAL G 62 3.19 -19.48 -28.51
C VAL G 62 3.59 -20.90 -28.94
N GLU G 63 2.73 -21.87 -28.71
CA GLU G 63 3.00 -23.25 -29.06
C GLU G 63 2.19 -23.68 -30.29
N SER G 64 2.89 -23.97 -31.38
CA SER G 64 2.24 -24.40 -32.62
C SER G 64 2.16 -25.93 -32.65
N PRO G 65 1.34 -26.49 -33.56
CA PRO G 65 1.22 -27.94 -33.64
C PRO G 65 2.58 -28.58 -33.94
N GLU G 66 3.33 -27.97 -34.86
CA GLU G 66 4.66 -28.49 -35.21
C GLU G 66 5.66 -28.37 -34.07
N ALA G 67 5.55 -27.33 -33.25
CA ALA G 67 6.47 -27.15 -32.14
C ALA G 67 6.09 -28.13 -31.03
N ILE G 68 4.79 -28.37 -30.88
CA ILE G 68 4.29 -29.30 -29.87
C ILE G 68 4.77 -30.69 -30.25
N SER G 69 4.66 -31.02 -31.53
CA SER G 69 5.07 -32.33 -32.03
C SER G 69 6.57 -32.51 -31.83
N SER G 70 7.31 -31.42 -32.05
CA SER G 70 8.77 -31.40 -31.90
C SER G 70 9.18 -31.66 -30.46
N ALA G 71 8.53 -30.98 -29.52
CA ALA G 71 8.84 -31.15 -28.10
C ALA G 71 8.66 -32.59 -27.66
N ILE G 72 7.61 -33.24 -28.14
CA ILE G 72 7.32 -34.63 -27.79
C ILE G 72 8.36 -35.59 -28.36
N THR G 73 8.60 -35.49 -29.66
CA THR G 73 9.55 -36.35 -30.35
C THR G 73 11.01 -36.16 -29.92
N HIS G 74 11.49 -34.93 -29.94
CA HIS G 74 12.88 -34.65 -29.59
C HIS G 74 13.24 -34.53 -28.12
N TYR G 75 12.29 -34.14 -27.28
CA TYR G 75 12.63 -33.95 -25.88
C TYR G 75 11.88 -34.81 -24.86
N LEU G 76 10.56 -34.83 -24.93
CA LEU G 76 9.79 -35.61 -23.97
C LEU G 76 9.98 -37.12 -24.10
N THR G 77 10.07 -37.62 -25.32
CA THR G 77 10.23 -39.06 -25.53
C THR G 77 11.53 -39.62 -24.95
N PRO G 78 12.69 -39.11 -25.38
CA PRO G 78 13.92 -39.66 -24.81
C PRO G 78 14.04 -39.43 -23.30
N LEU G 79 13.42 -38.36 -22.82
CA LEU G 79 13.46 -38.04 -21.41
C LEU G 79 12.59 -38.99 -20.56
N LEU G 80 11.47 -39.43 -21.12
CA LEU G 80 10.56 -40.30 -20.38
C LEU G 80 10.72 -41.80 -20.60
N LYS G 81 11.20 -42.21 -21.77
CA LYS G 81 11.38 -43.63 -22.04
C LYS G 81 12.22 -44.32 -20.96
N GLY G 82 11.67 -45.39 -20.40
CA GLY G 82 12.39 -46.12 -19.37
C GLY G 82 11.99 -45.75 -17.96
N GLN G 83 11.26 -44.65 -17.80
CA GLN G 83 10.83 -44.21 -16.47
C GLN G 83 9.59 -44.95 -15.99
N PRO G 84 9.46 -45.14 -14.66
CA PRO G 84 8.30 -45.81 -14.08
C PRO G 84 7.06 -45.02 -14.51
N ALA G 85 6.13 -45.70 -15.19
CA ALA G 85 4.93 -45.05 -15.73
C ALA G 85 3.79 -44.67 -14.78
N ASP G 86 3.78 -45.19 -13.57
CA ASP G 86 2.71 -44.89 -12.64
C ASP G 86 2.96 -43.71 -11.71
N ASN G 87 4.22 -43.34 -11.55
CA ASN G 87 4.58 -42.24 -10.66
C ASN G 87 4.34 -40.88 -11.31
N LEU G 88 3.10 -40.42 -11.24
CA LEU G 88 2.71 -39.13 -11.80
C LEU G 88 3.56 -37.98 -11.28
N ASN G 89 3.78 -37.94 -9.96
CA ASN G 89 4.56 -36.87 -9.35
C ASN G 89 6.02 -36.87 -9.77
N ALA G 90 6.64 -38.05 -9.82
CA ALA G 90 8.04 -38.14 -10.23
C ALA G 90 8.17 -37.76 -11.70
N LEU G 91 7.23 -38.22 -12.52
CA LEU G 91 7.26 -37.92 -13.95
C LEU G 91 7.08 -36.43 -14.22
N THR G 92 6.20 -35.79 -13.46
CA THR G 92 5.94 -34.37 -13.62
C THR G 92 7.17 -33.55 -13.23
N ALA G 93 7.81 -33.94 -12.12
CA ALA G 93 8.99 -33.24 -11.65
C ALA G 93 10.09 -33.36 -12.70
N ARG G 94 10.22 -34.56 -13.26
CA ARG G 94 11.23 -34.81 -14.28
C ARG G 94 10.96 -33.95 -15.52
N MET G 95 9.71 -33.96 -15.98
CA MET G 95 9.34 -33.18 -17.15
C MET G 95 9.59 -31.67 -16.91
N ASN G 96 9.12 -31.15 -15.79
CA ASN G 96 9.29 -29.73 -15.51
C ASN G 96 10.72 -29.32 -15.18
N GLY G 97 11.52 -30.26 -14.70
CA GLY G 97 12.90 -29.94 -14.38
C GLY G 97 13.78 -29.91 -15.62
N ALA G 98 13.43 -30.69 -16.63
CA ALA G 98 14.22 -30.76 -17.85
C ALA G 98 13.69 -29.93 -19.00
N ILE G 99 12.40 -29.62 -18.97
CA ILE G 99 11.77 -28.86 -20.05
C ILE G 99 11.00 -27.65 -19.54
N LYS G 100 11.40 -26.47 -19.99
CA LYS G 100 10.74 -25.24 -19.61
C LYS G 100 9.52 -25.00 -20.50
N GLY G 101 8.43 -24.57 -19.88
CA GLY G 101 7.21 -24.32 -20.64
C GLY G 101 6.73 -25.53 -21.42
N ASN G 102 6.31 -25.32 -22.65
CA ASN G 102 5.80 -26.39 -23.50
C ASN G 102 4.72 -27.19 -22.77
N THR G 103 3.78 -26.47 -22.15
CA THR G 103 2.70 -27.10 -21.41
C THR G 103 1.72 -27.88 -22.29
N PHE G 104 1.58 -27.49 -23.55
CA PHE G 104 0.68 -28.19 -24.46
C PHE G 104 1.19 -29.62 -24.68
N ALA G 105 2.49 -29.75 -24.94
CA ALA G 105 3.09 -31.06 -25.16
C ALA G 105 2.98 -31.87 -23.87
N LYS G 106 3.30 -31.24 -22.74
CA LYS G 106 3.24 -31.93 -21.45
C LYS G 106 1.83 -32.41 -21.15
N SER G 107 0.83 -31.63 -21.55
CA SER G 107 -0.56 -32.00 -21.32
C SER G 107 -0.92 -33.30 -22.04
N ALA G 108 -0.49 -33.42 -23.30
CA ALA G 108 -0.77 -34.63 -24.07
C ALA G 108 -0.14 -35.84 -23.40
N ILE G 109 1.11 -35.71 -22.98
CA ILE G 109 1.82 -36.79 -22.31
C ILE G 109 1.12 -37.18 -21.00
N GLU G 110 0.85 -36.18 -20.16
CA GLU G 110 0.19 -36.43 -18.88
C GLU G 110 -1.15 -37.10 -19.10
N THR G 111 -1.85 -36.68 -20.15
CA THR G 111 -3.16 -37.27 -20.45
C THR G 111 -2.98 -38.75 -20.77
N ALA G 112 -2.02 -39.05 -21.64
CA ALA G 112 -1.75 -40.44 -22.02
C ALA G 112 -1.41 -41.29 -20.80
N LEU G 113 -0.57 -40.75 -19.92
CA LEU G 113 -0.17 -41.47 -18.72
C LEU G 113 -1.38 -41.81 -17.84
N LEU G 114 -2.31 -40.87 -17.73
CA LEU G 114 -3.51 -41.08 -16.93
C LEU G 114 -4.43 -42.12 -17.58
N ASP G 115 -4.59 -42.03 -18.90
CA ASP G 115 -5.44 -42.98 -19.63
C ASP G 115 -4.92 -44.40 -19.41
N ALA G 116 -3.62 -44.59 -19.59
CA ALA G 116 -2.99 -45.89 -19.42
C ALA G 116 -3.12 -46.41 -17.99
N GLN G 117 -2.83 -45.54 -17.01
CA GLN G 117 -2.94 -45.93 -15.61
C GLN G 117 -4.38 -46.28 -15.26
N GLY G 118 -5.35 -45.59 -15.88
CA GLY G 118 -6.74 -45.87 -15.62
C GLY G 118 -7.14 -47.24 -16.12
N LYS G 119 -6.69 -47.58 -17.32
CA LYS G 119 -6.99 -48.89 -17.89
C LYS G 119 -6.34 -49.97 -17.03
N ALA G 120 -5.14 -49.70 -16.52
CA ALA G 120 -4.42 -50.64 -15.68
C ALA G 120 -5.13 -50.95 -14.37
N LEU G 121 -5.83 -49.95 -13.84
CA LEU G 121 -6.54 -50.12 -12.58
C LEU G 121 -8.05 -50.33 -12.77
N GLY G 122 -8.51 -50.18 -14.00
CA GLY G 122 -9.93 -50.35 -14.28
C GLY G 122 -10.73 -49.19 -13.74
N LEU G 123 -10.15 -48.00 -13.79
CA LEU G 123 -10.80 -46.80 -13.28
C LEU G 123 -10.81 -45.65 -14.28
N PRO G 124 -11.88 -44.84 -14.29
CA PRO G 124 -11.92 -43.72 -15.22
C PRO G 124 -10.93 -42.68 -14.67
N VAL G 125 -10.37 -41.85 -15.54
CA VAL G 125 -9.41 -40.85 -15.10
C VAL G 125 -9.94 -40.02 -13.93
N SER G 126 -11.24 -39.70 -13.96
CA SER G 126 -11.85 -38.91 -12.89
C SER G 126 -11.65 -39.55 -11.51
N ALA G 127 -11.69 -40.87 -11.45
CA ALA G 127 -11.51 -41.57 -10.18
C ALA G 127 -10.04 -41.47 -9.75
N LEU G 128 -9.15 -41.46 -10.73
CA LEU G 128 -7.71 -41.34 -10.47
C LEU G 128 -7.45 -39.97 -9.85
N LEU G 129 -8.27 -39.00 -10.23
CA LEU G 129 -8.10 -37.63 -9.75
C LEU G 129 -8.91 -37.36 -8.48
N GLY G 130 -9.29 -38.44 -7.79
CA GLY G 130 -10.03 -38.31 -6.54
C GLY G 130 -11.52 -38.57 -6.57
N GLY G 131 -12.10 -38.68 -7.75
CA GLY G 131 -13.53 -38.94 -7.85
C GLY G 131 -14.30 -37.81 -8.50
N ALA G 132 -15.33 -38.16 -9.26
CA ALA G 132 -16.14 -37.16 -9.94
C ALA G 132 -17.28 -36.66 -9.06
N LEU G 133 -17.49 -35.36 -9.06
CA LEU G 133 -18.56 -34.75 -8.29
C LEU G 133 -19.86 -34.92 -9.06
N GLN G 134 -19.72 -34.98 -10.38
CA GLN G 134 -20.86 -35.16 -11.27
C GLN G 134 -20.37 -35.87 -12.52
N THR G 135 -21.26 -36.60 -13.19
CA THR G 135 -20.90 -37.35 -14.38
C THR G 135 -21.48 -36.79 -15.67
N ALA G 136 -22.14 -35.64 -15.56
CA ALA G 136 -22.71 -34.93 -16.69
C ALA G 136 -22.29 -33.47 -16.45
N LEU G 137 -21.69 -32.84 -17.44
CA LEU G 137 -21.23 -31.46 -17.30
C LEU G 137 -21.87 -30.48 -18.27
N PRO G 138 -22.10 -29.24 -17.82
CA PRO G 138 -22.71 -28.20 -18.64
C PRO G 138 -21.71 -27.81 -19.73
N VAL G 139 -22.22 -27.58 -20.94
CA VAL G 139 -21.38 -27.18 -22.06
C VAL G 139 -22.09 -26.05 -22.81
N LEU G 140 -21.47 -24.88 -22.82
CA LEU G 140 -22.05 -23.74 -23.50
C LEU G 140 -21.65 -23.79 -24.97
N TRP G 141 -22.17 -22.84 -25.75
CA TRP G 141 -21.84 -22.78 -27.16
C TRP G 141 -21.33 -21.38 -27.47
N THR G 142 -20.30 -21.30 -28.29
CA THR G 142 -19.72 -20.01 -28.65
C THR G 142 -20.27 -19.50 -29.98
N LEU G 143 -20.63 -18.21 -29.99
CA LEU G 143 -21.15 -17.55 -31.19
C LEU G 143 -20.05 -16.63 -31.69
N ALA G 144 -19.47 -16.96 -32.84
CA ALA G 144 -18.38 -16.14 -33.39
C ALA G 144 -18.37 -16.06 -34.92
N SER G 145 -19.54 -16.05 -35.54
CA SER G 145 -19.63 -15.96 -37.00
C SER G 145 -19.19 -14.59 -37.47
N GLY G 146 -19.23 -13.62 -36.57
CA GLY G 146 -18.85 -12.27 -36.92
C GLY G 146 -20.07 -11.52 -37.40
N ASP G 147 -21.19 -12.24 -37.57
CA ASP G 147 -22.43 -11.65 -38.03
C ASP G 147 -23.56 -11.82 -37.01
N THR G 148 -24.14 -10.70 -36.58
CA THR G 148 -25.22 -10.73 -35.60
C THR G 148 -26.40 -11.62 -36.01
N ALA G 149 -26.80 -11.53 -37.28
CA ALA G 149 -27.93 -12.33 -37.75
C ALA G 149 -27.59 -13.81 -37.66
N LYS G 150 -26.39 -14.17 -38.12
CA LYS G 150 -25.96 -15.57 -38.09
C LYS G 150 -25.84 -16.09 -36.66
N ASP G 151 -25.32 -15.26 -35.76
CA ASP G 151 -25.17 -15.68 -34.36
C ASP G 151 -26.52 -15.95 -33.73
N ILE G 152 -27.49 -15.07 -33.97
CA ILE G 152 -28.83 -15.25 -33.42
C ILE G 152 -29.48 -16.52 -34.00
N ALA G 153 -29.30 -16.73 -35.29
CA ALA G 153 -29.86 -17.91 -35.96
C ALA G 153 -29.37 -19.18 -35.30
N GLU G 154 -28.06 -19.26 -35.10
CA GLU G 154 -27.46 -20.43 -34.46
C GLU G 154 -27.90 -20.53 -33.01
N GLY G 155 -28.01 -19.39 -32.34
CA GLY G 155 -28.44 -19.40 -30.96
C GLY G 155 -29.86 -19.88 -30.82
N GLU G 156 -30.73 -19.44 -31.73
CA GLU G 156 -32.13 -19.82 -31.70
C GLU G 156 -32.37 -21.34 -31.73
N LYS G 157 -31.81 -22.01 -32.74
CA LYS G 157 -31.99 -23.45 -32.87
C LYS G 157 -31.21 -24.27 -31.86
N LEU G 158 -30.91 -23.68 -30.72
CA LEU G 158 -30.18 -24.37 -29.65
C LEU G 158 -30.92 -24.14 -28.34
N LEU G 159 -31.95 -23.30 -28.39
CA LEU G 159 -32.76 -23.01 -27.21
C LEU G 159 -34.18 -23.52 -27.42
N ALA G 160 -34.39 -24.26 -28.50
CA ALA G 160 -35.69 -24.81 -28.83
C ALA G 160 -36.33 -25.52 -27.63
N ARG G 165 -27.89 -23.75 -22.92
CA ARG G 165 -28.59 -22.75 -22.12
C ARG G 165 -27.66 -21.58 -21.80
N ALA G 166 -26.44 -21.63 -22.35
CA ALA G 166 -25.46 -20.57 -22.15
C ALA G 166 -24.69 -20.32 -23.44
N PHE G 167 -24.39 -19.05 -23.69
CA PHE G 167 -23.66 -18.66 -24.90
C PHE G 167 -22.49 -17.74 -24.61
N LYS G 168 -21.39 -17.99 -25.31
CA LYS G 168 -20.18 -17.19 -25.17
C LYS G 168 -20.02 -16.44 -26.50
N LEU G 169 -20.07 -15.11 -26.43
CA LEU G 169 -19.95 -14.29 -27.63
C LEU G 169 -18.55 -13.74 -27.86
N LYS G 170 -17.99 -14.02 -29.02
CA LYS G 170 -16.66 -13.54 -29.36
C LYS G 170 -16.74 -12.12 -29.91
N ILE G 171 -15.97 -11.20 -29.33
CA ILE G 171 -15.94 -9.81 -29.79
C ILE G 171 -14.51 -9.28 -29.71
N GLY G 172 -14.32 -8.02 -30.09
CA GLY G 172 -12.99 -7.43 -30.04
C GLY G 172 -12.34 -7.26 -31.40
N ALA G 173 -13.05 -7.60 -32.46
CA ALA G 173 -12.51 -7.49 -33.82
C ALA G 173 -13.02 -6.26 -34.55
N ARG G 174 -14.09 -5.67 -34.03
CA ARG G 174 -14.70 -4.48 -34.65
C ARG G 174 -14.52 -3.29 -33.73
N GLU G 175 -15.13 -2.17 -34.10
CA GLU G 175 -15.07 -0.96 -33.29
C GLU G 175 -15.97 -1.22 -32.09
N LEU G 176 -15.57 -0.70 -30.92
CA LEU G 176 -16.34 -0.90 -29.70
C LEU G 176 -17.84 -0.74 -29.89
N ALA G 177 -18.24 0.35 -30.53
CA ALA G 177 -19.65 0.64 -30.74
C ALA G 177 -20.40 -0.48 -31.46
N THR G 178 -19.82 -0.99 -32.54
CA THR G 178 -20.49 -2.05 -33.27
C THR G 178 -20.51 -3.36 -32.48
N ASP G 179 -19.45 -3.63 -31.72
CA ASP G 179 -19.41 -4.85 -30.93
C ASP G 179 -20.42 -4.83 -29.80
N LEU G 180 -20.65 -3.66 -29.22
CA LEU G 180 -21.63 -3.53 -28.15
C LEU G 180 -23.04 -3.70 -28.67
N ARG G 181 -23.31 -3.16 -29.85
CA ARG G 181 -24.65 -3.29 -30.44
C ARG G 181 -24.86 -4.75 -30.85
N HIS G 182 -23.78 -5.42 -31.22
CA HIS G 182 -23.83 -6.83 -31.60
C HIS G 182 -24.23 -7.66 -30.38
N THR G 183 -23.56 -7.41 -29.25
CA THR G 183 -23.84 -8.14 -28.04
C THR G 183 -25.19 -7.76 -27.44
N ARG G 184 -25.59 -6.51 -27.61
CA ARG G 184 -26.88 -6.06 -27.09
C ARG G 184 -27.98 -6.79 -27.86
N ALA G 185 -27.79 -6.95 -29.17
CA ALA G 185 -28.77 -7.63 -30.01
C ALA G 185 -28.91 -9.10 -29.61
N ILE G 186 -27.79 -9.74 -29.28
CA ILE G 186 -27.82 -11.14 -28.90
C ILE G 186 -28.40 -11.32 -27.49
N VAL G 187 -28.12 -10.39 -26.59
CA VAL G 187 -28.66 -10.47 -25.24
C VAL G 187 -30.17 -10.33 -25.34
N GLU G 188 -30.62 -9.49 -26.28
CA GLU G 188 -32.04 -9.25 -26.50
C GLU G 188 -32.70 -10.53 -26.99
N ALA G 189 -32.17 -11.10 -28.06
CA ALA G 189 -32.70 -12.31 -28.67
C ALA G 189 -32.69 -13.51 -27.70
N LEU G 190 -31.51 -13.86 -27.20
CA LEU G 190 -31.38 -14.97 -26.27
C LEU G 190 -31.53 -14.39 -24.86
N GLY G 191 -32.63 -13.65 -24.69
CA GLY G 191 -32.93 -12.99 -23.43
C GLY G 191 -32.84 -13.74 -22.12
N ASP G 192 -34.00 -13.99 -21.52
CA ASP G 192 -34.08 -14.67 -20.24
C ASP G 192 -34.04 -16.19 -20.30
N ARG G 193 -33.56 -16.76 -21.40
CA ARG G 193 -33.50 -18.21 -21.47
C ARG G 193 -32.08 -18.75 -21.68
N ALA G 194 -31.09 -17.92 -21.39
CA ALA G 194 -29.69 -18.33 -21.54
C ALA G 194 -28.71 -17.35 -20.90
N SER G 195 -27.62 -17.88 -20.36
CA SER G 195 -26.58 -17.07 -19.73
C SER G 195 -25.73 -16.52 -20.86
N ILE G 196 -25.51 -15.20 -20.84
CA ILE G 196 -24.71 -14.56 -21.89
C ILE G 196 -23.34 -14.09 -21.38
N ARG G 197 -22.29 -14.62 -21.97
CA ARG G 197 -20.93 -14.24 -21.62
C ARG G 197 -20.25 -13.71 -22.87
N VAL G 198 -19.18 -12.95 -22.69
CA VAL G 198 -18.45 -12.45 -23.83
C VAL G 198 -16.97 -12.76 -23.62
N ASP G 199 -16.24 -12.84 -24.73
CA ASP G 199 -14.82 -13.09 -24.69
C ASP G 199 -14.19 -12.09 -25.64
N VAL G 200 -13.33 -11.23 -25.11
CA VAL G 200 -12.67 -10.20 -25.90
C VAL G 200 -11.30 -10.72 -26.31
N ASN G 201 -10.87 -11.80 -25.68
CA ASN G 201 -9.58 -12.43 -25.96
C ASN G 201 -8.42 -11.43 -26.11
N GLN G 202 -8.24 -10.59 -25.09
CA GLN G 202 -7.16 -9.60 -25.03
C GLN G 202 -7.20 -8.42 -26.00
N ALA G 203 -8.29 -8.25 -26.73
CA ALA G 203 -8.36 -7.19 -27.74
C ALA G 203 -8.39 -5.74 -27.29
N TRP G 204 -9.01 -5.46 -26.17
CA TRP G 204 -9.12 -4.08 -25.72
C TRP G 204 -7.98 -3.43 -24.97
N ASP G 205 -7.74 -2.17 -25.30
CA ASP G 205 -6.73 -1.37 -24.62
C ASP G 205 -7.44 -1.03 -23.31
N ALA G 206 -6.71 -0.49 -22.34
CA ALA G 206 -7.29 -0.17 -21.04
C ALA G 206 -8.50 0.76 -21.10
N ALA G 207 -8.43 1.83 -21.90
CA ALA G 207 -9.52 2.78 -22.01
C ALA G 207 -10.78 2.17 -22.62
N THR G 208 -10.61 1.48 -23.74
CA THR G 208 -11.72 0.83 -24.42
C THR G 208 -12.30 -0.22 -23.48
N GLY G 209 -11.40 -0.89 -22.74
CA GLY G 209 -11.82 -1.91 -21.81
C GLY G 209 -12.76 -1.40 -20.72
N ALA G 210 -12.44 -0.25 -20.14
CA ALA G 210 -13.28 0.32 -19.10
C ALA G 210 -14.66 0.69 -19.64
N LYS G 211 -14.70 1.38 -20.77
CA LYS G 211 -15.98 1.77 -21.36
C LYS G 211 -16.78 0.54 -21.80
N GLY G 212 -16.11 -0.35 -22.52
CA GLY G 212 -16.78 -1.56 -22.99
C GLY G 212 -17.31 -2.41 -21.86
N CYS G 213 -16.48 -2.64 -20.85
CA CYS G 213 -16.90 -3.47 -19.72
C CYS G 213 -18.05 -2.86 -18.95
N ARG G 214 -18.07 -1.54 -18.79
CA ARG G 214 -19.18 -0.91 -18.07
C ARG G 214 -20.48 -1.10 -18.83
N GLU G 215 -20.45 -0.92 -20.15
CA GLU G 215 -21.64 -1.09 -20.99
C GLU G 215 -22.11 -2.54 -20.99
N LEU G 216 -21.17 -3.48 -21.04
CA LEU G 216 -21.53 -4.89 -21.05
C LEU G 216 -22.24 -5.27 -19.76
N ALA G 217 -21.70 -4.82 -18.63
CA ALA G 217 -22.30 -5.12 -17.34
C ALA G 217 -23.68 -4.48 -17.28
N ALA G 218 -23.77 -3.25 -17.75
CA ALA G 218 -25.03 -2.51 -17.74
C ALA G 218 -26.13 -3.22 -18.55
N MET G 219 -25.74 -3.89 -19.64
CA MET G 219 -26.73 -4.57 -20.45
C MET G 219 -27.07 -5.97 -19.95
N GLY G 220 -26.38 -6.41 -18.88
CA GLY G 220 -26.68 -7.71 -18.31
C GLY G 220 -25.80 -8.90 -18.63
N VAL G 221 -24.64 -8.68 -19.25
CA VAL G 221 -23.74 -9.79 -19.55
C VAL G 221 -23.30 -10.38 -18.21
N ASP G 222 -23.28 -11.71 -18.11
CA ASP G 222 -22.92 -12.37 -16.87
C ASP G 222 -21.43 -12.53 -16.59
N LEU G 223 -20.63 -12.56 -17.65
CA LEU G 223 -19.20 -12.76 -17.51
C LEU G 223 -18.43 -12.16 -18.68
N ILE G 224 -17.35 -11.46 -18.38
CA ILE G 224 -16.52 -10.84 -19.42
C ILE G 224 -15.15 -11.49 -19.33
N GLU G 225 -14.78 -12.22 -20.38
CA GLU G 225 -13.51 -12.93 -20.44
C GLU G 225 -12.36 -12.15 -21.05
N GLN G 226 -11.22 -12.15 -20.35
CA GLN G 226 -9.98 -11.51 -20.76
C GLN G 226 -10.20 -10.25 -21.64
N PRO G 227 -10.81 -9.20 -21.08
CA PRO G 227 -11.05 -7.98 -21.86
C PRO G 227 -9.79 -7.26 -22.35
N VAL G 228 -8.71 -7.31 -21.57
CA VAL G 228 -7.47 -6.65 -21.94
C VAL G 228 -6.32 -7.66 -22.12
N SER G 229 -5.18 -7.17 -22.59
CA SER G 229 -4.01 -8.02 -22.81
C SER G 229 -3.47 -8.64 -21.53
N ALA G 230 -2.83 -9.80 -21.67
CA ALA G 230 -2.23 -10.47 -20.52
C ALA G 230 -0.99 -9.69 -20.12
N HIS G 231 -0.62 -8.71 -20.96
CA HIS G 231 0.54 -7.84 -20.70
C HIS G 231 0.12 -6.76 -19.73
N ASP G 232 -1.18 -6.68 -19.47
CA ASP G 232 -1.69 -5.67 -18.57
C ASP G 232 -2.58 -6.27 -17.48
N ASN G 233 -2.00 -7.11 -16.64
CA ASN G 233 -2.77 -7.71 -15.54
C ASN G 233 -3.23 -6.62 -14.58
N ALA G 234 -2.46 -5.52 -14.52
CA ALA G 234 -2.82 -4.41 -13.65
C ALA G 234 -4.19 -3.87 -14.06
N ALA G 235 -4.44 -3.77 -15.36
CA ALA G 235 -5.73 -3.27 -15.86
C ALA G 235 -6.82 -4.30 -15.54
N LEU G 236 -6.50 -5.58 -15.69
CA LEU G 236 -7.43 -6.65 -15.42
C LEU G 236 -7.86 -6.62 -13.95
N VAL G 237 -6.90 -6.46 -13.05
CA VAL G 237 -7.22 -6.39 -11.63
C VAL G 237 -8.13 -5.20 -11.36
N ARG G 238 -7.78 -4.05 -11.94
CA ARG G 238 -8.54 -2.82 -11.77
C ARG G 238 -9.98 -3.01 -12.25
N LEU G 239 -10.14 -3.54 -13.46
CA LEU G 239 -11.47 -3.78 -14.00
C LEU G 239 -12.26 -4.73 -13.10
N SER G 240 -11.61 -5.76 -12.57
CA SER G 240 -12.31 -6.72 -11.73
C SER G 240 -12.85 -6.07 -10.46
N GLN G 241 -12.19 -5.00 -10.01
CA GLN G 241 -12.63 -4.32 -8.80
C GLN G 241 -13.65 -3.20 -9.03
N GLN G 242 -13.82 -2.77 -10.28
CA GLN G 242 -14.76 -1.69 -10.56
C GLN G 242 -15.94 -2.03 -11.46
N ILE G 243 -15.77 -3.00 -12.35
CA ILE G 243 -16.84 -3.41 -13.26
C ILE G 243 -17.92 -4.19 -12.52
N GLU G 244 -19.19 -3.84 -12.77
CA GLU G 244 -20.30 -4.48 -12.09
C GLU G 244 -20.84 -5.80 -12.64
N THR G 245 -19.91 -6.69 -12.99
CA THR G 245 -20.25 -8.03 -13.43
C THR G 245 -18.95 -8.82 -13.31
N ALA G 246 -19.04 -10.14 -13.44
CA ALA G 246 -17.87 -10.99 -13.29
C ALA G 246 -16.86 -10.95 -14.43
N ILE G 247 -15.58 -11.02 -14.07
CA ILE G 247 -14.49 -11.03 -15.04
C ILE G 247 -13.85 -12.42 -15.01
N LEU G 248 -13.51 -12.94 -16.18
CA LEU G 248 -12.88 -14.24 -16.29
C LEU G 248 -11.49 -14.07 -16.87
N ALA G 249 -10.47 -14.56 -16.17
CA ALA G 249 -9.10 -14.46 -16.65
C ALA G 249 -8.78 -15.72 -17.46
N ASP G 250 -8.19 -15.54 -18.63
CA ASP G 250 -7.80 -16.68 -19.46
C ASP G 250 -6.30 -16.61 -19.68
N GLU G 251 -5.87 -15.87 -20.70
CA GLU G 251 -4.43 -15.76 -20.96
C GLU G 251 -3.62 -15.23 -19.78
N ALA G 252 -4.26 -14.49 -18.88
CA ALA G 252 -3.56 -13.95 -17.72
C ALA G 252 -3.16 -15.04 -16.72
N VAL G 253 -3.81 -16.21 -16.78
CA VAL G 253 -3.48 -17.28 -15.85
C VAL G 253 -3.37 -18.64 -16.53
N ALA G 254 -2.19 -19.23 -16.46
CA ALA G 254 -1.97 -20.54 -17.07
C ALA G 254 -1.62 -21.60 -16.02
N THR G 255 -0.67 -21.25 -15.17
CA THR G 255 -0.17 -22.14 -14.12
C THR G 255 -0.63 -21.71 -12.73
N ALA G 256 -0.33 -22.56 -11.74
CA ALA G 256 -0.68 -22.26 -10.36
C ALA G 256 0.08 -21.02 -9.90
N TYR G 257 1.28 -20.82 -10.44
CA TYR G 257 2.09 -19.66 -10.07
C TYR G 257 1.33 -18.41 -10.48
N ASP G 258 0.87 -18.37 -11.73
CA ASP G 258 0.10 -17.23 -12.23
C ASP G 258 -1.15 -17.00 -11.42
N GLY G 259 -1.84 -18.10 -11.10
CA GLY G 259 -3.08 -18.02 -10.34
C GLY G 259 -2.91 -17.37 -8.98
N TYR G 260 -1.83 -17.74 -8.29
CA TYR G 260 -1.56 -17.17 -6.97
C TYR G 260 -1.23 -15.69 -7.12
N GLN G 261 -0.31 -15.40 -8.04
CA GLN G 261 0.15 -14.04 -8.31
C GLN G 261 -1.00 -13.09 -8.63
N LEU G 262 -1.86 -13.49 -9.56
CA LEU G 262 -2.99 -12.64 -9.94
C LEU G 262 -3.93 -12.42 -8.77
N ALA G 263 -4.19 -13.48 -7.99
CA ALA G 263 -5.10 -13.37 -6.85
C ALA G 263 -4.51 -12.45 -5.78
N GLN G 264 -3.22 -12.63 -5.50
CA GLN G 264 -2.52 -11.83 -4.51
C GLN G 264 -2.55 -10.35 -4.87
N GLN G 265 -2.57 -10.07 -6.16
CA GLN G 265 -2.61 -8.72 -6.70
C GLN G 265 -3.96 -8.05 -6.46
N GLY G 266 -4.98 -8.87 -6.17
CA GLY G 266 -6.29 -8.31 -5.90
C GLY G 266 -7.34 -8.65 -6.95
N PHE G 267 -7.02 -9.52 -7.89
CA PHE G 267 -8.00 -9.90 -8.89
C PHE G 267 -9.15 -10.64 -8.25
N THR G 268 -10.38 -10.28 -8.62
CA THR G 268 -11.53 -11.00 -8.08
C THR G 268 -12.39 -11.41 -9.27
N GLY G 269 -12.82 -12.67 -9.27
CA GLY G 269 -13.62 -13.18 -10.36
C GLY G 269 -13.41 -14.67 -10.57
N ALA G 270 -13.12 -15.07 -11.80
CA ALA G 270 -12.92 -16.47 -12.12
C ALA G 270 -11.73 -16.73 -13.05
N TYR G 271 -11.28 -17.98 -13.07
CA TYR G 271 -10.17 -18.37 -13.94
C TYR G 271 -10.62 -19.42 -14.96
N ALA G 272 -10.14 -19.30 -16.19
CA ALA G 272 -10.48 -20.26 -17.21
C ALA G 272 -9.43 -21.37 -17.17
N LEU G 273 -9.75 -22.47 -16.50
CA LEU G 273 -8.83 -23.59 -16.39
C LEU G 273 -8.74 -24.29 -17.75
N LYS G 274 -7.52 -24.62 -18.16
CA LYS G 274 -7.29 -25.33 -19.42
C LYS G 274 -6.11 -26.27 -19.20
N ILE G 275 -6.30 -27.56 -19.49
CA ILE G 275 -5.22 -28.52 -19.29
C ILE G 275 -3.99 -28.16 -20.10
N ALA G 276 -4.20 -27.56 -21.28
CA ALA G 276 -3.08 -27.18 -22.14
C ALA G 276 -2.19 -26.11 -21.50
N LYS G 277 -2.80 -25.14 -20.84
CA LYS G 277 -2.04 -24.06 -20.19
C LYS G 277 -1.27 -24.54 -18.96
N ALA G 278 -1.85 -25.47 -18.22
CA ALA G 278 -1.25 -25.97 -16.99
C ALA G 278 -0.34 -27.18 -17.13
N GLY G 279 -0.50 -27.95 -18.20
CA GLY G 279 0.36 -29.11 -18.37
C GLY G 279 -0.33 -30.45 -18.22
N GLY G 280 -1.67 -30.46 -18.29
CA GLY G 280 -2.39 -31.71 -18.19
C GLY G 280 -3.53 -31.75 -17.19
N PRO G 281 -4.37 -32.80 -17.22
CA PRO G 281 -5.53 -33.02 -16.34
C PRO G 281 -5.18 -33.08 -14.86
N ASN G 282 -3.96 -33.53 -14.56
CA ASN G 282 -3.58 -33.60 -13.16
C ASN G 282 -2.96 -32.26 -12.75
N SER G 283 -2.02 -31.78 -13.56
CA SER G 283 -1.35 -30.52 -13.27
C SER G 283 -2.31 -29.34 -13.09
N VAL G 284 -3.38 -29.29 -13.88
CA VAL G 284 -4.32 -28.19 -13.78
C VAL G 284 -5.03 -28.13 -12.42
N LEU G 285 -5.09 -29.26 -11.70
CA LEU G 285 -5.76 -29.27 -10.40
C LEU G 285 -5.09 -28.38 -9.37
N ALA G 286 -3.77 -28.21 -9.48
CA ALA G 286 -3.03 -27.35 -8.55
C ALA G 286 -3.57 -25.92 -8.67
N LEU G 287 -3.71 -25.44 -9.90
CA LEU G 287 -4.24 -24.09 -10.17
C LEU G 287 -5.64 -24.00 -9.58
N ALA G 288 -6.46 -25.02 -9.84
CA ALA G 288 -7.82 -25.04 -9.33
C ALA G 288 -7.85 -24.85 -7.82
N ARG G 289 -7.03 -25.61 -7.11
CA ARG G 289 -6.97 -25.53 -5.64
C ARG G 289 -6.52 -24.16 -5.14
N VAL G 290 -5.55 -23.57 -5.83
CA VAL G 290 -5.04 -22.25 -5.45
C VAL G 290 -6.18 -21.24 -5.61
N ALA G 291 -6.86 -21.32 -6.75
CA ALA G 291 -7.98 -20.42 -7.02
C ALA G 291 -9.02 -20.53 -5.90
N GLN G 292 -9.41 -21.75 -5.58
CA GLN G 292 -10.42 -21.96 -4.53
C GLN G 292 -9.96 -21.35 -3.21
N ALA G 293 -8.70 -21.59 -2.87
CA ALA G 293 -8.13 -21.07 -1.63
C ALA G 293 -8.24 -19.54 -1.60
N ALA G 294 -8.15 -18.91 -2.77
CA ALA G 294 -8.21 -17.46 -2.88
C ALA G 294 -9.62 -16.94 -3.12
N GLY G 295 -10.61 -17.82 -3.18
CA GLY G 295 -11.98 -17.38 -3.42
C GLY G 295 -12.28 -17.03 -4.86
N ILE G 296 -11.47 -17.55 -5.79
CA ILE G 296 -11.66 -17.31 -7.22
C ILE G 296 -12.51 -18.44 -7.82
N GLY G 297 -13.51 -18.06 -8.62
CA GLY G 297 -14.39 -19.05 -9.24
C GLY G 297 -13.74 -19.86 -10.36
N LEU G 298 -14.33 -21.01 -10.68
CA LEU G 298 -13.77 -21.88 -11.71
C LEU G 298 -14.60 -22.04 -12.98
N TYR G 299 -13.91 -22.23 -14.10
CA TYR G 299 -14.54 -22.40 -15.41
C TYR G 299 -13.74 -23.44 -16.20
N GLY G 300 -14.46 -24.37 -16.85
CA GLY G 300 -13.79 -25.40 -17.63
C GLY G 300 -13.52 -24.92 -19.05
N GLY G 301 -12.30 -24.46 -19.30
CA GLY G 301 -11.92 -23.93 -20.60
C GLY G 301 -11.40 -24.93 -21.61
N THR G 302 -11.39 -24.51 -22.87
CA THR G 302 -10.93 -25.37 -23.95
C THR G 302 -10.00 -24.63 -24.92
N MET G 303 -9.27 -25.40 -25.72
CA MET G 303 -8.37 -24.87 -26.72
C MET G 303 -8.91 -25.44 -28.04
N LEU G 304 -10.17 -25.85 -28.00
CA LEU G 304 -10.89 -26.44 -29.12
C LEU G 304 -10.35 -27.82 -29.49
N GLU G 305 -10.09 -28.61 -28.46
CA GLU G 305 -9.59 -29.98 -28.61
C GLU G 305 -10.65 -30.86 -29.24
N GLY G 306 -10.20 -31.98 -29.80
CA GLY G 306 -11.13 -32.94 -30.37
C GLY G 306 -11.63 -33.76 -29.21
N THR G 307 -12.07 -34.99 -29.46
CA THR G 307 -12.61 -35.85 -28.40
C THR G 307 -11.61 -36.23 -27.30
N VAL G 308 -10.40 -36.62 -27.69
CA VAL G 308 -9.41 -37.02 -26.70
C VAL G 308 -9.12 -35.91 -25.69
N GLY G 309 -8.63 -34.77 -26.19
CA GLY G 309 -8.31 -33.65 -25.32
C GLY G 309 -9.51 -33.13 -24.54
N THR G 310 -10.68 -33.17 -25.16
CA THR G 310 -11.90 -32.69 -24.52
C THR G 310 -12.33 -33.59 -23.36
N VAL G 311 -12.33 -34.91 -23.58
CA VAL G 311 -12.74 -35.79 -22.50
C VAL G 311 -11.68 -35.75 -21.38
N ALA G 312 -10.41 -35.60 -21.75
CA ALA G 312 -9.34 -35.51 -20.76
C ALA G 312 -9.65 -34.33 -19.82
N SER G 313 -10.10 -33.23 -20.39
CA SER G 313 -10.46 -32.04 -19.62
C SER G 313 -11.69 -32.30 -18.76
N LEU G 314 -12.70 -32.94 -19.34
CA LEU G 314 -13.93 -33.24 -18.61
C LEU G 314 -13.68 -34.08 -17.36
N HIS G 315 -12.77 -35.04 -17.45
CA HIS G 315 -12.48 -35.88 -16.29
C HIS G 315 -11.98 -35.00 -15.14
N ALA G 316 -11.10 -34.07 -15.46
CA ALA G 316 -10.54 -33.16 -14.45
C ALA G 316 -11.66 -32.23 -13.96
N TRP G 317 -12.38 -31.61 -14.89
CA TRP G 317 -13.47 -30.71 -14.55
C TRP G 317 -14.52 -31.37 -13.63
N SER G 318 -14.77 -32.66 -13.85
CA SER G 318 -15.78 -33.37 -13.06
C SER G 318 -15.48 -33.42 -11.56
N THR G 319 -14.21 -33.27 -11.19
CA THR G 319 -13.82 -33.33 -9.79
C THR G 319 -13.97 -31.99 -9.06
N LEU G 320 -14.26 -30.95 -9.80
CA LEU G 320 -14.36 -29.61 -9.21
C LEU G 320 -15.72 -28.92 -9.31
N PRO G 321 -15.99 -27.99 -8.37
CA PRO G 321 -17.26 -27.25 -8.37
C PRO G 321 -16.97 -26.16 -9.42
N LEU G 322 -17.68 -26.19 -10.55
CA LEU G 322 -17.43 -25.19 -11.59
C LEU G 322 -18.58 -24.20 -11.71
N GLN G 323 -18.49 -23.14 -10.93
CA GLN G 323 -19.52 -22.12 -10.90
C GLN G 323 -19.91 -21.61 -12.29
N TRP G 324 -18.95 -21.49 -13.18
CA TRP G 324 -19.23 -20.97 -14.51
C TRP G 324 -19.38 -21.97 -15.65
N GLY G 325 -19.51 -23.26 -15.30
CA GLY G 325 -19.67 -24.29 -16.32
C GLY G 325 -18.44 -24.56 -17.15
N THR G 326 -18.63 -25.09 -18.35
CA THR G 326 -17.51 -25.38 -19.24
C THR G 326 -17.85 -25.01 -20.67
N GLU G 327 -16.82 -24.98 -21.51
CA GLU G 327 -16.95 -24.66 -22.92
C GLU G 327 -16.34 -25.82 -23.71
N MET G 328 -16.57 -27.04 -23.25
CA MET G 328 -16.02 -28.22 -23.92
C MET G 328 -16.87 -28.68 -25.12
N PHE G 329 -16.96 -27.84 -26.13
CA PHE G 329 -17.74 -28.13 -27.34
C PHE G 329 -16.85 -28.40 -28.55
N GLY G 330 -15.55 -28.47 -28.33
CA GLY G 330 -14.60 -28.70 -29.41
C GLY G 330 -14.94 -29.79 -30.41
N PRO G 331 -15.35 -30.99 -29.95
CA PRO G 331 -15.68 -32.07 -30.89
C PRO G 331 -16.82 -31.73 -31.86
N LEU G 332 -17.79 -30.96 -31.39
CA LEU G 332 -18.94 -30.57 -32.20
C LEU G 332 -18.59 -29.65 -33.37
N LEU G 333 -17.35 -29.19 -33.44
CA LEU G 333 -16.92 -28.32 -34.53
C LEU G 333 -16.26 -29.13 -35.64
N LEU G 334 -16.02 -30.41 -35.38
CA LEU G 334 -15.37 -31.27 -36.35
C LEU G 334 -16.33 -32.12 -37.17
N LYS G 335 -15.92 -32.44 -38.40
CA LYS G 335 -16.73 -33.27 -39.28
C LYS G 335 -16.40 -34.73 -39.02
N ASP G 336 -15.20 -34.97 -38.49
CA ASP G 336 -14.74 -36.32 -38.17
C ASP G 336 -13.62 -36.19 -37.14
N ASP G 337 -13.41 -37.24 -36.35
CA ASP G 337 -12.37 -37.22 -35.31
C ASP G 337 -11.59 -38.53 -35.43
N ILE G 338 -10.57 -38.71 -34.59
CA ILE G 338 -9.78 -39.93 -34.64
C ILE G 338 -10.12 -40.94 -33.55
N VAL G 339 -11.32 -40.84 -33.00
CA VAL G 339 -11.78 -41.77 -31.97
C VAL G 339 -12.81 -42.72 -32.61
N SER G 340 -12.97 -43.90 -32.03
CA SER G 340 -13.93 -44.86 -32.57
C SER G 340 -15.36 -44.47 -32.21
N VAL G 341 -15.54 -43.87 -31.03
CA VAL G 341 -16.86 -43.45 -30.58
C VAL G 341 -16.78 -42.08 -29.90
N PRO G 342 -17.50 -41.09 -30.44
CA PRO G 342 -17.51 -39.74 -29.88
C PRO G 342 -18.30 -39.62 -28.58
N LEU G 343 -18.16 -38.48 -27.90
CA LEU G 343 -18.88 -38.25 -26.66
C LEU G 343 -20.33 -37.93 -26.98
N THR G 344 -21.21 -38.12 -26.01
CA THR G 344 -22.61 -37.81 -26.21
C THR G 344 -22.97 -36.46 -25.60
N PHE G 345 -23.44 -35.55 -26.44
CA PHE G 345 -23.85 -34.21 -26.04
C PHE G 345 -25.38 -34.12 -26.13
N ALA G 346 -26.01 -33.53 -25.13
CA ALA G 346 -27.45 -33.39 -25.13
C ALA G 346 -27.94 -32.50 -24.00
N ASP G 347 -29.05 -31.81 -24.24
CA ASP G 347 -29.66 -30.95 -23.25
C ASP G 347 -28.66 -29.97 -22.62
N GLY G 348 -27.82 -29.38 -23.46
CA GLY G 348 -26.83 -28.43 -22.99
C GLY G 348 -25.76 -29.02 -22.08
N GLN G 349 -25.57 -30.33 -22.18
CA GLN G 349 -24.58 -31.01 -21.34
C GLN G 349 -23.83 -32.08 -22.12
N VAL G 350 -22.80 -32.64 -21.49
CA VAL G 350 -22.01 -33.71 -22.08
C VAL G 350 -21.89 -34.81 -21.04
N ALA G 351 -21.98 -36.06 -21.48
CA ALA G 351 -21.88 -37.19 -20.56
C ALA G 351 -20.42 -37.62 -20.41
N LEU G 352 -19.97 -37.76 -19.17
CA LEU G 352 -18.59 -38.17 -18.89
C LEU G 352 -18.51 -39.70 -18.81
N PRO G 353 -17.72 -40.31 -19.69
CA PRO G 353 -17.62 -41.77 -19.60
C PRO G 353 -17.03 -42.18 -18.26
N GLN G 354 -17.39 -43.36 -17.77
CA GLN G 354 -16.88 -43.83 -16.49
C GLN G 354 -16.26 -45.21 -16.58
N THR G 355 -15.79 -45.57 -17.77
CA THR G 355 -15.15 -46.85 -17.99
C THR G 355 -13.66 -46.59 -17.74
N PRO G 356 -12.80 -47.63 -17.81
CA PRO G 356 -11.37 -47.42 -17.58
C PRO G 356 -10.71 -46.34 -18.44
N GLY G 357 -9.78 -45.61 -17.84
CA GLY G 357 -9.06 -44.56 -18.56
C GLY G 357 -9.94 -43.38 -18.95
N LEU G 358 -9.67 -42.81 -20.12
CA LEU G 358 -10.43 -41.68 -20.63
C LEU G 358 -11.83 -42.08 -21.05
N GLY G 359 -11.99 -43.34 -21.42
CA GLY G 359 -13.31 -43.80 -21.86
C GLY G 359 -13.50 -43.67 -23.36
N VAL G 360 -12.44 -43.38 -24.09
CA VAL G 360 -12.50 -43.28 -25.54
C VAL G 360 -11.37 -44.10 -26.12
N GLU G 361 -11.51 -44.49 -27.38
CA GLU G 361 -10.51 -45.31 -28.04
C GLU G 361 -10.06 -44.69 -29.36
N LEU G 362 -8.81 -44.95 -29.72
CA LEU G 362 -8.24 -44.43 -30.95
C LEU G 362 -8.68 -45.27 -32.14
N ASP G 363 -9.06 -44.61 -33.23
CA ASP G 363 -9.47 -45.30 -34.45
C ASP G 363 -8.26 -45.28 -35.37
N GLU G 364 -7.57 -46.41 -35.44
CA GLU G 364 -6.38 -46.56 -36.27
C GLU G 364 -6.54 -46.02 -37.69
N ASP G 365 -7.57 -46.51 -38.38
CA ASP G 365 -7.84 -46.11 -39.75
C ASP G 365 -8.00 -44.60 -39.91
N LYS G 366 -8.83 -43.98 -39.09
CA LYS G 366 -9.01 -42.53 -39.19
C LYS G 366 -7.72 -41.81 -38.80
N LEU G 367 -7.03 -42.35 -37.81
CA LEU G 367 -5.78 -41.74 -37.37
C LEU G 367 -4.82 -41.63 -38.56
N HIS G 368 -4.52 -42.77 -39.18
CA HIS G 368 -3.63 -42.80 -40.32
C HIS G 368 -4.13 -41.99 -41.51
N PHE G 369 -5.44 -42.05 -41.75
CA PHE G 369 -6.05 -41.32 -42.85
C PHE G 369 -5.84 -39.80 -42.73
N TYR G 370 -5.97 -39.28 -41.51
CA TYR G 370 -5.83 -37.85 -41.28
C TYR G 370 -4.43 -37.37 -40.89
N THR G 371 -3.52 -38.31 -40.66
CA THR G 371 -2.15 -37.95 -40.29
C THR G 371 -1.56 -37.07 -41.37
N ARG G 372 -1.06 -35.89 -40.98
CA ARG G 372 -0.48 -34.94 -41.93
C ARG G 372 0.65 -35.49 -42.77
N GLN G 373 1.76 -35.84 -42.12
CA GLN G 373 2.92 -36.37 -42.84
C GLN G 373 3.06 -37.87 -42.67
N LEU H 3 -13.88 -52.21 -6.40
CA LEU H 3 -13.45 -50.85 -6.82
C LEU H 3 -14.40 -49.81 -6.26
N THR H 4 -15.68 -50.17 -6.19
CA THR H 4 -16.70 -49.29 -5.65
C THR H 4 -17.34 -49.99 -4.46
N ALA H 5 -17.67 -49.22 -3.44
CA ALA H 5 -18.30 -49.77 -2.24
C ALA H 5 -18.84 -48.58 -1.45
N THR H 6 -19.70 -48.86 -0.48
CA THR H 6 -20.25 -47.80 0.34
C THR H 6 -19.73 -47.98 1.77
N VAL H 7 -19.67 -46.89 2.52
CA VAL H 7 -19.20 -47.00 3.89
C VAL H 7 -20.34 -47.64 4.69
N GLU H 8 -20.06 -48.82 5.24
CA GLU H 8 -21.05 -49.58 5.98
C GLU H 8 -21.00 -49.31 7.47
N GLN H 9 -19.80 -49.13 8.00
CA GLN H 9 -19.69 -48.86 9.42
C GLN H 9 -18.44 -48.06 9.75
N ILE H 10 -18.52 -47.32 10.85
CA ILE H 10 -17.40 -46.54 11.32
C ILE H 10 -17.30 -46.72 12.83
N GLU H 11 -16.11 -47.09 13.29
CA GLU H 11 -15.84 -47.31 14.70
C GLU H 11 -14.68 -46.41 15.12
N SER H 12 -14.67 -46.02 16.39
CA SER H 12 -13.58 -45.18 16.89
C SER H 12 -13.37 -45.48 18.35
N TRP H 13 -12.12 -45.36 18.79
CA TRP H 13 -11.77 -45.60 20.19
C TRP H 13 -10.77 -44.54 20.61
N ILE H 14 -10.81 -44.18 21.88
CA ILE H 14 -9.83 -43.25 22.42
C ILE H 14 -8.85 -44.23 23.05
N VAL H 15 -7.61 -44.21 22.59
CA VAL H 15 -6.60 -45.12 23.12
C VAL H 15 -5.52 -44.38 23.90
N ASP H 16 -5.23 -44.85 25.10
CA ASP H 16 -4.20 -44.24 25.94
C ASP H 16 -2.96 -45.12 25.94
N VAL H 17 -1.95 -44.71 25.18
CA VAL H 17 -0.71 -45.47 25.08
C VAL H 17 0.38 -44.83 25.92
N PRO H 18 1.20 -45.65 26.61
CA PRO H 18 2.29 -45.19 27.46
C PRO H 18 3.47 -44.61 26.69
N THR H 19 4.06 -43.56 27.26
CA THR H 19 5.20 -42.89 26.65
C THR H 19 6.49 -43.31 27.35
N ILE H 20 7.62 -42.86 26.81
CA ILE H 20 8.92 -43.18 27.39
C ILE H 20 9.36 -42.13 28.42
N CYS H 32 1.31 -40.88 29.42
CA CYS H 32 0.58 -41.49 28.32
C CYS H 32 0.24 -40.49 27.21
N GLN H 33 -0.05 -41.02 26.02
CA GLN H 33 -0.45 -40.23 24.87
C GLN H 33 -1.80 -40.77 24.44
N SER H 34 -2.78 -39.89 24.26
CA SER H 34 -4.12 -40.32 23.86
C SER H 34 -4.31 -40.19 22.36
N LEU H 35 -4.67 -41.31 21.71
CA LEU H 35 -4.88 -41.31 20.27
C LEU H 35 -6.33 -41.66 20.00
N VAL H 36 -6.93 -41.04 18.98
CA VAL H 36 -8.30 -41.41 18.63
C VAL H 36 -8.12 -42.24 17.36
N ILE H 37 -8.47 -43.52 17.45
CA ILE H 37 -8.32 -44.43 16.34
C ILE H 37 -9.66 -44.72 15.68
N VAL H 38 -9.65 -44.79 14.36
CA VAL H 38 -10.87 -45.08 13.61
C VAL H 38 -10.71 -46.29 12.70
N ARG H 39 -11.77 -47.07 12.59
CA ARG H 39 -11.80 -48.21 11.69
C ARG H 39 -13.05 -48.06 10.86
N LEU H 40 -12.88 -47.91 9.55
CA LEU H 40 -14.01 -47.74 8.66
C LEU H 40 -14.19 -49.00 7.83
N THR H 41 -15.38 -49.57 7.87
CA THR H 41 -15.68 -50.78 7.13
C THR H 41 -16.58 -50.48 5.94
N ARG H 42 -16.19 -50.97 4.77
CA ARG H 42 -16.95 -50.76 3.55
C ARG H 42 -17.86 -51.96 3.29
N SER H 43 -18.80 -51.80 2.37
CA SER H 43 -19.74 -52.86 2.03
C SER H 43 -19.03 -54.04 1.34
N ASP H 44 -17.84 -53.82 0.80
CA ASP H 44 -17.12 -54.91 0.15
C ASP H 44 -16.26 -55.68 1.16
N GLY H 45 -16.37 -55.30 2.43
CA GLY H 45 -15.61 -55.98 3.48
C GLY H 45 -14.23 -55.43 3.77
N ILE H 46 -13.78 -54.47 2.97
CA ILE H 46 -12.47 -53.87 3.17
C ILE H 46 -12.53 -52.83 4.30
N CYS H 47 -11.52 -52.83 5.14
CA CYS H 47 -11.44 -51.88 6.25
C CYS H 47 -10.27 -50.93 6.08
N GLY H 48 -10.45 -49.71 6.57
CA GLY H 48 -9.39 -48.72 6.51
C GLY H 48 -9.26 -48.12 7.90
N ILE H 49 -8.04 -47.80 8.33
CA ILE H 49 -7.87 -47.22 9.65
C ILE H 49 -7.27 -45.83 9.58
N GLY H 50 -7.52 -45.03 10.62
CA GLY H 50 -7.00 -43.68 10.66
C GLY H 50 -6.75 -43.26 12.10
N GLU H 51 -6.03 -42.15 12.27
CA GLU H 51 -5.70 -41.66 13.60
C GLU H 51 -5.79 -40.15 13.70
N ALA H 52 -6.32 -39.66 14.82
CA ALA H 52 -6.44 -38.23 15.09
C ALA H 52 -5.90 -38.08 16.51
N THR H 53 -4.78 -37.39 16.63
CA THR H 53 -4.14 -37.20 17.92
C THR H 53 -3.68 -35.76 18.14
N THR H 54 -3.72 -35.32 19.40
CA THR H 54 -3.27 -33.99 19.72
C THR H 54 -2.35 -34.05 20.92
N ILE H 55 -1.94 -32.87 21.39
CA ILE H 55 -1.04 -32.74 22.52
C ILE H 55 -1.74 -31.97 23.63
N GLY H 56 -1.57 -32.43 24.87
CA GLY H 56 -2.13 -31.76 26.03
C GLY H 56 -3.60 -31.35 26.12
N GLY H 57 -4.50 -32.24 25.71
CA GLY H 57 -5.92 -31.94 25.80
C GLY H 57 -6.36 -30.77 24.92
N LEU H 58 -6.55 -29.60 25.53
CA LEU H 58 -6.95 -28.42 24.79
C LEU H 58 -5.90 -27.32 24.94
N SER H 59 -4.72 -27.68 25.43
CA SER H 59 -3.66 -26.70 25.64
C SER H 59 -2.90 -26.28 24.39
N TYR H 60 -2.96 -27.09 23.34
CA TYR H 60 -2.26 -26.77 22.11
C TYR H 60 -3.18 -26.46 20.94
N GLY H 61 -4.32 -27.14 20.88
CA GLY H 61 -5.27 -26.93 19.82
C GLY H 61 -6.68 -26.89 20.38
N VAL H 62 -7.65 -26.49 19.57
CA VAL H 62 -9.04 -26.40 20.02
C VAL H 62 -9.81 -27.73 19.99
N GLU H 63 -9.18 -28.77 19.46
CA GLU H 63 -9.82 -30.09 19.35
C GLU H 63 -9.18 -31.10 20.30
N SER H 64 -9.95 -31.54 21.30
CA SER H 64 -9.46 -32.52 22.27
C SER H 64 -9.76 -33.94 21.82
N PRO H 65 -9.13 -34.95 22.44
CA PRO H 65 -9.39 -36.33 22.04
C PRO H 65 -10.87 -36.67 22.20
N GLU H 66 -11.50 -36.21 23.28
CA GLU H 66 -12.91 -36.53 23.48
C GLU H 66 -13.82 -35.77 22.50
N ALA H 67 -13.43 -34.56 22.11
CA ALA H 67 -14.23 -33.79 21.17
C ALA H 67 -14.10 -34.41 19.77
N ILE H 68 -12.90 -34.89 19.47
CA ILE H 68 -12.62 -35.55 18.19
C ILE H 68 -13.47 -36.81 18.11
N SER H 69 -13.42 -37.61 19.18
CA SER H 69 -14.19 -38.84 19.26
C SER H 69 -15.68 -38.50 19.05
N SER H 70 -16.13 -37.45 19.73
CA SER H 70 -17.51 -37.01 19.63
C SER H 70 -17.92 -36.63 18.20
N ALA H 71 -17.07 -35.90 17.50
CA ALA H 71 -17.33 -35.48 16.12
C ALA H 71 -17.53 -36.70 15.23
N ILE H 72 -16.65 -37.68 15.40
CA ILE H 72 -16.73 -38.91 14.60
C ILE H 72 -18.03 -39.68 14.87
N THR H 73 -18.28 -39.99 16.14
CA THR H 73 -19.47 -40.73 16.53
C THR H 73 -20.81 -40.06 16.23
N HIS H 74 -20.98 -38.83 16.72
CA HIS H 74 -22.24 -38.11 16.55
C HIS H 74 -22.52 -37.42 15.22
N TYR H 75 -21.48 -37.05 14.48
CA TYR H 75 -21.70 -36.33 13.24
C TYR H 75 -21.19 -36.94 11.96
N LEU H 76 -19.90 -37.28 11.92
CA LEU H 76 -19.31 -37.86 10.72
C LEU H 76 -19.86 -39.25 10.40
N THR H 77 -20.10 -40.07 11.41
CA THR H 77 -20.60 -41.43 11.18
C THR H 77 -21.95 -41.44 10.48
N PRO H 78 -22.97 -40.79 11.05
CA PRO H 78 -24.27 -40.81 10.37
C PRO H 78 -24.25 -40.08 9.03
N LEU H 79 -23.37 -39.10 8.89
CA LEU H 79 -23.28 -38.35 7.64
C LEU H 79 -22.69 -39.19 6.52
N LEU H 80 -21.74 -40.07 6.86
CA LEU H 80 -21.07 -40.88 5.86
C LEU H 80 -21.61 -42.29 5.59
N LYS H 81 -22.25 -42.93 6.57
CA LYS H 81 -22.76 -44.27 6.35
C LYS H 81 -23.69 -44.33 5.14
N GLY H 82 -23.46 -45.28 4.26
CA GLY H 82 -24.30 -45.41 3.07
C GLY H 82 -23.76 -44.69 1.85
N GLN H 83 -22.77 -43.83 2.05
CA GLN H 83 -22.18 -43.08 0.94
C GLN H 83 -21.06 -43.87 0.25
N PRO H 84 -20.84 -43.62 -1.06
CA PRO H 84 -19.79 -44.29 -1.84
C PRO H 84 -18.42 -43.98 -1.22
N ALA H 85 -17.79 -45.02 -0.68
CA ALA H 85 -16.49 -44.89 0.00
C ALA H 85 -15.26 -44.69 -0.88
N ASP H 86 -15.44 -44.80 -2.19
CA ASP H 86 -14.34 -44.69 -3.14
C ASP H 86 -14.17 -43.30 -3.77
N ASN H 87 -15.14 -42.42 -3.54
CA ASN H 87 -15.11 -41.07 -4.12
C ASN H 87 -14.69 -40.06 -3.07
N LEU H 88 -13.38 -39.89 -2.88
CA LEU H 88 -12.87 -38.95 -1.88
C LEU H 88 -13.33 -37.52 -2.12
N ASN H 89 -13.36 -37.08 -3.37
CA ASN H 89 -13.79 -35.72 -3.66
C ASN H 89 -15.23 -35.49 -3.22
N ALA H 90 -16.11 -36.42 -3.55
CA ALA H 90 -17.52 -36.31 -3.18
C ALA H 90 -17.66 -36.38 -1.66
N LEU H 91 -16.91 -37.27 -1.03
CA LEU H 91 -16.98 -37.42 0.42
C LEU H 91 -16.47 -36.18 1.15
N THR H 92 -15.42 -35.58 0.63
CA THR H 92 -14.84 -34.39 1.25
C THR H 92 -15.80 -33.22 1.13
N ALA H 93 -16.44 -33.08 -0.04
CA ALA H 93 -17.40 -32.01 -0.22
C ALA H 93 -18.55 -32.17 0.77
N ARG H 94 -19.01 -33.41 0.95
CA ARG H 94 -20.11 -33.69 1.87
C ARG H 94 -19.68 -33.37 3.31
N MET H 95 -18.47 -33.78 3.66
CA MET H 95 -17.93 -33.53 5.01
C MET H 95 -17.78 -32.04 5.30
N ASN H 96 -17.18 -31.31 4.37
CA ASN H 96 -16.98 -29.88 4.58
C ASN H 96 -18.27 -29.08 4.51
N GLY H 97 -19.22 -29.56 3.70
CA GLY H 97 -20.49 -28.86 3.59
C GLY H 97 -21.33 -28.97 4.85
N ALA H 98 -21.25 -30.10 5.53
CA ALA H 98 -22.04 -30.32 6.73
C ALA H 98 -21.33 -30.11 8.05
N ILE H 99 -20.00 -30.12 8.03
CA ILE H 99 -19.22 -29.97 9.26
C ILE H 99 -18.17 -28.86 9.18
N LYS H 100 -18.28 -27.88 10.08
CA LYS H 100 -17.33 -26.78 10.13
C LYS H 100 -16.13 -27.20 10.95
N GLY H 101 -14.94 -26.80 10.52
CA GLY H 101 -13.73 -27.14 11.24
C GLY H 101 -13.61 -28.62 11.56
N ASN H 102 -13.22 -28.94 12.78
CA ASN H 102 -13.05 -30.33 13.21
C ASN H 102 -12.15 -31.08 12.24
N THR H 103 -11.05 -30.43 11.86
CA THR H 103 -10.10 -31.02 10.93
C THR H 103 -9.40 -32.26 11.47
N PHE H 104 -9.20 -32.33 12.79
CA PHE H 104 -8.54 -33.51 13.35
C PHE H 104 -9.40 -34.75 13.08
N ALA H 105 -10.70 -34.64 13.36
CA ALA H 105 -11.64 -35.73 13.13
C ALA H 105 -11.69 -36.09 11.65
N LYS H 106 -11.76 -35.06 10.81
CA LYS H 106 -11.81 -35.27 9.37
C LYS H 106 -10.54 -35.99 8.89
N SER H 107 -9.39 -35.62 9.45
CA SER H 107 -8.14 -36.24 9.06
C SER H 107 -8.18 -37.74 9.33
N ALA H 108 -8.70 -38.11 10.50
CA ALA H 108 -8.82 -39.52 10.85
C ALA H 108 -9.67 -40.24 9.81
N ILE H 109 -10.83 -39.67 9.50
CA ILE H 109 -11.73 -40.28 8.51
C ILE H 109 -11.12 -40.35 7.12
N GLU H 110 -10.53 -39.25 6.65
CA GLU H 110 -9.92 -39.21 5.33
C GLU H 110 -8.79 -40.25 5.26
N THR H 111 -8.06 -40.39 6.37
CA THR H 111 -6.97 -41.35 6.41
C THR H 111 -7.50 -42.77 6.21
N ALA H 112 -8.59 -43.10 6.91
CA ALA H 112 -9.19 -44.43 6.81
C ALA H 112 -9.71 -44.69 5.39
N LEU H 113 -10.36 -43.68 4.81
CA LEU H 113 -10.89 -43.80 3.46
C LEU H 113 -9.77 -44.08 2.47
N LEU H 114 -8.64 -43.39 2.63
CA LEU H 114 -7.51 -43.60 1.75
C LEU H 114 -6.89 -44.97 1.97
N ASP H 115 -6.75 -45.38 3.23
CA ASP H 115 -6.19 -46.69 3.56
C ASP H 115 -7.03 -47.78 2.88
N ALA H 116 -8.35 -47.69 3.03
CA ALA H 116 -9.26 -48.66 2.45
C ALA H 116 -9.23 -48.68 0.93
N GLN H 117 -9.24 -47.52 0.30
CA GLN H 117 -9.23 -47.48 -1.17
C GLN H 117 -7.87 -47.95 -1.70
N GLY H 118 -6.82 -47.74 -0.90
CA GLY H 118 -5.50 -48.19 -1.32
C GLY H 118 -5.55 -49.71 -1.37
N LYS H 119 -6.10 -50.32 -0.33
CA LYS H 119 -6.19 -51.78 -0.28
C LYS H 119 -7.02 -52.29 -1.46
N ALA H 120 -8.08 -51.55 -1.79
CA ALA H 120 -8.97 -51.92 -2.90
C ALA H 120 -8.28 -51.88 -4.26
N LEU H 121 -7.27 -51.03 -4.40
CA LEU H 121 -6.56 -50.92 -5.66
C LEU H 121 -5.19 -51.60 -5.60
N GLY H 122 -4.84 -52.13 -4.43
CA GLY H 122 -3.56 -52.79 -4.26
C GLY H 122 -2.41 -51.81 -4.39
N LEU H 123 -2.61 -50.60 -3.86
CA LEU H 123 -1.59 -49.55 -3.93
C LEU H 123 -1.40 -48.80 -2.62
N PRO H 124 -0.17 -48.32 -2.36
CA PRO H 124 0.06 -47.58 -1.12
C PRO H 124 -0.62 -46.21 -1.27
N VAL H 125 -1.00 -45.59 -0.17
CA VAL H 125 -1.66 -44.29 -0.23
C VAL H 125 -0.83 -43.27 -1.02
N SER H 126 0.49 -43.34 -0.89
CA SER H 126 1.38 -42.43 -1.61
C SER H 126 1.12 -42.50 -3.11
N ALA H 127 0.80 -43.69 -3.59
CA ALA H 127 0.52 -43.90 -5.00
C ALA H 127 -0.83 -43.28 -5.36
N LEU H 128 -1.78 -43.38 -4.45
CA LEU H 128 -3.12 -42.81 -4.67
C LEU H 128 -2.99 -41.28 -4.71
N LEU H 129 -1.96 -40.75 -4.06
CA LEU H 129 -1.74 -39.31 -4.03
C LEU H 129 -0.83 -38.86 -5.18
N GLY H 130 -0.68 -39.71 -6.20
CA GLY H 130 0.12 -39.35 -7.34
C GLY H 130 1.51 -39.95 -7.47
N GLY H 131 1.98 -40.63 -6.42
CA GLY H 131 3.30 -41.24 -6.48
C GLY H 131 4.31 -40.59 -5.55
N ALA H 132 5.15 -41.43 -4.95
CA ALA H 132 6.16 -40.96 -4.01
C ALA H 132 7.43 -40.49 -4.70
N LEU H 133 7.91 -39.32 -4.30
CA LEU H 133 9.14 -38.76 -4.85
C LEU H 133 10.31 -39.49 -4.19
N GLN H 134 10.05 -40.08 -3.02
CA GLN H 134 11.06 -40.82 -2.28
C GLN H 134 10.35 -41.74 -1.29
N THR H 135 10.95 -42.91 -1.04
CA THR H 135 10.35 -43.88 -0.13
C THR H 135 11.02 -43.92 1.25
N ALA H 136 11.98 -43.03 1.46
CA ALA H 136 12.67 -42.90 2.73
C ALA H 136 12.67 -41.42 3.02
N LEU H 137 12.18 -41.02 4.19
CA LEU H 137 12.12 -39.61 4.53
C LEU H 137 12.92 -39.24 5.77
N PRO H 138 13.53 -38.04 5.76
CA PRO H 138 14.33 -37.60 6.89
C PRO H 138 13.44 -37.29 8.09
N VAL H 139 13.92 -37.60 9.28
CA VAL H 139 13.18 -37.35 10.51
C VAL H 139 14.14 -36.76 11.54
N LEU H 140 13.88 -35.54 11.97
CA LEU H 140 14.76 -34.91 12.96
C LEU H 140 14.36 -35.37 14.35
N TRP H 141 15.08 -34.87 15.34
CA TRP H 141 14.79 -35.22 16.73
C TRP H 141 14.66 -33.93 17.53
N THR H 142 13.69 -33.91 18.44
CA THR H 142 13.47 -32.73 19.26
C THR H 142 14.16 -32.84 20.62
N LEU H 143 14.89 -31.78 20.97
CA LEU H 143 15.58 -31.72 22.25
C LEU H 143 14.73 -30.82 23.15
N ALA H 144 14.15 -31.39 24.18
CA ALA H 144 13.31 -30.63 25.09
C ALA H 144 13.26 -31.21 26.50
N SER H 145 14.41 -31.62 27.02
CA SER H 145 14.46 -32.19 28.36
C SER H 145 14.35 -31.07 29.40
N GLY H 146 14.65 -29.85 28.98
CA GLY H 146 14.58 -28.72 29.89
C GLY H 146 15.96 -28.46 30.50
N ASP H 147 16.92 -29.30 30.13
CA ASP H 147 18.28 -29.16 30.63
C ASP H 147 19.29 -29.11 29.49
N THR H 148 20.03 -28.01 29.41
CA THR H 148 21.03 -27.83 28.36
C THR H 148 22.02 -28.99 28.29
N ALA H 149 22.61 -29.34 29.42
CA ALA H 149 23.58 -30.43 29.48
C ALA H 149 23.02 -31.74 28.95
N LYS H 150 21.80 -32.06 29.33
CA LYS H 150 21.18 -33.31 28.89
C LYS H 150 20.84 -33.26 27.41
N ASP H 151 20.30 -32.14 26.96
CA ASP H 151 19.96 -31.99 25.55
C ASP H 151 21.20 -32.19 24.68
N ILE H 152 22.30 -31.55 25.06
CA ILE H 152 23.54 -31.68 24.29
C ILE H 152 24.05 -33.12 24.33
N ALA H 153 23.86 -33.79 25.47
CA ALA H 153 24.30 -35.17 25.60
C ALA H 153 23.49 -36.05 24.65
N GLU H 154 22.17 -35.97 24.77
CA GLU H 154 21.26 -36.74 23.92
C GLU H 154 21.54 -36.48 22.44
N GLY H 155 21.81 -35.22 22.10
CA GLY H 155 22.09 -34.88 20.72
C GLY H 155 23.45 -35.39 20.30
N GLU H 156 24.41 -35.27 21.20
CA GLU H 156 25.78 -35.71 20.92
C GLU H 156 25.80 -37.21 20.62
N LYS H 157 25.02 -37.97 21.38
CA LYS H 157 24.92 -39.41 21.21
C LYS H 157 24.31 -39.79 19.87
N LEU H 158 23.36 -38.96 19.42
CA LEU H 158 22.67 -39.19 18.16
C LEU H 158 23.53 -38.87 16.95
N LEU H 159 24.55 -38.04 17.13
CA LEU H 159 25.45 -37.65 16.04
C LEU H 159 26.52 -38.68 15.72
N ALA H 160 26.97 -39.40 16.75
CA ALA H 160 28.00 -40.42 16.58
C ALA H 160 27.75 -41.29 15.35
N ARG H 165 21.09 -35.72 11.82
CA ARG H 165 21.81 -34.47 11.70
C ARG H 165 20.92 -33.24 11.62
N ALA H 166 19.81 -33.28 12.36
CA ALA H 166 18.87 -32.18 12.43
C ALA H 166 18.18 -32.22 13.78
N PHE H 167 18.21 -31.11 14.51
CA PHE H 167 17.59 -31.05 15.82
C PHE H 167 16.63 -29.87 15.96
N LYS H 168 15.52 -30.12 16.65
CA LYS H 168 14.53 -29.08 16.90
C LYS H 168 14.52 -28.86 18.40
N LEU H 169 14.72 -27.62 18.82
CA LEU H 169 14.73 -27.29 20.23
C LEU H 169 13.46 -26.56 20.64
N LYS H 170 12.88 -26.97 21.77
CA LYS H 170 11.67 -26.32 22.27
C LYS H 170 12.07 -25.25 23.28
N ILE H 171 11.60 -24.03 23.06
CA ILE H 171 11.89 -22.93 23.96
C ILE H 171 10.63 -22.09 24.13
N GLY H 172 10.73 -21.02 24.91
CA GLY H 172 9.59 -20.15 25.14
C GLY H 172 8.92 -20.34 26.49
N ALA H 173 9.45 -21.27 27.28
CA ALA H 173 8.88 -21.53 28.61
C ALA H 173 9.61 -20.79 29.71
N ARG H 174 10.82 -20.30 29.42
CA ARG H 174 11.61 -19.55 30.41
C ARG H 174 11.89 -18.13 29.94
N GLU H 175 12.68 -17.39 30.72
CA GLU H 175 13.04 -16.03 30.37
C GLU H 175 13.84 -16.06 29.08
N LEU H 176 13.65 -15.04 28.24
CA LEU H 176 14.34 -14.96 26.96
C LEU H 176 15.84 -15.23 27.08
N ALA H 177 16.49 -14.53 28.01
CA ALA H 177 17.93 -14.70 28.20
C ALA H 177 18.30 -16.16 28.47
N THR H 178 17.53 -16.82 29.32
CA THR H 178 17.82 -18.21 29.64
C THR H 178 17.65 -19.11 28.41
N ASP H 179 16.58 -18.89 27.65
CA ASP H 179 16.33 -19.68 26.45
C ASP H 179 17.38 -19.44 25.37
N LEU H 180 17.79 -18.19 25.20
CA LEU H 180 18.81 -17.89 24.20
C LEU H 180 20.13 -18.56 24.58
N ARG H 181 20.49 -18.49 25.86
CA ARG H 181 21.71 -19.11 26.36
C ARG H 181 21.64 -20.61 26.11
N HIS H 182 20.48 -21.19 26.39
CA HIS H 182 20.25 -22.62 26.20
C HIS H 182 20.50 -22.99 24.73
N THR H 183 19.89 -22.25 23.81
CA THR H 183 20.05 -22.54 22.39
C THR H 183 21.47 -22.30 21.89
N ARG H 184 22.09 -21.20 22.34
CA ARG H 184 23.45 -20.90 21.93
C ARG H 184 24.39 -22.03 22.32
N ALA H 185 24.20 -22.57 23.54
CA ALA H 185 25.04 -23.67 24.01
C ALA H 185 24.87 -24.88 23.09
N ILE H 186 23.62 -25.18 22.74
CA ILE H 186 23.34 -26.31 21.87
C ILE H 186 23.88 -26.08 20.46
N VAL H 187 23.78 -24.85 19.98
CA VAL H 187 24.29 -24.51 18.64
C VAL H 187 25.81 -24.66 18.58
N GLU H 188 26.49 -24.17 19.62
CA GLU H 188 27.95 -24.25 19.68
C GLU H 188 28.44 -25.69 19.72
N ALA H 189 27.72 -26.54 20.45
CA ALA H 189 28.10 -27.94 20.57
C ALA H 189 27.71 -28.84 19.40
N LEU H 190 26.51 -28.66 18.86
CA LEU H 190 26.02 -29.51 17.76
C LEU H 190 25.91 -28.81 16.40
N GLY H 191 25.86 -27.48 16.43
CA GLY H 191 25.71 -26.71 15.21
C GLY H 191 26.69 -26.97 14.08
N ASP H 192 27.83 -27.58 14.40
CA ASP H 192 28.83 -27.85 13.38
C ASP H 192 28.50 -29.02 12.46
N ARG H 193 27.68 -29.95 12.94
CA ARG H 193 27.32 -31.11 12.13
C ARG H 193 25.83 -31.42 12.05
N ALA H 194 24.99 -30.44 12.38
CA ALA H 194 23.54 -30.64 12.32
C ALA H 194 22.79 -29.33 12.18
N SER H 195 21.67 -29.39 11.47
CA SER H 195 20.81 -28.22 11.28
C SER H 195 20.08 -28.02 12.60
N ILE H 196 20.18 -26.82 13.17
CA ILE H 196 19.52 -26.53 14.42
C ILE H 196 18.32 -25.61 14.19
N ARG H 197 17.15 -26.07 14.62
CA ARG H 197 15.92 -25.29 14.49
C ARG H 197 15.37 -25.10 15.90
N VAL H 198 14.55 -24.08 16.09
CA VAL H 198 13.91 -23.86 17.38
C VAL H 198 12.42 -23.68 17.17
N ASP H 199 11.65 -23.97 18.21
CA ASP H 199 10.20 -23.86 18.17
C ASP H 199 9.79 -23.12 19.45
N VAL H 200 9.21 -21.94 19.28
CA VAL H 200 8.76 -21.11 20.40
C VAL H 200 7.29 -21.40 20.68
N ASN H 201 6.65 -22.08 19.74
CA ASN H 201 5.24 -22.44 19.85
C ASN H 201 4.32 -21.33 20.37
N GLN H 202 4.38 -20.16 19.72
CA GLN H 202 3.54 -19.01 20.07
C GLN H 202 3.85 -18.27 21.36
N ALA H 203 4.87 -18.70 22.09
CA ALA H 203 5.19 -18.08 23.38
C ALA H 203 5.55 -16.59 23.44
N TRP H 204 6.24 -16.08 22.44
CA TRP H 204 6.66 -14.67 22.48
C TRP H 204 5.74 -13.57 22.01
N ASP H 205 5.75 -12.48 22.77
CA ASP H 205 4.99 -11.29 22.41
C ASP H 205 5.84 -10.70 21.29
N ALA H 206 5.33 -9.68 20.59
CA ALA H 206 6.02 -9.06 19.47
C ALA H 206 7.42 -8.50 19.79
N ALA H 207 7.55 -7.79 20.90
CA ALA H 207 8.84 -7.20 21.27
C ALA H 207 9.88 -8.28 21.61
N THR H 208 9.47 -9.28 22.39
CA THR H 208 10.37 -10.36 22.76
C THR H 208 10.73 -11.16 21.51
N GLY H 209 9.75 -11.30 20.62
CA GLY H 209 9.97 -12.05 19.39
C GLY H 209 11.03 -11.40 18.51
N ALA H 210 10.97 -10.07 18.38
CA ALA H 210 11.94 -9.36 17.56
C ALA H 210 13.35 -9.55 18.12
N LYS H 211 13.52 -9.28 19.42
CA LYS H 211 14.81 -9.42 20.07
C LYS H 211 15.30 -10.88 20.00
N GLY H 212 14.44 -11.81 20.37
CA GLY H 212 14.80 -13.22 20.33
C GLY H 212 15.15 -13.71 18.94
N CYS H 213 14.30 -13.44 17.96
CA CYS H 213 14.58 -13.91 16.61
C CYS H 213 15.88 -13.33 16.04
N ARG H 214 16.20 -12.08 16.38
CA ARG H 214 17.44 -11.47 15.91
C ARG H 214 18.64 -12.22 16.47
N GLU H 215 18.60 -12.52 17.76
CA GLU H 215 19.69 -13.23 18.43
C GLU H 215 19.83 -14.65 17.88
N LEU H 216 18.70 -15.32 17.67
CA LEU H 216 18.71 -16.68 17.15
C LEU H 216 19.35 -16.72 15.76
N ALA H 217 18.99 -15.75 14.92
CA ALA H 217 19.56 -15.69 13.58
C ALA H 217 21.05 -15.39 13.63
N ALA H 218 21.45 -14.47 14.50
CA ALA H 218 22.86 -14.10 14.62
C ALA H 218 23.65 -15.30 15.11
N MET H 219 22.97 -16.14 15.87
CA MET H 219 23.51 -17.36 16.47
C MET H 219 23.76 -18.46 15.42
N GLY H 220 23.06 -18.41 14.30
CA GLY H 220 23.22 -19.43 13.29
C GLY H 220 22.08 -20.44 13.24
N VAL H 221 21.00 -20.17 13.96
CA VAL H 221 19.86 -21.07 13.94
C VAL H 221 19.26 -21.04 12.52
N ASP H 222 19.03 -22.22 11.94
CA ASP H 222 18.51 -22.32 10.58
C ASP H 222 17.03 -22.06 10.39
N LEU H 223 16.23 -22.30 11.42
CA LEU H 223 14.79 -22.11 11.29
C LEU H 223 14.16 -21.79 12.63
N ILE H 224 13.28 -20.80 12.64
CA ILE H 224 12.58 -20.40 13.87
C ILE H 224 11.10 -20.68 13.64
N GLU H 225 10.53 -21.60 14.42
CA GLU H 225 9.13 -21.96 14.26
C GLU H 225 8.16 -21.18 15.17
N GLN H 226 7.10 -20.66 14.54
CA GLN H 226 6.03 -19.93 15.22
C GLN H 226 6.49 -19.16 16.46
N PRO H 227 7.34 -18.14 16.28
CA PRO H 227 7.81 -17.37 17.43
C PRO H 227 6.75 -16.60 18.20
N VAL H 228 5.75 -16.10 17.48
CA VAL H 228 4.68 -15.33 18.11
C VAL H 228 3.32 -16.01 18.01
N SER H 229 2.33 -15.42 18.68
CA SER H 229 0.97 -15.93 18.71
C SER H 229 0.28 -15.96 17.34
N ALA H 230 -0.59 -16.95 17.14
CA ALA H 230 -1.35 -17.07 15.91
C ALA H 230 -2.39 -15.94 15.91
N HIS H 231 -2.47 -15.24 17.03
CA HIS H 231 -3.39 -14.09 17.16
C HIS H 231 -2.72 -12.87 16.53
N ASP H 232 -1.44 -12.99 16.21
CA ASP H 232 -0.69 -11.90 15.62
C ASP H 232 0.07 -12.29 14.37
N ASN H 233 -0.65 -12.68 13.32
CA ASN H 233 -0.01 -13.03 12.06
C ASN H 233 0.72 -11.81 11.49
N ALA H 234 0.28 -10.61 11.86
CA ALA H 234 0.93 -9.40 11.36
C ALA H 234 2.38 -9.38 11.85
N ALA H 235 2.60 -9.76 13.09
CA ALA H 235 3.96 -9.77 13.64
C ALA H 235 4.77 -10.86 12.96
N LEU H 236 4.14 -12.01 12.71
CA LEU H 236 4.83 -13.13 12.06
C LEU H 236 5.33 -12.69 10.69
N VAL H 237 4.46 -12.01 9.93
CA VAL H 237 4.85 -11.52 8.62
C VAL H 237 6.00 -10.55 8.72
N ARG H 238 5.87 -9.57 9.62
CA ARG H 238 6.91 -8.56 9.83
C ARG H 238 8.23 -9.23 10.15
N LEU H 239 8.19 -10.19 11.06
CA LEU H 239 9.41 -10.91 11.43
C LEU H 239 10.00 -11.66 10.22
N SER H 240 9.14 -12.29 9.42
CA SER H 240 9.65 -13.03 8.26
C SER H 240 10.40 -12.12 7.29
N GLN H 241 10.05 -10.84 7.26
CA GLN H 241 10.70 -9.91 6.36
C GLN H 241 11.91 -9.17 6.95
N GLN H 242 12.05 -9.21 8.27
CA GLN H 242 13.15 -8.52 8.96
C GLN H 242 14.26 -9.45 9.47
N ILE H 243 13.87 -10.62 9.95
CA ILE H 243 14.81 -11.57 10.52
C ILE H 243 15.70 -12.26 9.51
N GLU H 244 17.00 -12.33 9.83
CA GLU H 244 17.98 -12.92 8.95
C GLU H 244 18.16 -14.43 9.02
N THR H 245 17.03 -15.13 9.05
CA THR H 245 17.02 -16.58 9.02
C THR H 245 15.59 -16.98 8.67
N ALA H 246 15.40 -18.25 8.34
CA ALA H 246 14.07 -18.73 7.96
C ALA H 246 13.06 -18.82 9.10
N ILE H 247 11.81 -18.52 8.75
CA ILE H 247 10.71 -18.58 9.72
C ILE H 247 9.75 -19.69 9.29
N LEU H 248 9.35 -20.51 10.23
CA LEU H 248 8.43 -21.62 9.98
C LEU H 248 7.08 -21.29 10.62
N ALA H 249 6.03 -21.28 9.83
CA ALA H 249 4.69 -21.00 10.34
C ALA H 249 4.02 -22.33 10.75
N ASP H 250 3.44 -22.37 11.94
CA ASP H 250 2.75 -23.59 12.37
C ASP H 250 1.30 -23.27 12.67
N GLU H 251 1.00 -22.85 13.90
CA GLU H 251 -0.36 -22.52 14.28
C GLU H 251 -1.00 -21.45 13.39
N ALA H 252 -0.18 -20.59 12.79
CA ALA H 252 -0.69 -19.53 11.92
C ALA H 252 -1.30 -20.05 10.62
N VAL H 253 -0.99 -21.29 10.26
CA VAL H 253 -1.52 -21.84 9.01
C VAL H 253 -1.98 -23.29 9.18
N ALA H 254 -3.27 -23.52 8.94
CA ALA H 254 -3.83 -24.86 9.06
C ALA H 254 -4.33 -25.39 7.73
N THR H 255 -5.15 -24.59 7.04
CA THR H 255 -5.76 -24.96 5.77
C THR H 255 -5.19 -24.20 4.58
N ALA H 256 -5.57 -24.66 3.38
CA ALA H 256 -5.14 -24.01 2.15
C ALA H 256 -5.59 -22.55 2.16
N TYR H 257 -6.73 -22.28 2.81
CA TYR H 257 -7.24 -20.92 2.89
C TYR H 257 -6.28 -20.06 3.70
N ASP H 258 -5.89 -20.55 4.88
CA ASP H 258 -4.95 -19.81 5.74
C ASP H 258 -3.64 -19.61 4.99
N GLY H 259 -3.21 -20.67 4.31
CA GLY H 259 -1.96 -20.63 3.58
C GLY H 259 -1.92 -19.53 2.54
N TYR H 260 -3.02 -19.37 1.81
CA TYR H 260 -3.09 -18.34 0.79
C TYR H 260 -3.09 -16.96 1.45
N GLN H 261 -3.92 -16.77 2.47
CA GLN H 261 -4.02 -15.49 3.16
C GLN H 261 -2.68 -15.00 3.71
N LEU H 262 -1.97 -15.88 4.43
CA LEU H 262 -0.67 -15.53 4.99
C LEU H 262 0.30 -15.14 3.87
N ALA H 263 0.36 -15.96 2.83
CA ALA H 263 1.25 -15.70 1.71
C ALA H 263 0.93 -14.34 1.09
N GLN H 264 -0.35 -14.10 0.82
CA GLN H 264 -0.79 -12.85 0.23
C GLN H 264 -0.37 -11.65 1.09
N GLN H 265 -0.39 -11.86 2.40
CA GLN H 265 -0.03 -10.82 3.36
C GLN H 265 1.46 -10.47 3.29
N GLY H 266 2.25 -11.31 2.64
CA GLY H 266 3.67 -11.03 2.52
C GLY H 266 4.61 -11.95 3.30
N PHE H 267 4.07 -13.01 3.89
CA PHE H 267 4.89 -13.95 4.65
C PHE H 267 5.85 -14.69 3.74
N THR H 268 7.11 -14.77 4.14
CA THR H 268 8.10 -15.50 3.38
C THR H 268 8.81 -16.45 4.34
N GLY H 269 8.99 -17.69 3.90
CA GLY H 269 9.63 -18.68 4.73
C GLY H 269 9.06 -20.05 4.43
N ALA H 270 8.63 -20.77 5.45
CA ALA H 270 8.08 -22.11 5.26
C ALA H 270 6.84 -22.42 6.10
N TYR H 271 6.07 -23.43 5.68
CA TYR H 271 4.87 -23.84 6.39
C TYR H 271 5.00 -25.24 6.97
N ALA H 272 4.55 -25.41 8.21
CA ALA H 272 4.58 -26.71 8.86
C ALA H 272 3.30 -27.45 8.50
N LEU H 273 3.37 -28.28 7.45
CA LEU H 273 2.20 -29.05 7.02
C LEU H 273 1.89 -30.13 8.06
N LYS H 274 0.59 -30.28 8.38
CA LYS H 274 0.13 -31.31 9.32
C LYS H 274 -1.22 -31.79 8.85
N ILE H 275 -1.39 -33.10 8.68
CA ILE H 275 -2.67 -33.60 8.20
C ILE H 275 -3.81 -33.25 9.16
N ALA H 276 -3.53 -33.21 10.45
CA ALA H 276 -4.54 -32.90 11.45
C ALA H 276 -5.09 -31.48 11.30
N LYS H 277 -4.23 -30.53 10.93
CA LYS H 277 -4.66 -29.14 10.77
C LYS H 277 -5.45 -28.93 9.48
N ALA H 278 -5.11 -29.70 8.45
CA ALA H 278 -5.75 -29.57 7.14
C ALA H 278 -6.96 -30.44 6.89
N GLY H 279 -7.05 -31.57 7.59
CA GLY H 279 -8.17 -32.47 7.39
C GLY H 279 -7.81 -33.79 6.72
N GLY H 280 -6.53 -34.13 6.70
CA GLY H 280 -6.13 -35.40 6.10
C GLY H 280 -4.97 -35.39 5.11
N PRO H 281 -4.50 -36.59 4.72
CA PRO H 281 -3.39 -36.78 3.78
C PRO H 281 -3.64 -36.14 2.41
N ASN H 282 -4.89 -36.09 1.98
CA ASN H 282 -5.20 -35.48 0.69
C ASN H 282 -5.43 -33.97 0.86
N SER H 283 -6.23 -33.63 1.85
CA SER H 283 -6.56 -32.22 2.15
C SER H 283 -5.32 -31.35 2.34
N VAL H 284 -4.30 -31.89 3.00
CA VAL H 284 -3.09 -31.12 3.24
C VAL H 284 -2.36 -30.73 1.94
N LEU H 285 -2.55 -31.52 0.89
CA LEU H 285 -1.88 -31.25 -0.38
C LEU H 285 -2.31 -29.93 -1.02
N ALA H 286 -3.54 -29.51 -0.77
CA ALA H 286 -4.02 -28.23 -1.31
C ALA H 286 -3.16 -27.11 -0.72
N LEU H 287 -2.89 -27.21 0.58
CA LEU H 287 -2.08 -26.22 1.28
C LEU H 287 -0.66 -26.27 0.70
N ALA H 288 -0.14 -27.48 0.51
CA ALA H 288 1.20 -27.63 -0.04
C ALA H 288 1.32 -26.94 -1.40
N ARG H 289 0.33 -27.11 -2.28
CA ARG H 289 0.38 -26.50 -3.60
C ARG H 289 0.27 -24.98 -3.54
N VAL H 290 -0.50 -24.46 -2.58
CA VAL H 290 -0.63 -23.03 -2.42
C VAL H 290 0.75 -22.51 -2.04
N ALA H 291 1.36 -23.16 -1.05
CA ALA H 291 2.69 -22.76 -0.59
C ALA H 291 3.65 -22.71 -1.77
N GLN H 292 3.70 -23.80 -2.54
CA GLN H 292 4.60 -23.88 -3.68
C GLN H 292 4.35 -22.76 -4.70
N ALA H 293 3.08 -22.52 -5.02
CA ALA H 293 2.76 -21.47 -5.97
C ALA H 293 3.26 -20.12 -5.46
N ALA H 294 3.22 -19.93 -4.14
CA ALA H 294 3.65 -18.67 -3.54
C ALA H 294 5.14 -18.60 -3.23
N GLY H 295 5.87 -19.69 -3.47
CA GLY H 295 7.30 -19.72 -3.18
C GLY H 295 7.63 -19.96 -1.71
N ILE H 296 6.70 -20.54 -0.97
CA ILE H 296 6.90 -20.84 0.44
C ILE H 296 7.35 -22.30 0.59
N GLY H 297 8.39 -22.51 1.40
CA GLY H 297 8.93 -23.85 1.60
C GLY H 297 8.03 -24.79 2.39
N LEU H 298 8.34 -26.08 2.33
CA LEU H 298 7.53 -27.08 3.01
C LEU H 298 8.26 -27.89 4.08
N TYR H 299 7.49 -28.30 5.09
CA TYR H 299 7.99 -29.08 6.21
C TYR H 299 6.92 -30.08 6.64
N GLY H 300 7.32 -31.32 6.88
CA GLY H 300 6.38 -32.35 7.30
C GLY H 300 6.22 -32.35 8.82
N GLY H 301 5.18 -31.69 9.30
CA GLY H 301 4.95 -31.58 10.73
C GLY H 301 4.15 -32.69 11.35
N THR H 302 4.12 -32.73 12.68
CA THR H 302 3.41 -33.78 13.40
C THR H 302 2.70 -33.23 14.64
N MET H 303 1.76 -34.02 15.15
CA MET H 303 1.05 -33.67 16.38
C MET H 303 1.40 -34.78 17.37
N LEU H 304 2.48 -35.48 17.04
CA LEU H 304 2.99 -36.60 17.82
C LEU H 304 2.03 -37.79 17.73
N GLU H 305 1.61 -38.08 16.50
CA GLU H 305 0.73 -39.20 16.23
C GLU H 305 1.49 -40.49 16.45
N GLY H 306 0.75 -41.58 16.64
CA GLY H 306 1.38 -42.88 16.80
C GLY H 306 1.73 -43.34 15.39
N THR H 307 1.93 -44.65 15.22
CA THR H 307 2.29 -45.20 13.92
C THR H 307 1.26 -44.93 12.80
N VAL H 308 -0.02 -45.13 13.09
CA VAL H 308 -1.06 -44.91 12.08
C VAL H 308 -1.06 -43.48 11.53
N GLY H 309 -1.19 -42.50 12.42
CA GLY H 309 -1.21 -41.11 11.99
C GLY H 309 0.10 -40.66 11.39
N THR H 310 1.19 -41.21 11.89
CA THR H 310 2.51 -40.85 11.39
C THR H 310 2.70 -41.34 9.96
N VAL H 311 2.37 -42.60 9.69
CA VAL H 311 2.55 -43.12 8.34
C VAL H 311 1.58 -42.45 7.37
N ALA H 312 0.37 -42.12 7.84
CA ALA H 312 -0.60 -41.44 6.98
C ALA H 312 0.04 -40.14 6.50
N SER H 313 0.72 -39.44 7.42
CA SER H 313 1.38 -38.19 7.08
C SER H 313 2.54 -38.43 6.10
N LEU H 314 3.35 -39.45 6.38
CA LEU H 314 4.48 -39.76 5.53
C LEU H 314 4.09 -40.06 4.08
N HIS H 315 2.95 -40.72 3.88
CA HIS H 315 2.50 -41.01 2.52
C HIS H 315 2.26 -39.69 1.77
N ALA H 316 1.75 -38.69 2.47
CA ALA H 316 1.51 -37.38 1.85
C ALA H 316 2.85 -36.68 1.64
N TRP H 317 3.68 -36.65 2.68
CA TRP H 317 4.99 -36.01 2.60
C TRP H 317 5.84 -36.58 1.47
N SER H 318 5.70 -37.87 1.22
CA SER H 318 6.50 -38.54 0.18
C SER H 318 6.26 -37.99 -1.22
N THR H 319 5.09 -37.40 -1.44
CA THR H 319 4.76 -36.86 -2.76
C THR H 319 5.27 -35.43 -2.96
N LEU H 320 5.87 -34.85 -1.93
CA LEU H 320 6.31 -33.46 -2.01
C LEU H 320 7.80 -33.17 -1.75
N PRO H 321 8.30 -32.06 -2.30
CA PRO H 321 9.71 -31.69 -2.08
C PRO H 321 9.70 -30.97 -0.74
N LEU H 322 10.24 -31.58 0.31
CA LEU H 322 10.25 -30.95 1.62
C LEU H 322 11.64 -30.42 1.93
N GLN H 323 11.85 -29.13 1.71
CA GLN H 323 13.13 -28.50 1.96
C GLN H 323 13.61 -28.67 3.40
N TRP H 324 12.68 -28.52 4.34
CA TRP H 324 13.04 -28.61 5.75
C TRP H 324 12.87 -29.99 6.41
N GLY H 325 12.62 -31.01 5.61
CA GLY H 325 12.46 -32.36 6.15
C GLY H 325 11.18 -32.59 6.92
N THR H 326 11.19 -33.56 7.83
CA THR H 326 10.01 -33.88 8.64
C THR H 326 10.38 -34.09 10.10
N GLU H 327 9.36 -34.07 10.95
CA GLU H 327 9.51 -34.29 12.38
C GLU H 327 8.61 -35.46 12.78
N MET H 328 8.52 -36.47 11.91
CA MET H 328 7.66 -37.61 12.15
C MET H 328 8.30 -38.67 13.04
N PHE H 329 8.59 -38.30 14.28
CA PHE H 329 9.22 -39.19 15.25
C PHE H 329 8.24 -39.60 16.37
N GLY H 330 6.98 -39.24 16.18
CA GLY H 330 5.96 -39.57 17.17
C GLY H 330 6.00 -40.99 17.72
N PRO H 331 6.12 -42.02 16.88
CA PRO H 331 6.15 -43.40 17.35
C PRO H 331 7.35 -43.72 18.26
N LEU H 332 8.43 -42.97 18.10
CA LEU H 332 9.64 -43.20 18.91
C LEU H 332 9.48 -42.77 20.36
N LEU H 333 8.42 -42.03 20.67
CA LEU H 333 8.17 -41.56 22.02
C LEU H 333 7.26 -42.51 22.81
N LEU H 334 6.77 -43.55 22.15
CA LEU H 334 5.85 -44.49 22.81
C LEU H 334 6.48 -45.82 23.21
N LYS H 335 6.02 -46.35 24.34
CA LYS H 335 6.50 -47.63 24.84
C LYS H 335 5.78 -48.74 24.08
N ASP H 336 4.61 -48.41 23.55
CA ASP H 336 3.82 -49.38 22.81
C ASP H 336 2.84 -48.66 21.89
N ASP H 337 2.33 -49.35 20.88
CA ASP H 337 1.38 -48.74 19.96
C ASP H 337 0.26 -49.76 19.68
N ILE H 338 -0.72 -49.36 18.87
CA ILE H 338 -1.83 -50.24 18.54
C ILE H 338 -1.73 -50.91 17.16
N VAL H 339 -0.54 -50.89 16.56
CA VAL H 339 -0.34 -51.54 15.27
C VAL H 339 0.38 -52.86 15.49
N SER H 340 0.31 -53.77 14.53
CA SER H 340 0.97 -55.05 14.66
C SER H 340 2.48 -54.93 14.37
N VAL H 341 2.84 -54.09 13.39
CA VAL H 341 4.24 -53.87 13.05
C VAL H 341 4.53 -52.37 12.90
N PRO H 342 5.50 -51.86 13.67
CA PRO H 342 5.86 -50.43 13.60
C PRO H 342 6.76 -50.11 12.42
N LEU H 343 6.87 -48.81 12.11
CA LEU H 343 7.73 -48.37 11.02
C LEU H 343 9.18 -48.55 11.43
N THR H 344 10.07 -48.70 10.46
CA THR H 344 11.49 -48.86 10.78
C THR H 344 12.22 -47.53 10.61
N PHE H 345 12.78 -47.03 11.71
CA PHE H 345 13.54 -45.79 11.73
C PHE H 345 15.01 -46.14 11.76
N ALA H 346 15.84 -45.42 10.99
CA ALA H 346 17.27 -45.68 10.95
C ALA H 346 18.01 -44.58 10.23
N ASP H 347 19.17 -44.21 10.76
CA ASP H 347 20.02 -43.17 10.19
C ASP H 347 19.27 -41.87 9.90
N GLY H 348 18.62 -41.32 10.92
CA GLY H 348 17.89 -40.09 10.75
C GLY H 348 16.84 -40.16 9.66
N GLN H 349 16.31 -41.35 9.42
CA GLN H 349 15.29 -41.55 8.39
C GLN H 349 14.23 -42.57 8.80
N VAL H 350 13.16 -42.62 8.02
CA VAL H 350 12.08 -43.57 8.25
C VAL H 350 11.72 -44.16 6.90
N ALA H 351 11.45 -45.46 6.86
CA ALA H 351 11.10 -46.13 5.62
C ALA H 351 9.60 -46.06 5.38
N LEU H 352 9.21 -45.62 4.19
CA LEU H 352 7.79 -45.53 3.85
C LEU H 352 7.31 -46.86 3.28
N PRO H 353 6.32 -47.48 3.93
CA PRO H 353 5.80 -48.76 3.43
C PRO H 353 5.22 -48.55 2.04
N GLN H 354 5.32 -49.55 1.17
CA GLN H 354 4.77 -49.42 -0.17
C GLN H 354 3.83 -50.58 -0.48
N THR H 355 3.18 -51.12 0.55
CA THR H 355 2.23 -52.20 0.38
C THR H 355 0.87 -51.50 0.22
N PRO H 356 -0.21 -52.26 -0.04
CA PRO H 356 -1.52 -51.63 -0.21
C PRO H 356 -2.01 -50.82 1.00
N GLY H 357 -2.56 -49.64 0.72
CA GLY H 357 -3.06 -48.77 1.79
C GLY H 357 -1.94 -48.05 2.54
N LEU H 358 -2.11 -47.91 3.84
CA LEU H 358 -1.10 -47.25 4.67
C LEU H 358 0.12 -48.14 4.84
N GLY H 359 -0.11 -49.45 4.88
CA GLY H 359 0.99 -50.38 5.05
C GLY H 359 1.15 -50.84 6.49
N VAL H 360 0.20 -50.47 7.34
CA VAL H 360 0.23 -50.88 8.74
C VAL H 360 -1.10 -51.52 9.07
N GLU H 361 -1.12 -52.37 10.09
CA GLU H 361 -2.33 -53.07 10.48
C GLU H 361 -2.64 -52.93 11.97
N LEU H 362 -3.92 -52.90 12.27
CA LEU H 362 -4.39 -52.77 13.64
C LEU H 362 -4.17 -54.06 14.43
N ASP H 363 -3.55 -53.94 15.60
CA ASP H 363 -3.32 -55.08 16.48
C ASP H 363 -4.49 -54.98 17.46
N GLU H 364 -5.58 -55.68 17.15
CA GLU H 364 -6.78 -55.62 17.97
C GLU H 364 -6.60 -55.93 19.44
N ASP H 365 -5.71 -56.86 19.76
CA ASP H 365 -5.48 -57.20 21.16
C ASP H 365 -4.93 -55.97 21.89
N LYS H 366 -3.98 -55.28 21.26
CA LYS H 366 -3.41 -54.09 21.87
C LYS H 366 -4.44 -52.97 21.87
N LEU H 367 -5.20 -52.87 20.79
CA LEU H 367 -6.23 -51.85 20.66
C LEU H 367 -7.19 -51.92 21.85
N HIS H 368 -7.72 -53.12 22.09
CA HIS H 368 -8.66 -53.32 23.19
C HIS H 368 -8.02 -53.07 24.54
N PHE H 369 -6.77 -53.51 24.69
CA PHE H 369 -6.04 -53.34 25.94
C PHE H 369 -5.84 -51.87 26.34
N TYR H 370 -5.47 -51.05 25.36
CA TYR H 370 -5.23 -49.63 25.61
C TYR H 370 -6.44 -48.70 25.46
N THR H 371 -7.57 -49.25 25.06
CA THR H 371 -8.77 -48.43 24.92
C THR H 371 -9.09 -47.84 26.28
N ARG H 372 -9.53 -46.58 26.30
CA ARG H 372 -9.86 -45.90 27.55
C ARG H 372 -11.05 -46.49 28.29
N GLN H 373 -12.21 -46.51 27.63
CA GLN H 373 -13.42 -47.02 28.26
C GLN H 373 -13.85 -48.38 27.71
MG MG I . 22.67 20.16 -6.19
MG MG J . -1.78 21.70 -22.07
MG MG K . 6.22 11.79 28.13
MG MG L . 19.61 -17.23 -16.80
MG MG M . -17.29 21.86 13.70
MG MG N . -23.92 -16.41 10.86
MG MG O . -8.41 -16.52 -24.84
MG MG P . 3.21 -25.49 17.41
#